data_5K57
#
_entry.id   5K57
#
_entity_poly.entity_id   1
_entity_poly.type   'polypeptide(L)'
_entity_poly.pdbx_seq_one_letter_code
;SQQSHSSPGEITSSPQGLDNPALLRDMLLANPHELSLLKERNPPLAEALLSGDLEKFSRVLVEQQQDRARREQERIRLFS
ADPFDLEAQAKIEEDIRQ
;
_entity_poly.pdbx_strand_id   A
#
# COMPACT_ATOMS: atom_id res chain seq x y z
N SER A 1 3.17 8.55 27.94
CA SER A 1 4.59 8.01 27.98
C SER A 1 5.51 8.61 26.92
N GLN A 2 6.69 9.01 27.36
CA GLN A 2 7.70 9.54 26.43
C GLN A 2 8.32 8.37 25.70
N GLN A 3 8.45 8.48 24.39
CA GLN A 3 8.96 7.41 23.54
C GLN A 3 9.85 8.05 22.48
N SER A 4 10.60 7.24 21.77
CA SER A 4 11.48 7.73 20.71
C SER A 4 11.57 6.62 19.67
N HIS A 5 12.09 6.94 18.49
CA HIS A 5 12.24 5.97 17.42
C HIS A 5 13.61 6.23 16.80
N SER A 6 14.21 5.22 16.18
CA SER A 6 15.51 5.37 15.55
C SER A 6 15.32 5.72 14.08
N SER A 7 16.38 6.21 13.44
CA SER A 7 16.35 6.51 12.01
C SER A 7 17.53 5.84 11.29
N PRO A 8 17.48 4.51 11.14
CA PRO A 8 18.53 3.86 10.35
C PRO A 8 18.30 4.09 8.86
N GLY A 9 19.19 3.59 8.01
CA GLY A 9 19.07 3.80 6.57
C GLY A 9 18.10 2.86 5.87
N GLU A 10 17.13 2.35 6.60
CA GLU A 10 16.14 1.41 6.07
C GLU A 10 14.93 2.14 5.48
N ILE A 11 15.18 3.35 4.97
CA ILE A 11 14.18 4.21 4.42
C ILE A 11 13.66 3.70 3.07
N THR A 12 14.33 2.67 2.61
CA THR A 12 14.03 2.03 1.32
C THR A 12 14.00 0.51 1.44
N SER A 13 12.87 0.02 1.95
CA SER A 13 12.68 -1.41 2.20
C SER A 13 11.40 -1.99 1.57
N SER A 14 10.66 -1.14 0.88
CA SER A 14 9.34 -1.52 0.29
C SER A 14 8.43 -2.34 1.24
N PRO A 15 8.21 -1.86 2.48
CA PRO A 15 7.55 -2.75 3.45
C PRO A 15 6.06 -2.98 3.22
N GLN A 16 5.44 -2.09 2.48
CA GLN A 16 4.00 -2.16 2.23
C GLN A 16 3.64 -3.16 1.13
N GLY A 17 4.51 -4.13 0.86
CA GLY A 17 4.22 -5.13 -0.16
C GLY A 17 4.20 -4.52 -1.55
N LEU A 18 4.97 -3.46 -1.74
CA LEU A 18 5.00 -2.72 -3.00
C LEU A 18 5.59 -3.58 -4.11
N ASP A 19 6.58 -4.36 -3.72
CA ASP A 19 7.30 -5.24 -4.64
C ASP A 19 6.56 -6.58 -4.77
N ASN A 20 5.71 -6.87 -3.80
CA ASN A 20 4.94 -8.10 -3.80
C ASN A 20 3.44 -7.86 -3.72
N PRO A 21 2.81 -7.48 -4.85
CA PRO A 21 1.35 -7.29 -4.84
C PRO A 21 0.59 -8.55 -4.47
N ALA A 22 1.16 -9.72 -4.75
CA ALA A 22 0.50 -10.98 -4.43
C ALA A 22 0.28 -11.10 -2.93
N LEU A 23 1.32 -10.77 -2.17
CA LEU A 23 1.27 -10.87 -0.71
C LEU A 23 0.40 -9.76 -0.14
N LEU A 24 0.49 -8.57 -0.70
CA LEU A 24 -0.28 -7.45 -0.20
C LEU A 24 -1.76 -7.69 -0.42
N ARG A 25 -2.12 -8.21 -1.59
CA ARG A 25 -3.50 -8.54 -1.92
C ARG A 25 -4.01 -9.53 -0.88
N ASP A 26 -3.19 -10.51 -0.56
CA ASP A 26 -3.57 -11.55 0.39
C ASP A 26 -3.80 -10.97 1.79
N MET A 27 -2.88 -10.13 2.25
CA MET A 27 -3.02 -9.47 3.55
C MET A 27 -4.26 -8.60 3.60
N LEU A 28 -4.50 -7.86 2.53
CA LEU A 28 -5.63 -6.95 2.47
C LEU A 28 -6.94 -7.71 2.53
N LEU A 29 -7.02 -8.81 1.81
CA LEU A 29 -8.24 -9.64 1.80
C LEU A 29 -8.51 -10.19 3.20
N ALA A 30 -7.45 -10.50 3.92
CA ALA A 30 -7.55 -11.02 5.27
C ALA A 30 -7.75 -9.93 6.33
N ASN A 31 -7.58 -8.66 5.96
CA ASN A 31 -7.62 -7.57 6.94
C ASN A 31 -8.78 -6.60 6.68
N PRO A 32 -9.86 -6.70 7.47
CA PRO A 32 -11.01 -5.83 7.20
C PRO A 32 -10.77 -4.34 7.43
N HIS A 33 -9.83 -3.97 8.30
CA HIS A 33 -9.55 -2.57 8.54
C HIS A 33 -8.75 -1.97 7.39
N GLU A 34 -7.77 -2.73 6.93
CA GLU A 34 -6.84 -2.26 5.92
C GLU A 34 -7.57 -2.17 4.59
N LEU A 35 -8.40 -3.16 4.30
CA LEU A 35 -9.18 -3.14 3.08
C LEU A 35 -10.18 -1.98 3.07
N SER A 36 -10.63 -1.59 4.26
CA SER A 36 -11.60 -0.51 4.42
C SER A 36 -10.96 0.84 4.21
N LEU A 37 -9.76 1.04 4.73
CA LEU A 37 -9.07 2.31 4.52
C LEU A 37 -8.70 2.41 3.09
N LEU A 38 -8.39 1.29 2.50
CA LEU A 38 -8.00 1.26 1.12
C LEU A 38 -9.13 1.69 0.20
N LYS A 39 -10.34 1.22 0.44
CA LYS A 39 -11.48 1.70 -0.36
C LYS A 39 -11.84 3.14 -0.06
N GLU A 40 -11.54 3.63 1.13
CA GLU A 40 -11.79 5.02 1.45
C GLU A 40 -10.75 5.95 0.81
N ARG A 41 -9.47 5.63 1.02
CA ARG A 41 -8.37 6.48 0.55
C ARG A 41 -7.99 6.27 -0.91
N ASN A 42 -8.09 5.04 -1.37
CA ASN A 42 -7.66 4.68 -2.74
C ASN A 42 -8.67 3.78 -3.47
N PRO A 43 -9.84 4.33 -3.84
CA PRO A 43 -10.79 3.43 -4.53
C PRO A 43 -10.31 2.70 -5.81
N PRO A 44 -9.46 3.32 -6.69
CA PRO A 44 -9.09 2.43 -7.81
C PRO A 44 -8.19 1.24 -7.46
N LEU A 45 -7.34 1.33 -6.44
CA LEU A 45 -6.56 0.16 -6.04
C LEU A 45 -7.48 -0.80 -5.31
N ALA A 46 -8.40 -0.23 -4.55
CA ALA A 46 -9.34 -1.04 -3.81
C ALA A 46 -10.24 -1.88 -4.71
N GLU A 47 -10.83 -1.31 -5.76
CA GLU A 47 -11.74 -2.06 -6.62
C GLU A 47 -11.03 -3.23 -7.29
N ALA A 48 -9.74 -3.06 -7.55
CA ALA A 48 -8.91 -4.11 -8.11
C ALA A 48 -8.80 -5.29 -7.12
N LEU A 49 -8.72 -4.97 -5.83
CA LEU A 49 -8.68 -5.97 -4.77
C LEU A 49 -10.02 -6.68 -4.64
N LEU A 50 -11.10 -5.90 -4.71
CA LEU A 50 -12.46 -6.45 -4.51
C LEU A 50 -12.79 -7.44 -5.61
N SER A 51 -12.16 -7.25 -6.75
CA SER A 51 -12.36 -8.09 -7.91
C SER A 51 -11.61 -9.43 -7.81
N GLY A 52 -10.62 -9.50 -6.92
CA GLY A 52 -9.88 -10.73 -6.69
C GLY A 52 -8.68 -10.92 -7.61
N ASP A 53 -8.81 -10.41 -8.83
CA ASP A 53 -7.77 -10.51 -9.85
C ASP A 53 -6.45 -9.89 -9.41
N LEU A 54 -5.46 -10.74 -9.18
CA LEU A 54 -4.13 -10.25 -8.80
C LEU A 54 -3.61 -9.41 -9.95
N GLU A 55 -3.88 -9.80 -11.18
CA GLU A 55 -3.38 -9.06 -12.33
C GLU A 55 -3.82 -7.60 -12.32
N LYS A 56 -5.08 -7.32 -12.02
CA LYS A 56 -5.54 -5.93 -11.96
C LYS A 56 -5.03 -5.27 -10.69
N PHE A 57 -4.94 -6.01 -9.60
CA PHE A 57 -4.41 -5.46 -8.36
C PHE A 57 -2.97 -5.00 -8.57
N SER A 58 -2.14 -5.86 -9.14
CA SER A 58 -0.75 -5.53 -9.45
C SER A 58 -0.63 -4.39 -10.47
N ARG A 59 -1.44 -4.43 -11.51
CA ARG A 59 -1.39 -3.40 -12.55
C ARG A 59 -1.66 -2.04 -11.94
N VAL A 60 -2.71 -1.94 -11.12
CA VAL A 60 -3.06 -0.67 -10.50
C VAL A 60 -2.03 -0.33 -9.44
N LEU A 61 -1.44 -1.32 -8.78
CA LEU A 61 -0.42 -1.07 -7.78
C LEU A 61 0.75 -0.30 -8.38
N VAL A 62 1.19 -0.68 -9.57
CA VAL A 62 2.30 0.01 -10.23
C VAL A 62 1.88 1.41 -10.65
N GLU A 63 0.67 1.55 -11.21
CA GLU A 63 0.16 2.86 -11.62
C GLU A 63 0.10 3.80 -10.40
N GLN A 64 -0.35 3.29 -9.28
CA GLN A 64 -0.43 4.06 -8.06
C GLN A 64 0.96 4.41 -7.55
N GLN A 65 1.92 3.50 -7.67
CA GLN A 65 3.29 3.80 -7.24
C GLN A 65 3.91 4.88 -8.11
N GLN A 66 3.62 4.88 -9.41
CA GLN A 66 4.13 5.94 -10.29
C GLN A 66 3.55 7.29 -9.87
N ASP A 67 2.26 7.32 -9.57
CA ASP A 67 1.60 8.55 -9.17
C ASP A 67 2.06 9.01 -7.79
N ARG A 68 2.29 8.06 -6.89
CA ARG A 68 2.84 8.40 -5.57
C ARG A 68 4.18 9.05 -5.80
N ALA A 69 5.04 8.40 -6.55
CA ALA A 69 6.40 8.87 -6.77
C ALA A 69 6.47 10.26 -7.38
N ARG A 70 5.49 10.64 -8.21
CA ARG A 70 5.53 11.93 -8.86
C ARG A 70 5.46 13.06 -7.82
N ARG A 71 4.58 12.91 -6.82
CA ARG A 71 4.47 13.91 -5.74
C ARG A 71 5.44 13.66 -4.60
N GLU A 72 5.73 12.41 -4.31
CA GLU A 72 6.59 12.07 -3.17
C GLU A 72 7.97 12.67 -3.35
N GLN A 73 8.47 12.69 -4.57
CA GLN A 73 9.78 13.27 -4.85
C GLN A 73 9.85 14.73 -4.43
N GLU A 74 8.76 15.46 -4.58
CA GLU A 74 8.73 16.86 -4.18
C GLU A 74 8.80 16.98 -2.66
N ARG A 75 8.11 16.09 -1.97
CA ARG A 75 8.07 16.11 -0.51
C ARG A 75 9.39 15.69 0.13
N ILE A 76 9.99 14.61 -0.37
CA ILE A 76 11.23 14.10 0.21
C ILE A 76 12.41 15.03 -0.01
N ARG A 77 12.29 15.94 -0.98
CA ARG A 77 13.32 16.95 -1.22
C ARG A 77 13.38 17.95 -0.08
N LEU A 78 12.32 18.02 0.71
CA LEU A 78 12.29 18.92 1.86
C LEU A 78 12.88 18.20 3.07
N PHE A 79 12.37 17.00 3.36
CA PHE A 79 12.88 16.16 4.43
C PHE A 79 12.47 14.72 4.17
N SER A 80 13.28 13.77 4.62
CA SER A 80 12.99 12.33 4.46
C SER A 80 13.90 11.46 5.33
N ALA A 81 13.45 11.10 6.53
CA ALA A 81 14.25 10.26 7.43
C ALA A 81 13.39 9.53 8.48
N ASP A 82 12.16 9.19 8.12
CA ASP A 82 11.24 8.58 9.09
C ASP A 82 10.79 7.15 8.71
N PRO A 83 11.45 6.11 9.27
CA PRO A 83 11.01 4.73 9.00
C PRO A 83 9.92 4.27 9.98
N PHE A 84 9.22 3.19 9.66
CA PHE A 84 8.14 2.70 10.54
C PHE A 84 8.04 1.18 10.56
N ASP A 85 8.98 0.59 9.88
CA ASP A 85 8.93 -0.79 9.46
C ASP A 85 10.12 -1.57 9.97
N LEU A 86 10.31 -1.55 11.28
CA LEU A 86 11.44 -2.24 11.91
C LEU A 86 11.44 -3.75 11.63
N GLU A 87 10.26 -4.32 11.39
CA GLU A 87 10.14 -5.76 11.08
C GLU A 87 10.52 -6.04 9.62
N ALA A 88 10.35 -5.02 8.77
CA ALA A 88 10.65 -5.05 7.33
C ALA A 88 10.52 -6.44 6.67
N GLN A 89 9.34 -7.01 6.82
CA GLN A 89 9.10 -8.38 6.33
C GLN A 89 9.35 -8.53 4.83
N ALA A 90 9.89 -9.68 4.47
CA ALA A 90 10.15 -10.03 3.07
C ALA A 90 9.87 -11.52 2.92
N LYS A 91 9.76 -11.98 1.69
CA LYS A 91 9.54 -13.40 1.39
C LYS A 91 10.27 -13.71 0.10
N ILE A 92 10.41 -14.99 -0.19
CA ILE A 92 10.98 -15.47 -1.44
C ILE A 92 9.85 -16.31 -1.97
N GLU A 93 9.39 -16.00 -3.16
CA GLU A 93 8.28 -16.70 -3.79
C GLU A 93 8.79 -17.44 -5.02
N GLU A 94 8.09 -18.50 -5.40
CA GLU A 94 8.51 -19.36 -6.49
C GLU A 94 7.25 -20.01 -7.05
N ASP A 95 7.29 -20.43 -8.31
CA ASP A 95 6.17 -21.13 -8.93
C ASP A 95 6.68 -22.24 -9.83
N ILE A 96 7.16 -23.31 -9.22
CA ILE A 96 7.69 -24.47 -9.94
C ILE A 96 6.58 -25.50 -10.19
N ARG A 97 5.35 -25.04 -10.39
CA ARG A 97 4.21 -25.94 -10.63
C ARG A 97 4.14 -26.36 -12.10
N GLN A 98 5.24 -26.95 -12.57
CA GLN A 98 5.47 -27.48 -13.94
C GLN A 98 5.58 -26.37 -15.00
N SER A 1 3.91 5.89 36.68
CA SER A 1 5.25 6.30 36.18
C SER A 1 5.24 7.12 34.90
N GLN A 2 4.18 6.89 34.11
CA GLN A 2 3.94 7.56 32.81
C GLN A 2 5.13 7.32 31.87
N GLN A 3 5.69 6.13 31.97
CA GLN A 3 6.87 5.74 31.21
C GLN A 3 6.51 5.47 29.74
N SER A 4 7.38 5.87 28.83
CA SER A 4 7.19 5.67 27.39
C SER A 4 8.29 4.79 26.81
N HIS A 5 8.04 4.21 25.64
CA HIS A 5 9.03 3.33 24.99
C HIS A 5 9.88 4.02 23.92
N SER A 6 9.31 5.02 23.25
CA SER A 6 10.00 5.74 22.17
C SER A 6 10.66 4.83 21.13
N SER A 7 9.99 3.74 20.79
CA SER A 7 10.53 2.76 19.84
C SER A 7 9.64 2.74 18.61
N PRO A 8 10.20 2.55 17.41
CA PRO A 8 9.34 2.49 16.23
C PRO A 8 8.65 1.13 16.09
N GLY A 9 7.71 1.07 15.16
CA GLY A 9 7.00 -0.17 14.84
C GLY A 9 7.18 -0.54 13.37
N GLU A 10 8.31 -0.15 12.81
CA GLU A 10 8.55 -0.29 11.34
C GLU A 10 8.85 -1.72 10.84
N ILE A 11 8.26 -2.71 11.50
CA ILE A 11 8.31 -4.10 11.09
C ILE A 11 7.21 -4.37 10.07
N THR A 12 6.74 -3.32 9.44
CA THR A 12 5.59 -3.38 8.56
C THR A 12 5.83 -4.22 7.30
N SER A 13 4.81 -4.97 6.90
CA SER A 13 4.88 -5.80 5.71
C SER A 13 4.41 -5.02 4.49
N SER A 14 3.88 -3.84 4.74
CA SER A 14 3.37 -2.98 3.67
C SER A 14 4.41 -2.64 2.57
N PRO A 15 5.65 -2.22 2.92
CA PRO A 15 6.57 -1.96 1.80
C PRO A 15 7.04 -3.23 1.10
N GLN A 16 7.04 -4.35 1.82
CA GLN A 16 7.44 -5.63 1.24
C GLN A 16 6.39 -6.05 0.22
N GLY A 17 5.15 -5.66 0.49
CA GLY A 17 4.04 -5.95 -0.41
C GLY A 17 4.08 -5.17 -1.71
N LEU A 18 4.98 -4.20 -1.84
CA LEU A 18 5.10 -3.45 -3.09
C LEU A 18 5.83 -4.31 -4.12
N ASP A 19 6.78 -5.09 -3.61
CA ASP A 19 7.56 -6.01 -4.43
C ASP A 19 6.71 -7.25 -4.69
N ASN A 20 5.89 -7.58 -3.71
CA ASN A 20 4.97 -8.71 -3.81
C ASN A 20 3.50 -8.29 -3.73
N PRO A 21 2.91 -7.85 -4.86
CA PRO A 21 1.49 -7.53 -4.85
C PRO A 21 0.63 -8.75 -4.52
N ALA A 22 1.15 -9.94 -4.83
CA ALA A 22 0.43 -11.17 -4.53
C ALA A 22 0.20 -11.32 -3.02
N LEU A 23 1.24 -11.01 -2.23
CA LEU A 23 1.16 -11.12 -0.79
C LEU A 23 0.42 -9.95 -0.17
N LEU A 24 0.56 -8.77 -0.76
CA LEU A 24 -0.15 -7.59 -0.27
C LEU A 24 -1.64 -7.78 -0.45
N ARG A 25 -2.03 -8.36 -1.58
CA ARG A 25 -3.43 -8.67 -1.86
C ARG A 25 -3.95 -9.62 -0.78
N ASP A 26 -3.13 -10.60 -0.41
CA ASP A 26 -3.53 -11.60 0.58
C ASP A 26 -3.71 -10.96 1.96
N MET A 27 -2.75 -10.13 2.36
CA MET A 27 -2.81 -9.43 3.64
C MET A 27 -4.00 -8.49 3.68
N LEU A 28 -4.26 -7.80 2.59
CA LEU A 28 -5.37 -6.87 2.52
C LEU A 28 -6.70 -7.57 2.65
N LEU A 29 -6.83 -8.71 1.97
CA LEU A 29 -8.07 -9.49 2.03
C LEU A 29 -8.31 -10.00 3.44
N ALA A 30 -7.23 -10.34 4.12
CA ALA A 30 -7.31 -10.83 5.49
C ALA A 30 -7.50 -9.69 6.51
N ASN A 31 -7.32 -8.45 6.08
CA ASN A 31 -7.36 -7.32 7.02
C ASN A 31 -8.54 -6.38 6.75
N PRO A 32 -9.64 -6.52 7.51
CA PRO A 32 -10.81 -5.70 7.22
C PRO A 32 -10.61 -4.19 7.42
N HIS A 33 -9.70 -3.78 8.30
CA HIS A 33 -9.46 -2.36 8.51
C HIS A 33 -8.63 -1.77 7.36
N GLU A 34 -7.65 -2.52 6.93
CA GLU A 34 -6.75 -2.05 5.88
C GLU A 34 -7.49 -2.03 4.55
N LEU A 35 -8.39 -2.97 4.36
CA LEU A 35 -9.18 -3.02 3.13
C LEU A 35 -10.26 -1.92 3.12
N SER A 36 -10.77 -1.55 4.29
CA SER A 36 -11.80 -0.52 4.39
C SER A 36 -11.21 0.88 4.21
N LEU A 37 -10.03 1.15 4.75
CA LEU A 37 -9.40 2.45 4.52
C LEU A 37 -9.02 2.55 3.07
N LEU A 38 -8.70 1.42 2.49
CA LEU A 38 -8.30 1.39 1.12
C LEU A 38 -9.43 1.77 0.17
N LYS A 39 -10.63 1.25 0.41
CA LYS A 39 -11.78 1.65 -0.43
C LYS A 39 -12.17 3.11 -0.18
N GLU A 40 -11.89 3.63 1.00
CA GLU A 40 -12.16 5.04 1.27
C GLU A 40 -11.13 5.94 0.61
N ARG A 41 -9.86 5.66 0.87
CA ARG A 41 -8.78 6.56 0.47
C ARG A 41 -8.19 6.32 -0.90
N ASN A 42 -8.30 5.09 -1.39
CA ASN A 42 -7.78 4.72 -2.71
C ASN A 42 -8.72 3.80 -3.50
N PRO A 43 -9.90 4.32 -3.90
CA PRO A 43 -10.81 3.41 -4.61
C PRO A 43 -10.29 2.69 -5.88
N PRO A 44 -9.40 3.30 -6.71
CA PRO A 44 -8.99 2.43 -7.83
C PRO A 44 -8.14 1.22 -7.43
N LEU A 45 -7.35 1.32 -6.36
CA LEU A 45 -6.58 0.14 -5.92
C LEU A 45 -7.53 -0.80 -5.19
N ALA A 46 -8.47 -0.22 -4.46
CA ALA A 46 -9.44 -1.04 -3.75
C ALA A 46 -10.27 -1.90 -4.70
N GLU A 47 -10.86 -1.32 -5.75
CA GLU A 47 -11.71 -2.10 -6.66
C GLU A 47 -10.95 -3.26 -7.28
N ALA A 48 -9.65 -3.08 -7.46
CA ALA A 48 -8.79 -4.10 -7.99
C ALA A 48 -8.70 -5.29 -7.03
N LEU A 49 -8.63 -4.98 -5.75
CA LEU A 49 -8.59 -5.99 -4.70
C LEU A 49 -9.93 -6.70 -4.59
N LEU A 50 -11.01 -5.92 -4.59
CA LEU A 50 -12.35 -6.46 -4.39
C LEU A 50 -12.72 -7.41 -5.52
N SER A 51 -12.17 -7.12 -6.69
CA SER A 51 -12.44 -7.89 -7.89
C SER A 51 -11.73 -9.25 -7.87
N GLY A 52 -10.72 -9.40 -7.03
CA GLY A 52 -10.02 -10.66 -6.89
C GLY A 52 -8.92 -10.88 -7.89
N ASP A 53 -8.97 -10.15 -9.00
CA ASP A 53 -7.98 -10.31 -10.06
C ASP A 53 -6.61 -9.77 -9.63
N LEU A 54 -5.64 -10.66 -9.47
CA LEU A 54 -4.30 -10.24 -9.13
C LEU A 54 -3.74 -9.38 -10.25
N GLU A 55 -4.11 -9.70 -11.49
CA GLU A 55 -3.61 -8.95 -12.65
C GLU A 55 -3.94 -7.47 -12.50
N LYS A 56 -5.21 -7.18 -12.24
CA LYS A 56 -5.62 -5.78 -12.08
C LYS A 56 -5.05 -5.20 -10.80
N PHE A 57 -4.95 -5.99 -9.74
CA PHE A 57 -4.39 -5.51 -8.48
C PHE A 57 -2.93 -5.07 -8.67
N SER A 58 -2.12 -5.93 -9.26
CA SER A 58 -0.72 -5.62 -9.54
C SER A 58 -0.58 -4.43 -10.49
N ARG A 59 -1.41 -4.37 -11.53
CA ARG A 59 -1.32 -3.26 -12.49
C ARG A 59 -1.58 -1.94 -11.78
N VAL A 60 -2.64 -1.88 -11.00
CA VAL A 60 -3.00 -0.64 -10.33
C VAL A 60 -1.94 -0.34 -9.27
N LEU A 61 -1.36 -1.37 -8.67
CA LEU A 61 -0.32 -1.16 -7.67
C LEU A 61 0.85 -0.37 -8.25
N VAL A 62 1.28 -0.70 -9.46
CA VAL A 62 2.38 0.02 -10.11
C VAL A 62 1.97 1.44 -10.45
N GLU A 63 0.75 1.60 -10.95
CA GLU A 63 0.23 2.93 -11.32
C GLU A 63 0.17 3.81 -10.07
N GLN A 64 -0.21 3.23 -8.95
CA GLN A 64 -0.28 3.96 -7.69
C GLN A 64 1.12 4.23 -7.16
N GLN A 65 2.06 3.32 -7.36
CA GLN A 65 3.44 3.56 -6.90
C GLN A 65 4.03 4.74 -7.67
N GLN A 66 3.68 4.89 -8.94
CA GLN A 66 4.15 6.02 -9.73
C GLN A 66 3.63 7.35 -9.15
N ASP A 67 2.37 7.38 -8.72
CA ASP A 67 1.83 8.59 -8.08
C ASP A 67 2.46 8.81 -6.72
N ARG A 68 2.66 7.71 -5.99
CA ARG A 68 3.25 7.78 -4.65
C ARG A 68 4.65 8.35 -4.72
N ALA A 69 5.40 8.03 -5.76
CA ALA A 69 6.75 8.57 -5.93
C ALA A 69 6.77 10.11 -5.99
N ARG A 70 5.70 10.69 -6.53
CA ARG A 70 5.59 12.15 -6.62
C ARG A 70 5.42 12.75 -5.23
N ARG A 71 4.66 12.04 -4.42
CA ARG A 71 4.32 12.47 -3.05
C ARG A 71 5.46 12.16 -2.09
N GLU A 72 6.22 11.14 -2.43
CA GLU A 72 7.35 10.65 -1.65
C GLU A 72 8.39 11.75 -1.50
N GLN A 73 8.47 12.63 -2.48
CA GLN A 73 9.42 13.75 -2.45
C GLN A 73 9.23 14.61 -1.19
N GLU A 74 7.99 14.74 -0.73
CA GLU A 74 7.72 15.48 0.50
C GLU A 74 8.13 14.67 1.73
N ARG A 75 7.97 13.36 1.69
CA ARG A 75 8.32 12.51 2.83
C ARG A 75 9.82 12.42 3.05
N ILE A 76 10.58 12.30 1.98
CA ILE A 76 12.05 12.19 2.08
C ILE A 76 12.68 13.50 2.57
N ARG A 77 11.91 14.59 2.52
CA ARG A 77 12.34 15.88 3.06
C ARG A 77 12.67 15.72 4.54
N LEU A 78 11.86 14.90 5.22
CA LEU A 78 12.01 14.54 6.64
C LEU A 78 12.08 15.75 7.58
N PHE A 79 12.30 15.48 8.87
CA PHE A 79 12.45 16.46 9.96
C PHE A 79 11.26 17.39 10.26
N SER A 80 10.38 17.54 9.30
CA SER A 80 9.17 18.35 9.44
C SER A 80 8.11 17.77 8.50
N ALA A 81 8.23 16.47 8.23
CA ALA A 81 7.34 15.76 7.31
C ALA A 81 7.06 14.39 7.91
N ASP A 82 7.31 14.33 9.20
CA ASP A 82 7.31 13.10 9.97
C ASP A 82 5.89 12.52 10.09
N PRO A 83 5.77 11.19 10.27
CA PRO A 83 4.43 10.61 10.33
C PRO A 83 3.66 10.91 11.61
N PHE A 84 2.34 10.74 11.54
CA PHE A 84 1.43 10.96 12.66
C PHE A 84 0.84 9.62 13.07
N ASP A 85 1.54 8.55 12.69
CA ASP A 85 1.11 7.18 12.96
C ASP A 85 1.58 6.80 14.35
N LEU A 86 1.12 7.56 15.33
CA LEU A 86 1.52 7.43 16.72
C LEU A 86 1.00 6.15 17.35
N GLU A 87 -0.08 5.63 16.79
CA GLU A 87 -0.66 4.37 17.25
C GLU A 87 0.23 3.19 16.82
N ALA A 88 0.99 3.40 15.76
CA ALA A 88 1.86 2.38 15.18
C ALA A 88 3.26 2.36 15.82
N GLN A 89 3.35 2.72 17.10
CA GLN A 89 4.63 2.81 17.80
C GLN A 89 4.79 1.74 18.86
N ALA A 90 6.06 1.46 19.17
CA ALA A 90 6.49 0.51 20.19
C ALA A 90 6.17 -0.96 19.89
N LYS A 91 6.68 -1.82 20.79
CA LYS A 91 6.64 -3.29 20.70
C LYS A 91 7.49 -3.83 19.54
N ILE A 92 7.88 -5.09 19.69
CA ILE A 92 8.66 -5.81 18.70
C ILE A 92 8.00 -7.18 18.71
N GLU A 93 7.70 -7.72 17.54
CA GLU A 93 7.10 -9.04 17.43
C GLU A 93 8.18 -10.12 17.37
N GLU A 94 7.83 -11.36 17.62
CA GLU A 94 8.81 -12.45 17.57
C GLU A 94 8.73 -13.17 16.22
N ASP A 95 9.87 -13.30 15.56
CA ASP A 95 9.96 -14.05 14.32
C ASP A 95 10.92 -15.22 14.51
N ILE A 96 10.37 -16.31 15.03
CA ILE A 96 11.13 -17.53 15.29
C ILE A 96 10.99 -18.51 14.11
N ARG A 97 10.59 -18.00 12.96
CA ARG A 97 10.30 -18.80 11.77
C ARG A 97 11.57 -19.19 11.00
N GLN A 98 12.51 -19.76 11.74
CA GLN A 98 13.79 -20.29 11.21
C GLN A 98 13.92 -21.79 11.49
N SER A 1 -7.40 -0.91 21.45
CA SER A 1 -6.09 -1.32 22.04
C SER A 1 -6.14 -2.53 22.96
N GLN A 2 -5.06 -3.33 22.93
CA GLN A 2 -4.96 -4.55 23.73
C GLN A 2 -3.48 -4.82 24.00
N GLN A 3 -2.78 -3.74 24.35
CA GLN A 3 -1.32 -3.76 24.55
C GLN A 3 -0.67 -4.17 23.22
N SER A 4 0.50 -4.80 23.30
CA SER A 4 1.25 -5.27 22.11
C SER A 4 1.63 -4.16 21.14
N HIS A 5 1.69 -2.94 21.64
CA HIS A 5 2.09 -1.80 20.81
C HIS A 5 3.59 -1.86 20.61
N SER A 6 4.04 -1.64 19.39
CA SER A 6 5.46 -1.69 19.06
C SER A 6 5.71 -0.78 17.86
N SER A 7 6.98 -0.51 17.59
CA SER A 7 7.36 0.31 16.44
C SER A 7 7.69 -0.64 15.28
N PRO A 8 7.52 -0.19 14.03
CA PRO A 8 7.87 -1.08 12.92
C PRO A 8 9.37 -1.19 12.71
N GLY A 9 9.75 -2.14 11.86
CA GLY A 9 11.16 -2.35 11.55
C GLY A 9 11.64 -1.58 10.34
N GLU A 10 10.76 -1.45 9.34
CA GLU A 10 11.08 -0.79 8.05
C GLU A 10 12.46 -1.23 7.52
N ILE A 11 12.71 -2.53 7.61
CA ILE A 11 14.02 -3.10 7.35
C ILE A 11 14.21 -3.35 5.87
N THR A 12 13.14 -3.10 5.17
CA THR A 12 13.10 -3.21 3.73
C THR A 12 12.60 -1.89 3.17
N SER A 13 12.89 -1.62 1.90
CA SER A 13 12.45 -0.38 1.25
C SER A 13 10.99 -0.44 0.80
N SER A 14 10.35 -1.58 1.01
CA SER A 14 8.94 -1.77 0.63
C SER A 14 8.23 -2.77 1.53
N PRO A 15 8.09 -2.45 2.83
CA PRO A 15 7.43 -3.44 3.72
C PRO A 15 5.94 -3.56 3.45
N GLN A 16 5.36 -2.53 2.88
CA GLN A 16 3.93 -2.48 2.54
C GLN A 16 3.57 -3.29 1.29
N GLY A 17 4.35 -4.33 1.00
CA GLY A 17 4.07 -5.20 -0.13
C GLY A 17 4.07 -4.52 -1.49
N LEU A 18 4.84 -3.45 -1.63
CA LEU A 18 4.88 -2.71 -2.90
C LEU A 18 5.60 -3.54 -3.95
N ASP A 19 6.58 -4.29 -3.50
CA ASP A 19 7.35 -5.21 -4.35
C ASP A 19 6.56 -6.50 -4.56
N ASN A 20 5.67 -6.77 -3.63
CA ASN A 20 4.87 -7.99 -3.64
C ASN A 20 3.36 -7.75 -3.65
N PRO A 21 2.80 -7.40 -4.81
CA PRO A 21 1.34 -7.23 -4.89
C PRO A 21 0.57 -8.50 -4.52
N ALA A 22 1.15 -9.67 -4.78
CA ALA A 22 0.48 -10.92 -4.46
C ALA A 22 0.29 -11.06 -2.94
N LEU A 23 1.33 -10.76 -2.18
CA LEU A 23 1.27 -10.87 -0.72
C LEU A 23 0.41 -9.77 -0.15
N LEU A 24 0.52 -8.56 -0.70
CA LEU A 24 -0.28 -7.44 -0.23
C LEU A 24 -1.75 -7.71 -0.47
N ARG A 25 -2.09 -8.23 -1.64
CA ARG A 25 -3.47 -8.59 -1.94
C ARG A 25 -3.98 -9.60 -0.91
N ASP A 26 -3.18 -10.60 -0.59
CA ASP A 26 -3.58 -11.61 0.38
C ASP A 26 -3.81 -11.00 1.76
N MET A 27 -2.89 -10.15 2.19
CA MET A 27 -3.01 -9.48 3.49
C MET A 27 -4.22 -8.56 3.53
N LEU A 28 -4.45 -7.84 2.46
CA LEU A 28 -5.58 -6.90 2.40
C LEU A 28 -6.91 -7.64 2.42
N LEU A 29 -6.98 -8.75 1.72
CA LEU A 29 -8.20 -9.56 1.68
C LEU A 29 -8.52 -10.08 3.08
N ALA A 30 -7.48 -10.41 3.82
CA ALA A 30 -7.63 -10.92 5.18
C ALA A 30 -7.86 -9.81 6.22
N ASN A 31 -7.55 -8.57 5.88
CA ASN A 31 -7.60 -7.47 6.85
C ASN A 31 -8.81 -6.55 6.65
N PRO A 32 -9.85 -6.70 7.48
CA PRO A 32 -11.03 -5.88 7.23
C PRO A 32 -10.86 -4.38 7.44
N HIS A 33 -9.93 -3.98 8.31
CA HIS A 33 -9.71 -2.55 8.55
C HIS A 33 -8.91 -1.93 7.40
N GLU A 34 -7.89 -2.64 6.94
CA GLU A 34 -7.00 -2.11 5.92
C GLU A 34 -7.72 -2.08 4.59
N LEU A 35 -8.52 -3.10 4.32
CA LEU A 35 -9.30 -3.12 3.10
C LEU A 35 -10.30 -1.97 3.06
N SER A 36 -10.76 -1.56 4.24
CA SER A 36 -11.72 -0.46 4.39
C SER A 36 -11.06 0.89 4.18
N LEU A 37 -9.86 1.07 4.70
CA LEU A 37 -9.16 2.33 4.49
C LEU A 37 -8.80 2.43 3.06
N LEU A 38 -8.51 1.30 2.48
CA LEU A 38 -8.13 1.25 1.09
C LEU A 38 -9.26 1.71 0.18
N LYS A 39 -10.47 1.23 0.41
CA LYS A 39 -11.62 1.73 -0.38
C LYS A 39 -11.96 3.18 -0.07
N GLU A 40 -11.65 3.64 1.14
CA GLU A 40 -11.88 5.03 1.50
C GLU A 40 -10.83 5.98 0.90
N ARG A 41 -9.56 5.63 1.03
CA ARG A 41 -8.47 6.50 0.57
C ARG A 41 -8.03 6.29 -0.87
N ASN A 42 -8.11 5.04 -1.34
CA ASN A 42 -7.63 4.68 -2.69
C ASN A 42 -8.63 3.79 -3.47
N PRO A 43 -9.78 4.35 -3.88
CA PRO A 43 -10.71 3.47 -4.59
C PRO A 43 -10.20 2.70 -5.83
N PRO A 44 -9.32 3.27 -6.69
CA PRO A 44 -8.93 2.36 -7.79
C PRO A 44 -8.05 1.16 -7.39
N LEU A 45 -7.21 1.27 -6.35
CA LEU A 45 -6.46 0.10 -5.90
C LEU A 45 -7.41 -0.82 -5.16
N ALA A 46 -8.37 -0.21 -4.47
CA ALA A 46 -9.33 -0.98 -3.72
C ALA A 46 -10.20 -1.85 -4.62
N GLU A 47 -10.78 -1.30 -5.67
CA GLU A 47 -11.69 -2.08 -6.54
C GLU A 47 -10.97 -3.29 -7.14
N ALA A 48 -9.68 -3.11 -7.39
CA ALA A 48 -8.84 -4.19 -7.85
C ALA A 48 -8.76 -5.30 -6.81
N LEU A 49 -8.55 -4.92 -5.57
CA LEU A 49 -8.44 -5.86 -4.48
C LEU A 49 -9.76 -6.59 -4.28
N LEU A 50 -10.86 -5.84 -4.36
CA LEU A 50 -12.18 -6.41 -4.07
C LEU A 50 -12.52 -7.51 -5.07
N SER A 51 -11.99 -7.37 -6.27
CA SER A 51 -12.25 -8.31 -7.35
C SER A 51 -11.50 -9.63 -7.16
N GLY A 52 -10.42 -9.60 -6.37
CA GLY A 52 -9.61 -10.78 -6.15
C GLY A 52 -8.55 -10.98 -7.22
N ASP A 53 -8.75 -10.31 -8.36
CA ASP A 53 -7.84 -10.41 -9.50
C ASP A 53 -6.47 -9.84 -9.17
N LEU A 54 -5.46 -10.70 -9.17
CA LEU A 54 -4.10 -10.24 -8.95
C LEU A 54 -3.66 -9.37 -10.12
N GLU A 55 -4.07 -9.68 -11.33
CA GLU A 55 -3.61 -8.92 -12.49
C GLU A 55 -4.01 -7.46 -12.38
N LYS A 56 -5.28 -7.22 -12.10
CA LYS A 56 -5.76 -5.84 -11.98
C LYS A 56 -5.14 -5.21 -10.74
N PHE A 57 -4.96 -5.97 -9.67
CA PHE A 57 -4.34 -5.46 -8.45
C PHE A 57 -2.89 -5.05 -8.66
N SER A 58 -2.08 -5.93 -9.24
CA SER A 58 -0.68 -5.66 -9.50
C SER A 58 -0.52 -4.51 -10.48
N ARG A 59 -1.37 -4.47 -11.50
CA ARG A 59 -1.27 -3.44 -12.52
C ARG A 59 -1.57 -2.08 -11.91
N VAL A 60 -2.68 -1.99 -11.19
CA VAL A 60 -3.07 -0.73 -10.60
C VAL A 60 -2.06 -0.36 -9.52
N LEU A 61 -1.44 -1.34 -8.87
CA LEU A 61 -0.40 -1.08 -7.88
C LEU A 61 0.74 -0.28 -8.50
N VAL A 62 1.16 -0.64 -9.71
CA VAL A 62 2.24 0.09 -10.38
C VAL A 62 1.76 1.49 -10.77
N GLU A 63 0.55 1.58 -11.28
CA GLU A 63 -0.03 2.88 -11.67
C GLU A 63 -0.04 3.81 -10.44
N GLN A 64 -0.44 3.25 -9.30
CA GLN A 64 -0.48 4.00 -8.06
C GLN A 64 0.91 4.33 -7.56
N GLN A 65 1.87 3.42 -7.71
CA GLN A 65 3.24 3.70 -7.27
C GLN A 65 3.84 4.84 -8.09
N GLN A 66 3.54 4.90 -9.39
CA GLN A 66 4.05 5.98 -10.22
C GLN A 66 3.53 7.33 -9.73
N ASP A 67 2.28 7.39 -9.29
CA ASP A 67 1.71 8.64 -8.79
C ASP A 67 2.19 8.92 -7.37
N ARG A 68 2.26 7.87 -6.55
CA ARG A 68 2.70 8.00 -5.17
C ARG A 68 4.11 8.56 -5.12
N ALA A 69 4.99 8.04 -5.96
CA ALA A 69 6.39 8.47 -5.96
C ALA A 69 6.53 9.98 -6.15
N ARG A 70 5.63 10.58 -6.93
CA ARG A 70 5.65 12.03 -7.17
C ARG A 70 5.29 12.79 -5.91
N ARG A 71 4.24 12.35 -5.25
CA ARG A 71 3.74 13.00 -4.03
C ARG A 71 4.66 12.74 -2.87
N GLU A 72 5.32 11.60 -2.91
CA GLU A 72 6.24 11.20 -1.86
C GLU A 72 7.51 12.03 -1.84
N GLN A 73 7.90 12.59 -2.99
CA GLN A 73 9.10 13.45 -3.02
C GLN A 73 9.03 14.57 -1.99
N GLU A 74 7.90 15.25 -1.88
CA GLU A 74 7.77 16.32 -0.89
C GLU A 74 7.62 15.75 0.52
N ARG A 75 7.00 14.58 0.64
CA ARG A 75 6.81 13.97 1.95
C ARG A 75 8.10 13.58 2.63
N ILE A 76 8.98 12.89 1.93
CA ILE A 76 10.21 12.35 2.54
C ILE A 76 11.15 13.43 3.07
N ARG A 77 10.98 14.65 2.60
CA ARG A 77 11.81 15.77 3.10
C ARG A 77 11.38 16.23 4.50
N LEU A 78 10.24 15.74 5.00
CA LEU A 78 9.71 16.19 6.30
C LEU A 78 9.10 15.04 7.13
N PHE A 79 8.29 14.22 6.49
CA PHE A 79 7.54 13.15 7.16
C PHE A 79 8.19 11.79 6.97
N SER A 80 7.81 10.86 7.83
CA SER A 80 8.21 9.48 7.71
C SER A 80 7.04 8.76 7.02
N ALA A 81 7.11 7.45 7.01
CA ALA A 81 6.11 6.62 6.36
C ALA A 81 5.96 5.28 7.10
N ASP A 82 5.95 5.38 8.43
CA ASP A 82 5.93 4.21 9.33
C ASP A 82 4.86 3.18 8.96
N PRO A 83 5.26 1.97 8.54
CA PRO A 83 4.26 0.97 8.19
C PRO A 83 3.58 0.33 9.40
N PHE A 84 2.44 -0.32 9.16
CA PHE A 84 1.70 -1.01 10.22
C PHE A 84 1.84 -2.51 10.05
N ASP A 85 2.84 -2.91 9.27
CA ASP A 85 3.10 -4.31 8.93
C ASP A 85 3.91 -4.94 10.06
N LEU A 86 3.42 -4.77 11.29
CA LEU A 86 4.12 -5.26 12.47
C LEU A 86 4.13 -6.78 12.48
N GLU A 87 3.03 -7.37 12.03
CA GLU A 87 2.92 -8.82 11.93
C GLU A 87 3.61 -9.33 10.67
N ALA A 88 3.34 -8.65 9.56
CA ALA A 88 3.88 -8.97 8.22
C ALA A 88 3.84 -10.48 7.88
N GLN A 89 2.75 -11.14 8.23
CA GLN A 89 2.58 -12.56 7.98
C GLN A 89 1.98 -12.80 6.60
N ALA A 90 2.28 -13.95 6.02
CA ALA A 90 1.74 -14.36 4.72
C ALA A 90 1.60 -15.88 4.77
N LYS A 91 0.71 -16.44 3.97
CA LYS A 91 0.49 -17.89 3.96
C LYS A 91 1.48 -18.60 3.06
N ILE A 92 1.70 -19.87 3.34
CA ILE A 92 2.50 -20.74 2.50
C ILE A 92 1.65 -21.99 2.27
N GLU A 93 1.15 -22.15 1.05
CA GLU A 93 0.31 -23.25 0.67
C GLU A 93 0.74 -23.66 -0.74
N GLU A 94 0.29 -24.82 -1.21
CA GLU A 94 0.72 -25.33 -2.50
C GLU A 94 0.09 -24.59 -3.70
N ASP A 95 0.95 -24.11 -4.59
CA ASP A 95 0.55 -23.52 -5.85
C ASP A 95 1.32 -24.24 -6.93
N ILE A 96 0.69 -25.26 -7.48
CA ILE A 96 1.27 -26.08 -8.52
C ILE A 96 0.63 -25.78 -9.88
N ARG A 97 0.07 -24.59 -10.01
CA ARG A 97 -0.59 -24.18 -11.27
C ARG A 97 0.19 -23.07 -11.97
N GLN A 98 1.48 -22.99 -11.61
CA GLN A 98 2.48 -21.99 -12.09
C GLN A 98 2.32 -20.62 -11.42
N SER A 1 3.44 -2.74 34.60
CA SER A 1 4.67 -3.53 34.99
C SER A 1 5.83 -3.39 34.03
N GLN A 2 5.48 -2.96 32.82
CA GLN A 2 6.43 -2.70 31.75
C GLN A 2 5.83 -1.59 30.91
N GLN A 3 6.68 -0.88 30.17
CA GLN A 3 6.23 0.19 29.27
C GLN A 3 6.31 -0.28 27.82
N SER A 4 7.22 -1.22 27.55
CA SER A 4 7.39 -1.84 26.23
C SER A 4 7.47 -0.86 25.06
N HIS A 5 8.10 0.27 25.28
CA HIS A 5 8.24 1.28 24.23
C HIS A 5 9.31 0.84 23.23
N SER A 6 9.14 1.19 21.96
CA SER A 6 10.10 0.85 20.91
C SER A 6 10.16 1.99 19.91
N SER A 7 11.31 2.19 19.29
CA SER A 7 11.50 3.27 18.33
C SER A 7 12.48 2.87 17.20
N PRO A 8 12.03 2.04 16.25
CA PRO A 8 12.96 1.67 15.17
C PRO A 8 13.14 2.78 14.16
N GLY A 9 14.17 2.66 13.35
CA GLY A 9 14.49 3.64 12.31
C GLY A 9 14.79 3.04 10.96
N GLU A 10 15.15 1.77 10.96
CA GLU A 10 15.54 1.05 9.74
C GLU A 10 14.35 0.54 8.93
N ILE A 11 13.23 1.25 9.03
CA ILE A 11 12.01 0.93 8.34
C ILE A 11 12.05 1.35 6.87
N THR A 12 13.23 1.72 6.42
CA THR A 12 13.47 2.15 5.04
C THR A 12 13.55 0.97 4.09
N SER A 13 12.39 0.52 3.66
CA SER A 13 12.23 -0.63 2.78
C SER A 13 10.82 -0.50 2.20
N SER A 14 10.28 -1.58 1.65
CA SER A 14 8.89 -1.60 1.17
C SER A 14 8.01 -2.53 2.01
N PRO A 15 7.83 -2.25 3.32
CA PRO A 15 7.02 -3.21 4.08
C PRO A 15 5.55 -3.18 3.71
N GLN A 16 5.16 -2.12 3.02
CA GLN A 16 3.78 -1.95 2.55
C GLN A 16 3.46 -2.80 1.31
N GLY A 17 4.29 -3.78 1.00
CA GLY A 17 4.00 -4.73 -0.07
C GLY A 17 4.01 -4.15 -1.47
N LEU A 18 4.80 -3.11 -1.67
CA LEU A 18 4.90 -2.45 -2.99
C LEU A 18 5.59 -3.39 -3.97
N ASP A 19 6.46 -4.19 -3.40
CA ASP A 19 7.29 -5.14 -4.12
C ASP A 19 6.58 -6.47 -4.33
N ASN A 20 5.65 -6.78 -3.44
CA ASN A 20 4.89 -8.03 -3.52
C ASN A 20 3.38 -7.79 -3.52
N PRO A 21 2.81 -7.40 -4.69
CA PRO A 21 1.36 -7.23 -4.75
C PRO A 21 0.59 -8.51 -4.44
N ALA A 22 1.18 -9.66 -4.73
CA ALA A 22 0.51 -10.93 -4.45
C ALA A 22 0.26 -11.08 -2.96
N LEU A 23 1.26 -10.77 -2.15
CA LEU A 23 1.17 -10.92 -0.71
C LEU A 23 0.36 -9.79 -0.10
N LEU A 24 0.47 -8.59 -0.67
CA LEU A 24 -0.29 -7.46 -0.17
C LEU A 24 -1.78 -7.69 -0.41
N ARG A 25 -2.13 -8.22 -1.57
CA ARG A 25 -3.51 -8.54 -1.90
C ARG A 25 -4.03 -9.53 -0.88
N ASP A 26 -3.20 -10.51 -0.55
CA ASP A 26 -3.58 -11.54 0.40
C ASP A 26 -3.80 -10.98 1.81
N MET A 27 -2.88 -10.12 2.24
CA MET A 27 -2.99 -9.45 3.55
C MET A 27 -4.25 -8.63 3.62
N LEU A 28 -4.48 -7.83 2.59
CA LEU A 28 -5.64 -6.97 2.52
C LEU A 28 -6.94 -7.75 2.58
N LEU A 29 -7.00 -8.85 1.86
CA LEU A 29 -8.22 -9.69 1.85
C LEU A 29 -8.46 -10.26 3.26
N ALA A 30 -7.39 -10.56 3.97
CA ALA A 30 -7.48 -11.08 5.33
C ALA A 30 -7.66 -9.98 6.38
N ASN A 31 -7.55 -8.71 5.98
CA ASN A 31 -7.60 -7.60 6.94
C ASN A 31 -8.77 -6.64 6.65
N PRO A 32 -9.88 -6.79 7.39
CA PRO A 32 -11.03 -5.93 7.08
C PRO A 32 -10.82 -4.42 7.32
N HIS A 33 -9.91 -4.06 8.21
CA HIS A 33 -9.63 -2.65 8.47
C HIS A 33 -8.80 -2.04 7.34
N GLU A 34 -7.81 -2.80 6.90
CA GLU A 34 -6.85 -2.31 5.91
C GLU A 34 -7.52 -2.23 4.55
N LEU A 35 -8.38 -3.20 4.27
CA LEU A 35 -9.14 -3.19 3.02
C LEU A 35 -10.15 -2.04 3.02
N SER A 36 -10.61 -1.66 4.20
CA SER A 36 -11.55 -0.55 4.37
C SER A 36 -10.86 0.80 4.15
N LEU A 37 -9.69 1.00 4.74
CA LEU A 37 -8.98 2.27 4.53
C LEU A 37 -8.60 2.42 3.10
N LEU A 38 -8.38 1.28 2.47
CA LEU A 38 -8.02 1.26 1.09
C LEU A 38 -9.14 1.72 0.18
N LYS A 39 -10.36 1.27 0.43
CA LYS A 39 -11.49 1.77 -0.38
C LYS A 39 -11.80 3.21 -0.06
N GLU A 40 -11.51 3.65 1.16
CA GLU A 40 -11.73 5.05 1.52
C GLU A 40 -10.68 5.96 0.86
N ARG A 41 -9.42 5.63 1.02
CA ARG A 41 -8.33 6.52 0.52
C ARG A 41 -7.86 6.24 -0.91
N ASN A 42 -8.02 5.02 -1.38
CA ASN A 42 -7.60 4.65 -2.75
C ASN A 42 -8.62 3.78 -3.48
N PRO A 43 -9.78 4.34 -3.84
CA PRO A 43 -10.75 3.46 -4.53
C PRO A 43 -10.28 2.72 -5.80
N PRO A 44 -9.43 3.30 -6.68
CA PRO A 44 -9.06 2.43 -7.80
C PRO A 44 -8.18 1.22 -7.44
N LEU A 45 -7.34 1.31 -6.40
CA LEU A 45 -6.57 0.13 -5.99
C LEU A 45 -7.51 -0.81 -5.25
N ALA A 46 -8.46 -0.24 -4.53
CA ALA A 46 -9.44 -1.04 -3.81
C ALA A 46 -10.30 -1.90 -4.73
N GLU A 47 -10.87 -1.34 -5.79
CA GLU A 47 -11.74 -2.12 -6.69
C GLU A 47 -10.98 -3.29 -7.31
N ALA A 48 -9.68 -3.11 -7.52
CA ALA A 48 -8.82 -4.14 -8.04
C ALA A 48 -8.72 -5.31 -7.05
N LEU A 49 -8.68 -4.98 -5.77
CA LEU A 49 -8.67 -6.01 -4.72
C LEU A 49 -10.01 -6.73 -4.67
N LEU A 50 -11.09 -5.97 -4.79
CA LEU A 50 -12.44 -6.53 -4.65
C LEU A 50 -12.74 -7.54 -5.74
N SER A 51 -12.09 -7.36 -6.88
CA SER A 51 -12.27 -8.24 -8.02
C SER A 51 -11.56 -9.57 -7.83
N GLY A 52 -10.58 -9.62 -6.94
CA GLY A 52 -9.81 -10.84 -6.71
C GLY A 52 -8.64 -10.98 -7.68
N ASP A 53 -8.83 -10.43 -8.87
CA ASP A 53 -7.85 -10.40 -9.94
C ASP A 53 -6.51 -9.81 -9.48
N LEU A 54 -5.55 -10.66 -9.21
CA LEU A 54 -4.21 -10.20 -8.82
C LEU A 54 -3.64 -9.37 -9.96
N GLU A 55 -3.95 -9.76 -11.19
CA GLU A 55 -3.45 -9.05 -12.35
C GLU A 55 -3.85 -7.57 -12.34
N LYS A 56 -5.11 -7.24 -12.05
CA LYS A 56 -5.51 -5.84 -12.00
C LYS A 56 -5.03 -5.21 -10.71
N PHE A 57 -4.94 -5.97 -9.64
CA PHE A 57 -4.41 -5.44 -8.38
C PHE A 57 -2.97 -4.97 -8.57
N SER A 58 -2.13 -5.84 -9.12
CA SER A 58 -0.74 -5.51 -9.40
C SER A 58 -0.62 -4.39 -10.43
N ARG A 59 -1.49 -4.41 -11.43
CA ARG A 59 -1.49 -3.37 -12.45
C ARG A 59 -1.76 -2.01 -11.83
N VAL A 60 -2.79 -1.91 -11.01
CA VAL A 60 -3.11 -0.62 -10.39
C VAL A 60 -2.01 -0.27 -9.39
N LEU A 61 -1.44 -1.27 -8.73
CA LEU A 61 -0.38 -1.04 -7.77
C LEU A 61 0.81 -0.32 -8.42
N VAL A 62 1.23 -0.77 -9.59
CA VAL A 62 2.37 -0.13 -10.27
C VAL A 62 1.97 1.22 -10.87
N GLU A 63 0.74 1.35 -11.37
CA GLU A 63 0.26 2.64 -11.90
C GLU A 63 0.27 3.69 -10.78
N GLN A 64 -0.17 3.29 -9.59
CA GLN A 64 -0.17 4.19 -8.44
C GLN A 64 1.26 4.57 -8.07
N GLN A 65 2.18 3.62 -8.13
CA GLN A 65 3.59 3.90 -7.82
C GLN A 65 4.20 4.86 -8.84
N GLN A 66 3.83 4.73 -10.11
CA GLN A 66 4.34 5.64 -11.14
C GLN A 66 3.85 7.07 -10.87
N ASP A 67 2.59 7.23 -10.50
CA ASP A 67 2.08 8.58 -10.20
C ASP A 67 2.74 9.13 -8.95
N ARG A 68 2.93 8.27 -7.95
CA ARG A 68 3.59 8.70 -6.71
C ARG A 68 5.00 9.17 -7.00
N ALA A 69 5.70 8.48 -7.89
CA ALA A 69 7.05 8.88 -8.28
C ALA A 69 7.04 10.21 -9.06
N ARG A 70 5.97 10.45 -9.82
CA ARG A 70 5.87 11.69 -10.60
C ARG A 70 5.61 12.86 -9.66
N ARG A 71 4.94 12.61 -8.54
CA ARG A 71 4.77 13.64 -7.50
C ARG A 71 6.08 13.83 -6.74
N GLU A 72 6.79 12.72 -6.55
CA GLU A 72 8.07 12.73 -5.82
C GLU A 72 9.11 13.61 -6.51
N GLN A 73 9.04 13.73 -7.82
CA GLN A 73 9.94 14.62 -8.56
C GLN A 73 9.82 16.08 -8.07
N GLU A 74 8.62 16.50 -7.72
CA GLU A 74 8.41 17.84 -7.16
C GLU A 74 8.86 17.89 -5.70
N ARG A 75 8.80 16.76 -5.00
CA ARG A 75 9.25 16.73 -3.59
C ARG A 75 10.76 16.89 -3.47
N ILE A 76 11.51 16.20 -4.31
CA ILE A 76 12.98 16.29 -4.28
C ILE A 76 13.46 17.65 -4.81
N ARG A 77 12.56 18.37 -5.49
CA ARG A 77 12.85 19.69 -6.05
C ARG A 77 13.12 20.73 -4.95
N LEU A 78 12.73 20.39 -3.72
CA LEU A 78 12.88 21.22 -2.51
C LEU A 78 12.07 22.52 -2.48
N PHE A 79 12.19 23.33 -3.50
CA PHE A 79 11.44 24.57 -3.57
C PHE A 79 10.02 24.22 -3.97
N SER A 80 9.07 24.78 -3.24
CA SER A 80 7.62 24.51 -3.42
C SER A 80 7.26 23.03 -3.27
N ALA A 81 8.05 22.31 -2.48
CA ALA A 81 7.81 20.89 -2.17
C ALA A 81 6.79 20.75 -1.03
N ASP A 82 5.65 21.40 -1.18
CA ASP A 82 4.60 21.38 -0.16
C ASP A 82 4.09 19.95 0.05
N PRO A 83 3.88 19.51 1.31
CA PRO A 83 3.56 18.10 1.51
C PRO A 83 2.12 17.71 1.21
N PHE A 84 1.94 16.42 0.98
CA PHE A 84 0.61 15.84 0.74
C PHE A 84 0.41 14.66 1.68
N ASP A 85 1.31 14.57 2.64
CA ASP A 85 1.27 13.54 3.68
C ASP A 85 1.88 14.23 4.90
N LEU A 86 1.06 14.43 5.92
CA LEU A 86 1.49 15.15 7.12
C LEU A 86 2.38 14.30 8.03
N GLU A 87 2.14 13.00 8.10
CA GLU A 87 2.96 12.13 8.95
C GLU A 87 4.20 11.66 8.20
N ALA A 88 4.02 11.31 6.92
CA ALA A 88 5.08 10.85 6.03
C ALA A 88 5.86 9.63 6.58
N GLN A 89 5.20 8.85 7.43
CA GLN A 89 5.81 7.69 8.06
C GLN A 89 4.86 6.50 7.96
N ALA A 90 5.43 5.30 7.91
CA ALA A 90 4.65 4.07 7.92
C ALA A 90 5.51 2.94 8.48
N LYS A 91 4.99 2.23 9.46
CA LYS A 91 5.68 1.07 10.03
C LYS A 91 4.64 -0.02 10.21
N ILE A 92 5.10 -1.26 10.23
CA ILE A 92 4.26 -2.43 10.41
C ILE A 92 5.08 -3.33 11.33
N GLU A 93 4.49 -3.78 12.43
CA GLU A 93 5.17 -4.61 13.40
C GLU A 93 4.17 -5.66 13.89
N GLU A 94 4.69 -6.73 14.49
CA GLU A 94 3.85 -7.81 15.03
C GLU A 94 4.28 -8.12 16.45
N ASP A 95 3.38 -8.72 17.23
CA ASP A 95 3.72 -9.20 18.58
C ASP A 95 3.48 -10.70 18.63
N ILE A 96 4.46 -11.47 18.19
CA ILE A 96 4.41 -12.93 18.30
C ILE A 96 4.79 -13.40 19.68
N ARG A 97 5.08 -12.42 20.51
CA ARG A 97 5.61 -12.59 21.86
C ARG A 97 6.79 -13.55 21.90
N GLN A 98 7.47 -13.59 20.75
CA GLN A 98 8.64 -14.45 20.48
C GLN A 98 8.20 -15.92 20.44
N SER A 1 -10.62 -8.55 24.49
CA SER A 1 -10.19 -7.18 25.00
C SER A 1 -9.67 -6.25 23.89
N GLN A 2 -9.64 -4.95 24.17
CA GLN A 2 -9.16 -3.96 23.22
C GLN A 2 -8.42 -2.88 24.00
N GLN A 3 -7.38 -2.31 23.40
CA GLN A 3 -6.61 -1.23 24.03
C GLN A 3 -5.67 -0.56 23.02
N SER A 4 -4.81 -1.38 22.41
CA SER A 4 -3.73 -0.93 21.52
C SER A 4 -2.70 -0.07 22.28
N HIS A 5 -1.64 0.34 21.60
CA HIS A 5 -0.59 1.14 22.20
C HIS A 5 0.20 1.79 21.07
N SER A 6 0.71 2.99 21.28
CA SER A 6 1.57 3.63 20.28
C SER A 6 2.98 3.08 20.49
N SER A 7 3.65 2.68 19.43
CA SER A 7 4.98 2.09 19.56
C SER A 7 5.86 2.40 18.35
N PRO A 8 7.13 2.75 18.57
CA PRO A 8 8.01 2.86 17.41
C PRO A 8 8.32 1.48 16.86
N GLY A 9 9.02 1.42 15.73
CA GLY A 9 9.37 0.14 15.15
C GLY A 9 10.07 0.21 13.80
N GLU A 10 9.80 1.30 13.09
CA GLU A 10 10.38 1.56 11.76
C GLU A 10 10.03 0.50 10.72
N ILE A 11 8.95 -0.21 11.00
CA ILE A 11 8.34 -1.18 10.10
C ILE A 11 7.55 -0.47 9.00
N THR A 12 7.84 0.81 8.84
CA THR A 12 7.23 1.64 7.81
C THR A 12 7.69 1.22 6.43
N SER A 13 8.79 0.46 6.38
CA SER A 13 9.29 -0.10 5.13
C SER A 13 8.72 -1.50 4.93
N SER A 14 7.80 -1.62 3.98
CA SER A 14 7.15 -2.89 3.67
C SER A 14 7.48 -3.39 2.25
N PRO A 15 8.74 -3.81 2.00
CA PRO A 15 9.04 -4.19 0.61
C PRO A 15 8.33 -5.44 0.15
N GLN A 16 7.92 -6.28 1.08
CA GLN A 16 7.19 -7.51 0.77
C GLN A 16 5.88 -7.20 0.04
N GLY A 17 5.28 -6.05 0.37
CA GLY A 17 4.03 -5.70 -0.27
C GLY A 17 4.22 -4.93 -1.57
N LEU A 18 5.34 -4.22 -1.67
CA LEU A 18 5.60 -3.42 -2.86
C LEU A 18 6.04 -4.28 -4.03
N ASP A 19 6.90 -5.23 -3.73
CA ASP A 19 7.55 -6.06 -4.73
C ASP A 19 6.70 -7.27 -5.07
N ASN A 20 5.95 -7.71 -4.07
CA ASN A 20 5.07 -8.86 -4.22
C ASN A 20 3.61 -8.43 -4.02
N PRO A 21 2.94 -7.95 -5.08
CA PRO A 21 1.53 -7.58 -4.94
C PRO A 21 0.66 -8.76 -4.53
N ALA A 22 1.12 -9.97 -4.80
CA ALA A 22 0.39 -11.18 -4.42
C ALA A 22 0.23 -11.23 -2.90
N LEU A 23 1.30 -10.92 -2.18
CA LEU A 23 1.29 -10.97 -0.72
C LEU A 23 0.47 -9.82 -0.15
N LEU A 24 0.61 -8.64 -0.74
CA LEU A 24 -0.15 -7.48 -0.25
C LEU A 24 -1.65 -7.69 -0.48
N ARG A 25 -2.02 -8.24 -1.63
CA ARG A 25 -3.41 -8.55 -1.91
C ARG A 25 -3.93 -9.51 -0.85
N ASP A 26 -3.14 -10.51 -0.52
CA ASP A 26 -3.57 -11.52 0.45
C ASP A 26 -3.74 -10.91 1.85
N MET A 27 -2.78 -10.09 2.27
CA MET A 27 -2.84 -9.43 3.58
C MET A 27 -4.04 -8.49 3.63
N LEU A 28 -4.29 -7.80 2.53
CA LEU A 28 -5.41 -6.88 2.44
C LEU A 28 -6.74 -7.60 2.55
N LEU A 29 -6.86 -8.72 1.87
CA LEU A 29 -8.12 -9.50 1.90
C LEU A 29 -8.36 -10.02 3.31
N ALA A 30 -7.29 -10.38 4.00
CA ALA A 30 -7.37 -10.88 5.35
C ALA A 30 -7.56 -9.75 6.40
N ASN A 31 -7.34 -8.51 6.00
CA ASN A 31 -7.38 -7.39 6.95
C ASN A 31 -8.59 -6.48 6.71
N PRO A 32 -9.65 -6.65 7.51
CA PRO A 32 -10.86 -5.85 7.24
C PRO A 32 -10.70 -4.35 7.47
N HIS A 33 -9.76 -3.95 8.30
CA HIS A 33 -9.54 -2.53 8.56
C HIS A 33 -8.78 -1.87 7.39
N GLU A 34 -7.75 -2.54 6.91
CA GLU A 34 -6.90 -1.98 5.88
C GLU A 34 -7.66 -1.94 4.57
N LEU A 35 -8.41 -3.00 4.30
CA LEU A 35 -9.20 -3.06 3.09
C LEU A 35 -10.27 -1.96 3.09
N SER A 36 -10.70 -1.54 4.27
CA SER A 36 -11.71 -0.49 4.43
C SER A 36 -11.09 0.88 4.17
N LEU A 37 -9.90 1.14 4.71
CA LEU A 37 -9.26 2.44 4.49
C LEU A 37 -8.86 2.54 3.07
N LEU A 38 -8.56 1.40 2.49
CA LEU A 38 -8.19 1.34 1.12
C LEU A 38 -9.33 1.74 0.20
N LYS A 39 -10.52 1.24 0.44
CA LYS A 39 -11.67 1.68 -0.38
C LYS A 39 -12.06 3.13 -0.10
N GLU A 40 -11.77 3.63 1.08
CA GLU A 40 -12.03 5.03 1.39
C GLU A 40 -11.01 5.95 0.71
N ARG A 41 -9.74 5.66 0.91
CA ARG A 41 -8.66 6.56 0.46
C ARG A 41 -8.06 6.26 -0.90
N ASN A 42 -8.20 5.03 -1.35
CA ASN A 42 -7.68 4.60 -2.66
C ASN A 42 -8.68 3.75 -3.45
N PRO A 43 -9.82 4.33 -3.87
CA PRO A 43 -10.76 3.46 -4.59
C PRO A 43 -10.25 2.72 -5.86
N PRO A 44 -9.34 3.30 -6.68
CA PRO A 44 -8.96 2.43 -7.82
C PRO A 44 -8.15 1.18 -7.44
N LEU A 45 -7.32 1.23 -6.40
CA LEU A 45 -6.61 0.02 -5.98
C LEU A 45 -7.58 -0.88 -5.26
N ALA A 46 -8.51 -0.28 -4.52
CA ALA A 46 -9.49 -1.04 -3.79
C ALA A 46 -10.36 -1.89 -4.72
N GLU A 47 -10.93 -1.32 -5.78
CA GLU A 47 -11.80 -2.09 -6.68
C GLU A 47 -11.05 -3.27 -7.31
N ALA A 48 -9.76 -3.09 -7.52
CA ALA A 48 -8.91 -4.13 -8.05
C ALA A 48 -8.81 -5.29 -7.05
N LEU A 49 -8.72 -4.95 -5.77
CA LEU A 49 -8.69 -5.96 -4.70
C LEU A 49 -10.04 -6.68 -4.62
N LEU A 50 -11.12 -5.92 -4.74
CA LEU A 50 -12.48 -6.47 -4.59
C LEU A 50 -12.78 -7.48 -5.69
N SER A 51 -12.13 -7.30 -6.83
CA SER A 51 -12.33 -8.17 -7.97
C SER A 51 -11.60 -9.50 -7.81
N GLY A 52 -10.62 -9.56 -6.92
CA GLY A 52 -9.85 -10.79 -6.70
C GLY A 52 -8.68 -10.94 -7.67
N ASP A 53 -8.86 -10.40 -8.88
CA ASP A 53 -7.86 -10.41 -9.93
C ASP A 53 -6.53 -9.80 -9.50
N LEU A 54 -5.55 -10.66 -9.25
CA LEU A 54 -4.22 -10.20 -8.89
C LEU A 54 -3.68 -9.37 -10.06
N GLU A 55 -4.06 -9.76 -11.27
CA GLU A 55 -3.61 -9.05 -12.48
C GLU A 55 -3.92 -7.56 -12.40
N LYS A 56 -5.17 -7.24 -12.13
CA LYS A 56 -5.57 -5.83 -12.03
C LYS A 56 -5.06 -5.21 -10.76
N PHE A 57 -4.98 -5.98 -9.68
CA PHE A 57 -4.43 -5.46 -8.43
C PHE A 57 -2.98 -5.02 -8.62
N SER A 58 -2.16 -5.88 -9.21
CA SER A 58 -0.77 -5.56 -9.48
C SER A 58 -0.62 -4.40 -10.45
N ARG A 59 -1.41 -4.39 -11.52
CA ARG A 59 -1.31 -3.31 -12.51
C ARG A 59 -1.58 -1.95 -11.85
N VAL A 60 -2.62 -1.89 -11.05
CA VAL A 60 -2.98 -0.63 -10.40
C VAL A 60 -1.95 -0.33 -9.31
N LEU A 61 -1.41 -1.35 -8.67
CA LEU A 61 -0.39 -1.17 -7.64
C LEU A 61 0.80 -0.40 -8.20
N VAL A 62 1.27 -0.78 -9.38
CA VAL A 62 2.41 -0.11 -10.00
C VAL A 62 2.05 1.33 -10.38
N GLU A 63 0.88 1.54 -10.94
CA GLU A 63 0.44 2.89 -11.30
C GLU A 63 0.33 3.78 -10.06
N GLN A 64 -0.18 3.22 -8.98
CA GLN A 64 -0.24 3.95 -7.72
C GLN A 64 1.16 4.20 -7.18
N GLN A 65 2.06 3.23 -7.30
CA GLN A 65 3.44 3.42 -6.82
C GLN A 65 4.10 4.58 -7.56
N GLN A 66 3.88 4.68 -8.86
CA GLN A 66 4.48 5.75 -9.64
C GLN A 66 4.04 7.12 -9.14
N ASP A 67 2.75 7.27 -8.85
CA ASP A 67 2.24 8.56 -8.36
C ASP A 67 2.64 8.80 -6.91
N ARG A 68 2.56 7.75 -6.10
CA ARG A 68 2.90 7.88 -4.69
C ARG A 68 4.34 8.23 -4.51
N ALA A 69 5.22 7.71 -5.35
CA ALA A 69 6.65 8.01 -5.25
C ALA A 69 6.92 9.51 -5.33
N ARG A 70 6.08 10.24 -6.06
CA ARG A 70 6.25 11.69 -6.21
C ARG A 70 6.05 12.40 -4.88
N ARG A 71 4.98 12.07 -4.18
CA ARG A 71 4.67 12.71 -2.89
C ARG A 71 5.45 12.10 -1.72
N GLU A 72 5.83 10.85 -1.88
CA GLU A 72 6.46 10.10 -0.77
C GLU A 72 7.80 10.69 -0.41
N GLN A 73 8.47 11.29 -1.37
CA GLN A 73 9.76 11.97 -1.14
C GLN A 73 9.66 12.98 0.00
N GLU A 74 8.58 13.77 0.03
CA GLU A 74 8.38 14.77 1.08
C GLU A 74 7.97 14.09 2.39
N ARG A 75 7.24 13.00 2.28
CA ARG A 75 6.74 12.28 3.47
C ARG A 75 7.83 11.56 4.23
N ILE A 76 8.75 10.91 3.51
CA ILE A 76 9.86 10.20 4.15
C ILE A 76 10.97 11.18 4.58
N ARG A 77 10.92 12.40 4.07
CA ARG A 77 11.94 13.41 4.33
C ARG A 77 12.12 13.63 5.84
N LEU A 78 11.03 13.60 6.58
CA LEU A 78 11.06 13.80 8.02
C LEU A 78 9.80 13.17 8.60
N PHE A 79 9.87 12.80 9.87
CA PHE A 79 8.78 12.18 10.60
C PHE A 79 8.26 10.93 9.86
N SER A 80 6.96 10.68 9.96
CA SER A 80 6.31 9.50 9.35
C SER A 80 6.89 8.17 9.82
N ALA A 81 7.49 8.19 11.00
CA ALA A 81 8.12 7.03 11.61
C ALA A 81 7.17 6.37 12.62
N ASP A 82 5.89 6.37 12.29
CA ASP A 82 4.86 5.81 13.17
C ASP A 82 4.18 4.64 12.45
N PRO A 83 4.68 3.40 12.66
CA PRO A 83 4.07 2.29 11.93
C PRO A 83 2.85 1.71 12.66
N PHE A 84 1.96 1.10 11.89
CA PHE A 84 0.79 0.41 12.45
C PHE A 84 0.81 -1.02 11.95
N ASP A 85 1.87 -1.31 11.23
CA ASP A 85 2.09 -2.59 10.58
C ASP A 85 2.91 -3.50 11.51
N LEU A 86 2.54 -3.47 12.78
CA LEU A 86 3.26 -4.20 13.82
C LEU A 86 3.14 -5.70 13.62
N GLU A 87 2.06 -6.10 12.95
CA GLU A 87 1.77 -7.50 12.65
C GLU A 87 2.54 -8.02 11.45
N ALA A 88 3.05 -7.11 10.63
CA ALA A 88 3.67 -7.44 9.33
C ALA A 88 5.10 -7.99 9.45
N GLN A 89 5.34 -8.80 10.46
CA GLN A 89 6.65 -9.39 10.68
C GLN A 89 7.02 -10.29 9.49
N ALA A 90 8.19 -10.04 8.93
CA ALA A 90 8.65 -10.77 7.74
C ALA A 90 9.02 -12.21 8.13
N LYS A 91 8.64 -13.15 7.28
CA LYS A 91 8.94 -14.56 7.50
C LYS A 91 9.02 -15.22 6.15
N ILE A 92 9.72 -16.33 6.10
CA ILE A 92 9.77 -17.20 4.93
C ILE A 92 9.55 -18.57 5.54
N GLU A 93 8.44 -19.19 5.18
CA GLU A 93 8.10 -20.50 5.70
C GLU A 93 7.87 -21.41 4.52
N GLU A 94 8.20 -22.67 4.68
CA GLU A 94 8.13 -23.63 3.59
C GLU A 94 7.79 -24.98 4.20
N ASP A 95 7.11 -25.81 3.42
CA ASP A 95 6.67 -27.15 3.86
C ASP A 95 6.59 -28.03 2.62
N ILE A 96 7.67 -28.00 1.84
CA ILE A 96 7.79 -28.66 0.52
C ILE A 96 6.54 -28.57 -0.36
N ARG A 97 5.88 -27.41 -0.29
CA ARG A 97 4.64 -27.15 -1.03
C ARG A 97 4.96 -26.56 -2.40
N GLN A 98 5.84 -27.26 -3.12
CA GLN A 98 6.28 -26.88 -4.46
C GLN A 98 5.10 -26.89 -5.45
N SER A 1 6.43 28.43 19.46
CA SER A 1 5.73 27.60 18.43
C SER A 1 6.65 26.74 17.62
N GLN A 2 7.86 26.56 18.16
CA GLN A 2 8.91 25.78 17.52
C GLN A 2 8.97 24.37 18.10
N GLN A 3 9.08 23.39 17.21
CA GLN A 3 9.27 21.99 17.60
C GLN A 3 10.38 21.49 16.68
N SER A 4 10.95 20.33 16.98
CA SER A 4 12.08 19.80 16.21
C SER A 4 11.78 19.60 14.72
N HIS A 5 10.55 19.20 14.41
CA HIS A 5 10.08 19.03 13.02
C HIS A 5 11.07 18.25 12.11
N SER A 6 11.70 17.23 12.67
CA SER A 6 12.69 16.44 11.93
C SER A 6 11.99 15.39 11.06
N SER A 7 12.67 14.92 10.03
CA SER A 7 12.12 13.89 9.16
C SER A 7 13.24 12.90 8.77
N PRO A 8 12.98 11.58 8.84
CA PRO A 8 14.03 10.62 8.47
C PRO A 8 14.17 10.47 6.96
N GLY A 9 15.24 9.81 6.56
CA GLY A 9 15.50 9.54 5.14
C GLY A 9 15.89 8.10 4.89
N GLU A 10 15.61 7.26 5.87
CA GLU A 10 15.98 5.84 5.86
C GLU A 10 14.73 5.01 5.60
N ILE A 11 13.80 5.61 4.87
CA ILE A 11 12.49 5.08 4.65
C ILE A 11 12.52 4.16 3.41
N THR A 12 13.71 3.94 2.93
CA THR A 12 13.97 3.09 1.77
C THR A 12 13.91 1.60 2.11
N SER A 13 12.71 1.06 2.07
CA SER A 13 12.44 -0.34 2.36
C SER A 13 11.09 -0.66 1.73
N SER A 14 10.79 -1.94 1.56
CA SER A 14 9.51 -2.37 0.96
C SER A 14 8.64 -3.20 1.92
N PRO A 15 8.30 -2.65 3.12
CA PRO A 15 7.58 -3.56 4.01
C PRO A 15 6.13 -3.88 3.64
N GLN A 16 5.40 -2.90 3.14
CA GLN A 16 3.97 -3.07 2.84
C GLN A 16 3.70 -3.77 1.50
N GLY A 17 4.53 -4.74 1.13
CA GLY A 17 4.30 -5.51 -0.07
C GLY A 17 4.29 -4.70 -1.36
N LEU A 18 5.02 -3.61 -1.42
CA LEU A 18 5.02 -2.76 -2.63
C LEU A 18 5.69 -3.48 -3.82
N ASP A 19 6.61 -4.40 -3.52
CA ASP A 19 7.26 -5.20 -4.56
C ASP A 19 6.55 -6.55 -4.67
N ASN A 20 5.56 -6.75 -3.81
CA ASN A 20 4.84 -8.00 -3.74
C ASN A 20 3.34 -7.78 -3.73
N PRO A 21 2.77 -7.44 -4.90
CA PRO A 21 1.31 -7.27 -4.97
C PRO A 21 0.56 -8.53 -4.56
N ALA A 22 1.15 -9.69 -4.82
CA ALA A 22 0.50 -10.95 -4.45
C ALA A 22 0.31 -11.05 -2.95
N LEU A 23 1.35 -10.71 -2.19
CA LEU A 23 1.29 -10.81 -0.73
C LEU A 23 0.41 -9.72 -0.15
N LEU A 24 0.51 -8.52 -0.71
CA LEU A 24 -0.29 -7.40 -0.21
C LEU A 24 -1.77 -7.63 -0.47
N ARG A 25 -2.09 -8.17 -1.64
CA ARG A 25 -3.47 -8.48 -1.99
C ARG A 25 -4.01 -9.45 -0.96
N ASP A 26 -3.20 -10.44 -0.65
CA ASP A 26 -3.60 -11.47 0.30
C ASP A 26 -3.82 -10.89 1.71
N MET A 27 -2.92 -10.03 2.16
CA MET A 27 -3.04 -9.37 3.46
C MET A 27 -4.29 -8.51 3.52
N LEU A 28 -4.53 -7.75 2.45
CA LEU A 28 -5.68 -6.86 2.38
C LEU A 28 -6.98 -7.64 2.41
N LEU A 29 -7.03 -8.74 1.68
CA LEU A 29 -8.23 -9.58 1.64
C LEU A 29 -8.53 -10.12 3.03
N ALA A 30 -7.47 -10.43 3.78
CA ALA A 30 -7.61 -10.97 5.12
C ALA A 30 -7.82 -9.88 6.19
N ASN A 31 -7.63 -8.62 5.84
CA ASN A 31 -7.67 -7.54 6.84
C ASN A 31 -8.85 -6.59 6.60
N PRO A 32 -9.94 -6.73 7.38
CA PRO A 32 -11.09 -5.87 7.12
C PRO A 32 -10.88 -4.38 7.36
N HIS A 33 -9.95 -4.02 8.23
CA HIS A 33 -9.67 -2.61 8.48
C HIS A 33 -8.88 -2.00 7.32
N GLU A 34 -7.91 -2.76 6.85
CA GLU A 34 -6.98 -2.28 5.83
C GLU A 34 -7.73 -2.19 4.51
N LEU A 35 -8.54 -3.17 4.22
CA LEU A 35 -9.33 -3.15 3.00
C LEU A 35 -10.31 -1.97 3.00
N SER A 36 -10.76 -1.59 4.19
CA SER A 36 -11.69 -0.47 4.36
C SER A 36 -10.98 0.86 4.19
N LEU A 37 -9.78 1.01 4.72
CA LEU A 37 -9.03 2.25 4.54
C LEU A 37 -8.68 2.37 3.12
N LEU A 38 -8.44 1.25 2.49
CA LEU A 38 -8.05 1.23 1.11
C LEU A 38 -9.16 1.73 0.20
N LYS A 39 -10.39 1.31 0.41
CA LYS A 39 -11.49 1.84 -0.41
C LYS A 39 -11.75 3.31 -0.12
N GLU A 40 -11.43 3.76 1.08
CA GLU A 40 -11.59 5.17 1.44
C GLU A 40 -10.46 6.04 0.85
N ARG A 41 -9.22 5.64 1.09
CA ARG A 41 -8.04 6.41 0.63
C ARG A 41 -7.71 6.22 -0.85
N ASN A 42 -7.94 5.02 -1.34
CA ASN A 42 -7.55 4.64 -2.71
C ASN A 42 -8.58 3.77 -3.45
N PRO A 43 -9.74 4.34 -3.82
CA PRO A 43 -10.70 3.47 -4.51
C PRO A 43 -10.24 2.69 -5.77
N PRO A 44 -9.37 3.24 -6.65
CA PRO A 44 -9.00 2.33 -7.75
C PRO A 44 -8.11 1.13 -7.36
N LEU A 45 -7.26 1.25 -6.33
CA LEU A 45 -6.50 0.07 -5.89
C LEU A 45 -7.44 -0.85 -5.15
N ALA A 46 -8.40 -0.26 -4.47
CA ALA A 46 -9.37 -1.04 -3.73
C ALA A 46 -10.23 -1.89 -4.63
N GLU A 47 -10.83 -1.33 -5.68
CA GLU A 47 -11.74 -2.10 -6.54
C GLU A 47 -11.03 -3.31 -7.16
N ALA A 48 -9.74 -3.14 -7.42
CA ALA A 48 -8.90 -4.20 -7.88
C ALA A 48 -8.80 -5.32 -6.86
N LEU A 49 -8.60 -4.93 -5.61
CA LEU A 49 -8.46 -5.86 -4.51
C LEU A 49 -9.76 -6.61 -4.29
N LEU A 50 -10.87 -5.88 -4.35
CA LEU A 50 -12.17 -6.46 -4.04
C LEU A 50 -12.51 -7.59 -5.02
N SER A 51 -12.00 -7.44 -6.23
CA SER A 51 -12.27 -8.41 -7.28
C SER A 51 -11.46 -9.69 -7.12
N GLY A 52 -10.37 -9.62 -6.38
CA GLY A 52 -9.52 -10.79 -6.13
C GLY A 52 -8.48 -11.02 -7.21
N ASP A 53 -8.69 -10.41 -8.37
CA ASP A 53 -7.77 -10.54 -9.50
C ASP A 53 -6.41 -9.95 -9.18
N LEU A 54 -5.38 -10.79 -9.18
CA LEU A 54 -4.04 -10.30 -8.94
C LEU A 54 -3.60 -9.41 -10.08
N GLU A 55 -3.98 -9.75 -11.30
CA GLU A 55 -3.54 -8.97 -12.46
C GLU A 55 -3.98 -7.51 -12.35
N LYS A 56 -5.27 -7.31 -12.12
CA LYS A 56 -5.78 -5.95 -11.98
C LYS A 56 -5.16 -5.30 -10.76
N PHE A 57 -4.96 -6.04 -9.68
CA PHE A 57 -4.35 -5.50 -8.46
C PHE A 57 -2.91 -5.07 -8.69
N SER A 58 -2.09 -5.93 -9.26
CA SER A 58 -0.68 -5.63 -9.53
C SER A 58 -0.54 -4.47 -10.50
N ARG A 59 -1.40 -4.43 -11.50
CA ARG A 59 -1.34 -3.39 -12.52
C ARG A 59 -1.66 -2.05 -11.90
N VAL A 60 -2.72 -1.98 -11.12
CA VAL A 60 -3.11 -0.72 -10.52
C VAL A 60 -2.09 -0.36 -9.44
N LEU A 61 -1.49 -1.35 -8.80
CA LEU A 61 -0.50 -1.11 -7.73
C LEU A 61 0.67 -0.29 -8.24
N VAL A 62 1.24 -0.65 -9.38
CA VAL A 62 2.41 0.08 -9.90
C VAL A 62 1.99 1.45 -10.42
N GLU A 63 0.80 1.55 -11.01
CA GLU A 63 0.29 2.82 -11.50
C GLU A 63 0.11 3.78 -10.32
N GLN A 64 -0.40 3.25 -9.22
CA GLN A 64 -0.58 4.03 -8.01
C GLN A 64 0.75 4.42 -7.39
N GLN A 65 1.75 3.55 -7.44
CA GLN A 65 3.06 3.91 -6.89
C GLN A 65 3.70 5.04 -7.70
N GLN A 66 3.55 5.01 -9.01
CA GLN A 66 4.09 6.07 -9.87
C GLN A 66 3.42 7.40 -9.53
N ASP A 67 2.11 7.38 -9.35
CA ASP A 67 1.39 8.61 -9.02
C ASP A 67 1.72 9.06 -7.60
N ARG A 68 1.81 8.13 -6.67
CA ARG A 68 2.15 8.47 -5.28
C ARG A 68 3.48 9.17 -5.19
N ALA A 69 4.43 8.75 -6.00
CA ALA A 69 5.74 9.39 -6.02
C ALA A 69 5.65 10.88 -6.40
N ARG A 70 4.68 11.24 -7.24
CA ARG A 70 4.49 12.61 -7.66
C ARG A 70 3.81 13.39 -6.53
N ARG A 71 3.00 12.70 -5.72
CA ARG A 71 2.33 13.34 -4.57
C ARG A 71 3.31 13.55 -3.45
N GLU A 72 4.29 12.64 -3.39
CA GLU A 72 5.33 12.67 -2.37
C GLU A 72 6.07 14.00 -2.39
N GLN A 73 6.21 14.56 -3.58
CA GLN A 73 6.89 15.85 -3.75
C GLN A 73 6.18 16.95 -2.95
N GLU A 74 4.86 16.92 -2.95
CA GLU A 74 4.06 17.87 -2.17
C GLU A 74 3.95 17.50 -0.71
N ARG A 75 3.97 16.21 -0.42
CA ARG A 75 3.80 15.70 0.95
C ARG A 75 4.87 16.19 1.91
N ILE A 76 6.03 16.55 1.38
CA ILE A 76 7.10 17.12 2.22
C ILE A 76 6.67 18.41 2.94
N ARG A 77 5.59 19.05 2.46
CA ARG A 77 5.04 20.24 3.15
C ARG A 77 4.39 19.87 4.50
N LEU A 78 4.25 18.57 4.73
CA LEU A 78 3.71 17.94 5.95
C LEU A 78 2.21 18.19 6.19
N PHE A 79 1.53 17.08 6.41
CA PHE A 79 0.08 17.06 6.58
C PHE A 79 -0.20 16.02 7.66
N SER A 80 -1.24 16.23 8.45
CA SER A 80 -1.61 15.26 9.50
C SER A 80 -2.39 14.09 8.90
N ALA A 81 -1.66 13.09 8.44
CA ALA A 81 -2.23 11.89 7.83
C ALA A 81 -1.24 10.76 8.09
N ASP A 82 -0.65 10.83 9.27
CA ASP A 82 0.46 9.97 9.66
C ASP A 82 0.10 8.47 9.73
N PRO A 83 1.01 7.59 9.29
CA PRO A 83 0.73 6.15 9.34
C PRO A 83 0.95 5.55 10.73
N PHE A 84 0.40 4.35 10.94
CA PHE A 84 0.59 3.62 12.20
C PHE A 84 0.91 2.16 11.88
N ASP A 85 1.12 1.93 10.60
CA ASP A 85 1.21 0.60 10.01
C ASP A 85 2.62 -0.01 10.13
N LEU A 86 3.25 0.18 11.27
CA LEU A 86 4.62 -0.29 11.49
C LEU A 86 4.70 -1.82 11.48
N GLU A 87 3.61 -2.46 11.87
CA GLU A 87 3.51 -3.93 11.91
C GLU A 87 3.23 -4.57 10.55
N ALA A 88 2.89 -3.74 9.58
CA ALA A 88 2.48 -4.17 8.23
C ALA A 88 3.67 -4.57 7.36
N GLN A 89 4.58 -5.34 7.94
CA GLN A 89 5.78 -5.82 7.25
C GLN A 89 5.58 -7.24 6.71
N ALA A 90 5.82 -7.39 5.41
CA ALA A 90 5.71 -8.68 4.74
C ALA A 90 7.02 -9.47 4.85
N LYS A 91 6.98 -10.76 4.48
CA LYS A 91 8.16 -11.61 4.47
C LYS A 91 8.30 -12.26 3.10
N ILE A 92 9.52 -12.61 2.74
CA ILE A 92 9.81 -13.36 1.51
C ILE A 92 10.74 -14.49 1.93
N GLU A 93 10.30 -15.72 1.74
CA GLU A 93 11.06 -16.90 2.13
C GLU A 93 10.95 -17.90 0.98
N GLU A 94 11.99 -18.71 0.77
CA GLU A 94 12.02 -19.65 -0.34
C GLU A 94 12.49 -21.03 0.10
N ASP A 95 12.11 -22.05 -0.67
CA ASP A 95 12.59 -23.43 -0.48
C ASP A 95 12.85 -24.04 -1.85
N ILE A 96 13.68 -23.36 -2.64
CA ILE A 96 14.02 -23.83 -4.00
C ILE A 96 15.17 -24.85 -3.85
N ARG A 97 14.90 -25.90 -3.08
CA ARG A 97 15.91 -26.93 -2.78
C ARG A 97 15.97 -27.98 -3.90
N GLN A 98 15.93 -27.50 -5.14
CA GLN A 98 15.96 -28.34 -6.34
C GLN A 98 16.79 -27.66 -7.45
N SER A 1 1.62 6.32 30.32
CA SER A 1 0.45 5.61 29.73
C SER A 1 0.76 4.24 29.14
N GLN A 2 -0.29 3.45 28.90
CA GLN A 2 -0.17 2.12 28.33
C GLN A 2 -1.48 1.79 27.62
N GLN A 3 -1.53 0.64 26.97
CA GLN A 3 -2.75 0.13 26.36
C GLN A 3 -2.97 -1.27 26.90
N SER A 4 -4.16 -1.80 26.74
CA SER A 4 -4.50 -3.13 27.22
C SER A 4 -5.41 -3.80 26.21
N HIS A 5 -5.39 -5.13 26.17
CA HIS A 5 -6.19 -5.92 25.22
C HIS A 5 -5.97 -5.44 23.77
N SER A 6 -4.71 -5.18 23.45
CA SER A 6 -4.30 -4.74 22.13
C SER A 6 -3.09 -5.58 21.76
N SER A 7 -2.69 -5.55 20.50
CA SER A 7 -1.59 -6.39 20.04
C SER A 7 -0.71 -5.63 19.05
N PRO A 8 0.57 -6.01 18.91
CA PRO A 8 1.41 -5.35 17.91
C PRO A 8 1.06 -5.81 16.50
N GLY A 9 1.66 -5.17 15.51
CA GLY A 9 1.44 -5.55 14.13
C GLY A 9 1.91 -4.48 13.17
N GLU A 10 1.26 -3.32 13.26
CA GLU A 10 1.56 -2.16 12.42
C GLU A 10 1.56 -2.52 10.92
N ILE A 11 0.73 -3.49 10.56
CA ILE A 11 0.58 -4.01 9.23
C ILE A 11 -0.05 -3.05 8.24
N THR A 12 -0.26 -1.84 8.72
CA THR A 12 -0.72 -0.74 7.88
C THR A 12 0.48 -0.25 7.06
N SER A 13 1.67 -0.59 7.54
CA SER A 13 2.89 -0.34 6.80
C SER A 13 3.15 -1.58 5.94
N SER A 14 3.41 -1.37 4.66
CA SER A 14 3.65 -2.48 3.73
C SER A 14 4.70 -2.14 2.68
N PRO A 15 5.95 -1.83 3.11
CA PRO A 15 6.92 -1.46 2.06
C PRO A 15 7.29 -2.62 1.14
N GLN A 16 7.34 -3.84 1.66
CA GLN A 16 7.63 -5.01 0.83
C GLN A 16 6.39 -5.39 0.03
N GLY A 17 5.24 -4.86 0.41
CA GLY A 17 4.01 -5.14 -0.31
C GLY A 17 3.97 -4.42 -1.64
N LEU A 18 4.81 -3.41 -1.79
CA LEU A 18 4.91 -2.67 -3.05
C LEU A 18 5.60 -3.53 -4.09
N ASP A 19 6.57 -4.32 -3.63
CA ASP A 19 7.33 -5.23 -4.50
C ASP A 19 6.54 -6.53 -4.67
N ASN A 20 5.77 -6.87 -3.66
CA ASN A 20 4.93 -8.07 -3.68
C ASN A 20 3.44 -7.76 -3.69
N PRO A 21 2.88 -7.45 -4.87
CA PRO A 21 1.42 -7.26 -4.93
C PRO A 21 0.67 -8.51 -4.53
N ALA A 22 1.24 -9.68 -4.80
CA ALA A 22 0.59 -10.94 -4.47
C ALA A 22 0.38 -11.09 -2.96
N LEU A 23 1.39 -10.72 -2.19
CA LEU A 23 1.32 -10.84 -0.74
C LEU A 23 0.47 -9.73 -0.15
N LEU A 24 0.57 -8.54 -0.70
CA LEU A 24 -0.22 -7.42 -0.20
C LEU A 24 -1.70 -7.65 -0.46
N ARG A 25 -2.02 -8.16 -1.63
CA ARG A 25 -3.39 -8.55 -1.98
C ARG A 25 -3.94 -9.51 -0.92
N ASP A 26 -3.13 -10.50 -0.55
CA ASP A 26 -3.57 -11.50 0.42
C ASP A 26 -3.77 -10.91 1.81
N MET A 27 -2.85 -10.05 2.22
CA MET A 27 -2.94 -9.38 3.53
C MET A 27 -4.20 -8.55 3.61
N LEU A 28 -4.41 -7.76 2.59
CA LEU A 28 -5.56 -6.86 2.52
C LEU A 28 -6.87 -7.60 2.56
N LEU A 29 -6.96 -8.72 1.85
CA LEU A 29 -8.18 -9.53 1.84
C LEU A 29 -8.45 -10.08 3.23
N ALA A 30 -7.39 -10.44 3.91
CA ALA A 30 -7.49 -10.99 5.26
C ALA A 30 -7.70 -9.90 6.32
N ASN A 31 -7.56 -8.64 5.93
CA ASN A 31 -7.64 -7.54 6.89
C ASN A 31 -8.83 -6.61 6.62
N PRO A 32 -9.95 -6.83 7.31
CA PRO A 32 -11.14 -6.02 7.01
C PRO A 32 -10.99 -4.52 7.31
N HIS A 33 -10.11 -4.15 8.22
CA HIS A 33 -9.89 -2.73 8.52
C HIS A 33 -9.06 -2.07 7.43
N GLU A 34 -8.04 -2.77 6.98
CA GLU A 34 -7.11 -2.21 6.01
C GLU A 34 -7.80 -2.12 4.67
N LEU A 35 -8.58 -3.13 4.33
CA LEU A 35 -9.31 -3.13 3.08
C LEU A 35 -10.35 -2.01 3.06
N SER A 36 -10.87 -1.64 4.23
CA SER A 36 -11.84 -0.55 4.36
C SER A 36 -11.17 0.80 4.18
N LEU A 37 -10.01 1.00 4.78
CA LEU A 37 -9.30 2.27 4.60
C LEU A 37 -8.84 2.41 3.20
N LEU A 38 -8.57 1.28 2.58
CA LEU A 38 -8.12 1.25 1.23
C LEU A 38 -9.19 1.70 0.26
N LYS A 39 -10.43 1.27 0.44
CA LYS A 39 -11.52 1.77 -0.42
C LYS A 39 -11.83 3.24 -0.13
N GLU A 40 -11.56 3.70 1.08
CA GLU A 40 -11.75 5.10 1.43
C GLU A 40 -10.64 5.97 0.82
N ARG A 41 -9.39 5.61 1.06
CA ARG A 41 -8.24 6.43 0.64
C ARG A 41 -7.74 6.17 -0.78
N ASN A 42 -7.95 4.97 -1.29
CA ASN A 42 -7.49 4.59 -2.63
C ASN A 42 -8.52 3.74 -3.40
N PRO A 43 -9.67 4.32 -3.77
CA PRO A 43 -10.64 3.46 -4.46
C PRO A 43 -10.18 2.71 -5.74
N PRO A 44 -9.30 3.29 -6.59
CA PRO A 44 -8.94 2.41 -7.71
C PRO A 44 -8.08 1.18 -7.35
N LEU A 45 -7.22 1.25 -6.33
CA LEU A 45 -6.47 0.06 -5.94
C LEU A 45 -7.41 -0.87 -5.20
N ALA A 46 -8.37 -0.27 -4.48
CA ALA A 46 -9.35 -1.06 -3.77
C ALA A 46 -10.23 -1.89 -4.70
N GLU A 47 -10.79 -1.31 -5.77
CA GLU A 47 -11.69 -2.07 -6.65
C GLU A 47 -10.98 -3.27 -7.27
N ALA A 48 -9.67 -3.11 -7.48
CA ALA A 48 -8.83 -4.16 -7.96
C ALA A 48 -8.80 -5.33 -6.97
N LEU A 49 -8.69 -5.01 -5.68
CA LEU A 49 -8.69 -6.00 -4.63
C LEU A 49 -10.07 -6.68 -4.54
N LEU A 50 -11.13 -5.90 -4.67
CA LEU A 50 -12.49 -6.41 -4.51
C LEU A 50 -12.82 -7.44 -5.57
N SER A 51 -12.19 -7.31 -6.72
CA SER A 51 -12.41 -8.21 -7.83
C SER A 51 -11.70 -9.55 -7.63
N GLY A 52 -10.66 -9.55 -6.80
CA GLY A 52 -9.90 -10.76 -6.53
C GLY A 52 -8.76 -10.96 -7.51
N ASP A 53 -8.89 -10.33 -8.67
CA ASP A 53 -7.89 -10.43 -9.73
C ASP A 53 -6.55 -9.87 -9.30
N LEU A 54 -5.53 -10.72 -9.26
CA LEU A 54 -4.18 -10.25 -8.93
C LEU A 54 -3.68 -9.36 -10.05
N GLU A 55 -3.99 -9.69 -11.29
CA GLU A 55 -3.45 -8.94 -12.41
C GLU A 55 -3.88 -7.49 -12.33
N LYS A 56 -5.17 -7.25 -12.15
CA LYS A 56 -5.65 -5.86 -12.00
C LYS A 56 -5.10 -5.25 -10.72
N PHE A 57 -4.98 -6.02 -9.65
CA PHE A 57 -4.41 -5.48 -8.40
C PHE A 57 -2.97 -5.02 -8.62
N SER A 58 -2.13 -5.88 -9.19
CA SER A 58 -0.75 -5.54 -9.46
C SER A 58 -0.65 -4.40 -10.45
N ARG A 59 -1.44 -4.45 -11.52
CA ARG A 59 -1.39 -3.42 -12.55
C ARG A 59 -1.71 -2.05 -11.96
N VAL A 60 -2.72 -1.98 -11.13
CA VAL A 60 -3.08 -0.70 -10.51
C VAL A 60 -2.04 -0.34 -9.45
N LEU A 61 -1.49 -1.32 -8.77
CA LEU A 61 -0.44 -1.09 -7.77
C LEU A 61 0.76 -0.38 -8.44
N VAL A 62 1.11 -0.82 -9.63
CA VAL A 62 2.20 -0.19 -10.38
C VAL A 62 1.80 1.21 -10.82
N GLU A 63 0.59 1.38 -11.33
CA GLU A 63 0.14 2.72 -11.74
C GLU A 63 0.18 3.70 -10.56
N GLN A 64 -0.26 3.24 -9.40
CA GLN A 64 -0.25 4.05 -8.19
C GLN A 64 1.17 4.37 -7.73
N GLN A 65 2.07 3.41 -7.84
CA GLN A 65 3.44 3.61 -7.37
C GLN A 65 4.20 4.52 -8.33
N GLN A 66 3.93 4.35 -9.61
CA GLN A 66 4.48 5.24 -10.63
C GLN A 66 4.03 6.68 -10.44
N ASP A 67 2.76 6.88 -10.11
CA ASP A 67 2.27 8.24 -9.85
C ASP A 67 3.04 8.90 -8.72
N ARG A 68 3.28 8.13 -7.67
CA ARG A 68 4.04 8.64 -6.53
C ARG A 68 5.49 8.88 -6.92
N ALA A 69 6.05 8.02 -7.76
CA ALA A 69 7.42 8.19 -8.24
C ALA A 69 7.59 9.52 -8.99
N ARG A 70 6.54 9.97 -9.68
CA ARG A 70 6.59 11.26 -10.39
C ARG A 70 6.74 12.42 -9.42
N ARG A 71 6.07 12.32 -8.28
CA ARG A 71 6.09 13.37 -7.27
C ARG A 71 7.40 13.31 -6.52
N GLU A 72 7.97 12.13 -6.49
CA GLU A 72 9.24 11.86 -5.82
C GLU A 72 10.41 12.46 -6.56
N GLN A 73 10.27 12.63 -7.87
CA GLN A 73 11.31 13.25 -8.69
C GLN A 73 11.69 14.62 -8.11
N GLU A 74 10.70 15.36 -7.64
CA GLU A 74 10.96 16.68 -7.06
C GLU A 74 11.70 16.56 -5.73
N ARG A 75 11.47 15.47 -5.00
CA ARG A 75 12.17 15.26 -3.73
C ARG A 75 13.63 14.89 -3.96
N ILE A 76 13.89 13.97 -4.88
CA ILE A 76 15.26 13.51 -5.13
C ILE A 76 16.09 14.59 -5.82
N ARG A 77 15.44 15.58 -6.40
CA ARG A 77 16.14 16.72 -6.97
C ARG A 77 16.91 17.49 -5.90
N LEU A 78 16.53 17.31 -4.64
CA LEU A 78 17.28 17.92 -3.54
C LEU A 78 18.45 17.02 -3.16
N PHE A 79 18.18 15.73 -3.01
CA PHE A 79 19.20 14.75 -2.65
C PHE A 79 19.05 13.44 -3.45
N SER A 80 20.18 12.96 -4.00
CA SER A 80 20.26 11.66 -4.68
C SER A 80 19.34 11.46 -5.89
N ALA A 81 19.39 12.38 -6.84
CA ALA A 81 18.73 12.21 -8.15
C ALA A 81 19.64 11.40 -9.09
N ASP A 82 20.29 10.39 -8.55
CA ASP A 82 21.31 9.62 -9.26
C ASP A 82 20.71 8.76 -10.39
N PRO A 83 21.44 8.58 -11.51
CA PRO A 83 20.91 7.78 -12.61
C PRO A 83 21.08 6.27 -12.42
N PHE A 84 20.55 5.50 -13.36
CA PHE A 84 20.68 4.04 -13.38
C PHE A 84 21.55 3.75 -14.59
N ASP A 85 22.53 4.63 -14.77
CA ASP A 85 23.45 4.66 -15.91
C ASP A 85 22.76 4.91 -17.24
N LEU A 86 22.89 6.13 -17.71
CA LEU A 86 22.25 6.59 -18.93
C LEU A 86 22.60 5.78 -20.19
N GLU A 87 23.81 5.24 -20.28
CA GLU A 87 24.18 4.50 -21.48
C GLU A 87 23.64 3.07 -21.44
N ALA A 88 23.53 2.56 -20.23
CA ALA A 88 23.09 1.19 -19.99
C ALA A 88 21.60 1.00 -20.19
N GLN A 89 20.89 2.10 -20.26
CA GLN A 89 19.44 2.07 -20.43
C GLN A 89 19.03 2.25 -21.88
N ALA A 90 18.64 1.13 -22.43
CA ALA A 90 18.10 1.06 -23.79
C ALA A 90 16.59 1.29 -23.78
N LYS A 91 16.14 1.70 -22.60
CA LYS A 91 14.72 1.95 -22.27
C LYS A 91 13.96 0.61 -22.28
N ILE A 92 12.67 0.66 -21.98
CA ILE A 92 11.84 -0.55 -21.91
C ILE A 92 10.81 -0.44 -23.03
N GLU A 93 11.11 -1.08 -24.14
CA GLU A 93 10.28 -1.06 -25.33
C GLU A 93 10.05 -2.50 -25.76
N GLU A 94 9.10 -2.73 -26.66
CA GLU A 94 8.84 -4.09 -27.16
C GLU A 94 8.82 -4.14 -28.68
N ASP A 95 9.66 -5.01 -29.24
CA ASP A 95 9.73 -5.23 -30.69
C ASP A 95 8.64 -6.20 -31.16
N ILE A 96 7.42 -5.98 -30.67
CA ILE A 96 6.25 -6.83 -30.98
C ILE A 96 6.61 -8.31 -30.74
N ARG A 97 7.00 -8.60 -29.50
CA ARG A 97 7.48 -9.94 -29.10
C ARG A 97 6.39 -11.05 -29.02
N GLN A 98 5.51 -11.08 -30.01
CA GLN A 98 4.48 -12.12 -30.18
C GLN A 98 3.97 -12.15 -31.62
N SER A 1 12.32 5.30 25.44
CA SER A 1 12.73 5.11 24.03
C SER A 1 13.09 3.67 23.68
N GLN A 2 12.38 3.12 22.70
CA GLN A 2 12.56 1.72 22.29
C GLN A 2 13.72 1.58 21.31
N GLN A 3 13.73 2.45 20.30
CA GLN A 3 14.71 2.42 19.21
C GLN A 3 14.66 1.04 18.52
N SER A 4 15.74 0.64 17.88
CA SER A 4 15.79 -0.67 17.24
C SER A 4 16.01 -1.72 18.34
N HIS A 5 15.32 -2.84 18.24
CA HIS A 5 15.39 -3.88 19.26
C HIS A 5 14.97 -5.19 18.58
N SER A 6 14.96 -6.27 19.35
CA SER A 6 14.46 -7.58 18.91
C SER A 6 15.27 -8.19 17.76
N SER A 7 14.73 -9.23 17.14
CA SER A 7 15.42 -9.92 16.06
C SER A 7 15.32 -9.12 14.75
N PRO A 8 16.41 -9.03 13.98
CA PRO A 8 16.25 -8.37 12.69
C PRO A 8 15.54 -9.27 11.69
N GLY A 9 14.67 -8.65 10.91
CA GLY A 9 13.93 -9.36 9.86
C GLY A 9 14.19 -8.83 8.47
N GLU A 10 14.98 -7.78 8.40
CA GLU A 10 15.29 -7.04 7.15
C GLU A 10 14.03 -6.62 6.39
N ILE A 11 12.96 -6.34 7.16
CA ILE A 11 11.68 -5.94 6.64
C ILE A 11 11.75 -4.53 6.07
N THR A 12 12.93 -3.96 6.24
CA THR A 12 13.30 -2.67 5.68
C THR A 12 13.27 -2.74 4.15
N SER A 13 13.41 -3.94 3.62
CA SER A 13 13.31 -4.15 2.18
C SER A 13 11.84 -4.25 1.78
N SER A 14 11.39 -3.24 1.03
CA SER A 14 10.00 -3.14 0.55
C SER A 14 8.91 -3.49 1.60
N PRO A 15 8.85 -2.76 2.73
CA PRO A 15 7.96 -3.19 3.81
C PRO A 15 6.46 -3.21 3.52
N GLN A 16 5.99 -2.32 2.67
CA GLN A 16 4.56 -2.26 2.37
C GLN A 16 4.14 -3.36 1.37
N GLY A 17 5.05 -4.24 0.98
CA GLY A 17 4.73 -5.24 -0.02
C GLY A 17 4.70 -4.64 -1.40
N LEU A 18 5.50 -3.60 -1.64
CA LEU A 18 5.48 -2.89 -2.92
C LEU A 18 5.94 -3.76 -4.09
N ASP A 19 6.80 -4.73 -3.80
CA ASP A 19 7.32 -5.62 -4.85
C ASP A 19 6.58 -6.96 -4.75
N ASN A 20 5.63 -7.02 -3.84
CA ASN A 20 4.85 -8.23 -3.62
C ASN A 20 3.35 -7.96 -3.64
N PRO A 21 2.81 -7.63 -4.82
CA PRO A 21 1.36 -7.44 -4.93
C PRO A 21 0.60 -8.71 -4.57
N ALA A 22 1.21 -9.87 -4.81
CA ALA A 22 0.57 -11.14 -4.51
C ALA A 22 0.33 -11.29 -3.01
N LEU A 23 1.31 -10.92 -2.22
CA LEU A 23 1.23 -11.06 -0.76
C LEU A 23 0.38 -9.94 -0.19
N LEU A 24 0.52 -8.74 -0.73
CA LEU A 24 -0.23 -7.60 -0.24
C LEU A 24 -1.72 -7.78 -0.50
N ARG A 25 -2.05 -8.32 -1.66
CA ARG A 25 -3.43 -8.63 -2.00
C ARG A 25 -4.02 -9.56 -0.95
N ASP A 26 -3.24 -10.58 -0.59
CA ASP A 26 -3.70 -11.58 0.37
C ASP A 26 -3.87 -10.98 1.78
N MET A 27 -2.90 -10.18 2.20
CA MET A 27 -2.93 -9.49 3.49
C MET A 27 -4.15 -8.60 3.57
N LEU A 28 -4.34 -7.79 2.54
CA LEU A 28 -5.45 -6.86 2.48
C LEU A 28 -6.79 -7.55 2.58
N LEU A 29 -6.95 -8.66 1.87
CA LEU A 29 -8.22 -9.40 1.90
C LEU A 29 -8.50 -9.95 3.29
N ALA A 30 -7.44 -10.33 3.99
CA ALA A 30 -7.57 -10.86 5.35
C ALA A 30 -7.74 -9.75 6.39
N ASN A 31 -7.43 -8.51 6.01
CA ASN A 31 -7.43 -7.40 6.96
C ASN A 31 -8.61 -6.45 6.75
N PRO A 32 -9.65 -6.55 7.58
CA PRO A 32 -10.82 -5.71 7.31
C PRO A 32 -10.62 -4.20 7.49
N HIS A 33 -9.66 -3.80 8.31
CA HIS A 33 -9.38 -2.37 8.52
C HIS A 33 -8.62 -1.82 7.31
N GLU A 34 -7.63 -2.57 6.87
CA GLU A 34 -6.73 -2.12 5.82
C GLU A 34 -7.50 -2.08 4.50
N LEU A 35 -8.35 -3.07 4.29
CA LEU A 35 -9.16 -3.10 3.09
C LEU A 35 -10.18 -1.96 3.08
N SER A 36 -10.62 -1.55 4.27
CA SER A 36 -11.61 -0.48 4.42
C SER A 36 -11.00 0.89 4.16
N LEU A 37 -9.80 1.13 4.68
CA LEU A 37 -9.14 2.40 4.44
C LEU A 37 -8.76 2.51 3.01
N LEU A 38 -8.48 1.37 2.42
CA LEU A 38 -8.12 1.33 1.03
C LEU A 38 -9.28 1.74 0.14
N LYS A 39 -10.47 1.23 0.40
CA LYS A 39 -11.65 1.68 -0.37
C LYS A 39 -12.03 3.11 -0.04
N GLU A 40 -11.71 3.58 1.16
CA GLU A 40 -11.97 4.97 1.55
C GLU A 40 -11.03 5.93 0.81
N ARG A 41 -9.73 5.63 0.89
CA ARG A 41 -8.70 6.56 0.40
C ARG A 41 -8.18 6.32 -1.01
N ASN A 42 -8.26 5.07 -1.45
CA ASN A 42 -7.77 4.69 -2.78
C ASN A 42 -8.75 3.78 -3.54
N PRO A 43 -9.92 4.32 -3.95
CA PRO A 43 -10.84 3.42 -4.64
C PRO A 43 -10.33 2.66 -5.89
N PRO A 44 -9.46 3.25 -6.75
CA PRO A 44 -9.06 2.35 -7.85
C PRO A 44 -8.17 1.15 -7.45
N LEU A 45 -7.35 1.27 -6.40
CA LEU A 45 -6.58 0.11 -5.97
C LEU A 45 -7.51 -0.83 -5.23
N ALA A 46 -8.46 -0.25 -4.52
CA ALA A 46 -9.43 -1.05 -3.79
C ALA A 46 -10.29 -1.91 -4.71
N GLU A 47 -10.87 -1.34 -5.76
CA GLU A 47 -11.77 -2.11 -6.64
C GLU A 47 -11.02 -3.26 -7.30
N ALA A 48 -9.74 -3.06 -7.55
CA ALA A 48 -8.88 -4.09 -8.08
C ALA A 48 -8.76 -5.25 -7.09
N LEU A 49 -8.65 -4.93 -5.81
CA LEU A 49 -8.60 -5.93 -4.75
C LEU A 49 -9.94 -6.65 -4.63
N LEU A 50 -11.03 -5.91 -4.71
CA LEU A 50 -12.38 -6.46 -4.52
C LEU A 50 -12.70 -7.48 -5.61
N SER A 51 -12.12 -7.28 -6.77
CA SER A 51 -12.34 -8.16 -7.90
C SER A 51 -11.60 -9.49 -7.76
N GLY A 52 -10.60 -9.53 -6.89
CA GLY A 52 -9.81 -10.75 -6.69
C GLY A 52 -8.66 -10.91 -7.66
N ASP A 53 -8.83 -10.39 -8.87
CA ASP A 53 -7.82 -10.46 -9.93
C ASP A 53 -6.49 -9.86 -9.51
N LEU A 54 -5.50 -10.73 -9.34
CA LEU A 54 -4.18 -10.26 -8.95
C LEU A 54 -3.62 -9.38 -10.05
N GLU A 55 -3.88 -9.73 -11.30
CA GLU A 55 -3.35 -8.94 -12.40
C GLU A 55 -3.81 -7.49 -12.33
N LYS A 56 -5.08 -7.24 -12.05
CA LYS A 56 -5.54 -5.86 -11.95
C LYS A 56 -5.04 -5.23 -10.67
N PHE A 57 -4.97 -5.99 -9.59
CA PHE A 57 -4.41 -5.46 -8.35
C PHE A 57 -2.98 -5.01 -8.55
N SER A 58 -2.14 -5.88 -9.13
CA SER A 58 -0.76 -5.54 -9.41
C SER A 58 -0.63 -4.40 -10.42
N ARG A 59 -1.46 -4.39 -11.46
CA ARG A 59 -1.40 -3.33 -12.46
C ARG A 59 -1.66 -1.98 -11.81
N VAL A 60 -2.68 -1.89 -10.99
CA VAL A 60 -3.02 -0.63 -10.35
C VAL A 60 -1.96 -0.31 -9.29
N LEU A 61 -1.39 -1.34 -8.65
CA LEU A 61 -0.33 -1.13 -7.67
C LEU A 61 0.83 -0.34 -8.30
N VAL A 62 1.21 -0.68 -9.52
CA VAL A 62 2.30 0.04 -10.20
C VAL A 62 1.88 1.46 -10.57
N GLU A 63 0.67 1.62 -11.07
CA GLU A 63 0.18 2.95 -11.44
C GLU A 63 0.15 3.87 -10.22
N GLN A 64 -0.29 3.33 -9.09
CA GLN A 64 -0.32 4.09 -7.85
C GLN A 64 1.09 4.41 -7.38
N GLN A 65 2.02 3.47 -7.54
CA GLN A 65 3.41 3.71 -7.16
C GLN A 65 4.02 4.82 -8.00
N GLN A 66 3.71 4.87 -9.30
CA GLN A 66 4.23 5.94 -10.15
C GLN A 66 3.74 7.31 -9.70
N ASP A 67 2.49 7.41 -9.29
CA ASP A 67 1.93 8.69 -8.88
C ASP A 67 2.39 9.10 -7.48
N ARG A 68 2.40 8.14 -6.56
CA ARG A 68 2.75 8.45 -5.18
C ARG A 68 4.20 8.83 -5.06
N ALA A 69 5.02 8.20 -5.88
CA ALA A 69 6.46 8.49 -5.93
C ALA A 69 6.73 9.97 -6.25
N ARG A 70 5.86 10.60 -7.03
CA ARG A 70 6.01 12.02 -7.33
C ARG A 70 5.85 12.87 -6.07
N ARG A 71 4.84 12.53 -5.27
CA ARG A 71 4.61 13.25 -4.02
C ARG A 71 5.69 12.91 -3.00
N GLU A 72 6.17 11.67 -3.06
CA GLU A 72 7.17 11.21 -2.10
C GLU A 72 8.44 12.04 -2.17
N GLN A 73 8.81 12.50 -3.35
CA GLN A 73 9.99 13.36 -3.49
C GLN A 73 9.87 14.62 -2.62
N GLU A 74 8.66 15.13 -2.48
CA GLU A 74 8.40 16.25 -1.58
C GLU A 74 8.32 15.80 -0.11
N ARG A 75 7.76 14.62 0.14
CA ARG A 75 7.60 14.15 1.52
C ARG A 75 8.91 13.77 2.21
N ILE A 76 9.85 13.21 1.46
CA ILE A 76 11.17 12.81 2.00
C ILE A 76 11.97 14.02 2.47
N ARG A 77 11.57 15.22 2.08
CA ARG A 77 12.20 16.45 2.57
C ARG A 77 12.10 16.57 4.10
N LEU A 78 11.20 15.82 4.71
CA LEU A 78 11.07 15.78 6.16
C LEU A 78 11.87 14.56 6.67
N PHE A 79 11.22 13.63 7.36
CA PHE A 79 11.89 12.45 7.90
C PHE A 79 10.90 11.28 7.89
N SER A 80 11.44 10.07 7.91
CA SER A 80 10.64 8.86 8.07
C SER A 80 11.55 7.87 8.77
N ALA A 81 11.06 7.19 9.80
CA ALA A 81 11.88 6.30 10.62
C ALA A 81 10.99 5.32 11.39
N ASP A 82 9.93 4.89 10.74
CA ASP A 82 8.92 4.04 11.37
C ASP A 82 9.48 2.64 11.65
N PRO A 83 9.05 1.99 12.75
CA PRO A 83 9.62 0.68 13.10
C PRO A 83 9.10 -0.47 12.24
N PHE A 84 9.83 -1.59 12.27
CA PHE A 84 9.48 -2.78 11.49
C PHE A 84 9.58 -4.02 12.38
N ASP A 85 9.21 -3.84 13.63
CA ASP A 85 9.36 -4.86 14.68
C ASP A 85 8.21 -5.85 14.65
N LEU A 86 7.95 -6.40 13.47
CA LEU A 86 6.91 -7.40 13.30
C LEU A 86 7.38 -8.71 13.93
N GLU A 87 8.68 -8.83 14.08
CA GLU A 87 9.30 -9.98 14.74
C GLU A 87 8.96 -10.03 16.22
N ALA A 88 8.61 -8.87 16.77
CA ALA A 88 8.30 -8.73 18.19
C ALA A 88 6.86 -9.15 18.54
N GLN A 89 6.11 -9.68 17.58
CA GLN A 89 4.73 -10.07 17.83
C GLN A 89 4.63 -11.41 18.54
N ALA A 90 3.56 -11.59 19.30
CA ALA A 90 3.35 -12.81 20.07
C ALA A 90 3.07 -14.01 19.17
N LYS A 91 3.66 -15.13 19.54
CA LYS A 91 3.44 -16.42 18.85
C LYS A 91 2.25 -17.13 19.50
N ILE A 92 1.80 -18.20 18.85
CA ILE A 92 0.71 -19.03 19.35
C ILE A 92 1.25 -20.45 19.19
N GLU A 93 1.15 -21.23 20.24
CA GLU A 93 1.58 -22.63 20.24
C GLU A 93 0.37 -23.47 20.63
N GLU A 94 0.41 -24.77 20.35
CA GLU A 94 -0.74 -25.66 20.61
C GLU A 94 -0.38 -26.79 21.57
N ASP A 95 -1.35 -27.19 22.38
CA ASP A 95 -1.21 -28.37 23.24
C ASP A 95 -2.38 -29.33 22.99
N ILE A 96 -2.27 -30.08 21.90
CA ILE A 96 -3.30 -31.04 21.51
C ILE A 96 -3.07 -32.41 22.18
N ARG A 97 -2.47 -32.40 23.37
CA ARG A 97 -2.18 -33.64 24.10
C ARG A 97 -3.39 -34.15 24.87
N GLN A 98 -4.47 -33.40 24.74
CA GLN A 98 -5.76 -33.68 25.38
C GLN A 98 -6.81 -34.14 24.37
N SER A 1 9.00 31.88 4.57
CA SER A 1 10.12 31.25 3.73
C SER A 1 9.86 29.81 3.36
N GLN A 2 10.18 29.46 2.10
CA GLN A 2 10.02 28.10 1.58
C GLN A 2 11.30 27.76 0.84
N GLN A 3 11.79 26.53 0.98
CA GLN A 3 13.05 26.14 0.37
C GLN A 3 13.09 24.63 0.06
N SER A 4 12.35 24.22 -0.96
CA SER A 4 12.31 22.80 -1.34
C SER A 4 12.77 22.61 -2.78
N HIS A 5 13.54 21.55 -2.98
CA HIS A 5 14.02 21.13 -4.30
C HIS A 5 14.57 19.72 -4.10
N SER A 6 14.28 18.81 -5.01
CA SER A 6 14.69 17.42 -4.88
C SER A 6 14.71 16.76 -6.26
N SER A 7 15.04 15.48 -6.30
CA SER A 7 15.07 14.71 -7.54
C SER A 7 14.69 13.29 -7.18
N PRO A 8 14.27 12.46 -8.16
CA PRO A 8 13.95 11.08 -7.80
C PRO A 8 15.21 10.24 -7.56
N GLY A 9 15.02 9.00 -7.12
CA GLY A 9 16.14 8.11 -6.88
C GLY A 9 15.78 6.67 -7.21
N GLU A 10 14.88 6.10 -6.41
CA GLU A 10 14.36 4.73 -6.63
C GLU A 10 15.46 3.65 -6.65
N ILE A 11 16.53 3.90 -5.91
CA ILE A 11 17.68 3.05 -5.81
C ILE A 11 17.40 1.90 -4.81
N THR A 12 16.22 1.99 -4.25
CA THR A 12 15.77 1.06 -3.21
C THR A 12 14.45 0.40 -3.58
N SER A 13 14.38 -0.90 -3.40
CA SER A 13 13.15 -1.65 -3.64
C SER A 13 12.19 -1.41 -2.49
N SER A 14 10.95 -1.85 -2.65
CA SER A 14 9.91 -1.68 -1.64
C SER A 14 9.34 -3.04 -1.22
N PRO A 15 10.07 -3.79 -0.36
CA PRO A 15 9.64 -5.13 0.08
C PRO A 15 8.40 -5.13 0.95
N GLN A 16 7.97 -3.92 1.29
CA GLN A 16 6.75 -3.65 2.05
C GLN A 16 5.46 -3.92 1.25
N GLY A 17 5.41 -5.06 0.58
CA GLY A 17 4.24 -5.49 -0.16
C GLY A 17 4.09 -4.91 -1.56
N LEU A 18 4.94 -3.96 -1.94
CA LEU A 18 4.81 -3.34 -3.25
C LEU A 18 5.59 -4.15 -4.28
N ASP A 19 6.73 -4.67 -3.83
CA ASP A 19 7.53 -5.60 -4.62
C ASP A 19 6.77 -6.91 -4.77
N ASN A 20 5.89 -7.16 -3.80
CA ASN A 20 5.09 -8.37 -3.77
C ASN A 20 3.59 -8.07 -3.70
N PRO A 21 2.99 -7.66 -4.84
CA PRO A 21 1.55 -7.39 -4.84
C PRO A 21 0.71 -8.61 -4.48
N ALA A 22 1.23 -9.80 -4.76
CA ALA A 22 0.51 -11.04 -4.44
C ALA A 22 0.31 -11.17 -2.92
N LEU A 23 1.32 -10.80 -2.15
CA LEU A 23 1.25 -10.91 -0.69
C LEU A 23 0.40 -9.80 -0.12
N LEU A 24 0.52 -8.60 -0.67
CA LEU A 24 -0.25 -7.47 -0.19
C LEU A 24 -1.74 -7.68 -0.49
N ARG A 25 -2.05 -8.22 -1.66
CA ARG A 25 -3.41 -8.58 -2.02
C ARG A 25 -3.97 -9.55 -1.00
N ASP A 26 -3.18 -10.55 -0.63
CA ASP A 26 -3.62 -11.55 0.34
C ASP A 26 -3.84 -10.93 1.73
N MET A 27 -2.90 -10.12 2.19
CA MET A 27 -3.01 -9.46 3.49
C MET A 27 -4.22 -8.54 3.54
N LEU A 28 -4.46 -7.81 2.48
CA LEU A 28 -5.58 -6.88 2.42
C LEU A 28 -6.90 -7.61 2.50
N LEU A 29 -7.02 -8.72 1.79
CA LEU A 29 -8.24 -9.52 1.82
C LEU A 29 -8.48 -10.08 3.21
N ALA A 30 -7.39 -10.44 3.88
CA ALA A 30 -7.46 -10.98 5.23
C ALA A 30 -7.68 -9.89 6.29
N ASN A 31 -7.54 -8.62 5.92
CA ASN A 31 -7.61 -7.53 6.88
C ASN A 31 -8.79 -6.59 6.64
N PRO A 32 -9.88 -6.74 7.42
CA PRO A 32 -11.05 -5.89 7.13
C PRO A 32 -10.85 -4.38 7.35
N HIS A 33 -9.94 -4.00 8.24
CA HIS A 33 -9.69 -2.57 8.46
C HIS A 33 -8.87 -1.97 7.33
N GLU A 34 -7.87 -2.72 6.89
CA GLU A 34 -6.93 -2.25 5.88
C GLU A 34 -7.63 -2.20 4.53
N LEU A 35 -8.49 -3.15 4.27
CA LEU A 35 -9.26 -3.16 3.04
C LEU A 35 -10.28 -2.00 3.04
N SER A 36 -10.71 -1.61 4.23
CA SER A 36 -11.69 -0.53 4.40
C SER A 36 -11.04 0.83 4.15
N LEU A 37 -9.86 1.05 4.71
CA LEU A 37 -9.16 2.33 4.48
C LEU A 37 -8.81 2.44 3.04
N LEU A 38 -8.55 1.29 2.44
CA LEU A 38 -8.20 1.26 1.06
C LEU A 38 -9.35 1.68 0.16
N LYS A 39 -10.54 1.18 0.40
CA LYS A 39 -11.70 1.64 -0.39
C LYS A 39 -12.11 3.07 -0.05
N GLU A 40 -11.80 3.50 1.16
CA GLU A 40 -12.08 4.88 1.58
C GLU A 40 -11.11 5.87 0.92
N ARG A 41 -9.82 5.58 1.02
CA ARG A 41 -8.78 6.54 0.62
C ARG A 41 -8.19 6.31 -0.77
N ASN A 42 -8.27 5.08 -1.24
CA ASN A 42 -7.75 4.72 -2.57
C ASN A 42 -8.70 3.83 -3.39
N PRO A 43 -9.87 4.38 -3.79
CA PRO A 43 -10.78 3.49 -4.54
C PRO A 43 -10.25 2.78 -5.82
N PRO A 44 -9.35 3.39 -6.62
CA PRO A 44 -8.93 2.54 -7.75
C PRO A 44 -8.10 1.30 -7.39
N LEU A 45 -7.27 1.38 -6.36
CA LEU A 45 -6.51 0.20 -5.93
C LEU A 45 -7.45 -0.72 -5.20
N ALA A 46 -8.41 -0.13 -4.49
CA ALA A 46 -9.38 -0.92 -3.77
C ALA A 46 -10.22 -1.81 -4.66
N GLU A 47 -10.81 -1.28 -5.73
CA GLU A 47 -11.68 -2.09 -6.60
C GLU A 47 -10.91 -3.27 -7.19
N ALA A 48 -9.63 -3.06 -7.41
CA ALA A 48 -8.74 -4.08 -7.88
C ALA A 48 -8.63 -5.21 -6.86
N LEU A 49 -8.48 -4.83 -5.60
CA LEU A 49 -8.39 -5.79 -4.50
C LEU A 49 -9.70 -6.52 -4.32
N LEU A 50 -10.81 -5.78 -4.39
CA LEU A 50 -12.12 -6.36 -4.09
C LEU A 50 -12.47 -7.46 -5.07
N SER A 51 -11.97 -7.32 -6.29
CA SER A 51 -12.24 -8.27 -7.35
C SER A 51 -11.49 -9.60 -7.15
N GLY A 52 -10.40 -9.55 -6.39
CA GLY A 52 -9.60 -10.74 -6.14
C GLY A 52 -8.54 -10.96 -7.19
N ASP A 53 -8.76 -10.38 -8.37
CA ASP A 53 -7.82 -10.47 -9.49
C ASP A 53 -6.45 -9.90 -9.15
N LEU A 54 -5.43 -10.75 -9.17
CA LEU A 54 -4.08 -10.27 -8.93
C LEU A 54 -3.64 -9.37 -10.07
N GLU A 55 -4.01 -9.70 -11.28
CA GLU A 55 -3.53 -8.94 -12.44
C GLU A 55 -3.95 -7.49 -12.33
N LYS A 56 -5.25 -7.25 -12.11
CA LYS A 56 -5.73 -5.89 -11.96
C LYS A 56 -5.14 -5.26 -10.69
N PHE A 57 -4.96 -6.04 -9.64
CA PHE A 57 -4.37 -5.51 -8.41
C PHE A 57 -2.94 -5.04 -8.64
N SER A 58 -2.10 -5.89 -9.22
CA SER A 58 -0.71 -5.54 -9.48
C SER A 58 -0.58 -4.42 -10.49
N ARG A 59 -1.44 -4.43 -11.51
CA ARG A 59 -1.41 -3.40 -12.55
C ARG A 59 -1.69 -2.03 -11.94
N VAL A 60 -2.71 -1.94 -11.11
CA VAL A 60 -3.03 -0.66 -10.49
C VAL A 60 -1.96 -0.35 -9.45
N LEU A 61 -1.43 -1.37 -8.78
CA LEU A 61 -0.39 -1.16 -7.78
C LEU A 61 0.83 -0.45 -8.39
N VAL A 62 1.27 -0.90 -9.56
CA VAL A 62 2.43 -0.26 -10.20
C VAL A 62 2.05 1.13 -10.73
N GLU A 63 0.84 1.29 -11.27
CA GLU A 63 0.41 2.62 -11.74
C GLU A 63 0.35 3.62 -10.58
N GLN A 64 -0.10 3.15 -9.42
CA GLN A 64 -0.14 3.96 -8.23
C GLN A 64 1.28 4.37 -7.88
N GLN A 65 2.23 3.45 -7.97
CA GLN A 65 3.62 3.75 -7.64
C GLN A 65 4.24 4.74 -8.64
N GLN A 66 3.88 4.65 -9.91
CA GLN A 66 4.37 5.59 -10.91
C GLN A 66 3.91 7.01 -10.57
N ASP A 67 2.68 7.15 -10.08
CA ASP A 67 2.19 8.47 -9.69
C ASP A 67 2.81 8.92 -8.39
N ARG A 68 3.01 8.00 -7.48
CA ARG A 68 3.62 8.29 -6.19
C ARG A 68 5.03 8.80 -6.37
N ALA A 69 5.76 8.24 -7.33
CA ALA A 69 7.13 8.68 -7.60
C ALA A 69 7.22 10.19 -7.88
N ARG A 70 6.16 10.76 -8.45
CA ARG A 70 6.13 12.19 -8.75
C ARG A 70 6.01 13.03 -7.48
N ARG A 71 5.07 12.66 -6.63
CA ARG A 71 4.80 13.42 -5.40
C ARG A 71 5.79 13.12 -4.29
N GLU A 72 6.36 11.95 -4.32
CA GLU A 72 7.29 11.52 -3.27
C GLU A 72 8.52 12.42 -3.21
N GLN A 73 8.90 12.97 -4.35
CA GLN A 73 10.04 13.90 -4.41
C GLN A 73 9.79 15.12 -3.50
N GLU A 74 8.58 15.63 -3.47
CA GLU A 74 8.25 16.73 -2.58
C GLU A 74 8.12 16.24 -1.14
N ARG A 75 7.60 15.03 -0.95
CA ARG A 75 7.42 14.49 0.40
C ARG A 75 8.74 14.27 1.13
N ILE A 76 9.75 13.77 0.45
CA ILE A 76 11.04 13.56 1.11
C ILE A 76 11.70 14.91 1.43
N ARG A 77 11.29 15.95 0.71
CA ARG A 77 11.80 17.29 0.97
C ARG A 77 11.08 18.00 2.11
N LEU A 78 9.86 17.57 2.39
CA LEU A 78 9.01 18.22 3.37
C LEU A 78 9.63 18.13 4.75
N PHE A 79 10.02 16.92 5.13
CA PHE A 79 10.52 16.66 6.49
C PHE A 79 11.86 17.35 6.74
N SER A 80 11.79 18.43 7.49
CA SER A 80 12.94 19.27 7.81
C SER A 80 13.09 19.42 9.32
N ALA A 81 12.83 18.31 10.02
CA ALA A 81 12.78 18.28 11.49
C ALA A 81 11.72 19.25 12.01
N ASP A 82 10.64 19.32 11.26
CA ASP A 82 9.50 20.19 11.49
C ASP A 82 8.33 19.31 11.94
N PRO A 83 7.24 19.92 12.48
CA PRO A 83 6.14 19.03 12.87
C PRO A 83 5.41 18.46 11.65
N PHE A 84 4.67 17.39 11.87
CA PHE A 84 4.00 16.69 10.77
C PHE A 84 2.61 17.25 10.49
N ASP A 85 2.35 18.42 11.05
CA ASP A 85 1.08 19.12 10.89
C ASP A 85 1.11 19.93 9.60
N LEU A 86 1.44 19.25 8.51
CA LEU A 86 1.56 19.89 7.21
C LEU A 86 0.24 20.50 6.74
N GLU A 87 -0.88 19.88 7.07
CA GLU A 87 -2.19 20.44 6.74
C GLU A 87 -2.67 21.42 7.81
N ALA A 88 -2.43 21.06 9.07
CA ALA A 88 -2.79 21.85 10.27
C ALA A 88 -4.23 22.39 10.26
N GLN A 89 -5.14 21.69 9.60
CA GLN A 89 -6.51 22.15 9.46
C GLN A 89 -7.42 21.54 10.52
N ALA A 90 -8.52 22.23 10.83
CA ALA A 90 -9.53 21.68 11.71
C ALA A 90 -10.23 20.58 10.90
N LYS A 91 -10.50 19.45 11.53
CA LYS A 91 -11.07 18.31 10.83
C LYS A 91 -11.99 17.54 11.78
N ILE A 92 -12.79 16.64 11.22
CA ILE A 92 -13.66 15.77 11.99
C ILE A 92 -13.31 14.39 11.48
N GLU A 93 -12.97 13.50 12.39
CA GLU A 93 -12.62 12.12 12.09
C GLU A 93 -13.47 11.26 13.03
N GLU A 94 -13.63 9.99 12.72
CA GLU A 94 -14.41 9.09 13.58
C GLU A 94 -13.74 7.74 13.81
N ASP A 95 -13.91 7.21 15.01
CA ASP A 95 -13.48 5.85 15.37
C ASP A 95 -14.46 5.36 16.44
N ILE A 96 -15.62 4.92 16.00
CA ILE A 96 -16.70 4.50 16.92
C ILE A 96 -16.41 3.07 17.45
N ARG A 97 -15.24 2.93 18.05
CA ARG A 97 -14.76 1.64 18.56
C ARG A 97 -15.26 1.34 19.96
N GLN A 98 -16.09 2.24 20.44
CA GLN A 98 -16.70 2.17 21.78
C GLN A 98 -18.22 2.24 21.70
N SER A 1 8.40 -10.03 3.16
CA SER A 1 8.80 -8.60 3.12
C SER A 1 8.20 -7.77 4.22
N GLN A 2 7.10 -8.32 4.76
CA GLN A 2 6.33 -7.70 5.84
C GLN A 2 7.09 -7.79 7.15
N GLN A 3 7.73 -6.70 7.53
CA GLN A 3 8.50 -6.64 8.78
C GLN A 3 7.59 -6.50 10.00
N SER A 4 6.32 -6.23 9.74
CA SER A 4 5.30 -6.03 10.80
C SER A 4 5.65 -4.88 11.76
N HIS A 5 6.54 -3.99 11.33
CA HIS A 5 6.92 -2.85 12.14
C HIS A 5 5.90 -1.74 11.93
N SER A 6 5.26 -1.33 13.03
CA SER A 6 4.29 -0.22 13.00
C SER A 6 4.99 1.09 13.30
N SER A 7 6.31 1.04 13.39
CA SER A 7 7.11 2.20 13.75
C SER A 7 7.04 3.29 12.70
N PRO A 8 6.92 4.57 13.11
CA PRO A 8 7.02 5.58 12.08
C PRO A 8 8.46 5.69 11.61
N GLY A 9 8.62 6.16 10.40
CA GLY A 9 9.96 6.34 9.83
C GLY A 9 10.39 5.23 8.90
N GLU A 10 9.68 4.12 8.97
CA GLU A 10 9.98 2.93 8.13
C GLU A 10 9.58 3.06 6.66
N ILE A 11 9.51 4.29 6.20
CA ILE A 11 9.20 4.65 4.86
C ILE A 11 10.42 4.54 3.96
N THR A 12 11.48 4.05 4.57
CA THR A 12 12.77 3.82 3.92
C THR A 12 12.73 2.48 3.20
N SER A 13 11.74 1.68 3.53
CA SER A 13 11.59 0.35 2.99
C SER A 13 10.17 0.16 2.49
N SER A 14 9.91 -0.95 1.80
CA SER A 14 8.57 -1.28 1.33
C SER A 14 8.01 -2.54 1.99
N PRO A 15 7.78 -2.52 3.33
CA PRO A 15 7.30 -3.76 3.94
C PRO A 15 5.87 -4.09 3.57
N GLN A 16 5.16 -3.09 3.07
CA GLN A 16 3.78 -3.25 2.64
C GLN A 16 3.61 -4.12 1.41
N GLY A 17 4.68 -4.61 0.81
CA GLY A 17 4.50 -5.49 -0.34
C GLY A 17 4.28 -4.73 -1.62
N LEU A 18 4.92 -3.59 -1.77
CA LEU A 18 4.87 -2.85 -3.04
C LEU A 18 5.56 -3.69 -4.12
N ASP A 19 6.57 -4.41 -3.68
CA ASP A 19 7.31 -5.35 -4.53
C ASP A 19 6.51 -6.65 -4.70
N ASN A 20 5.67 -6.93 -3.72
CA ASN A 20 4.87 -8.14 -3.69
C ASN A 20 3.37 -7.87 -3.67
N PRO A 21 2.79 -7.51 -4.83
CA PRO A 21 1.33 -7.32 -4.88
C PRO A 21 0.59 -8.59 -4.52
N ALA A 22 1.19 -9.74 -4.78
CA ALA A 22 0.58 -11.02 -4.47
C ALA A 22 0.36 -11.19 -2.96
N LEU A 23 1.34 -10.77 -2.17
CA LEU A 23 1.26 -10.89 -0.72
C LEU A 23 0.37 -9.79 -0.14
N LEU A 24 0.49 -8.59 -0.69
CA LEU A 24 -0.30 -7.46 -0.18
C LEU A 24 -1.79 -7.67 -0.43
N ARG A 25 -2.13 -8.17 -1.60
CA ARG A 25 -3.53 -8.48 -1.93
C ARG A 25 -4.07 -9.47 -0.90
N ASP A 26 -3.28 -10.47 -0.58
CA ASP A 26 -3.70 -11.50 0.35
C ASP A 26 -3.88 -10.94 1.76
N MET A 27 -2.93 -10.13 2.21
CA MET A 27 -3.00 -9.48 3.52
C MET A 27 -4.21 -8.57 3.61
N LEU A 28 -4.47 -7.84 2.53
CA LEU A 28 -5.60 -6.92 2.48
C LEU A 28 -6.92 -7.66 2.58
N LEU A 29 -7.05 -8.76 1.85
CA LEU A 29 -8.28 -9.54 1.87
C LEU A 29 -8.52 -10.10 3.26
N ALA A 30 -7.44 -10.44 3.94
CA ALA A 30 -7.50 -10.98 5.30
C ALA A 30 -7.68 -9.86 6.36
N ASN A 31 -7.49 -8.60 5.98
CA ASN A 31 -7.52 -7.50 6.94
C ASN A 31 -8.70 -6.55 6.70
N PRO A 32 -9.78 -6.69 7.47
CA PRO A 32 -10.95 -5.84 7.20
C PRO A 32 -10.74 -4.34 7.43
N HIS A 33 -9.80 -3.97 8.29
CA HIS A 33 -9.53 -2.55 8.54
C HIS A 33 -8.73 -1.95 7.39
N GLU A 34 -7.74 -2.68 6.91
CA GLU A 34 -6.82 -2.17 5.90
C GLU A 34 -7.55 -2.11 4.56
N LEU A 35 -8.38 -3.11 4.31
CA LEU A 35 -9.18 -3.12 3.09
C LEU A 35 -10.18 -1.97 3.07
N SER A 36 -10.63 -1.58 4.26
CA SER A 36 -11.60 -0.49 4.43
C SER A 36 -10.94 0.86 4.20
N LEU A 37 -9.75 1.06 4.75
CA LEU A 37 -9.04 2.32 4.52
C LEU A 37 -8.68 2.42 3.09
N LEU A 38 -8.41 1.28 2.49
CA LEU A 38 -8.05 1.25 1.11
C LEU A 38 -9.17 1.68 0.19
N LYS A 39 -10.38 1.21 0.42
CA LYS A 39 -11.51 1.68 -0.40
C LYS A 39 -11.84 3.13 -0.12
N GLU A 40 -11.57 3.60 1.10
CA GLU A 40 -11.80 4.99 1.46
C GLU A 40 -10.76 5.92 0.82
N ARG A 41 -9.49 5.60 1.02
CA ARG A 41 -8.38 6.46 0.58
C ARG A 41 -7.92 6.23 -0.85
N ASN A 42 -8.09 5.01 -1.33
CA ASN A 42 -7.65 4.62 -2.67
C ASN A 42 -8.66 3.75 -3.44
N PRO A 43 -9.81 4.31 -3.82
CA PRO A 43 -10.76 3.42 -4.53
C PRO A 43 -10.26 2.67 -5.79
N PRO A 44 -9.38 3.28 -6.65
CA PRO A 44 -8.98 2.39 -7.76
C PRO A 44 -8.08 1.19 -7.38
N LEU A 45 -7.27 1.28 -6.33
CA LEU A 45 -6.51 0.09 -5.91
C LEU A 45 -7.45 -0.86 -5.20
N ALA A 46 -8.41 -0.28 -4.50
CA ALA A 46 -9.40 -1.09 -3.79
C ALA A 46 -10.28 -1.91 -4.72
N GLU A 47 -10.84 -1.32 -5.78
CA GLU A 47 -11.74 -2.06 -6.67
C GLU A 47 -11.03 -3.26 -7.29
N ALA A 48 -9.73 -3.13 -7.51
CA ALA A 48 -8.94 -4.22 -8.02
C ALA A 48 -8.87 -5.37 -7.02
N LEU A 49 -8.75 -5.03 -5.75
CA LEU A 49 -8.73 -6.01 -4.68
C LEU A 49 -10.09 -6.71 -4.58
N LEU A 50 -11.16 -5.93 -4.72
CA LEU A 50 -12.53 -6.45 -4.58
C LEU A 50 -12.82 -7.46 -5.68
N SER A 51 -12.22 -7.26 -6.83
CA SER A 51 -12.40 -8.12 -7.97
C SER A 51 -11.66 -9.44 -7.81
N GLY A 52 -10.65 -9.45 -6.94
CA GLY A 52 -9.85 -10.65 -6.72
C GLY A 52 -8.70 -10.80 -7.69
N ASP A 53 -8.88 -10.28 -8.91
CA ASP A 53 -7.86 -10.33 -9.96
C ASP A 53 -6.55 -9.72 -9.54
N LEU A 54 -5.57 -10.59 -9.34
CA LEU A 54 -4.25 -10.16 -8.93
C LEU A 54 -3.63 -9.38 -10.07
N GLU A 55 -3.95 -9.74 -11.29
CA GLU A 55 -3.45 -8.97 -12.44
C GLU A 55 -3.83 -7.49 -12.36
N LYS A 56 -5.09 -7.19 -12.06
CA LYS A 56 -5.54 -5.80 -11.98
C LYS A 56 -5.02 -5.19 -10.72
N PHE A 57 -4.93 -5.97 -9.64
CA PHE A 57 -4.36 -5.47 -8.39
C PHE A 57 -2.90 -5.05 -8.59
N SER A 58 -2.09 -5.93 -9.15
CA SER A 58 -0.69 -5.63 -9.43
C SER A 58 -0.53 -4.47 -10.40
N ARG A 59 -1.38 -4.42 -11.41
CA ARG A 59 -1.30 -3.36 -12.41
C ARG A 59 -1.61 -2.02 -11.79
N VAL A 60 -2.71 -1.94 -11.06
CA VAL A 60 -3.11 -0.67 -10.50
C VAL A 60 -2.12 -0.30 -9.39
N LEU A 61 -1.54 -1.31 -8.73
CA LEU A 61 -0.53 -1.07 -7.71
C LEU A 61 0.67 -0.30 -8.29
N VAL A 62 1.15 -0.71 -9.46
CA VAL A 62 2.30 -0.03 -10.05
C VAL A 62 1.88 1.29 -10.70
N GLU A 63 0.71 1.34 -11.30
CA GLU A 63 0.22 2.61 -11.88
C GLU A 63 0.00 3.65 -10.77
N GLN A 64 -0.46 3.22 -9.61
CA GLN A 64 -0.59 4.11 -8.45
C GLN A 64 0.79 4.63 -8.03
N GLN A 65 1.80 3.78 -8.07
CA GLN A 65 3.15 4.22 -7.70
C GLN A 65 3.71 5.21 -8.74
N GLN A 66 3.34 5.05 -10.00
CA GLN A 66 3.74 6.02 -11.03
C GLN A 66 3.07 7.37 -10.76
N ASP A 67 1.83 7.35 -10.32
CA ASP A 67 1.12 8.58 -9.98
C ASP A 67 1.70 9.22 -8.75
N ARG A 68 2.08 8.40 -7.79
CA ARG A 68 2.69 8.88 -6.56
C ARG A 68 3.94 9.66 -6.88
N ALA A 69 4.75 9.18 -7.81
CA ALA A 69 5.97 9.89 -8.20
C ALA A 69 5.69 11.30 -8.76
N ARG A 70 4.54 11.49 -9.40
CA ARG A 70 4.19 12.81 -9.96
C ARG A 70 3.91 13.80 -8.83
N ARG A 71 3.07 13.39 -7.88
CA ARG A 71 2.68 14.24 -6.75
C ARG A 71 3.79 14.38 -5.73
N GLU A 72 4.66 13.40 -5.69
CA GLU A 72 5.81 13.37 -4.78
C GLU A 72 6.66 14.63 -4.91
N GLN A 73 6.75 15.18 -6.12
CA GLN A 73 7.51 16.39 -6.35
C GLN A 73 6.98 17.56 -5.48
N GLU A 74 5.68 17.60 -5.29
CA GLU A 74 5.08 18.55 -4.36
C GLU A 74 5.20 18.10 -2.91
N ARG A 75 5.10 16.80 -2.66
CA ARG A 75 5.10 16.27 -1.28
C ARG A 75 6.41 16.49 -0.54
N ILE A 76 7.52 16.52 -1.25
CA ILE A 76 8.84 16.75 -0.62
C ILE A 76 8.91 18.13 0.04
N ARG A 77 8.01 19.03 -0.35
CA ARG A 77 7.88 20.35 0.32
C ARG A 77 7.77 20.21 1.83
N LEU A 78 7.15 19.12 2.29
CA LEU A 78 6.94 18.77 3.71
C LEU A 78 6.09 19.73 4.57
N PHE A 79 6.45 21.00 4.60
CA PHE A 79 5.77 21.96 5.43
C PHE A 79 4.42 22.34 4.85
N SER A 80 3.45 22.59 5.73
CA SER A 80 2.06 22.90 5.35
C SER A 80 1.42 21.75 4.57
N ALA A 81 1.65 20.53 5.06
CA ALA A 81 1.08 19.32 4.48
C ALA A 81 0.66 18.41 5.64
N ASP A 82 0.32 19.07 6.74
CA ASP A 82 -0.03 18.42 8.02
C ASP A 82 -1.37 17.66 7.94
N PRO A 83 -1.58 16.65 8.81
CA PRO A 83 -2.82 15.89 8.78
C PRO A 83 -4.02 16.64 9.38
N PHE A 84 -5.23 16.17 9.08
CA PHE A 84 -6.46 16.84 9.55
C PHE A 84 -7.36 15.93 10.36
N ASP A 85 -6.83 14.76 10.67
CA ASP A 85 -7.51 13.76 11.47
C ASP A 85 -6.99 13.95 12.89
N LEU A 86 -6.99 15.21 13.32
CA LEU A 86 -6.49 15.57 14.65
C LEU A 86 -7.33 14.94 15.76
N GLU A 87 -8.60 14.71 15.47
CA GLU A 87 -9.50 14.05 16.43
C GLU A 87 -9.30 12.54 16.38
N ALA A 88 -9.06 12.05 15.16
CA ALA A 88 -8.92 10.62 14.85
C ALA A 88 -9.85 9.71 15.68
N GLN A 89 -11.14 10.01 15.61
CA GLN A 89 -12.16 9.27 16.35
C GLN A 89 -12.41 7.89 15.74
N ALA A 90 -13.22 7.11 16.46
CA ALA A 90 -13.70 5.77 16.04
C ALA A 90 -12.66 4.69 15.87
N LYS A 91 -11.48 5.04 16.31
CA LYS A 91 -10.37 4.08 16.41
C LYS A 91 -10.62 3.26 17.67
N ILE A 92 -10.09 2.05 17.70
CA ILE A 92 -10.18 1.19 18.87
C ILE A 92 -8.80 0.59 19.07
N GLU A 93 -8.20 0.86 20.23
CA GLU A 93 -6.89 0.34 20.58
C GLU A 93 -7.09 -0.75 21.64
N GLU A 94 -6.10 -1.61 21.80
CA GLU A 94 -6.19 -2.72 22.75
C GLU A 94 -4.79 -3.06 23.25
N ASP A 95 -4.75 -3.67 24.42
CA ASP A 95 -3.50 -4.16 25.03
C ASP A 95 -3.81 -5.16 26.15
N ILE A 96 -4.52 -6.23 25.83
CA ILE A 96 -4.76 -7.29 26.82
C ILE A 96 -3.85 -8.46 26.45
N ARG A 97 -2.78 -8.14 25.74
CA ARG A 97 -1.83 -9.13 25.24
C ARG A 97 -0.79 -9.56 26.28
N GLN A 98 -1.19 -9.52 27.55
CA GLN A 98 -0.39 -9.98 28.70
C GLN A 98 0.99 -9.26 28.80
N SER A 1 20.80 28.88 24.09
CA SER A 1 19.71 28.43 23.16
C SER A 1 19.20 27.02 23.42
N GLN A 2 17.95 26.76 23.01
CA GLN A 2 17.32 25.46 23.21
C GLN A 2 16.52 25.11 21.97
N GLN A 3 16.94 24.07 21.26
CA GLN A 3 16.28 23.64 20.02
C GLN A 3 16.51 22.14 19.87
N SER A 4 15.53 21.44 19.31
CA SER A 4 15.68 20.01 19.04
C SER A 4 16.39 19.85 17.70
N HIS A 5 17.29 18.88 17.62
CA HIS A 5 18.02 18.61 16.37
C HIS A 5 17.78 17.20 15.87
N SER A 6 17.66 16.25 16.79
CA SER A 6 17.39 14.86 16.44
C SER A 6 15.89 14.67 16.23
N SER A 7 15.52 13.88 15.23
CA SER A 7 14.12 13.55 14.94
C SER A 7 14.13 12.20 14.23
N PRO A 8 13.01 11.45 14.29
CA PRO A 8 13.02 10.19 13.53
C PRO A 8 12.87 10.45 12.03
N GLY A 9 13.16 9.44 11.25
CA GLY A 9 13.06 9.54 9.79
C GLY A 9 12.66 8.25 9.12
N GLU A 10 12.07 7.36 9.88
CA GLU A 10 11.65 6.04 9.38
C GLU A 10 10.22 6.09 8.86
N ILE A 11 9.83 7.28 8.42
CA ILE A 11 8.53 7.61 7.92
C ILE A 11 8.30 7.02 6.52
N THR A 12 9.27 6.26 6.07
CA THR A 12 9.25 5.67 4.74
C THR A 12 8.12 4.65 4.57
N SER A 13 7.52 4.65 3.39
CA SER A 13 6.43 3.73 3.08
C SER A 13 6.95 2.32 2.81
N SER A 14 6.70 1.43 3.75
CA SER A 14 7.12 0.03 3.62
C SER A 14 5.97 -0.95 3.88
N PRO A 15 5.06 -1.11 2.90
CA PRO A 15 4.00 -2.11 3.06
C PRO A 15 4.49 -3.54 2.87
N GLN A 16 5.75 -3.63 2.47
CA GLN A 16 6.49 -4.87 2.20
C GLN A 16 6.02 -5.59 0.93
N GLY A 17 4.72 -5.67 0.75
CA GLY A 17 4.14 -6.24 -0.45
C GLY A 17 4.18 -5.30 -1.64
N LEU A 18 4.99 -4.24 -1.54
CA LEU A 18 5.20 -3.33 -2.68
C LEU A 18 5.84 -4.09 -3.84
N ASP A 19 6.74 -5.01 -3.52
CA ASP A 19 7.42 -5.82 -4.54
C ASP A 19 6.52 -7.00 -4.89
N ASN A 20 5.77 -7.44 -3.88
CA ASN A 20 4.90 -8.59 -4.01
C ASN A 20 3.40 -8.28 -3.89
N PRO A 21 2.75 -7.93 -5.02
CA PRO A 21 1.31 -7.69 -4.93
C PRO A 21 0.53 -8.92 -4.54
N ALA A 22 1.08 -10.11 -4.77
CA ALA A 22 0.40 -11.33 -4.38
C ALA A 22 0.26 -11.40 -2.86
N LEU A 23 1.31 -11.02 -2.14
CA LEU A 23 1.28 -11.03 -0.68
C LEU A 23 0.44 -9.87 -0.16
N LEU A 24 0.56 -8.71 -0.79
CA LEU A 24 -0.20 -7.54 -0.33
C LEU A 24 -1.71 -7.78 -0.51
N ARG A 25 -2.07 -8.41 -1.62
CA ARG A 25 -3.47 -8.77 -1.88
C ARG A 25 -3.97 -9.68 -0.76
N ASP A 26 -3.16 -10.64 -0.38
CA ASP A 26 -3.54 -11.59 0.67
C ASP A 26 -3.70 -10.90 2.02
N MET A 27 -2.75 -10.06 2.37
CA MET A 27 -2.79 -9.30 3.63
C MET A 27 -4.03 -8.42 3.68
N LEU A 28 -4.29 -7.73 2.60
CA LEU A 28 -5.43 -6.82 2.53
C LEU A 28 -6.74 -7.54 2.71
N LEU A 29 -6.90 -8.67 2.03
CA LEU A 29 -8.15 -9.43 2.15
C LEU A 29 -8.33 -9.97 3.57
N ALA A 30 -7.23 -10.29 4.21
CA ALA A 30 -7.25 -10.80 5.57
C ALA A 30 -7.39 -9.67 6.62
N ASN A 31 -7.24 -8.42 6.19
CA ASN A 31 -7.26 -7.29 7.12
C ASN A 31 -8.46 -6.36 6.87
N PRO A 32 -9.53 -6.51 7.67
CA PRO A 32 -10.72 -5.70 7.38
C PRO A 32 -10.54 -4.18 7.54
N HIS A 33 -9.61 -3.74 8.37
CA HIS A 33 -9.39 -2.31 8.55
C HIS A 33 -8.63 -1.73 7.36
N GLU A 34 -7.61 -2.45 6.91
CA GLU A 34 -6.73 -1.96 5.85
C GLU A 34 -7.50 -1.97 4.54
N LEU A 35 -8.31 -3.00 4.34
CA LEU A 35 -9.11 -3.07 3.14
C LEU A 35 -10.16 -1.96 3.10
N SER A 36 -10.61 -1.54 4.29
CA SER A 36 -11.62 -0.50 4.42
C SER A 36 -11.05 0.88 4.14
N LEU A 37 -9.86 1.17 4.65
CA LEU A 37 -9.23 2.47 4.38
C LEU A 37 -8.89 2.55 2.94
N LEU A 38 -8.58 1.40 2.38
CA LEU A 38 -8.22 1.34 0.99
C LEU A 38 -9.39 1.69 0.10
N LYS A 39 -10.56 1.14 0.35
CA LYS A 39 -11.75 1.53 -0.42
C LYS A 39 -12.20 2.95 -0.11
N GLU A 40 -11.90 3.44 1.09
CA GLU A 40 -12.23 4.82 1.44
C GLU A 40 -11.33 5.81 0.71
N ARG A 41 -10.02 5.58 0.80
CA ARG A 41 -9.05 6.58 0.32
C ARG A 41 -8.39 6.31 -1.02
N ASN A 42 -8.39 5.07 -1.44
CA ASN A 42 -7.82 4.68 -2.74
C ASN A 42 -8.77 3.76 -3.54
N PRO A 43 -9.94 4.27 -3.95
CA PRO A 43 -10.83 3.35 -4.68
C PRO A 43 -10.28 2.65 -5.94
N PRO A 44 -9.37 3.26 -6.75
CA PRO A 44 -8.93 2.40 -7.86
C PRO A 44 -8.09 1.18 -7.46
N LEU A 45 -7.29 1.28 -6.40
CA LEU A 45 -6.53 0.11 -5.96
C LEU A 45 -7.49 -0.83 -5.25
N ALA A 46 -8.43 -0.27 -4.53
CA ALA A 46 -9.41 -1.07 -3.82
C ALA A 46 -10.26 -1.93 -4.74
N GLU A 47 -10.84 -1.36 -5.80
CA GLU A 47 -11.70 -2.13 -6.70
C GLU A 47 -10.94 -3.30 -7.33
N ALA A 48 -9.65 -3.10 -7.54
CA ALA A 48 -8.79 -4.11 -8.08
C ALA A 48 -8.66 -5.28 -7.10
N LEU A 49 -8.60 -4.97 -5.81
CA LEU A 49 -8.57 -5.99 -4.77
C LEU A 49 -9.91 -6.72 -4.70
N LEU A 50 -11.00 -5.96 -4.78
CA LEU A 50 -12.34 -6.52 -4.61
C LEU A 50 -12.67 -7.51 -5.73
N SER A 51 -12.11 -7.26 -6.89
CA SER A 51 -12.32 -8.09 -8.07
C SER A 51 -11.67 -9.46 -7.94
N GLY A 52 -10.65 -9.56 -7.08
CA GLY A 52 -9.92 -10.81 -6.92
C GLY A 52 -8.82 -10.95 -7.95
N ASP A 53 -9.04 -10.34 -9.10
CA ASP A 53 -8.10 -10.31 -10.21
C ASP A 53 -6.76 -9.73 -9.81
N LEU A 54 -5.78 -10.59 -9.59
CA LEU A 54 -4.46 -10.13 -9.22
C LEU A 54 -3.85 -9.29 -10.32
N GLU A 55 -4.13 -9.64 -11.57
CA GLU A 55 -3.55 -8.91 -12.69
C GLU A 55 -3.90 -7.43 -12.64
N LYS A 56 -5.11 -7.14 -12.16
CA LYS A 56 -5.54 -5.74 -12.04
C LYS A 56 -5.03 -5.15 -10.75
N PHE A 57 -5.00 -5.94 -9.69
CA PHE A 57 -4.44 -5.46 -8.43
C PHE A 57 -3.00 -5.02 -8.61
N SER A 58 -2.19 -5.84 -9.25
CA SER A 58 -0.79 -5.52 -9.53
C SER A 58 -0.65 -4.34 -10.49
N ARG A 59 -1.49 -4.30 -11.50
CA ARG A 59 -1.46 -3.22 -12.48
C ARG A 59 -1.71 -1.88 -11.80
N VAL A 60 -2.71 -1.82 -10.94
CA VAL A 60 -3.00 -0.58 -10.25
C VAL A 60 -1.93 -0.33 -9.18
N LEU A 61 -1.41 -1.40 -8.58
CA LEU A 61 -0.38 -1.26 -7.55
C LEU A 61 0.84 -0.50 -8.09
N VAL A 62 1.32 -0.86 -9.27
CA VAL A 62 2.49 -0.18 -9.83
C VAL A 62 2.16 1.26 -10.23
N GLU A 63 0.96 1.49 -10.73
CA GLU A 63 0.52 2.86 -11.07
C GLU A 63 0.48 3.73 -9.81
N GLN A 64 -0.04 3.16 -8.73
CA GLN A 64 -0.09 3.88 -7.46
C GLN A 64 1.30 4.07 -6.89
N GLN A 65 2.20 3.12 -7.11
CA GLN A 65 3.57 3.24 -6.60
C GLN A 65 4.34 4.35 -7.31
N GLN A 66 4.12 4.53 -8.60
CA GLN A 66 4.77 5.60 -9.34
C GLN A 66 4.36 6.94 -8.75
N ASP A 67 3.08 7.10 -8.44
CA ASP A 67 2.62 8.35 -7.85
C ASP A 67 3.05 8.47 -6.39
N ARG A 68 3.06 7.35 -5.68
CA ARG A 68 3.51 7.32 -4.29
C ARG A 68 4.93 7.80 -4.19
N ALA A 69 5.79 7.44 -5.13
CA ALA A 69 7.18 7.87 -5.11
C ALA A 69 7.29 9.40 -5.14
N ARG A 70 6.36 10.06 -5.83
CA ARG A 70 6.34 11.53 -5.90
C ARG A 70 5.93 12.09 -4.55
N ARG A 71 4.89 11.51 -3.97
CA ARG A 71 4.38 11.94 -2.66
C ARG A 71 5.44 11.71 -1.59
N GLU A 72 6.18 10.63 -1.75
CA GLU A 72 7.15 10.18 -0.76
C GLU A 72 8.24 11.20 -0.50
N GLN A 73 8.63 11.93 -1.55
CA GLN A 73 9.67 12.95 -1.40
C GLN A 73 9.23 13.98 -0.37
N GLU A 74 7.98 14.35 -0.41
CA GLU A 74 7.43 15.31 0.54
C GLU A 74 7.22 14.68 1.91
N ARG A 75 6.84 13.40 1.94
CA ARG A 75 6.59 12.71 3.21
C ARG A 75 7.84 12.57 4.07
N ILE A 76 8.96 12.24 3.47
CA ILE A 76 10.22 12.08 4.21
C ILE A 76 10.78 13.44 4.64
N ARG A 77 10.33 14.50 3.97
CA ARG A 77 10.72 15.87 4.32
C ARG A 77 9.87 16.39 5.47
N LEU A 78 8.75 15.72 5.71
CA LEU A 78 7.86 16.05 6.82
C LEU A 78 8.28 15.20 8.01
N PHE A 79 7.72 15.51 9.17
CA PHE A 79 8.03 14.76 10.39
C PHE A 79 6.78 14.04 10.86
N SER A 80 6.99 12.89 11.48
CA SER A 80 5.92 12.10 12.04
C SER A 80 6.55 11.43 13.25
N ALA A 81 5.74 11.15 14.27
CA ALA A 81 6.23 10.57 15.52
C ALA A 81 5.13 9.67 16.10
N ASP A 82 4.48 8.94 15.21
CA ASP A 82 3.34 8.09 15.57
C ASP A 82 3.75 6.99 16.55
N PRO A 83 2.88 6.66 17.53
CA PRO A 83 3.26 5.63 18.50
C PRO A 83 3.16 4.20 17.94
N PHE A 84 3.83 3.26 18.61
CA PHE A 84 3.78 1.84 18.22
C PHE A 84 2.98 1.06 19.21
N ASP A 85 2.69 1.77 20.26
CA ASP A 85 1.98 1.30 21.43
C ASP A 85 0.56 1.81 21.33
N LEU A 86 -0.05 1.52 20.19
CA LEU A 86 -1.43 1.91 19.94
C LEU A 86 -2.36 1.28 20.97
N GLU A 87 -2.07 0.03 21.33
CA GLU A 87 -2.83 -0.66 22.36
C GLU A 87 -2.30 -0.35 23.76
N ALA A 88 -0.98 -0.14 23.82
CA ALA A 88 -0.24 0.13 25.07
C ALA A 88 -0.55 -0.85 26.22
N GLN A 89 -0.88 -2.09 25.89
CA GLN A 89 -1.25 -3.08 26.89
C GLN A 89 -0.27 -4.25 26.98
N ALA A 90 -0.28 -4.91 28.14
CA ALA A 90 0.48 -6.13 28.40
C ALA A 90 1.98 -6.06 28.03
N LYS A 91 2.56 -7.22 27.79
CA LYS A 91 3.96 -7.36 27.42
C LYS A 91 4.13 -8.79 26.94
N ILE A 92 5.27 -9.07 26.32
CA ILE A 92 5.62 -10.43 25.94
C ILE A 92 6.97 -10.66 26.60
N GLU A 93 7.03 -11.61 27.51
CA GLU A 93 8.26 -11.91 28.23
C GLU A 93 9.03 -13.00 27.47
N GLU A 94 10.33 -13.10 27.69
CA GLU A 94 11.15 -14.08 26.99
C GLU A 94 11.85 -15.05 27.94
N ASP A 95 11.71 -16.34 27.66
CA ASP A 95 12.52 -17.36 28.32
C ASP A 95 12.97 -18.36 27.26
N ILE A 96 13.86 -17.90 26.40
CA ILE A 96 14.37 -18.70 25.28
C ILE A 96 15.43 -19.71 25.73
N ARG A 97 15.42 -20.06 27.00
CA ARG A 97 16.42 -20.93 27.63
C ARG A 97 16.12 -22.42 27.44
N GLN A 98 15.70 -22.77 26.22
CA GLN A 98 15.38 -24.15 25.78
C GLN A 98 14.20 -24.82 26.52
N SER A 1 6.04 -26.17 2.95
CA SER A 1 6.53 -24.78 3.08
C SER A 1 8.03 -24.61 2.90
N GLN A 2 8.43 -23.43 2.41
CA GLN A 2 9.85 -23.10 2.28
C GLN A 2 10.30 -22.53 3.61
N GLN A 3 11.51 -22.88 4.02
CA GLN A 3 12.05 -22.38 5.28
C GLN A 3 12.31 -20.88 5.15
N SER A 4 12.09 -20.16 6.22
CA SER A 4 12.23 -18.71 6.26
C SER A 4 12.29 -18.34 7.74
N HIS A 5 12.44 -17.05 8.03
CA HIS A 5 12.47 -16.58 9.41
C HIS A 5 11.31 -15.61 9.60
N SER A 6 10.77 -15.57 10.81
CA SER A 6 9.66 -14.66 11.12
C SER A 6 10.12 -13.22 11.03
N SER A 7 9.23 -12.33 10.58
CA SER A 7 9.54 -10.91 10.48
C SER A 7 8.58 -10.10 11.36
N PRO A 8 8.90 -9.95 12.65
CA PRO A 8 8.01 -9.17 13.51
C PRO A 8 8.12 -7.67 13.25
N GLY A 9 7.26 -6.89 13.89
CA GLY A 9 7.29 -5.45 13.74
C GLY A 9 6.32 -4.95 12.68
N GLU A 10 5.25 -5.71 12.48
CA GLU A 10 4.19 -5.37 11.51
C GLU A 10 3.24 -4.27 12.02
N ILE A 11 3.78 -3.42 12.86
CA ILE A 11 3.18 -2.25 13.39
C ILE A 11 3.63 -1.09 12.48
N THR A 12 3.89 -1.43 11.22
CA THR A 12 4.47 -0.52 10.25
C THR A 12 3.82 -0.76 8.90
N SER A 13 4.13 0.10 7.93
CA SER A 13 3.61 -0.06 6.57
C SER A 13 4.23 -1.28 5.88
N SER A 14 3.70 -1.63 4.72
CA SER A 14 4.16 -2.79 3.95
C SER A 14 4.96 -2.42 2.69
N PRO A 15 6.24 -2.03 2.83
CA PRO A 15 6.98 -1.73 1.61
C PRO A 15 7.27 -2.97 0.78
N GLN A 16 7.33 -4.13 1.42
CA GLN A 16 7.51 -5.39 0.71
C GLN A 16 6.21 -5.79 0.03
N GLY A 17 5.12 -5.17 0.42
CA GLY A 17 3.85 -5.42 -0.22
C GLY A 17 3.81 -4.69 -1.56
N LEU A 18 4.66 -3.69 -1.70
CA LEU A 18 4.75 -2.96 -2.97
C LEU A 18 5.54 -3.79 -3.97
N ASP A 19 6.56 -4.46 -3.46
CA ASP A 19 7.43 -5.31 -4.27
C ASP A 19 6.70 -6.61 -4.61
N ASN A 20 5.89 -7.05 -3.66
CA ASN A 20 5.06 -8.23 -3.82
C ASN A 20 3.58 -7.90 -3.70
N PRO A 21 2.96 -7.43 -4.80
CA PRO A 21 1.50 -7.20 -4.75
C PRO A 21 0.72 -8.46 -4.44
N ALA A 22 1.29 -9.62 -4.75
CA ALA A 22 0.64 -10.89 -4.47
C ALA A 22 0.41 -11.07 -2.96
N LEU A 23 1.39 -10.67 -2.17
CA LEU A 23 1.31 -10.79 -0.72
C LEU A 23 0.42 -9.70 -0.13
N LEU A 24 0.53 -8.49 -0.66
CA LEU A 24 -0.27 -7.37 -0.15
C LEU A 24 -1.75 -7.61 -0.42
N ARG A 25 -2.06 -8.14 -1.60
CA ARG A 25 -3.43 -8.49 -1.97
C ARG A 25 -3.97 -9.48 -0.94
N ASP A 26 -3.14 -10.45 -0.59
CA ASP A 26 -3.53 -11.49 0.36
C ASP A 26 -3.80 -10.91 1.76
N MET A 27 -2.88 -10.08 2.23
CA MET A 27 -3.01 -9.42 3.53
C MET A 27 -4.26 -8.56 3.59
N LEU A 28 -4.48 -7.80 2.52
CA LEU A 28 -5.61 -6.90 2.44
C LEU A 28 -6.94 -7.64 2.51
N LEU A 29 -7.03 -8.75 1.79
CA LEU A 29 -8.26 -9.54 1.78
C LEU A 29 -8.53 -10.12 3.17
N ALA A 30 -7.47 -10.47 3.86
CA ALA A 30 -7.57 -11.03 5.21
C ALA A 30 -7.75 -9.94 6.28
N ASN A 31 -7.59 -8.68 5.92
CA ASN A 31 -7.64 -7.58 6.89
C ASN A 31 -8.82 -6.63 6.63
N PRO A 32 -9.93 -6.79 7.38
CA PRO A 32 -11.08 -5.95 7.08
C PRO A 32 -10.88 -4.46 7.33
N HIS A 33 -9.95 -4.09 8.21
CA HIS A 33 -9.68 -2.68 8.47
C HIS A 33 -8.86 -2.09 7.32
N GLU A 34 -7.84 -2.82 6.90
CA GLU A 34 -6.92 -2.31 5.88
C GLU A 34 -7.66 -2.21 4.56
N LEU A 35 -8.50 -3.18 4.29
CA LEU A 35 -9.28 -3.15 3.05
C LEU A 35 -10.29 -2.01 3.06
N SER A 36 -10.78 -1.64 4.24
CA SER A 36 -11.79 -0.58 4.38
C SER A 36 -11.17 0.79 4.25
N LEU A 37 -9.94 0.95 4.73
CA LEU A 37 -9.25 2.22 4.59
C LEU A 37 -8.84 2.34 3.18
N LEU A 38 -8.51 1.23 2.58
CA LEU A 38 -8.09 1.23 1.20
C LEU A 38 -9.16 1.71 0.24
N LYS A 39 -10.39 1.27 0.43
CA LYS A 39 -11.49 1.80 -0.40
C LYS A 39 -11.75 3.28 -0.15
N GLU A 40 -11.43 3.76 1.04
CA GLU A 40 -11.60 5.18 1.35
C GLU A 40 -10.43 6.01 0.79
N ARG A 41 -9.20 5.60 1.10
CA ARG A 41 -7.99 6.32 0.69
C ARG A 41 -7.60 6.14 -0.78
N ASN A 42 -7.83 4.94 -1.31
CA ASN A 42 -7.46 4.59 -2.69
C ASN A 42 -8.52 3.74 -3.41
N PRO A 43 -9.67 4.33 -3.75
CA PRO A 43 -10.67 3.47 -4.41
C PRO A 43 -10.23 2.70 -5.68
N PRO A 44 -9.39 3.28 -6.59
CA PRO A 44 -9.04 2.37 -7.69
C PRO A 44 -8.15 1.15 -7.33
N LEU A 45 -7.28 1.25 -6.32
CA LEU A 45 -6.53 0.05 -5.91
C LEU A 45 -7.51 -0.89 -5.23
N ALA A 46 -8.43 -0.31 -4.48
CA ALA A 46 -9.41 -1.10 -3.78
C ALA A 46 -10.30 -1.92 -4.71
N GLU A 47 -10.86 -1.33 -5.75
CA GLU A 47 -11.76 -2.09 -6.65
C GLU A 47 -11.02 -3.25 -7.32
N ALA A 48 -9.73 -3.07 -7.56
CA ALA A 48 -8.89 -4.10 -8.10
C ALA A 48 -8.77 -5.27 -7.11
N LEU A 49 -8.66 -4.94 -5.83
CA LEU A 49 -8.61 -5.95 -4.77
C LEU A 49 -9.95 -6.69 -4.67
N LEU A 50 -11.05 -5.95 -4.75
CA LEU A 50 -12.39 -6.52 -4.56
C LEU A 50 -12.70 -7.55 -5.62
N SER A 51 -12.07 -7.40 -6.78
CA SER A 51 -12.28 -8.30 -7.90
C SER A 51 -11.58 -9.64 -7.69
N GLY A 52 -10.56 -9.66 -6.83
CA GLY A 52 -9.80 -10.89 -6.59
C GLY A 52 -8.64 -11.05 -7.57
N ASP A 53 -8.81 -10.49 -8.75
CA ASP A 53 -7.82 -10.49 -9.81
C ASP A 53 -6.52 -9.85 -9.37
N LEU A 54 -5.53 -10.68 -9.07
CA LEU A 54 -4.21 -10.17 -8.67
C LEU A 54 -3.65 -9.38 -9.83
N GLU A 55 -3.93 -9.81 -11.06
CA GLU A 55 -3.40 -9.09 -12.21
C GLU A 55 -3.83 -7.62 -12.23
N LYS A 56 -5.10 -7.32 -11.98
CA LYS A 56 -5.54 -5.93 -11.93
C LYS A 56 -5.05 -5.25 -10.68
N PHE A 57 -4.96 -5.99 -9.58
CA PHE A 57 -4.42 -5.41 -8.35
C PHE A 57 -2.98 -4.94 -8.58
N SER A 58 -2.14 -5.81 -9.13
CA SER A 58 -0.76 -5.46 -9.46
C SER A 58 -0.67 -4.37 -10.53
N ARG A 59 -1.53 -4.44 -11.53
CA ARG A 59 -1.54 -3.45 -12.62
C ARG A 59 -1.82 -2.06 -12.08
N VAL A 60 -2.78 -1.95 -11.18
CA VAL A 60 -3.11 -0.68 -10.58
C VAL A 60 -2.03 -0.28 -9.57
N LEU A 61 -1.48 -1.26 -8.87
CA LEU A 61 -0.44 -1.00 -7.88
C LEU A 61 0.77 -0.35 -8.54
N VAL A 62 1.21 -0.86 -9.69
CA VAL A 62 2.39 -0.31 -10.36
C VAL A 62 2.08 1.09 -10.91
N GLU A 63 0.86 1.32 -11.36
CA GLU A 63 0.48 2.67 -11.80
C GLU A 63 0.56 3.66 -10.64
N GLN A 64 0.03 3.28 -9.47
CA GLN A 64 0.16 4.11 -8.28
C GLN A 64 1.61 4.27 -7.84
N GLN A 65 2.44 3.28 -8.08
CA GLN A 65 3.87 3.43 -7.77
C GLN A 65 4.58 4.39 -8.74
N GLN A 66 4.16 4.42 -10.00
CA GLN A 66 4.71 5.42 -10.92
C GLN A 66 4.21 6.80 -10.49
N ASP A 67 2.98 6.85 -10.03
CA ASP A 67 2.37 8.11 -9.60
C ASP A 67 2.97 8.64 -8.31
N ARG A 68 3.32 7.74 -7.41
CA ARG A 68 3.92 8.14 -6.14
C ARG A 68 5.25 8.81 -6.43
N ALA A 69 5.98 8.27 -7.39
CA ALA A 69 7.29 8.81 -7.75
C ALA A 69 7.21 10.28 -8.18
N ARG A 70 6.11 10.67 -8.81
CA ARG A 70 5.92 12.06 -9.24
C ARG A 70 5.82 13.00 -8.05
N ARG A 71 4.99 12.65 -7.09
CA ARG A 71 4.79 13.48 -5.89
C ARG A 71 5.90 13.34 -4.87
N GLU A 72 6.56 12.21 -4.86
CA GLU A 72 7.64 11.93 -3.90
C GLU A 72 8.75 12.97 -3.97
N GLN A 73 8.96 13.54 -5.15
CA GLN A 73 9.94 14.62 -5.33
C GLN A 73 9.63 15.80 -4.42
N GLU A 74 8.35 16.10 -4.22
CA GLU A 74 7.94 17.10 -3.24
C GLU A 74 7.95 16.55 -1.81
N ARG A 75 7.54 15.30 -1.64
CA ARG A 75 7.42 14.72 -0.28
C ARG A 75 8.71 14.68 0.51
N ILE A 76 9.85 14.55 -0.15
CA ILE A 76 11.14 14.54 0.55
C ILE A 76 11.45 15.89 1.22
N ARG A 77 10.77 16.93 0.79
CA ARG A 77 10.93 18.28 1.38
C ARG A 77 10.37 18.34 2.81
N LEU A 78 9.63 17.28 3.16
CA LEU A 78 9.11 16.99 4.51
C LEU A 78 8.02 17.93 5.01
N PHE A 79 6.96 17.29 5.50
CA PHE A 79 5.76 17.97 5.94
C PHE A 79 5.29 17.25 7.22
N SER A 80 4.13 17.67 7.73
CA SER A 80 3.47 17.09 8.90
C SER A 80 3.65 15.59 9.02
N ALA A 81 4.49 15.24 9.97
CA ALA A 81 4.91 13.86 10.19
C ALA A 81 3.96 13.21 11.21
N ASP A 82 2.69 13.29 10.90
CA ASP A 82 1.61 12.79 11.76
C ASP A 82 1.66 11.26 11.86
N PRO A 83 1.12 10.68 12.94
CA PRO A 83 1.15 9.22 13.06
C PRO A 83 0.20 8.52 12.09
N PHE A 84 0.41 7.22 11.91
CA PHE A 84 -0.39 6.40 10.98
C PHE A 84 -1.19 5.39 11.78
N ASP A 85 -1.25 5.63 13.08
CA ASP A 85 -1.92 4.78 14.08
C ASP A 85 -1.22 3.44 14.35
N LEU A 86 -0.74 3.31 15.57
CA LEU A 86 -0.07 2.10 16.03
C LEU A 86 -1.05 0.97 16.31
N GLU A 87 -2.30 1.33 16.55
CA GLU A 87 -3.34 0.33 16.86
C GLU A 87 -3.81 -0.36 15.59
N ALA A 88 -3.58 0.29 14.45
CA ALA A 88 -3.92 -0.23 13.12
C ALA A 88 -2.91 -1.30 12.62
N GLN A 89 -2.31 -2.02 13.55
CA GLN A 89 -1.24 -2.98 13.27
C GLN A 89 -1.69 -4.42 12.96
N ALA A 90 -0.76 -5.17 12.38
CA ALA A 90 -0.89 -6.62 12.11
C ALA A 90 -2.05 -7.01 11.16
N LYS A 91 -2.45 -8.27 11.26
CA LYS A 91 -3.37 -8.90 10.33
C LYS A 91 -4.20 -9.93 11.12
N ILE A 92 -5.04 -10.69 10.43
CA ILE A 92 -5.80 -11.77 11.06
C ILE A 92 -5.44 -13.05 10.33
N GLU A 93 -4.79 -13.97 11.02
CA GLU A 93 -4.44 -15.27 10.45
C GLU A 93 -5.54 -16.28 10.75
N GLU A 94 -6.02 -16.95 9.71
CA GLU A 94 -7.01 -18.02 9.85
C GLU A 94 -6.49 -19.25 9.13
N ASP A 95 -6.87 -20.43 9.61
CA ASP A 95 -6.50 -21.68 8.94
C ASP A 95 -7.65 -22.67 9.10
N ILE A 96 -8.43 -22.80 8.03
CA ILE A 96 -9.58 -23.69 8.01
C ILE A 96 -9.25 -25.05 7.41
N ARG A 97 -7.97 -25.29 7.26
CA ARG A 97 -7.45 -26.54 6.70
C ARG A 97 -7.25 -27.56 7.83
N GLN A 98 -8.36 -27.90 8.49
CA GLN A 98 -8.37 -28.82 9.65
C GLN A 98 -7.48 -28.26 10.78
N SER A 1 -3.23 7.54 27.51
CA SER A 1 -2.42 8.39 28.41
C SER A 1 -0.97 8.50 28.02
N GLN A 2 -0.73 8.10 26.77
CA GLN A 2 0.59 8.12 26.15
C GLN A 2 0.45 8.69 24.74
N GLN A 3 1.50 9.32 24.23
CA GLN A 3 1.49 9.89 22.89
C GLN A 3 2.91 9.86 22.35
N SER A 4 3.03 9.74 21.03
CA SER A 4 4.34 9.72 20.37
C SER A 4 4.10 9.99 18.89
N HIS A 5 5.07 10.61 18.24
CA HIS A 5 5.00 10.87 16.79
C HIS A 5 6.36 10.56 16.17
N SER A 6 7.40 11.10 16.80
CA SER A 6 8.79 10.88 16.40
C SER A 6 9.12 11.33 14.97
N SER A 7 10.34 11.04 14.54
CA SER A 7 10.81 11.36 13.20
C SER A 7 11.71 10.21 12.74
N PRO A 8 11.12 9.06 12.37
CA PRO A 8 11.97 7.92 12.04
C PRO A 8 12.63 8.06 10.66
N GLY A 9 13.57 7.17 10.37
CA GLY A 9 14.38 7.27 9.17
C GLY A 9 13.92 6.37 8.05
N GLU A 10 12.63 6.08 8.01
CA GLU A 10 12.06 5.12 7.05
C GLU A 10 11.81 5.77 5.68
N ILE A 11 12.84 6.43 5.17
CA ILE A 11 12.84 7.07 3.89
C ILE A 11 13.03 6.04 2.77
N THR A 12 13.05 4.80 3.20
CA THR A 12 13.14 3.63 2.33
C THR A 12 11.95 2.76 2.66
N SER A 13 11.39 2.08 1.68
CA SER A 13 10.19 1.28 1.92
C SER A 13 10.21 -0.01 1.11
N SER A 14 9.60 -1.03 1.68
CA SER A 14 9.48 -2.38 1.08
C SER A 14 8.32 -3.20 1.70
N PRO A 15 8.18 -3.25 3.06
CA PRO A 15 7.08 -4.06 3.61
C PRO A 15 5.68 -3.56 3.32
N GLN A 16 5.62 -2.37 2.78
CA GLN A 16 4.38 -1.79 2.25
C GLN A 16 3.74 -2.69 1.17
N GLY A 17 4.50 -3.64 0.65
CA GLY A 17 3.98 -4.60 -0.33
C GLY A 17 4.10 -4.11 -1.74
N LEU A 18 4.89 -3.06 -1.94
CA LEU A 18 5.08 -2.45 -3.25
C LEU A 18 5.78 -3.41 -4.24
N ASP A 19 6.65 -4.26 -3.72
CA ASP A 19 7.34 -5.25 -4.56
C ASP A 19 6.49 -6.50 -4.72
N ASN A 20 5.68 -6.78 -3.69
CA ASN A 20 4.85 -7.96 -3.67
C ASN A 20 3.34 -7.75 -3.64
N PRO A 21 2.74 -7.44 -4.80
CA PRO A 21 1.28 -7.34 -4.85
C PRO A 21 0.57 -8.63 -4.48
N ALA A 22 1.20 -9.77 -4.71
CA ALA A 22 0.57 -11.05 -4.40
C ALA A 22 0.35 -11.18 -2.90
N LEU A 23 1.35 -10.80 -2.11
CA LEU A 23 1.24 -10.88 -0.65
C LEU A 23 0.39 -9.75 -0.11
N LEU A 24 0.51 -8.57 -0.70
CA LEU A 24 -0.26 -7.42 -0.23
C LEU A 24 -1.73 -7.65 -0.46
N ARG A 25 -2.10 -8.21 -1.60
CA ARG A 25 -3.48 -8.57 -1.89
C ARG A 25 -3.99 -9.52 -0.81
N ASP A 26 -3.19 -10.51 -0.47
CA ASP A 26 -3.61 -11.52 0.50
C ASP A 26 -3.80 -10.92 1.90
N MET A 27 -2.86 -10.06 2.29
CA MET A 27 -2.93 -9.37 3.58
C MET A 27 -4.19 -8.52 3.64
N LEU A 28 -4.40 -7.75 2.59
CA LEU A 28 -5.54 -6.86 2.50
C LEU A 28 -6.85 -7.62 2.58
N LEU A 29 -6.94 -8.73 1.86
CA LEU A 29 -8.17 -9.53 1.85
C LEU A 29 -8.46 -10.09 3.24
N ALA A 30 -7.41 -10.45 3.95
CA ALA A 30 -7.53 -10.99 5.30
C ALA A 30 -7.75 -9.89 6.36
N ASN A 31 -7.51 -8.63 5.99
CA ASN A 31 -7.57 -7.53 6.95
C ASN A 31 -8.76 -6.61 6.69
N PRO A 32 -9.87 -6.80 7.43
CA PRO A 32 -11.05 -5.97 7.14
C PRO A 32 -10.87 -4.47 7.38
N HIS A 33 -9.95 -4.10 8.27
CA HIS A 33 -9.71 -2.68 8.52
C HIS A 33 -8.90 -2.05 7.40
N GLU A 34 -7.87 -2.74 6.95
CA GLU A 34 -6.96 -2.19 5.96
C GLU A 34 -7.68 -2.12 4.62
N LEU A 35 -8.45 -3.15 4.32
CA LEU A 35 -9.23 -3.16 3.10
C LEU A 35 -10.26 -2.03 3.09
N SER A 36 -10.75 -1.64 4.27
CA SER A 36 -11.75 -0.59 4.40
C SER A 36 -11.13 0.79 4.24
N LEU A 37 -9.91 0.97 4.72
CA LEU A 37 -9.23 2.25 4.56
C LEU A 37 -8.82 2.38 3.14
N LEU A 38 -8.49 1.26 2.54
CA LEU A 38 -8.09 1.25 1.17
C LEU A 38 -9.20 1.72 0.25
N LYS A 39 -10.41 1.26 0.46
CA LYS A 39 -11.54 1.76 -0.35
C LYS A 39 -11.89 3.21 -0.03
N GLU A 40 -11.60 3.66 1.18
CA GLU A 40 -11.84 5.06 1.54
C GLU A 40 -10.76 5.97 0.92
N ARG A 41 -9.50 5.62 1.12
CA ARG A 41 -8.37 6.44 0.67
C ARG A 41 -7.99 6.26 -0.79
N ASN A 42 -8.09 5.04 -1.28
CA ASN A 42 -7.66 4.68 -2.65
C ASN A 42 -8.67 3.82 -3.40
N PRO A 43 -9.83 4.37 -3.76
CA PRO A 43 -10.79 3.50 -4.47
C PRO A 43 -10.30 2.76 -5.75
N PRO A 44 -9.44 3.36 -6.61
CA PRO A 44 -9.07 2.49 -7.74
C PRO A 44 -8.17 1.28 -7.39
N LEU A 45 -7.33 1.36 -6.38
CA LEU A 45 -6.55 0.18 -5.98
C LEU A 45 -7.47 -0.76 -5.24
N ALA A 46 -8.42 -0.19 -4.51
CA ALA A 46 -9.39 -0.99 -3.79
C ALA A 46 -10.24 -1.85 -4.71
N GLU A 47 -10.82 -1.29 -5.77
CA GLU A 47 -11.69 -2.08 -6.66
C GLU A 47 -10.94 -3.25 -7.28
N ALA A 48 -9.64 -3.06 -7.49
CA ALA A 48 -8.78 -4.09 -7.97
C ALA A 48 -8.73 -5.28 -7.00
N LEU A 49 -8.64 -4.95 -5.72
CA LEU A 49 -8.63 -5.95 -4.66
C LEU A 49 -9.99 -6.65 -4.54
N LEU A 50 -11.06 -5.87 -4.60
CA LEU A 50 -12.42 -6.40 -4.39
C LEU A 50 -12.77 -7.41 -5.47
N SER A 51 -12.18 -7.22 -6.63
CA SER A 51 -12.41 -8.08 -7.77
C SER A 51 -11.74 -9.44 -7.63
N GLY A 52 -10.69 -9.50 -6.81
CA GLY A 52 -9.96 -10.74 -6.58
C GLY A 52 -8.85 -10.96 -7.58
N ASP A 53 -8.93 -10.26 -8.70
CA ASP A 53 -7.94 -10.37 -9.77
C ASP A 53 -6.57 -9.82 -9.35
N LEU A 54 -5.59 -10.70 -9.24
CA LEU A 54 -4.23 -10.24 -8.92
C LEU A 54 -3.72 -9.40 -10.07
N GLU A 55 -4.05 -9.74 -11.30
CA GLU A 55 -3.52 -9.02 -12.45
C GLU A 55 -3.93 -7.54 -12.40
N LYS A 56 -5.21 -7.26 -12.17
CA LYS A 56 -5.64 -5.87 -12.04
C LYS A 56 -5.06 -5.25 -10.78
N PHE A 57 -4.95 -6.02 -9.70
CA PHE A 57 -4.37 -5.50 -8.47
C PHE A 57 -2.92 -5.07 -8.67
N SER A 58 -2.10 -5.93 -9.25
CA SER A 58 -0.70 -5.63 -9.52
C SER A 58 -0.53 -4.50 -10.52
N ARG A 59 -1.36 -4.50 -11.56
CA ARG A 59 -1.27 -3.46 -12.59
C ARG A 59 -1.58 -2.10 -11.99
N VAL A 60 -2.64 -2.02 -11.21
CA VAL A 60 -3.01 -0.77 -10.57
C VAL A 60 -1.96 -0.42 -9.52
N LEU A 61 -1.37 -1.42 -8.87
CA LEU A 61 -0.31 -1.17 -7.89
C LEU A 61 0.83 -0.36 -8.50
N VAL A 62 1.24 -0.69 -9.72
CA VAL A 62 2.32 0.06 -10.39
C VAL A 62 1.86 1.47 -10.73
N GLU A 63 0.65 1.59 -11.26
CA GLU A 63 0.10 2.91 -11.61
C GLU A 63 0.03 3.80 -10.36
N GLN A 64 -0.37 3.20 -9.25
CA GLN A 64 -0.41 3.92 -7.98
C GLN A 64 0.98 4.27 -7.50
N GLN A 65 1.95 3.41 -7.76
CA GLN A 65 3.33 3.72 -7.38
C GLN A 65 3.85 4.92 -8.19
N GLN A 66 3.41 5.09 -9.43
CA GLN A 66 3.84 6.26 -10.19
C GLN A 66 3.32 7.55 -9.53
N ASP A 67 2.06 7.53 -9.12
CA ASP A 67 1.45 8.67 -8.42
C ASP A 67 2.09 8.88 -7.06
N ARG A 68 2.36 7.77 -6.38
CA ARG A 68 2.98 7.85 -5.06
C ARG A 68 4.33 8.48 -5.21
N ALA A 69 5.08 8.11 -6.23
CA ALA A 69 6.39 8.70 -6.43
C ALA A 69 6.34 10.22 -6.53
N ARG A 70 5.27 10.77 -7.07
CA ARG A 70 5.13 12.21 -7.18
C ARG A 70 4.83 12.84 -5.80
N ARG A 71 3.87 12.29 -5.06
CA ARG A 71 3.44 12.87 -3.77
C ARG A 71 4.22 12.46 -2.53
N GLU A 72 4.78 11.27 -2.55
CA GLU A 72 5.47 10.71 -1.39
C GLU A 72 6.73 11.49 -1.09
N GLN A 73 7.37 12.01 -2.13
CA GLN A 73 8.56 12.84 -1.96
C GLN A 73 8.27 14.06 -1.10
N GLU A 74 7.05 14.60 -1.22
CA GLU A 74 6.65 15.75 -0.43
C GLU A 74 6.46 15.36 1.04
N ARG A 75 5.98 14.14 1.28
CA ARG A 75 5.77 13.66 2.65
C ARG A 75 7.09 13.38 3.36
N ILE A 76 7.93 12.56 2.74
CA ILE A 76 9.22 12.15 3.34
C ILE A 76 10.17 13.34 3.51
N ARG A 77 9.87 14.44 2.82
CA ARG A 77 10.58 15.70 2.98
C ARG A 77 10.50 16.20 4.42
N LEU A 78 9.53 15.70 5.18
CA LEU A 78 9.38 16.07 6.59
C LEU A 78 9.28 14.85 7.53
N PHE A 79 8.40 13.90 7.21
CA PHE A 79 8.23 12.69 8.03
C PHE A 79 7.93 11.46 7.16
N SER A 80 8.22 10.29 7.68
CA SER A 80 7.84 9.04 7.05
C SER A 80 7.30 8.21 8.19
N ALA A 81 6.50 7.21 7.86
CA ALA A 81 5.87 6.36 8.86
C ALA A 81 5.57 4.96 8.29
N ASP A 82 6.44 4.48 7.42
CA ASP A 82 6.32 3.14 6.88
C ASP A 82 6.85 2.21 7.97
N PRO A 83 6.37 0.95 8.01
CA PRO A 83 6.93 0.06 9.03
C PRO A 83 8.36 -0.35 8.66
N PHE A 84 9.12 -0.77 9.65
CA PHE A 84 10.56 -1.00 9.50
C PHE A 84 10.91 -2.46 9.20
N ASP A 85 9.91 -3.21 8.79
CA ASP A 85 10.06 -4.64 8.48
C ASP A 85 10.73 -4.87 7.11
N LEU A 86 11.78 -4.11 6.87
CA LEU A 86 12.58 -4.20 5.65
C LEU A 86 13.33 -5.51 5.65
N GLU A 87 13.62 -5.99 6.86
CA GLU A 87 14.32 -7.26 7.07
C GLU A 87 13.44 -8.47 6.77
N ALA A 88 12.16 -8.28 6.97
CA ALA A 88 11.17 -9.36 6.84
C ALA A 88 10.77 -9.68 5.38
N GLN A 89 11.53 -9.20 4.40
CA GLN A 89 11.18 -9.42 3.01
C GLN A 89 11.75 -10.71 2.45
N ALA A 90 10.86 -11.53 1.90
CA ALA A 90 11.22 -12.82 1.33
C ALA A 90 10.14 -13.22 0.32
N LYS A 91 10.42 -14.22 -0.51
CA LYS A 91 9.46 -14.74 -1.47
C LYS A 91 9.49 -16.25 -1.41
N ILE A 92 8.33 -16.87 -1.48
CA ILE A 92 8.17 -18.32 -1.44
C ILE A 92 7.13 -18.60 -2.50
N GLU A 93 7.42 -19.54 -3.38
CA GLU A 93 6.54 -19.94 -4.45
C GLU A 93 6.37 -21.46 -4.34
N GLU A 94 5.42 -22.03 -5.06
CA GLU A 94 5.11 -23.46 -4.92
C GLU A 94 5.05 -24.21 -6.24
N ASP A 95 5.36 -25.50 -6.16
CA ASP A 95 5.23 -26.42 -7.29
C ASP A 95 4.70 -27.75 -6.75
N ILE A 96 3.57 -27.70 -6.07
CA ILE A 96 2.96 -28.93 -5.52
C ILE A 96 2.07 -29.58 -6.58
N ARG A 97 2.58 -29.65 -7.80
CA ARG A 97 1.84 -30.24 -8.93
C ARG A 97 1.96 -31.75 -8.96
N GLN A 98 2.42 -32.33 -7.84
CA GLN A 98 2.55 -33.79 -7.60
C GLN A 98 3.56 -34.51 -8.50
N SER A 1 10.32 27.86 4.12
CA SER A 1 11.39 28.14 5.11
C SER A 1 12.79 27.95 4.57
N GLN A 2 12.85 28.06 3.23
CA GLN A 2 14.09 27.98 2.43
C GLN A 2 14.86 26.68 2.69
N GLN A 3 14.22 25.56 2.44
CA GLN A 3 14.82 24.24 2.67
C GLN A 3 15.32 23.63 1.35
N SER A 4 16.29 22.74 1.46
CA SER A 4 16.86 22.06 0.29
C SER A 4 15.81 21.19 -0.40
N HIS A 5 15.85 21.16 -1.72
CA HIS A 5 14.86 20.43 -2.52
C HIS A 5 15.58 19.78 -3.71
N SER A 6 16.73 19.18 -3.44
CA SER A 6 17.56 18.59 -4.49
C SER A 6 18.31 17.34 -4.06
N SER A 7 17.96 16.78 -2.91
CA SER A 7 18.67 15.62 -2.37
C SER A 7 18.09 14.31 -2.94
N PRO A 8 18.94 13.35 -3.36
CA PRO A 8 18.44 12.10 -3.95
C PRO A 8 17.99 11.04 -2.93
N GLY A 9 17.10 11.45 -2.05
CA GLY A 9 16.61 10.60 -0.98
C GLY A 9 15.61 9.51 -1.37
N GLU A 10 15.86 8.83 -2.48
CA GLU A 10 14.93 7.79 -2.95
C GLU A 10 15.37 6.40 -2.57
N ILE A 11 16.25 6.38 -1.59
CA ILE A 11 16.87 5.24 -1.02
C ILE A 11 15.96 4.50 -0.01
N THR A 12 14.65 4.61 -0.21
CA THR A 12 13.69 3.98 0.69
C THR A 12 13.55 2.50 0.36
N SER A 13 13.33 1.69 1.39
CA SER A 13 13.07 0.27 1.20
C SER A 13 11.58 0.11 0.93
N SER A 14 11.18 -1.05 0.43
CA SER A 14 9.78 -1.33 0.10
C SER A 14 9.14 -2.47 0.92
N PRO A 15 9.11 -2.36 2.26
CA PRO A 15 8.50 -3.47 3.02
C PRO A 15 6.98 -3.48 2.95
N GLN A 16 6.44 -2.39 2.44
CA GLN A 16 4.99 -2.17 2.32
C GLN A 16 4.32 -3.02 1.21
N GLY A 17 4.89 -4.18 0.91
CA GLY A 17 4.32 -5.08 -0.08
C GLY A 17 4.33 -4.55 -1.51
N LEU A 18 5.14 -3.53 -1.77
CA LEU A 18 5.18 -2.91 -3.08
C LEU A 18 5.82 -3.84 -4.11
N ASP A 19 6.82 -4.57 -3.64
CA ASP A 19 7.53 -5.56 -4.46
C ASP A 19 6.68 -6.81 -4.63
N ASN A 20 5.75 -7.00 -3.69
CA ASN A 20 4.91 -8.18 -3.66
C ASN A 20 3.42 -7.86 -3.67
N PRO A 21 2.86 -7.49 -4.83
CA PRO A 21 1.40 -7.29 -4.90
C PRO A 21 0.61 -8.54 -4.54
N ALA A 22 1.15 -9.71 -4.83
CA ALA A 22 0.46 -10.95 -4.51
C ALA A 22 0.26 -11.09 -3.00
N LEU A 23 1.32 -10.86 -2.24
CA LEU A 23 1.26 -10.98 -0.79
C LEU A 23 0.43 -9.87 -0.20
N LEU A 24 0.56 -8.67 -0.75
CA LEU A 24 -0.18 -7.53 -0.25
C LEU A 24 -1.67 -7.68 -0.50
N ARG A 25 -2.03 -8.21 -1.65
CA ARG A 25 -3.44 -8.45 -1.98
C ARG A 25 -4.00 -9.40 -0.95
N ASP A 26 -3.24 -10.43 -0.67
CA ASP A 26 -3.66 -11.46 0.27
C ASP A 26 -3.81 -10.91 1.69
N MET A 27 -2.85 -10.10 2.13
CA MET A 27 -2.92 -9.45 3.45
C MET A 27 -4.12 -8.54 3.54
N LEU A 28 -4.33 -7.75 2.50
CA LEU A 28 -5.43 -6.81 2.47
C LEU A 28 -6.78 -7.50 2.49
N LEU A 29 -6.89 -8.59 1.74
CA LEU A 29 -8.14 -9.36 1.69
C LEU A 29 -8.46 -9.91 3.06
N ALA A 30 -7.43 -10.32 3.78
CA ALA A 30 -7.58 -10.89 5.11
C ALA A 30 -7.79 -9.81 6.19
N ASN A 31 -7.49 -8.55 5.87
CA ASN A 31 -7.53 -7.48 6.86
C ASN A 31 -8.74 -6.57 6.67
N PRO A 32 -9.79 -6.73 7.49
CA PRO A 32 -10.99 -5.92 7.24
C PRO A 32 -10.82 -4.41 7.45
N HIS A 33 -9.91 -3.99 8.31
CA HIS A 33 -9.68 -2.57 8.54
C HIS A 33 -8.90 -1.94 7.38
N GLU A 34 -7.88 -2.67 6.95
CA GLU A 34 -6.96 -2.16 5.92
C GLU A 34 -7.66 -2.14 4.58
N LEU A 35 -8.49 -3.14 4.32
CA LEU A 35 -9.28 -3.17 3.10
C LEU A 35 -10.27 -2.01 3.06
N SER A 36 -10.73 -1.59 4.23
CA SER A 36 -11.69 -0.51 4.37
C SER A 36 -11.05 0.84 4.13
N LEU A 37 -9.85 1.04 4.62
CA LEU A 37 -9.14 2.30 4.38
C LEU A 37 -8.80 2.39 2.94
N LEU A 38 -8.53 1.24 2.37
CA LEU A 38 -8.17 1.18 0.99
C LEU A 38 -9.31 1.63 0.10
N LYS A 39 -10.51 1.15 0.35
CA LYS A 39 -11.69 1.64 -0.43
C LYS A 39 -12.05 3.08 -0.06
N GLU A 40 -11.73 3.51 1.15
CA GLU A 40 -11.97 4.89 1.56
C GLU A 40 -11.01 5.84 0.82
N ARG A 41 -9.72 5.53 0.90
CA ARG A 41 -8.66 6.45 0.45
C ARG A 41 -8.05 6.20 -0.91
N ASN A 42 -8.12 4.96 -1.38
CA ASN A 42 -7.60 4.58 -2.70
C ASN A 42 -8.60 3.73 -3.50
N PRO A 43 -9.73 4.32 -3.94
CA PRO A 43 -10.68 3.48 -4.67
C PRO A 43 -10.16 2.69 -5.90
N PRO A 44 -9.24 3.23 -6.73
CA PRO A 44 -8.85 2.33 -7.82
C PRO A 44 -8.01 1.10 -7.39
N LEU A 45 -7.19 1.20 -6.35
CA LEU A 45 -6.46 0.02 -5.88
C LEU A 45 -7.44 -0.88 -5.13
N ALA A 46 -8.41 -0.25 -4.49
CA ALA A 46 -9.41 -1.01 -3.76
C ALA A 46 -10.26 -1.87 -4.67
N GLU A 47 -10.81 -1.32 -5.75
CA GLU A 47 -11.71 -2.09 -6.62
C GLU A 47 -11.01 -3.32 -7.18
N ALA A 48 -9.71 -3.19 -7.40
CA ALA A 48 -8.87 -4.29 -7.79
C ALA A 48 -8.87 -5.41 -6.77
N LEU A 49 -8.72 -5.03 -5.52
CA LEU A 49 -8.71 -6.00 -4.44
C LEU A 49 -10.08 -6.65 -4.30
N LEU A 50 -11.13 -5.86 -4.46
CA LEU A 50 -12.51 -6.37 -4.29
C LEU A 50 -12.81 -7.41 -5.35
N SER A 51 -12.24 -7.23 -6.52
CA SER A 51 -12.44 -8.14 -7.63
C SER A 51 -11.70 -9.45 -7.40
N GLY A 52 -10.65 -9.41 -6.59
CA GLY A 52 -9.84 -10.59 -6.31
C GLY A 52 -8.78 -10.81 -7.37
N ASP A 53 -8.91 -10.14 -8.49
CA ASP A 53 -7.97 -10.25 -9.60
C ASP A 53 -6.60 -9.72 -9.20
N LEU A 54 -5.62 -10.60 -9.15
CA LEU A 54 -4.26 -10.18 -8.85
C LEU A 54 -3.76 -9.31 -9.99
N GLU A 55 -4.12 -9.63 -11.21
CA GLU A 55 -3.61 -8.88 -12.36
C GLU A 55 -3.99 -7.42 -12.26
N LYS A 56 -5.27 -7.15 -12.06
CA LYS A 56 -5.72 -5.77 -11.94
C LYS A 56 -5.11 -5.17 -10.70
N PHE A 57 -5.01 -5.91 -9.60
CA PHE A 57 -4.37 -5.41 -8.38
C PHE A 57 -2.91 -5.03 -8.60
N SER A 58 -2.11 -5.89 -9.19
CA SER A 58 -0.70 -5.61 -9.45
C SER A 58 -0.53 -4.46 -10.44
N ARG A 59 -1.39 -4.42 -11.44
CA ARG A 59 -1.30 -3.41 -12.50
C ARG A 59 -1.62 -2.04 -11.92
N VAL A 60 -2.67 -1.98 -11.11
CA VAL A 60 -3.05 -0.71 -10.50
C VAL A 60 -2.01 -0.36 -9.42
N LEU A 61 -1.45 -1.37 -8.75
CA LEU A 61 -0.44 -1.14 -7.72
C LEU A 61 0.75 -0.38 -8.29
N VAL A 62 1.26 -0.78 -9.44
CA VAL A 62 2.43 -0.10 -10.02
C VAL A 62 2.05 1.28 -10.54
N GLU A 63 0.85 1.43 -11.07
CA GLU A 63 0.35 2.75 -11.50
C GLU A 63 0.30 3.69 -10.30
N GLN A 64 -0.22 3.19 -9.18
CA GLN A 64 -0.32 3.97 -7.96
C GLN A 64 1.07 4.31 -7.43
N GLN A 65 2.02 3.39 -7.52
CA GLN A 65 3.38 3.67 -7.09
C GLN A 65 4.00 4.77 -7.93
N GLN A 66 3.77 4.75 -9.24
CA GLN A 66 4.32 5.79 -10.11
C GLN A 66 3.73 7.16 -9.78
N ASP A 67 2.42 7.23 -9.59
CA ASP A 67 1.78 8.52 -9.31
C ASP A 67 2.14 9.03 -7.92
N ARG A 68 2.30 8.10 -6.98
CA ARG A 68 2.74 8.45 -5.65
C ARG A 68 4.15 8.98 -5.71
N ALA A 69 5.02 8.34 -6.48
CA ALA A 69 6.41 8.75 -6.58
C ALA A 69 6.51 10.21 -6.99
N ARG A 70 5.62 10.68 -7.85
CA ARG A 70 5.67 12.07 -8.30
C ARG A 70 5.61 13.07 -7.15
N ARG A 71 4.64 12.89 -6.25
CA ARG A 71 4.48 13.82 -5.12
C ARG A 71 5.45 13.49 -3.99
N GLU A 72 5.81 12.22 -3.90
CA GLU A 72 6.72 11.77 -2.84
C GLU A 72 8.12 12.27 -3.12
N GLN A 73 8.50 12.35 -4.38
CA GLN A 73 9.81 12.85 -4.77
C GLN A 73 10.03 14.26 -4.24
N GLU A 74 8.98 15.09 -4.24
CA GLU A 74 9.09 16.45 -3.73
C GLU A 74 9.42 16.42 -2.23
N ARG A 75 8.78 15.50 -1.52
CA ARG A 75 8.94 15.41 -0.06
C ARG A 75 10.31 14.88 0.36
N ILE A 76 10.77 13.84 -0.32
CA ILE A 76 12.05 13.18 -0.01
C ILE A 76 13.25 13.99 -0.47
N ARG A 77 13.04 14.93 -1.37
CA ARG A 77 14.09 15.81 -1.89
C ARG A 77 14.86 16.62 -0.80
N LEU A 78 14.38 16.62 0.43
CA LEU A 78 15.08 17.24 1.55
C LEU A 78 15.76 16.12 2.35
N PHE A 79 17.03 16.34 2.62
CA PHE A 79 17.96 15.41 3.25
C PHE A 79 18.07 14.04 2.54
N SER A 80 18.89 13.15 3.09
CA SER A 80 19.15 11.80 2.55
C SER A 80 19.81 11.82 1.16
N ALA A 81 21.11 11.53 1.14
CA ALA A 81 21.87 11.55 -0.11
C ALA A 81 22.90 10.42 -0.10
N ASP A 82 22.63 9.45 0.75
CA ASP A 82 23.63 8.45 1.12
C ASP A 82 23.32 7.04 0.57
N PRO A 83 23.93 6.66 -0.57
CA PRO A 83 23.68 5.29 -1.05
C PRO A 83 24.59 4.28 -0.36
N PHE A 84 24.21 3.01 -0.41
CA PHE A 84 25.03 1.94 0.19
C PHE A 84 25.15 0.75 -0.73
N ASP A 85 24.73 0.95 -1.96
CA ASP A 85 24.74 -0.08 -2.99
C ASP A 85 25.02 0.63 -4.30
N LEU A 86 26.27 0.59 -4.73
CA LEU A 86 26.68 1.30 -5.94
C LEU A 86 26.20 0.57 -7.19
N GLU A 87 26.24 -0.76 -7.13
CA GLU A 87 25.86 -1.59 -8.27
C GLU A 87 24.34 -1.72 -8.34
N ALA A 88 23.73 -1.71 -7.15
CA ALA A 88 22.28 -1.80 -6.96
C ALA A 88 21.59 -3.01 -7.63
N GLN A 89 22.35 -4.05 -7.94
CA GLN A 89 21.80 -5.26 -8.53
C GLN A 89 21.19 -6.15 -7.43
N ALA A 90 20.09 -6.81 -7.73
CA ALA A 90 19.42 -7.70 -6.78
C ALA A 90 18.53 -8.66 -7.56
N LYS A 91 18.16 -9.77 -6.90
CA LYS A 91 17.26 -10.80 -7.44
C LYS A 91 17.80 -11.51 -8.69
N ILE A 92 17.09 -12.55 -9.11
CA ILE A 92 17.38 -13.36 -10.29
C ILE A 92 18.69 -14.13 -10.13
N GLU A 93 18.54 -15.34 -9.64
CA GLU A 93 19.63 -16.23 -9.32
C GLU A 93 19.44 -17.54 -10.10
N GLU A 94 20.53 -18.21 -10.45
CA GLU A 94 20.44 -19.42 -11.27
C GLU A 94 20.28 -20.71 -10.47
N ASP A 95 19.27 -21.48 -10.83
CA ASP A 95 19.13 -22.87 -10.37
C ASP A 95 18.81 -23.72 -11.60
N ILE A 96 19.85 -24.29 -12.17
CA ILE A 96 19.71 -25.14 -13.36
C ILE A 96 20.04 -26.58 -12.94
N ARG A 97 19.83 -26.88 -11.66
CA ARG A 97 20.15 -28.20 -11.11
C ARG A 97 19.02 -29.21 -11.39
N GLN A 98 18.72 -29.37 -12.70
CA GLN A 98 17.72 -30.30 -13.26
C GLN A 98 16.27 -29.94 -12.91
N SER A 1 -10.26 -9.55 32.73
CA SER A 1 -8.80 -9.37 32.96
C SER A 1 -8.06 -8.92 31.72
N GLN A 2 -8.85 -8.70 30.67
CA GLN A 2 -8.34 -8.29 29.37
C GLN A 2 -8.12 -6.78 29.37
N GLN A 3 -6.87 -6.36 29.27
CA GLN A 3 -6.50 -4.95 29.26
C GLN A 3 -5.49 -4.75 28.15
N SER A 4 -5.20 -3.51 27.80
CA SER A 4 -4.26 -3.19 26.75
C SER A 4 -3.54 -1.90 27.11
N HIS A 5 -2.62 -1.47 26.26
CA HIS A 5 -1.88 -0.23 26.47
C HIS A 5 -1.88 0.48 25.13
N SER A 6 -1.80 1.80 25.15
CA SER A 6 -1.78 2.58 23.92
C SER A 6 -0.53 2.27 23.11
N SER A 7 -0.71 1.76 21.90
CA SER A 7 0.39 1.46 20.99
C SER A 7 -0.12 1.52 19.54
N PRO A 8 -0.51 2.70 19.05
CA PRO A 8 -1.06 2.71 17.70
C PRO A 8 0.02 2.54 16.63
N GLY A 9 -0.39 1.97 15.52
CA GLY A 9 0.50 1.72 14.40
C GLY A 9 0.26 0.39 13.73
N GLU A 10 -0.96 -0.10 13.88
CA GLU A 10 -1.38 -1.35 13.23
C GLU A 10 -1.83 -1.08 11.81
N ILE A 11 -1.75 0.19 11.52
CA ILE A 11 -2.05 0.79 10.26
C ILE A 11 -0.79 0.67 9.40
N THR A 12 -0.43 -0.56 9.07
CA THR A 12 0.81 -0.85 8.37
C THR A 12 0.82 -0.28 6.95
N SER A 13 1.88 0.44 6.61
CA SER A 13 2.02 1.05 5.29
C SER A 13 2.43 0.03 4.22
N SER A 14 2.76 -1.18 4.66
CA SER A 14 3.16 -2.28 3.78
C SER A 14 4.15 -1.90 2.65
N PRO A 15 5.36 -1.42 3.01
CA PRO A 15 6.25 -1.05 1.90
C PRO A 15 6.73 -2.23 1.07
N GLN A 16 6.90 -3.39 1.68
CA GLN A 16 7.28 -4.60 0.93
C GLN A 16 6.08 -5.13 0.15
N GLY A 17 4.90 -4.65 0.48
CA GLY A 17 3.71 -5.04 -0.25
C GLY A 17 3.65 -4.35 -1.60
N LEU A 18 4.43 -3.29 -1.74
CA LEU A 18 4.52 -2.57 -3.01
C LEU A 18 5.36 -3.38 -3.99
N ASP A 19 6.35 -4.08 -3.43
CA ASP A 19 7.24 -4.94 -4.21
C ASP A 19 6.55 -6.27 -4.47
N ASN A 20 5.69 -6.65 -3.54
CA ASN A 20 4.92 -7.88 -3.64
C ASN A 20 3.42 -7.63 -3.64
N PRO A 21 2.84 -7.29 -4.80
CA PRO A 21 1.39 -7.12 -4.85
C PRO A 21 0.64 -8.40 -4.48
N ALA A 22 1.23 -9.55 -4.78
CA ALA A 22 0.61 -10.83 -4.46
C ALA A 22 0.39 -10.99 -2.95
N LEU A 23 1.38 -10.58 -2.16
CA LEU A 23 1.32 -10.72 -0.71
C LEU A 23 0.44 -9.62 -0.12
N LEU A 24 0.50 -8.43 -0.69
CA LEU A 24 -0.31 -7.33 -0.19
C LEU A 24 -1.78 -7.62 -0.42
N ARG A 25 -2.09 -8.17 -1.59
CA ARG A 25 -3.45 -8.58 -1.93
C ARG A 25 -3.94 -9.57 -0.88
N ASP A 26 -3.09 -10.51 -0.50
CA ASP A 26 -3.48 -11.54 0.47
C ASP A 26 -3.74 -10.93 1.86
N MET A 27 -2.85 -10.03 2.29
CA MET A 27 -3.00 -9.35 3.58
C MET A 27 -4.29 -8.56 3.63
N LEU A 28 -4.52 -7.79 2.59
CA LEU A 28 -5.69 -6.94 2.50
C LEU A 28 -6.99 -7.73 2.53
N LEU A 29 -7.03 -8.85 1.82
CA LEU A 29 -8.22 -9.69 1.81
C LEU A 29 -8.50 -10.24 3.20
N ALA A 30 -7.44 -10.53 3.93
CA ALA A 30 -7.55 -11.05 5.29
C ALA A 30 -7.78 -9.95 6.34
N ASN A 31 -7.63 -8.68 5.95
CA ASN A 31 -7.71 -7.59 6.91
C ASN A 31 -8.89 -6.64 6.65
N PRO A 32 -10.00 -6.79 7.40
CA PRO A 32 -11.15 -5.94 7.13
C PRO A 32 -10.95 -4.44 7.40
N HIS A 33 -10.04 -4.09 8.29
CA HIS A 33 -9.80 -2.68 8.59
C HIS A 33 -8.98 -2.03 7.49
N GLU A 34 -7.95 -2.74 7.05
CA GLU A 34 -7.01 -2.22 6.08
C GLU A 34 -7.64 -2.15 4.71
N LEU A 35 -8.52 -3.11 4.42
CA LEU A 35 -9.23 -3.09 3.16
C LEU A 35 -10.24 -1.94 3.13
N SER A 36 -10.71 -1.55 4.31
CA SER A 36 -11.69 -0.47 4.44
C SER A 36 -11.03 0.89 4.25
N LEU A 37 -9.84 1.10 4.80
CA LEU A 37 -9.14 2.35 4.58
C LEU A 37 -8.75 2.45 3.16
N LEU A 38 -8.48 1.31 2.57
CA LEU A 38 -8.07 1.26 1.21
C LEU A 38 -9.17 1.71 0.27
N LYS A 39 -10.39 1.27 0.49
CA LYS A 39 -11.50 1.76 -0.34
C LYS A 39 -11.84 3.22 -0.06
N GLU A 40 -11.53 3.71 1.14
CA GLU A 40 -11.69 5.13 1.44
C GLU A 40 -10.64 5.96 0.72
N ARG A 41 -9.38 5.60 0.95
CA ARG A 41 -8.25 6.45 0.53
C ARG A 41 -7.73 6.18 -0.87
N ASN A 42 -7.93 4.96 -1.34
CA ASN A 42 -7.50 4.56 -2.68
C ASN A 42 -8.53 3.69 -3.41
N PRO A 43 -9.69 4.27 -3.78
CA PRO A 43 -10.65 3.40 -4.49
C PRO A 43 -10.17 2.65 -5.75
N PRO A 44 -9.29 3.24 -6.61
CA PRO A 44 -8.90 2.36 -7.72
C PRO A 44 -8.03 1.14 -7.34
N LEU A 45 -7.21 1.22 -6.29
CA LEU A 45 -6.47 0.03 -5.87
C LEU A 45 -7.43 -0.91 -5.15
N ALA A 46 -8.38 -0.32 -4.45
CA ALA A 46 -9.37 -1.11 -3.74
C ALA A 46 -10.25 -1.95 -4.68
N GLU A 47 -10.79 -1.35 -5.74
CA GLU A 47 -11.70 -2.09 -6.64
C GLU A 47 -10.99 -3.30 -7.26
N ALA A 48 -9.69 -3.19 -7.46
CA ALA A 48 -8.88 -4.27 -7.94
C ALA A 48 -8.89 -5.44 -6.96
N LEU A 49 -8.76 -5.13 -5.69
CA LEU A 49 -8.75 -6.14 -4.66
C LEU A 49 -10.13 -6.82 -4.60
N LEU A 50 -11.18 -6.00 -4.73
CA LEU A 50 -12.56 -6.51 -4.61
C LEU A 50 -12.87 -7.50 -5.72
N SER A 51 -12.24 -7.29 -6.87
CA SER A 51 -12.44 -8.15 -8.01
C SER A 51 -11.76 -9.50 -7.84
N GLY A 52 -10.72 -9.53 -7.01
CA GLY A 52 -9.97 -10.77 -6.76
C GLY A 52 -8.88 -10.98 -7.78
N ASP A 53 -8.92 -10.23 -8.87
CA ASP A 53 -7.94 -10.33 -9.94
C ASP A 53 -6.59 -9.78 -9.49
N LEU A 54 -5.61 -10.66 -9.35
CA LEU A 54 -4.27 -10.23 -8.99
C LEU A 54 -3.72 -9.34 -10.10
N GLU A 55 -4.02 -9.65 -11.35
CA GLU A 55 -3.47 -8.87 -12.45
C GLU A 55 -3.89 -7.42 -12.35
N LYS A 56 -5.18 -7.16 -12.19
CA LYS A 56 -5.65 -5.78 -12.07
C LYS A 56 -5.10 -5.17 -10.79
N PHE A 57 -4.99 -5.95 -9.72
CA PHE A 57 -4.38 -5.46 -8.48
C PHE A 57 -2.92 -5.05 -8.66
N SER A 58 -2.10 -5.92 -9.23
CA SER A 58 -0.69 -5.65 -9.47
C SER A 58 -0.52 -4.49 -10.44
N ARG A 59 -1.36 -4.45 -11.46
CA ARG A 59 -1.28 -3.41 -12.46
C ARG A 59 -1.61 -2.06 -11.84
N VAL A 60 -2.73 -1.97 -11.14
CA VAL A 60 -3.14 -0.68 -10.60
C VAL A 60 -2.14 -0.29 -9.51
N LEU A 61 -1.56 -1.27 -8.85
CA LEU A 61 -0.53 -1.02 -7.85
C LEU A 61 0.68 -0.31 -8.47
N VAL A 62 1.18 -0.80 -9.61
CA VAL A 62 2.34 -0.16 -10.23
C VAL A 62 1.95 1.17 -10.87
N GLU A 63 0.75 1.27 -11.39
CA GLU A 63 0.26 2.55 -11.95
C GLU A 63 0.20 3.60 -10.84
N GLN A 64 -0.28 3.20 -9.66
CA GLN A 64 -0.31 4.08 -8.49
C GLN A 64 1.11 4.43 -8.05
N GLN A 65 2.03 3.48 -8.09
CA GLN A 65 3.41 3.74 -7.70
C GLN A 65 4.07 4.71 -8.67
N GLN A 66 3.77 4.61 -9.95
CA GLN A 66 4.33 5.55 -10.93
C GLN A 66 3.81 6.96 -10.65
N ASP A 67 2.52 7.09 -10.40
CA ASP A 67 1.93 8.41 -10.09
C ASP A 67 2.54 8.97 -8.80
N ARG A 68 2.70 8.11 -7.81
CA ARG A 68 3.31 8.53 -6.56
C ARG A 68 4.72 8.98 -6.82
N ALA A 69 5.48 8.23 -7.60
CA ALA A 69 6.86 8.56 -7.88
C ALA A 69 6.98 9.94 -8.53
N ARG A 70 6.02 10.34 -9.33
CA ARG A 70 6.09 11.65 -9.99
C ARG A 70 6.25 12.78 -8.99
N ARG A 71 5.43 12.79 -7.95
CA ARG A 71 5.54 13.79 -6.89
C ARG A 71 6.58 13.45 -5.84
N GLU A 72 6.72 12.17 -5.54
CA GLU A 72 7.58 11.74 -4.43
C GLU A 72 9.07 11.70 -4.77
N GLN A 73 9.44 11.49 -6.03
CA GLN A 73 10.85 11.52 -6.42
C GLN A 73 11.44 12.87 -6.06
N GLU A 74 10.66 13.92 -6.20
CA GLU A 74 11.13 15.27 -5.84
C GLU A 74 11.40 15.39 -4.35
N ARG A 75 10.58 14.73 -3.55
CA ARG A 75 10.71 14.77 -2.09
C ARG A 75 11.93 14.00 -1.59
N ILE A 76 12.13 12.81 -2.13
CA ILE A 76 13.22 11.92 -1.69
C ILE A 76 14.58 12.38 -2.22
N ARG A 77 14.57 13.22 -3.25
CA ARG A 77 15.78 13.75 -3.92
C ARG A 77 16.80 14.41 -3.00
N LEU A 78 16.39 14.73 -1.78
CA LEU A 78 17.29 15.26 -0.75
C LEU A 78 18.40 14.24 -0.44
N PHE A 79 18.07 12.97 -0.58
CA PHE A 79 19.00 11.87 -0.32
C PHE A 79 19.21 11.02 -1.57
N SER A 80 20.25 10.20 -1.56
CA SER A 80 20.52 9.26 -2.64
C SER A 80 19.64 8.01 -2.52
N ALA A 81 18.35 8.18 -2.79
CA ALA A 81 17.37 7.10 -2.72
C ALA A 81 17.31 6.37 -4.07
N ASP A 82 18.48 6.08 -4.60
CA ASP A 82 18.63 5.49 -5.93
C ASP A 82 18.18 4.01 -5.97
N PRO A 83 17.71 3.52 -7.14
CA PRO A 83 17.25 2.13 -7.22
C PRO A 83 18.36 1.09 -7.30
N PHE A 84 17.99 -0.18 -7.20
CA PHE A 84 18.93 -1.30 -7.25
C PHE A 84 18.74 -2.09 -8.53
N ASP A 85 18.06 -1.46 -9.49
CA ASP A 85 17.76 -2.03 -10.81
C ASP A 85 17.02 -3.37 -10.75
N LEU A 86 15.72 -3.29 -10.49
CA LEU A 86 14.92 -4.50 -10.33
C LEU A 86 14.74 -5.25 -11.64
N GLU A 87 14.77 -4.54 -12.76
CA GLU A 87 14.59 -5.16 -14.07
C GLU A 87 15.85 -5.90 -14.51
N ALA A 88 16.96 -5.47 -13.95
CA ALA A 88 18.28 -6.07 -14.16
C ALA A 88 18.42 -7.50 -13.56
N GLN A 89 17.34 -8.02 -12.97
CA GLN A 89 17.35 -9.35 -12.38
C GLN A 89 17.63 -10.46 -13.41
N ALA A 90 18.28 -11.52 -12.97
CA ALA A 90 18.63 -12.63 -13.85
C ALA A 90 17.41 -13.48 -14.21
N LYS A 91 17.40 -13.99 -15.43
CA LYS A 91 16.32 -14.85 -15.94
C LYS A 91 16.87 -16.26 -16.10
N ILE A 92 15.97 -17.22 -16.20
CA ILE A 92 16.28 -18.60 -16.33
C ILE A 92 15.30 -19.06 -17.39
N GLU A 93 15.57 -20.20 -17.97
CA GLU A 93 14.74 -20.76 -19.03
C GLU A 93 13.78 -21.80 -18.49
N GLU A 94 12.78 -22.14 -19.29
CA GLU A 94 11.74 -23.08 -18.91
C GLU A 94 12.32 -24.48 -18.69
N ASP A 95 11.78 -25.19 -17.70
CA ASP A 95 12.23 -26.53 -17.30
C ASP A 95 11.88 -27.67 -18.28
N ILE A 96 12.27 -27.51 -19.54
CA ILE A 96 12.08 -28.52 -20.59
C ILE A 96 10.65 -29.06 -20.62
N ARG A 97 9.69 -28.15 -20.59
CA ARG A 97 8.25 -28.51 -20.62
C ARG A 97 7.76 -28.91 -22.03
N GLN A 98 8.44 -29.91 -22.59
CA GLN A 98 8.22 -30.50 -23.92
C GLN A 98 8.24 -29.48 -25.06
N SER A 1 -21.38 -11.97 7.28
CA SER A 1 -20.52 -13.18 7.05
C SER A 1 -19.18 -13.12 7.74
N GLN A 2 -19.08 -12.11 8.60
CA GLN A 2 -17.87 -11.84 9.39
C GLN A 2 -18.32 -11.62 10.83
N GLN A 3 -17.43 -11.82 11.78
CA GLN A 3 -17.73 -11.62 13.20
C GLN A 3 -16.61 -10.81 13.86
N SER A 4 -15.50 -11.46 14.17
CA SER A 4 -14.35 -10.79 14.78
C SER A 4 -13.55 -10.05 13.71
N HIS A 5 -12.62 -9.22 14.14
CA HIS A 5 -11.74 -8.46 13.25
C HIS A 5 -10.46 -8.11 14.02
N SER A 6 -9.36 -8.01 13.30
CA SER A 6 -8.07 -7.64 13.88
C SER A 6 -7.30 -6.89 12.80
N SER A 7 -6.37 -6.03 13.19
CA SER A 7 -5.53 -5.30 12.23
C SER A 7 -4.22 -4.85 12.89
N PRO A 8 -3.12 -4.82 12.14
CA PRO A 8 -1.86 -4.30 12.68
C PRO A 8 -1.80 -2.77 12.57
N GLY A 9 -0.65 -2.20 12.89
CA GLY A 9 -0.46 -0.76 12.74
C GLY A 9 0.35 -0.41 11.51
N GLU A 10 0.25 -1.26 10.50
CA GLU A 10 1.06 -1.09 9.27
C GLU A 10 0.42 -0.15 8.27
N ILE A 11 -0.45 0.71 8.79
CA ILE A 11 -1.09 1.79 8.09
C ILE A 11 -0.11 2.97 7.86
N THR A 12 1.15 2.61 7.69
CA THR A 12 2.25 3.57 7.56
C THR A 12 2.90 3.47 6.19
N SER A 13 3.94 4.26 5.99
CA SER A 13 4.76 4.17 4.78
C SER A 13 5.48 2.82 4.77
N SER A 14 5.96 2.43 3.59
CA SER A 14 6.71 1.18 3.40
C SER A 14 6.00 -0.10 3.91
N PRO A 15 4.86 -0.48 3.29
CA PRO A 15 4.12 -1.69 3.70
C PRO A 15 4.79 -3.00 3.31
N GLN A 16 5.89 -2.86 2.60
CA GLN A 16 6.74 -3.96 2.08
C GLN A 16 6.08 -4.73 0.92
N GLY A 17 4.78 -4.95 1.01
CA GLY A 17 4.03 -5.55 -0.09
C GLY A 17 3.92 -4.65 -1.31
N LEU A 18 4.57 -3.49 -1.25
CA LEU A 18 4.66 -2.59 -2.39
C LEU A 18 5.46 -3.24 -3.55
N ASP A 19 6.34 -4.18 -3.20
CA ASP A 19 7.11 -4.91 -4.21
C ASP A 19 6.40 -6.22 -4.55
N ASN A 20 5.61 -6.69 -3.59
CA ASN A 20 4.87 -7.94 -3.73
C ASN A 20 3.36 -7.73 -3.75
N PRO A 21 2.78 -7.41 -4.92
CA PRO A 21 1.32 -7.28 -4.97
C PRO A 21 0.60 -8.55 -4.58
N ALA A 22 1.19 -9.71 -4.86
CA ALA A 22 0.57 -10.99 -4.53
C ALA A 22 0.37 -11.13 -3.02
N LEU A 23 1.38 -10.74 -2.24
CA LEU A 23 1.33 -10.87 -0.79
C LEU A 23 0.44 -9.78 -0.20
N LEU A 24 0.53 -8.58 -0.74
CA LEU A 24 -0.25 -7.47 -0.23
C LEU A 24 -1.74 -7.69 -0.48
N ARG A 25 -2.08 -8.23 -1.64
CA ARG A 25 -3.44 -8.59 -1.98
C ARG A 25 -3.97 -9.57 -0.94
N ASP A 26 -3.17 -10.56 -0.59
CA ASP A 26 -3.59 -11.59 0.36
C ASP A 26 -3.79 -11.01 1.77
N MET A 27 -2.85 -10.17 2.20
CA MET A 27 -2.94 -9.52 3.51
C MET A 27 -4.19 -8.68 3.59
N LEU A 28 -4.38 -7.85 2.58
CA LEU A 28 -5.50 -6.94 2.52
C LEU A 28 -6.84 -7.67 2.55
N LEU A 29 -6.94 -8.76 1.81
CA LEU A 29 -8.20 -9.53 1.78
C LEU A 29 -8.49 -10.10 3.16
N ALA A 30 -7.45 -10.49 3.87
CA ALA A 30 -7.60 -11.05 5.21
C ALA A 30 -7.82 -9.95 6.26
N ASN A 31 -7.59 -8.69 5.89
CA ASN A 31 -7.64 -7.58 6.83
C ASN A 31 -8.84 -6.66 6.60
N PRO A 32 -9.93 -6.84 7.35
CA PRO A 32 -11.12 -6.04 7.06
C PRO A 32 -10.98 -4.53 7.29
N HIS A 33 -10.12 -4.11 8.21
CA HIS A 33 -9.93 -2.69 8.47
C HIS A 33 -9.10 -2.04 7.37
N GLU A 34 -8.05 -2.73 6.96
CA GLU A 34 -7.11 -2.19 5.98
C GLU A 34 -7.76 -2.15 4.62
N LEU A 35 -8.56 -3.16 4.31
CA LEU A 35 -9.27 -3.18 3.04
C LEU A 35 -10.31 -2.04 2.99
N SER A 36 -10.83 -1.67 4.15
CA SER A 36 -11.84 -0.62 4.25
C SER A 36 -11.24 0.77 4.12
N LEU A 37 -10.10 1.01 4.74
CA LEU A 37 -9.43 2.30 4.60
C LEU A 37 -8.95 2.44 3.19
N LEU A 38 -8.62 1.33 2.61
CA LEU A 38 -8.16 1.33 1.26
C LEU A 38 -9.24 1.75 0.26
N LYS A 39 -10.46 1.27 0.42
CA LYS A 39 -11.56 1.74 -0.44
C LYS A 39 -11.91 3.20 -0.16
N GLU A 40 -11.72 3.64 1.06
CA GLU A 40 -11.97 5.03 1.44
C GLU A 40 -10.90 5.96 0.85
N ARG A 41 -9.64 5.66 1.11
CA ARG A 41 -8.53 6.51 0.67
C ARG A 41 -8.11 6.33 -0.79
N ASN A 42 -8.17 5.10 -1.27
CA ASN A 42 -7.68 4.75 -2.62
C ASN A 42 -8.63 3.85 -3.42
N PRO A 43 -9.80 4.37 -3.82
CA PRO A 43 -10.70 3.48 -4.56
C PRO A 43 -10.16 2.74 -5.81
N PRO A 44 -9.27 3.34 -6.64
CA PRO A 44 -8.84 2.45 -7.75
C PRO A 44 -7.98 1.24 -7.36
N LEU A 45 -7.17 1.35 -6.31
CA LEU A 45 -6.40 0.19 -5.86
C LEU A 45 -7.34 -0.74 -5.12
N ALA A 46 -8.30 -0.16 -4.43
CA ALA A 46 -9.26 -0.95 -3.71
C ALA A 46 -10.14 -1.81 -4.62
N GLU A 47 -10.71 -1.25 -5.68
CA GLU A 47 -11.63 -2.01 -6.54
C GLU A 47 -10.91 -3.22 -7.14
N ALA A 48 -9.62 -3.08 -7.36
CA ALA A 48 -8.80 -4.18 -7.82
C ALA A 48 -8.78 -5.32 -6.81
N LEU A 49 -8.62 -4.96 -5.55
CA LEU A 49 -8.60 -5.95 -4.48
C LEU A 49 -9.98 -6.60 -4.34
N LEU A 50 -11.04 -5.80 -4.45
CA LEU A 50 -12.40 -6.30 -4.24
C LEU A 50 -12.76 -7.34 -5.29
N SER A 51 -12.16 -7.21 -6.46
CA SER A 51 -12.40 -8.13 -7.54
C SER A 51 -11.67 -9.46 -7.35
N GLY A 52 -10.61 -9.44 -6.54
CA GLY A 52 -9.82 -10.64 -6.28
C GLY A 52 -8.73 -10.86 -7.31
N ASP A 53 -8.90 -10.26 -8.47
CA ASP A 53 -7.95 -10.37 -9.57
C ASP A 53 -6.57 -9.83 -9.19
N LEU A 54 -5.57 -10.70 -9.20
CA LEU A 54 -4.21 -10.27 -8.93
C LEU A 54 -3.73 -9.37 -10.05
N GLU A 55 -4.10 -9.68 -11.28
CA GLU A 55 -3.58 -8.92 -12.42
C GLU A 55 -3.98 -7.46 -12.30
N LYS A 56 -5.26 -7.21 -12.08
CA LYS A 56 -5.72 -5.84 -11.95
C LYS A 56 -5.11 -5.22 -10.71
N PHE A 57 -4.97 -5.97 -9.61
CA PHE A 57 -4.33 -5.45 -8.41
C PHE A 57 -2.88 -5.06 -8.64
N SER A 58 -2.08 -5.95 -9.21
CA SER A 58 -0.69 -5.67 -9.53
C SER A 58 -0.56 -4.51 -10.52
N ARG A 59 -1.46 -4.47 -11.48
CA ARG A 59 -1.42 -3.43 -12.52
C ARG A 59 -1.66 -2.08 -11.88
N VAL A 60 -2.70 -1.96 -11.09
CA VAL A 60 -3.02 -0.67 -10.49
C VAL A 60 -1.96 -0.34 -9.43
N LEU A 61 -1.37 -1.36 -8.79
CA LEU A 61 -0.32 -1.13 -7.80
C LEU A 61 0.87 -0.39 -8.42
N VAL A 62 1.30 -0.81 -9.61
CA VAL A 62 2.43 -0.15 -10.27
C VAL A 62 1.97 1.17 -10.89
N GLU A 63 0.76 1.24 -11.38
CA GLU A 63 0.21 2.49 -11.93
C GLU A 63 0.15 3.57 -10.84
N GLN A 64 -0.21 3.18 -9.63
CA GLN A 64 -0.25 4.11 -8.50
C GLN A 64 1.15 4.63 -8.17
N GLN A 65 2.16 3.83 -8.41
CA GLN A 65 3.54 4.27 -8.16
C GLN A 65 4.01 5.18 -9.29
N GLN A 66 3.58 4.90 -10.51
CA GLN A 66 3.90 5.75 -11.66
C GLN A 66 3.18 7.10 -11.52
N ASP A 67 1.96 7.09 -11.00
CA ASP A 67 1.20 8.32 -10.80
C ASP A 67 1.93 9.27 -9.87
N ARG A 68 2.54 8.72 -8.84
CA ARG A 68 3.30 9.52 -7.89
C ARG A 68 4.46 10.22 -8.59
N ALA A 69 5.04 9.60 -9.59
CA ALA A 69 6.09 10.25 -10.37
C ALA A 69 5.47 11.34 -11.28
N ARG A 70 4.33 11.04 -11.89
CA ARG A 70 3.68 11.96 -12.84
C ARG A 70 3.16 13.23 -12.18
N ARG A 71 2.49 13.08 -11.06
CA ARG A 71 1.92 14.23 -10.37
C ARG A 71 3.02 15.15 -9.88
N GLU A 72 4.19 14.60 -9.64
CA GLU A 72 5.31 15.44 -9.23
C GLU A 72 5.89 16.20 -10.42
N GLN A 73 5.87 15.60 -11.61
CA GLN A 73 6.37 16.28 -12.81
C GLN A 73 5.58 17.56 -13.10
N GLU A 74 4.28 17.54 -12.89
CA GLU A 74 3.47 18.74 -13.11
C GLU A 74 3.70 19.77 -12.00
N ARG A 75 3.95 19.31 -10.79
CA ARG A 75 4.23 20.24 -9.68
C ARG A 75 5.54 20.98 -9.89
N ILE A 76 6.58 20.27 -10.33
CA ILE A 76 7.89 20.91 -10.52
C ILE A 76 7.95 21.76 -11.79
N ARG A 77 7.07 21.52 -12.75
CA ARG A 77 7.06 22.35 -13.96
C ARG A 77 6.34 23.66 -13.68
N LEU A 78 5.39 23.58 -12.75
CA LEU A 78 4.53 24.68 -12.29
C LEU A 78 3.61 25.28 -13.38
N PHE A 79 4.14 25.68 -14.52
CA PHE A 79 3.29 26.19 -15.59
C PHE A 79 2.55 25.06 -16.26
N SER A 80 1.24 25.06 -16.09
CA SER A 80 0.38 24.10 -16.75
C SER A 80 -0.84 24.89 -17.15
N ALA A 81 -1.39 24.57 -18.31
CA ALA A 81 -2.59 25.23 -18.82
C ALA A 81 -3.71 24.19 -18.89
N ASP A 82 -3.45 23.10 -18.21
CA ASP A 82 -4.29 21.91 -18.22
C ASP A 82 -4.79 21.69 -16.80
N PRO A 83 -5.98 21.09 -16.63
CA PRO A 83 -6.41 20.83 -15.25
C PRO A 83 -5.61 19.67 -14.65
N PHE A 84 -5.59 19.60 -13.32
CA PHE A 84 -4.82 18.56 -12.62
C PHE A 84 -5.72 17.46 -12.12
N ASP A 85 -6.98 17.55 -12.52
CA ASP A 85 -7.99 16.60 -12.14
C ASP A 85 -9.16 16.72 -13.12
N LEU A 86 -9.27 15.74 -14.00
CA LEU A 86 -10.33 15.71 -14.99
C LEU A 86 -11.69 15.29 -14.41
N GLU A 87 -11.68 14.39 -13.43
CA GLU A 87 -12.92 13.88 -12.84
C GLU A 87 -13.44 14.79 -11.73
N ALA A 88 -12.50 15.31 -10.95
CA ALA A 88 -12.75 16.25 -9.85
C ALA A 88 -13.85 15.79 -8.88
N GLN A 89 -13.90 14.50 -8.61
CA GLN A 89 -14.91 13.95 -7.70
C GLN A 89 -14.41 13.96 -6.24
N ALA A 90 -15.36 14.05 -5.31
CA ALA A 90 -15.06 14.08 -3.89
C ALA A 90 -14.94 12.66 -3.32
N LYS A 91 -14.46 12.57 -2.08
CA LYS A 91 -14.37 11.32 -1.35
C LYS A 91 -15.00 11.59 0.01
N ILE A 92 -15.20 10.55 0.80
CA ILE A 92 -15.76 10.65 2.14
C ILE A 92 -14.86 9.81 3.02
N GLU A 93 -14.32 10.42 4.05
CA GLU A 93 -13.40 9.74 4.98
C GLU A 93 -14.18 9.13 6.16
N GLU A 94 -13.55 8.15 6.82
CA GLU A 94 -14.16 7.48 7.97
C GLU A 94 -13.12 7.18 9.05
N ASP A 95 -13.57 7.00 10.29
CA ASP A 95 -12.71 6.48 11.36
C ASP A 95 -13.44 5.33 12.04
N ILE A 96 -13.53 4.23 11.33
CA ILE A 96 -14.21 3.02 11.82
C ILE A 96 -13.20 2.12 12.55
N ARG A 97 -12.27 2.73 13.26
CA ARG A 97 -11.23 1.98 13.97
C ARG A 97 -11.73 1.48 15.33
N GLN A 98 -12.76 0.63 15.27
CA GLN A 98 -13.43 -0.02 16.43
C GLN A 98 -14.15 0.95 17.37
N SER A 1 10.34 -4.16 6.01
CA SER A 1 9.94 -5.44 6.64
C SER A 1 10.89 -6.59 6.33
N GLN A 2 11.10 -7.46 7.33
CA GLN A 2 11.94 -8.65 7.19
C GLN A 2 11.07 -9.90 7.40
N GLN A 3 9.80 -9.77 7.06
CA GLN A 3 8.82 -10.87 7.10
C GLN A 3 8.70 -11.48 8.52
N SER A 4 9.05 -10.68 9.52
CA SER A 4 8.96 -11.09 10.90
C SER A 4 7.50 -11.13 11.34
N HIS A 5 7.21 -11.98 12.33
CA HIS A 5 5.86 -12.09 12.89
C HIS A 5 5.41 -10.76 13.50
N SER A 6 6.38 -9.92 13.85
CA SER A 6 6.12 -8.56 14.30
C SER A 6 7.06 -7.66 13.53
N SER A 7 6.50 -6.79 12.70
CA SER A 7 7.32 -5.94 11.83
C SER A 7 7.08 -4.45 12.09
N PRO A 8 7.94 -3.81 12.89
CA PRO A 8 7.80 -2.35 13.05
C PRO A 8 8.27 -1.65 11.78
N GLY A 9 8.12 -0.33 11.75
CA GLY A 9 8.48 0.46 10.57
C GLY A 9 7.26 1.11 9.98
N GLU A 10 6.28 1.36 10.84
CA GLU A 10 4.99 1.97 10.50
C GLU A 10 5.05 3.45 10.13
N ILE A 11 6.20 3.87 9.62
CA ILE A 11 6.46 5.20 9.17
C ILE A 11 5.94 5.30 7.74
N THR A 12 5.67 4.13 7.23
CA THR A 12 5.14 3.92 5.90
C THR A 12 4.24 2.69 5.95
N SER A 13 3.35 2.55 4.96
CA SER A 13 2.42 1.44 4.91
C SER A 13 2.90 0.38 3.93
N SER A 14 2.83 -0.88 4.35
CA SER A 14 3.18 -2.04 3.50
C SER A 14 4.43 -1.85 2.61
N PRO A 15 5.63 -1.69 3.21
CA PRO A 15 6.77 -1.48 2.32
C PRO A 15 7.09 -2.68 1.41
N GLN A 16 7.01 -3.89 1.93
CA GLN A 16 7.25 -5.07 1.08
C GLN A 16 6.06 -5.30 0.14
N GLY A 17 4.95 -4.65 0.43
CA GLY A 17 3.75 -4.83 -0.38
C GLY A 17 3.87 -4.16 -1.74
N LEU A 18 4.79 -3.20 -1.83
CA LEU A 18 5.04 -2.49 -3.08
C LEU A 18 5.66 -3.43 -4.11
N ASP A 19 6.59 -4.24 -3.64
CA ASP A 19 7.30 -5.21 -4.48
C ASP A 19 6.48 -6.49 -4.63
N ASN A 20 5.67 -6.76 -3.62
CA ASN A 20 4.82 -7.95 -3.62
C ASN A 20 3.33 -7.62 -3.64
N PRO A 21 2.77 -7.38 -4.83
CA PRO A 21 1.31 -7.22 -4.89
C PRO A 21 0.60 -8.49 -4.45
N ALA A 22 1.24 -9.64 -4.68
CA ALA A 22 0.64 -10.92 -4.31
C ALA A 22 0.45 -11.04 -2.80
N LEU A 23 1.46 -10.62 -2.04
CA LEU A 23 1.39 -10.74 -0.58
C LEU A 23 0.51 -9.63 -0.01
N LEU A 24 0.54 -8.46 -0.64
CA LEU A 24 -0.28 -7.35 -0.16
C LEU A 24 -1.76 -7.65 -0.41
N ARG A 25 -2.07 -8.21 -1.57
CA ARG A 25 -3.43 -8.64 -1.90
C ARG A 25 -3.92 -9.62 -0.84
N ASP A 26 -3.06 -10.56 -0.46
CA ASP A 26 -3.41 -11.57 0.54
C ASP A 26 -3.69 -10.94 1.91
N MET A 27 -2.81 -10.03 2.33
CA MET A 27 -2.96 -9.33 3.61
C MET A 27 -4.26 -8.55 3.64
N LEU A 28 -4.49 -7.78 2.60
CA LEU A 28 -5.66 -6.92 2.52
C LEU A 28 -6.95 -7.70 2.57
N LEU A 29 -7.00 -8.81 1.84
CA LEU A 29 -8.21 -9.63 1.84
C LEU A 29 -8.47 -10.22 3.22
N ALA A 30 -7.41 -10.54 3.94
CA ALA A 30 -7.51 -11.09 5.27
C ALA A 30 -7.77 -10.00 6.33
N ASN A 31 -7.63 -8.74 5.96
CA ASN A 31 -7.74 -7.65 6.92
C ASN A 31 -8.93 -6.71 6.63
N PRO A 32 -10.04 -6.90 7.37
CA PRO A 32 -11.22 -6.07 7.05
C PRO A 32 -11.04 -4.56 7.31
N HIS A 33 -10.15 -4.19 8.23
CA HIS A 33 -9.91 -2.77 8.50
C HIS A 33 -9.07 -2.13 7.40
N GLU A 34 -8.05 -2.86 6.96
CA GLU A 34 -7.09 -2.33 5.99
C GLU A 34 -7.75 -2.28 4.62
N LEU A 35 -8.55 -3.28 4.31
CA LEU A 35 -9.29 -3.27 3.05
C LEU A 35 -10.30 -2.11 3.04
N SER A 36 -10.78 -1.73 4.21
CA SER A 36 -11.73 -0.63 4.36
C SER A 36 -11.05 0.73 4.19
N LEU A 37 -9.87 0.90 4.75
CA LEU A 37 -9.15 2.17 4.58
C LEU A 37 -8.75 2.31 3.15
N LEU A 38 -8.49 1.18 2.54
CA LEU A 38 -8.09 1.18 1.16
C LEU A 38 -9.21 1.66 0.25
N LYS A 39 -10.43 1.20 0.46
CA LYS A 39 -11.56 1.73 -0.32
C LYS A 39 -11.92 3.17 0.06
N GLU A 40 -11.60 3.56 1.30
CA GLU A 40 -11.80 4.93 1.74
C GLU A 40 -10.79 5.87 1.06
N ARG A 41 -9.52 5.52 1.13
CA ARG A 41 -8.44 6.42 0.67
C ARG A 41 -7.96 6.22 -0.76
N ASN A 42 -8.06 5.00 -1.25
CA ASN A 42 -7.59 4.67 -2.61
C ASN A 42 -8.58 3.80 -3.41
N PRO A 43 -9.74 4.35 -3.81
CA PRO A 43 -10.67 3.49 -4.54
C PRO A 43 -10.17 2.74 -5.79
N PRO A 44 -9.28 3.34 -6.64
CA PRO A 44 -8.88 2.46 -7.76
C PRO A 44 -8.01 1.25 -7.38
N LEU A 45 -7.19 1.34 -6.34
CA LEU A 45 -6.42 0.17 -5.91
C LEU A 45 -7.36 -0.77 -5.17
N ALA A 46 -8.33 -0.19 -4.48
CA ALA A 46 -9.30 -0.98 -3.76
C ALA A 46 -10.17 -1.82 -4.68
N GLU A 47 -10.74 -1.23 -5.73
CA GLU A 47 -11.66 -1.95 -6.61
C GLU A 47 -10.98 -3.15 -7.26
N ALA A 48 -9.69 -3.04 -7.51
CA ALA A 48 -8.91 -4.14 -8.01
C ALA A 48 -8.91 -5.30 -7.02
N LEU A 49 -8.73 -4.99 -5.75
CA LEU A 49 -8.74 -6.00 -4.69
C LEU A 49 -10.13 -6.61 -4.55
N LEU A 50 -11.17 -5.78 -4.65
CA LEU A 50 -12.55 -6.23 -4.46
C LEU A 50 -12.95 -7.23 -5.54
N SER A 51 -12.37 -7.06 -6.71
CA SER A 51 -12.63 -7.93 -7.84
C SER A 51 -11.95 -9.29 -7.67
N GLY A 52 -10.85 -9.31 -6.91
CA GLY A 52 -10.15 -10.55 -6.61
C GLY A 52 -9.00 -10.86 -7.55
N ASP A 53 -9.05 -10.27 -8.74
CA ASP A 53 -8.01 -10.49 -9.74
C ASP A 53 -6.67 -9.90 -9.27
N LEU A 54 -5.66 -10.74 -9.17
CA LEU A 54 -4.34 -10.25 -8.83
C LEU A 54 -3.80 -9.37 -9.94
N GLU A 55 -4.03 -9.75 -11.19
CA GLU A 55 -3.38 -9.07 -12.30
C GLU A 55 -3.86 -7.64 -12.40
N LYS A 56 -5.09 -7.41 -11.99
CA LYS A 56 -5.62 -6.03 -11.99
C LYS A 56 -5.08 -5.31 -10.77
N PHE A 57 -4.93 -6.01 -9.66
CA PHE A 57 -4.39 -5.43 -8.45
C PHE A 57 -2.94 -5.00 -8.66
N SER A 58 -2.14 -5.87 -9.26
CA SER A 58 -0.74 -5.59 -9.56
C SER A 58 -0.60 -4.46 -10.58
N ARG A 59 -1.49 -4.42 -11.55
CA ARG A 59 -1.43 -3.39 -12.59
C ARG A 59 -1.67 -2.03 -11.98
N VAL A 60 -2.73 -1.89 -11.21
CA VAL A 60 -3.04 -0.60 -10.63
C VAL A 60 -1.99 -0.26 -9.56
N LEU A 61 -1.42 -1.28 -8.92
CA LEU A 61 -0.38 -1.06 -7.91
C LEU A 61 0.83 -0.35 -8.51
N VAL A 62 1.31 -0.84 -9.65
CA VAL A 62 2.50 -0.23 -10.27
C VAL A 62 2.15 1.12 -10.88
N GLU A 63 0.94 1.26 -11.43
CA GLU A 63 0.50 2.54 -11.97
C GLU A 63 0.42 3.60 -10.88
N GLN A 64 -0.09 3.24 -9.71
CA GLN A 64 -0.16 4.15 -8.58
C GLN A 64 1.24 4.60 -8.18
N GLN A 65 2.19 3.67 -8.18
CA GLN A 65 3.56 4.01 -7.82
C GLN A 65 4.20 4.92 -8.87
N GLN A 66 3.91 4.72 -10.13
CA GLN A 66 4.45 5.57 -11.19
C GLN A 66 3.86 6.98 -11.14
N ASP A 67 2.58 7.13 -10.83
CA ASP A 67 1.99 8.47 -10.73
C ASP A 67 2.59 9.20 -9.53
N ARG A 68 2.82 8.45 -8.45
CA ARG A 68 3.48 9.04 -7.29
C ARG A 68 4.86 9.49 -7.73
N ALA A 69 5.60 8.63 -8.39
CA ALA A 69 6.95 8.98 -8.83
C ALA A 69 6.94 10.26 -9.70
N ARG A 70 5.94 10.40 -10.57
CA ARG A 70 5.89 11.55 -11.46
C ARG A 70 5.65 12.85 -10.68
N ARG A 71 4.78 12.83 -9.68
CA ARG A 71 4.52 14.05 -8.88
C ARG A 71 5.57 14.30 -7.81
N GLU A 72 6.17 13.23 -7.31
CA GLU A 72 7.21 13.36 -6.27
C GLU A 72 8.42 14.06 -6.89
N GLN A 73 8.66 13.85 -8.19
CA GLN A 73 9.74 14.55 -8.90
C GLN A 73 9.59 16.08 -8.81
N GLU A 74 8.36 16.57 -8.81
CA GLU A 74 8.11 17.99 -8.69
C GLU A 74 8.33 18.43 -7.24
N ARG A 75 7.96 17.57 -6.32
CA ARG A 75 8.07 17.87 -4.89
C ARG A 75 9.49 17.89 -4.38
N ILE A 76 10.34 16.97 -4.83
CA ILE A 76 11.74 16.93 -4.37
C ILE A 76 12.51 18.18 -4.77
N ARG A 77 12.00 18.92 -5.74
CA ARG A 77 12.62 20.18 -6.14
C ARG A 77 12.44 21.29 -5.08
N LEU A 78 11.60 21.04 -4.09
CA LEU A 78 11.29 22.03 -3.05
C LEU A 78 11.35 21.44 -1.64
N PHE A 79 10.74 20.28 -1.46
CA PHE A 79 10.65 19.64 -0.15
C PHE A 79 11.67 18.51 -0.01
N SER A 80 12.14 18.29 1.21
CA SER A 80 13.03 17.17 1.49
C SER A 80 12.23 15.87 1.49
N ALA A 81 12.33 15.15 0.39
CA ALA A 81 11.63 13.88 0.21
C ALA A 81 12.57 13.00 -0.62
N ASP A 82 13.85 13.14 -0.35
CA ASP A 82 14.92 12.45 -1.06
C ASP A 82 14.91 10.95 -0.73
N PRO A 83 15.21 10.10 -1.73
CA PRO A 83 15.21 8.66 -1.45
C PRO A 83 16.48 8.19 -0.75
N PHE A 84 16.39 7.02 -0.12
CA PHE A 84 17.52 6.44 0.61
C PHE A 84 17.94 5.13 -0.05
N ASP A 85 17.53 4.97 -1.30
CA ASP A 85 17.81 3.77 -2.08
C ASP A 85 18.00 4.27 -3.49
N LEU A 86 19.24 4.18 -3.96
CA LEU A 86 19.60 4.70 -5.26
C LEU A 86 19.17 3.79 -6.40
N GLU A 87 19.20 2.49 -6.20
CA GLU A 87 18.80 1.54 -7.25
C GLU A 87 17.29 1.32 -7.24
N ALA A 88 16.73 1.24 -6.03
CA ALA A 88 15.28 1.14 -5.77
C ALA A 88 14.60 -0.13 -6.32
N GLN A 89 15.39 -1.04 -6.87
CA GLN A 89 14.93 -2.34 -7.32
C GLN A 89 13.68 -2.26 -8.22
N ALA A 90 12.80 -3.24 -8.08
CA ALA A 90 11.54 -3.37 -8.85
C ALA A 90 11.70 -3.32 -10.38
N LYS A 91 11.80 -4.49 -10.95
CA LYS A 91 11.93 -4.68 -12.39
C LYS A 91 10.58 -4.93 -13.04
N ILE A 92 10.55 -4.87 -14.37
CA ILE A 92 9.36 -5.14 -15.14
C ILE A 92 9.75 -6.21 -16.15
N GLU A 93 9.02 -7.32 -16.10
CA GLU A 93 9.21 -8.43 -17.03
C GLU A 93 8.12 -8.34 -18.09
N GLU A 94 8.30 -9.02 -19.22
CA GLU A 94 7.31 -9.00 -20.30
C GLU A 94 6.77 -10.41 -20.57
N ASP A 95 5.63 -10.47 -21.23
CA ASP A 95 4.91 -11.71 -21.56
C ASP A 95 4.72 -12.62 -20.33
N ILE A 96 4.46 -12.00 -19.20
CA ILE A 96 4.30 -12.71 -17.94
C ILE A 96 2.90 -13.24 -17.78
N ARG A 97 2.66 -14.25 -18.60
CA ARG A 97 1.42 -15.04 -18.57
C ARG A 97 0.21 -14.20 -18.98
N GLN A 98 0.50 -13.10 -19.68
CA GLN A 98 -0.54 -12.19 -20.17
C GLN A 98 -1.47 -12.83 -21.19
N SER A 1 13.23 19.20 -11.33
CA SER A 1 13.75 17.85 -10.99
C SER A 1 14.11 17.02 -12.18
N GLN A 2 13.32 17.27 -13.23
CA GLN A 2 13.43 16.56 -14.51
C GLN A 2 14.74 16.89 -15.18
N GLN A 3 15.26 18.08 -14.90
CA GLN A 3 16.52 18.54 -15.48
C GLN A 3 17.69 18.26 -14.53
N SER A 4 17.43 17.57 -13.44
CA SER A 4 18.45 17.37 -12.40
C SER A 4 18.49 15.93 -11.86
N HIS A 5 18.05 14.96 -12.64
CA HIS A 5 18.09 13.57 -12.21
C HIS A 5 18.63 12.66 -13.32
N SER A 6 19.57 11.80 -12.94
CA SER A 6 20.13 10.80 -13.85
C SER A 6 20.67 9.66 -13.00
N SER A 7 19.99 9.38 -11.90
CA SER A 7 20.50 8.43 -10.91
C SER A 7 19.42 7.57 -10.23
N PRO A 8 18.89 6.56 -10.95
CA PRO A 8 17.95 5.66 -10.28
C PRO A 8 18.69 4.72 -9.33
N GLY A 9 17.94 4.03 -8.50
CA GLY A 9 18.53 3.12 -7.53
C GLY A 9 17.51 2.36 -6.69
N GLU A 10 16.47 1.85 -7.33
CA GLU A 10 15.36 1.20 -6.63
C GLU A 10 15.61 -0.27 -6.32
N ILE A 11 16.87 -0.60 -6.28
CA ILE A 11 17.38 -1.90 -6.03
C ILE A 11 17.34 -2.27 -4.55
N THR A 12 16.66 -1.43 -3.79
CA THR A 12 16.51 -1.58 -2.35
C THR A 12 15.43 -2.60 -2.01
N SER A 13 14.61 -2.91 -3.01
CA SER A 13 13.43 -3.79 -2.89
C SER A 13 12.36 -3.16 -1.98
N SER A 14 11.18 -3.77 -1.95
CA SER A 14 10.09 -3.26 -1.11
C SER A 14 9.30 -4.38 -0.41
N PRO A 15 9.79 -4.86 0.75
CA PRO A 15 9.09 -5.91 1.52
C PRO A 15 7.78 -5.43 2.10
N GLN A 16 7.57 -4.13 1.98
CA GLN A 16 6.32 -3.46 2.36
C GLN A 16 5.14 -3.89 1.47
N GLY A 17 5.39 -4.74 0.48
CA GLY A 17 4.34 -5.30 -0.34
C GLY A 17 4.21 -4.67 -1.71
N LEU A 18 5.02 -3.67 -1.99
CA LEU A 18 4.98 -3.04 -3.32
C LEU A 18 5.70 -3.93 -4.31
N ASP A 19 6.70 -4.64 -3.81
CA ASP A 19 7.47 -5.60 -4.61
C ASP A 19 6.67 -6.89 -4.74
N ASN A 20 5.78 -7.08 -3.77
CA ASN A 20 4.95 -8.26 -3.71
C ASN A 20 3.46 -7.94 -3.67
N PRO A 21 2.88 -7.55 -4.82
CA PRO A 21 1.44 -7.31 -4.85
C PRO A 21 0.65 -8.56 -4.50
N ALA A 22 1.19 -9.73 -4.79
CA ALA A 22 0.51 -10.98 -4.47
C ALA A 22 0.31 -11.10 -2.95
N LEU A 23 1.35 -10.81 -2.19
CA LEU A 23 1.29 -10.95 -0.73
C LEU A 23 0.45 -9.83 -0.14
N LEU A 24 0.57 -8.63 -0.71
CA LEU A 24 -0.17 -7.49 -0.20
C LEU A 24 -1.66 -7.66 -0.47
N ARG A 25 -2.01 -8.19 -1.63
CA ARG A 25 -3.40 -8.48 -1.97
C ARG A 25 -3.95 -9.45 -0.95
N ASP A 26 -3.15 -10.45 -0.64
CA ASP A 26 -3.57 -11.49 0.29
C ASP A 26 -3.81 -10.94 1.70
N MET A 27 -2.89 -10.11 2.18
CA MET A 27 -3.02 -9.45 3.49
C MET A 27 -4.24 -8.57 3.52
N LEU A 28 -4.44 -7.80 2.47
CA LEU A 28 -5.57 -6.88 2.40
C LEU A 28 -6.89 -7.62 2.36
N LEU A 29 -6.95 -8.70 1.61
CA LEU A 29 -8.18 -9.51 1.52
C LEU A 29 -8.53 -10.08 2.87
N ALA A 30 -7.50 -10.47 3.61
CA ALA A 30 -7.68 -11.06 4.93
C ALA A 30 -7.96 -10.01 6.01
N ASN A 31 -7.70 -8.73 5.72
CA ASN A 31 -7.80 -7.68 6.73
C ASN A 31 -8.98 -6.74 6.49
N PRO A 32 -10.07 -6.89 7.25
CA PRO A 32 -11.23 -6.04 6.97
C PRO A 32 -11.04 -4.55 7.24
N HIS A 33 -10.15 -4.18 8.14
CA HIS A 33 -9.92 -2.75 8.42
C HIS A 33 -9.09 -2.12 7.31
N GLU A 34 -8.08 -2.85 6.88
CA GLU A 34 -7.11 -2.35 5.92
C GLU A 34 -7.74 -2.29 4.54
N LEU A 35 -8.59 -3.25 4.24
CA LEU A 35 -9.31 -3.23 2.99
C LEU A 35 -10.30 -2.07 2.98
N SER A 36 -10.79 -1.70 4.15
CA SER A 36 -11.76 -0.62 4.30
C SER A 36 -11.08 0.72 4.12
N LEU A 37 -9.89 0.90 4.68
CA LEU A 37 -9.18 2.16 4.50
C LEU A 37 -8.83 2.30 3.07
N LEU A 38 -8.55 1.19 2.44
CA LEU A 38 -8.16 1.19 1.07
C LEU A 38 -9.27 1.67 0.16
N LYS A 39 -10.49 1.21 0.37
CA LYS A 39 -11.63 1.70 -0.43
C LYS A 39 -11.96 3.16 -0.11
N GLU A 40 -11.68 3.58 1.12
CA GLU A 40 -11.92 4.96 1.50
C GLU A 40 -10.85 5.89 0.92
N ARG A 41 -9.59 5.53 1.08
CA ARG A 41 -8.47 6.41 0.67
C ARG A 41 -7.97 6.22 -0.76
N ASN A 42 -8.10 5.03 -1.31
CA ASN A 42 -7.65 4.73 -2.68
C ASN A 42 -8.64 3.87 -3.49
N PRO A 43 -9.79 4.43 -3.88
CA PRO A 43 -10.74 3.56 -4.60
C PRO A 43 -10.25 2.78 -5.85
N PRO A 44 -9.38 3.35 -6.72
CA PRO A 44 -9.02 2.45 -7.83
C PRO A 44 -8.15 1.24 -7.44
N LEU A 45 -7.26 1.38 -6.45
CA LEU A 45 -6.48 0.23 -6.01
C LEU A 45 -7.39 -0.68 -5.20
N ALA A 46 -8.36 -0.07 -4.54
CA ALA A 46 -9.28 -0.84 -3.75
C ALA A 46 -10.14 -1.77 -4.59
N GLU A 47 -10.76 -1.28 -5.66
CA GLU A 47 -11.66 -2.14 -6.45
C GLU A 47 -10.90 -3.33 -7.03
N ALA A 48 -9.64 -3.09 -7.34
CA ALA A 48 -8.72 -4.11 -7.76
C ALA A 48 -8.59 -5.21 -6.73
N LEU A 49 -8.45 -4.80 -5.48
CA LEU A 49 -8.34 -5.72 -4.38
C LEU A 49 -9.66 -6.46 -4.17
N LEU A 50 -10.76 -5.73 -4.23
CA LEU A 50 -12.07 -6.29 -3.91
C LEU A 50 -12.42 -7.40 -4.90
N SER A 51 -11.96 -7.24 -6.12
CA SER A 51 -12.24 -8.18 -7.19
C SER A 51 -11.50 -9.50 -6.99
N GLY A 52 -10.40 -9.46 -6.25
CA GLY A 52 -9.60 -10.65 -6.01
C GLY A 52 -8.58 -10.90 -7.11
N ASP A 53 -8.78 -10.25 -8.25
CA ASP A 53 -7.87 -10.38 -9.39
C ASP A 53 -6.49 -9.83 -9.05
N LEU A 54 -5.49 -10.69 -9.04
CA LEU A 54 -4.13 -10.23 -8.79
C LEU A 54 -3.67 -9.36 -9.94
N GLU A 55 -4.05 -9.70 -11.15
CA GLU A 55 -3.59 -8.96 -12.32
C GLU A 55 -3.99 -7.50 -12.23
N LYS A 56 -5.27 -7.25 -12.01
CA LYS A 56 -5.75 -5.87 -11.85
C LYS A 56 -5.14 -5.25 -10.60
N PHE A 57 -4.98 -6.02 -9.53
CA PHE A 57 -4.36 -5.48 -8.32
C PHE A 57 -2.94 -5.02 -8.58
N SER A 58 -2.11 -5.87 -9.17
CA SER A 58 -0.73 -5.53 -9.48
C SER A 58 -0.62 -4.42 -10.51
N ARG A 59 -1.49 -4.44 -11.51
CA ARG A 59 -1.50 -3.43 -12.57
C ARG A 59 -1.74 -2.07 -11.95
N VAL A 60 -2.72 -1.96 -11.09
CA VAL A 60 -3.02 -0.69 -10.45
C VAL A 60 -1.92 -0.36 -9.43
N LEU A 61 -1.39 -1.37 -8.77
CA LEU A 61 -0.32 -1.16 -7.77
C LEU A 61 0.87 -0.46 -8.40
N VAL A 62 1.29 -0.88 -9.59
CA VAL A 62 2.44 -0.26 -10.24
C VAL A 62 2.06 1.10 -10.83
N GLU A 63 0.85 1.24 -11.35
CA GLU A 63 0.38 2.53 -11.88
C GLU A 63 0.33 3.59 -10.77
N GLN A 64 -0.15 3.21 -9.60
CA GLN A 64 -0.21 4.12 -8.46
C GLN A 64 1.20 4.58 -8.09
N GLN A 65 2.16 3.67 -8.18
CA GLN A 65 3.56 4.01 -7.87
C GLN A 65 4.15 4.94 -8.94
N GLN A 66 3.80 4.73 -10.20
CA GLN A 66 4.29 5.60 -11.29
C GLN A 66 3.72 7.00 -11.13
N ASP A 67 2.43 7.11 -10.82
CA ASP A 67 1.82 8.42 -10.64
C ASP A 67 2.35 9.09 -9.38
N ARG A 68 2.61 8.29 -8.36
CA ARG A 68 3.23 8.80 -7.14
C ARG A 68 4.55 9.45 -7.48
N ALA A 69 5.37 8.75 -8.24
CA ALA A 69 6.66 9.28 -8.65
C ALA A 69 6.49 10.56 -9.49
N ARG A 70 5.50 10.60 -10.37
CA ARG A 70 5.34 11.74 -11.26
C ARG A 70 4.91 13.01 -10.49
N ARG A 71 4.02 12.86 -9.51
CA ARG A 71 3.55 14.03 -8.75
C ARG A 71 4.54 14.46 -7.69
N GLU A 72 5.23 13.50 -7.11
CA GLU A 72 6.23 13.81 -6.10
C GLU A 72 7.46 14.44 -6.74
N GLN A 73 7.77 14.08 -7.99
CA GLN A 73 8.82 14.77 -8.74
C GLN A 73 8.57 16.28 -8.82
N GLU A 74 7.31 16.69 -8.89
CA GLU A 74 6.98 18.12 -8.94
C GLU A 74 7.23 18.76 -7.56
N ARG A 75 7.00 18.01 -6.51
CA ARG A 75 7.20 18.52 -5.14
C ARG A 75 8.67 18.76 -4.78
N ILE A 76 9.53 17.88 -5.28
CA ILE A 76 10.98 17.93 -5.02
C ILE A 76 11.64 19.13 -5.68
N ARG A 77 10.94 19.72 -6.64
CA ARG A 77 11.43 20.98 -7.25
C ARG A 77 11.69 22.05 -6.18
N LEU A 78 11.09 21.87 -5.01
CA LEU A 78 11.21 22.79 -3.87
C LEU A 78 10.83 24.20 -4.36
N PHE A 79 11.64 25.20 -4.08
CA PHE A 79 11.37 26.56 -4.48
C PHE A 79 12.71 27.29 -4.51
N SER A 80 12.72 28.45 -5.17
CA SER A 80 13.88 29.36 -5.38
C SER A 80 14.52 29.05 -6.73
N ALA A 81 14.19 29.88 -7.72
CA ALA A 81 14.64 29.73 -9.12
C ALA A 81 14.10 28.44 -9.74
N ASP A 82 13.05 27.91 -9.12
CA ASP A 82 12.34 26.76 -9.59
C ASP A 82 11.50 27.16 -10.81
N PRO A 83 11.36 26.27 -11.79
CA PRO A 83 10.55 26.65 -12.95
C PRO A 83 9.05 26.55 -12.66
N PHE A 84 8.28 27.33 -13.38
CA PHE A 84 6.85 27.47 -13.11
C PHE A 84 5.96 26.91 -14.22
N ASP A 85 6.44 25.88 -14.89
CA ASP A 85 5.67 25.15 -15.91
C ASP A 85 4.71 24.17 -15.24
N LEU A 86 4.04 24.63 -14.20
CA LEU A 86 3.06 23.81 -13.47
C LEU A 86 1.85 23.57 -14.35
N GLU A 87 1.66 24.45 -15.33
CA GLU A 87 0.59 24.31 -16.31
C GLU A 87 0.85 23.15 -17.26
N ALA A 88 2.12 22.78 -17.41
CA ALA A 88 2.52 21.74 -18.35
C ALA A 88 2.32 20.32 -17.80
N GLN A 89 1.84 20.23 -16.57
CA GLN A 89 1.64 18.93 -15.93
C GLN A 89 0.57 18.11 -16.65
N ALA A 90 0.81 16.82 -16.78
CA ALA A 90 -0.14 15.93 -17.44
C ALA A 90 -1.41 15.81 -16.57
N LYS A 91 -2.56 15.81 -17.22
CA LYS A 91 -3.85 15.71 -16.54
C LYS A 91 -4.70 14.64 -17.19
N ILE A 92 -5.46 13.95 -16.37
CA ILE A 92 -6.43 12.96 -16.82
C ILE A 92 -7.59 13.16 -15.85
N GLU A 93 -8.75 13.50 -16.37
CA GLU A 93 -9.91 13.77 -15.55
C GLU A 93 -11.13 13.22 -16.30
N GLU A 94 -12.14 12.81 -15.56
CA GLU A 94 -13.32 12.17 -16.14
C GLU A 94 -14.57 12.65 -15.41
N ASP A 95 -15.69 12.73 -16.11
CA ASP A 95 -16.97 13.03 -15.50
C ASP A 95 -18.06 12.32 -16.29
N ILE A 96 -18.53 11.22 -15.72
CA ILE A 96 -19.59 10.40 -16.33
C ILE A 96 -20.86 10.50 -15.48
N ARG A 97 -20.96 11.58 -14.71
CA ARG A 97 -22.08 11.78 -13.79
C ARG A 97 -23.32 12.36 -14.50
N GLN A 98 -23.83 11.59 -15.47
CA GLN A 98 -25.04 11.91 -16.27
C GLN A 98 -24.90 13.15 -17.18
N SER A 1 -22.73 0.18 -1.29
CA SER A 1 -21.90 0.24 -0.05
C SER A 1 -22.57 0.92 1.12
N GLN A 2 -23.35 0.15 1.87
CA GLN A 2 -24.06 0.66 3.05
C GLN A 2 -23.09 0.89 4.20
N GLN A 3 -21.91 0.30 4.09
CA GLN A 3 -20.85 0.47 5.08
C GLN A 3 -19.54 0.65 4.35
N SER A 4 -18.60 1.32 4.98
CA SER A 4 -17.27 1.52 4.43
C SER A 4 -16.25 1.58 5.55
N HIS A 5 -16.51 2.48 6.51
CA HIS A 5 -15.65 2.78 7.66
C HIS A 5 -14.38 3.44 7.15
N SER A 6 -13.66 4.16 8.01
CA SER A 6 -12.49 4.93 7.56
C SER A 6 -11.43 5.03 8.63
N SER A 7 -10.18 5.11 8.20
CA SER A 7 -9.03 5.25 9.10
C SER A 7 -7.86 5.88 8.35
N PRO A 8 -7.82 7.22 8.25
CA PRO A 8 -6.70 7.88 7.56
C PRO A 8 -5.44 7.93 8.40
N GLY A 9 -4.35 8.39 7.81
CA GLY A 9 -3.11 8.57 8.54
C GLY A 9 -2.10 7.48 8.25
N GLU A 10 -2.07 7.01 7.01
CA GLU A 10 -1.15 5.94 6.57
C GLU A 10 0.31 6.40 6.43
N ILE A 11 0.74 7.27 7.32
CA ILE A 11 2.05 7.87 7.27
C ILE A 11 3.10 6.90 7.75
N THR A 12 2.57 5.83 8.30
CA THR A 12 3.33 4.68 8.76
C THR A 12 4.02 3.99 7.57
N SER A 13 3.43 4.16 6.39
CA SER A 13 3.98 3.62 5.15
C SER A 13 4.29 2.12 5.29
N SER A 14 5.36 1.67 4.65
CA SER A 14 5.82 0.27 4.72
C SER A 14 4.73 -0.81 4.76
N PRO A 15 3.94 -0.96 3.68
CA PRO A 15 2.95 -2.03 3.65
C PRO A 15 3.55 -3.41 3.51
N GLN A 16 4.86 -3.40 3.28
CA GLN A 16 5.73 -4.57 3.10
C GLN A 16 5.49 -5.27 1.76
N GLY A 17 4.24 -5.45 1.39
CA GLY A 17 3.91 -6.03 0.11
C GLY A 17 3.96 -5.03 -1.03
N LEU A 18 4.65 -3.91 -0.83
CA LEU A 18 4.85 -2.94 -1.91
C LEU A 18 5.58 -3.57 -3.11
N ASP A 19 6.47 -4.51 -2.84
CA ASP A 19 7.20 -5.25 -3.88
C ASP A 19 6.42 -6.48 -4.31
N ASN A 20 5.60 -6.97 -3.38
CA ASN A 20 4.81 -8.18 -3.60
C ASN A 20 3.32 -7.91 -3.65
N PRO A 21 2.78 -7.54 -4.83
CA PRO A 21 1.33 -7.37 -4.91
C PRO A 21 0.55 -8.62 -4.56
N ALA A 22 1.11 -9.79 -4.83
CA ALA A 22 0.44 -11.04 -4.51
C ALA A 22 0.21 -11.17 -3.00
N LEU A 23 1.25 -10.87 -2.23
CA LEU A 23 1.16 -11.00 -0.77
C LEU A 23 0.32 -9.88 -0.19
N LEU A 24 0.45 -8.69 -0.76
CA LEU A 24 -0.31 -7.54 -0.26
C LEU A 24 -1.79 -7.73 -0.51
N ARG A 25 -2.15 -8.26 -1.68
CA ARG A 25 -3.54 -8.54 -2.00
C ARG A 25 -4.08 -9.52 -0.97
N ASP A 26 -3.31 -10.54 -0.69
CA ASP A 26 -3.72 -11.58 0.25
C ASP A 26 -3.92 -11.04 1.66
N MET A 27 -2.96 -10.22 2.12
CA MET A 27 -3.05 -9.58 3.44
C MET A 27 -4.26 -8.67 3.53
N LEU A 28 -4.48 -7.89 2.48
CA LEU A 28 -5.58 -6.94 2.44
C LEU A 28 -6.93 -7.64 2.47
N LEU A 29 -7.03 -8.75 1.75
CA LEU A 29 -8.28 -9.53 1.73
C LEU A 29 -8.58 -10.06 3.13
N ALA A 30 -7.53 -10.39 3.86
CA ALA A 30 -7.68 -10.90 5.22
C ALA A 30 -7.79 -9.78 6.27
N ASN A 31 -7.56 -8.54 5.88
CA ASN A 31 -7.52 -7.43 6.85
C ASN A 31 -8.68 -6.44 6.66
N PRO A 32 -9.72 -6.53 7.51
CA PRO A 32 -10.86 -5.62 7.31
C PRO A 32 -10.57 -4.13 7.54
N HIS A 33 -9.56 -3.82 8.34
CA HIS A 33 -9.20 -2.44 8.62
C HIS A 33 -8.43 -1.82 7.44
N GLU A 34 -7.54 -2.60 6.89
CA GLU A 34 -6.64 -2.14 5.83
C GLU A 34 -7.43 -2.05 4.53
N LEU A 35 -8.33 -2.99 4.32
CA LEU A 35 -9.17 -2.97 3.14
C LEU A 35 -10.12 -1.77 3.19
N SER A 36 -10.51 -1.39 4.40
CA SER A 36 -11.42 -0.27 4.63
C SER A 36 -10.75 1.06 4.30
N LEU A 37 -9.52 1.26 4.75
CA LEU A 37 -8.82 2.49 4.42
C LEU A 37 -8.56 2.54 2.95
N LEU A 38 -8.32 1.39 2.38
CA LEU A 38 -8.01 1.30 0.99
C LEU A 38 -9.15 1.73 0.09
N LYS A 39 -10.37 1.31 0.38
CA LYS A 39 -11.52 1.78 -0.41
C LYS A 39 -11.81 3.26 -0.16
N GLU A 40 -11.45 3.77 1.00
CA GLU A 40 -11.64 5.18 1.31
C GLU A 40 -10.61 6.08 0.65
N ARG A 41 -9.33 5.74 0.84
CA ARG A 41 -8.23 6.56 0.33
C ARG A 41 -7.88 6.27 -1.12
N ASN A 42 -8.07 5.03 -1.53
CA ASN A 42 -7.69 4.59 -2.89
C ASN A 42 -8.74 3.71 -3.59
N PRO A 43 -9.90 4.28 -3.96
CA PRO A 43 -10.87 3.39 -4.62
C PRO A 43 -10.41 2.60 -5.87
N PRO A 44 -9.54 3.15 -6.76
CA PRO A 44 -9.17 2.22 -7.83
C PRO A 44 -8.29 1.02 -7.42
N LEU A 45 -7.45 1.15 -6.41
CA LEU A 45 -6.68 -0.02 -5.96
C LEU A 45 -7.60 -0.92 -5.17
N ALA A 46 -8.58 -0.32 -4.50
CA ALA A 46 -9.53 -1.12 -3.75
C ALA A 46 -10.37 -2.01 -4.65
N GLU A 47 -10.97 -1.48 -5.71
CA GLU A 47 -11.81 -2.32 -6.60
C GLU A 47 -11.00 -3.48 -7.22
N ALA A 48 -9.72 -3.24 -7.45
CA ALA A 48 -8.79 -4.25 -7.88
C ALA A 48 -8.70 -5.40 -6.89
N LEU A 49 -8.62 -5.06 -5.61
CA LEU A 49 -8.60 -6.05 -4.55
C LEU A 49 -9.92 -6.80 -4.49
N LEU A 50 -11.03 -6.07 -4.60
CA LEU A 50 -12.37 -6.66 -4.44
C LEU A 50 -12.64 -7.69 -5.53
N SER A 51 -12.07 -7.46 -6.69
CA SER A 51 -12.24 -8.34 -7.83
C SER A 51 -11.51 -9.67 -7.64
N GLY A 52 -10.48 -9.66 -6.82
CA GLY A 52 -9.68 -10.85 -6.58
C GLY A 52 -8.57 -11.01 -7.60
N ASP A 53 -8.73 -10.34 -8.73
CA ASP A 53 -7.76 -10.40 -9.83
C ASP A 53 -6.41 -9.84 -9.41
N LEU A 54 -5.40 -10.69 -9.37
CA LEU A 54 -4.07 -10.23 -9.03
C LEU A 54 -3.55 -9.32 -10.15
N GLU A 55 -3.89 -9.62 -11.38
CA GLU A 55 -3.39 -8.84 -12.51
C GLU A 55 -3.82 -7.39 -12.37
N LYS A 56 -5.11 -7.16 -12.18
CA LYS A 56 -5.59 -5.78 -11.99
C LYS A 56 -5.03 -5.21 -10.69
N PHE A 57 -4.93 -6.00 -9.63
CA PHE A 57 -4.35 -5.50 -8.39
C PHE A 57 -2.91 -5.02 -8.60
N SER A 58 -2.06 -5.85 -9.18
CA SER A 58 -0.67 -5.47 -9.46
C SER A 58 -0.55 -4.32 -10.45
N ARG A 59 -1.38 -4.33 -11.47
CA ARG A 59 -1.35 -3.27 -12.49
C ARG A 59 -1.66 -1.93 -11.84
N VAL A 60 -2.67 -1.88 -11.00
CA VAL A 60 -3.04 -0.64 -10.33
C VAL A 60 -2.00 -0.33 -9.25
N LEU A 61 -1.46 -1.34 -8.60
CA LEU A 61 -0.46 -1.13 -7.55
C LEU A 61 0.73 -0.32 -8.08
N VAL A 62 1.25 -0.70 -9.24
CA VAL A 62 2.40 0.02 -9.80
C VAL A 62 2.01 1.41 -10.30
N GLU A 63 0.81 1.55 -10.87
CA GLU A 63 0.32 2.86 -11.32
C GLU A 63 0.18 3.82 -10.14
N GLN A 64 -0.32 3.31 -9.02
CA GLN A 64 -0.48 4.12 -7.83
C GLN A 64 0.88 4.50 -7.25
N GLN A 65 1.85 3.61 -7.31
CA GLN A 65 3.20 3.94 -6.86
C GLN A 65 3.80 5.03 -7.74
N GLN A 66 3.53 4.98 -9.04
CA GLN A 66 4.03 6.01 -9.95
C GLN A 66 3.42 7.38 -9.65
N ASP A 67 2.13 7.43 -9.33
CA ASP A 67 1.52 8.73 -8.99
C ASP A 67 2.01 9.23 -7.65
N ARG A 68 2.17 8.33 -6.69
CA ARG A 68 2.71 8.74 -5.40
C ARG A 68 4.10 9.32 -5.62
N ALA A 69 4.89 8.71 -6.49
CA ALA A 69 6.21 9.23 -6.82
C ALA A 69 6.15 10.57 -7.58
N ARG A 70 5.14 10.77 -8.43
CA ARG A 70 5.06 11.98 -9.24
C ARG A 70 4.66 13.16 -8.36
N ARG A 71 3.80 12.91 -7.37
CA ARG A 71 3.41 13.97 -6.44
C ARG A 71 4.48 14.20 -5.39
N GLU A 72 5.26 13.18 -5.13
CA GLU A 72 6.37 13.29 -4.19
C GLU A 72 7.27 14.46 -4.60
N GLN A 73 7.44 14.66 -5.89
CA GLN A 73 8.31 15.73 -6.41
C GLN A 73 7.93 17.13 -5.91
N GLU A 74 6.63 17.44 -5.91
CA GLU A 74 6.17 18.74 -5.42
C GLU A 74 6.21 18.78 -3.89
N ARG A 75 6.00 17.63 -3.25
CA ARG A 75 6.01 17.57 -1.77
C ARG A 75 7.40 17.74 -1.16
N ILE A 76 8.40 17.09 -1.72
CA ILE A 76 9.77 17.19 -1.21
C ILE A 76 10.36 18.57 -1.48
N ARG A 77 9.74 19.30 -2.42
CA ARG A 77 10.22 20.61 -2.83
C ARG A 77 10.16 21.67 -1.74
N LEU A 78 9.37 21.40 -0.70
CA LEU A 78 9.18 22.29 0.44
C LEU A 78 8.64 23.66 -0.03
N PHE A 79 8.61 24.64 0.87
CA PHE A 79 8.17 26.03 0.66
C PHE A 79 6.72 26.32 0.26
N SER A 80 6.15 25.41 -0.49
CA SER A 80 4.74 25.48 -0.91
C SER A 80 4.16 24.08 -0.82
N ALA A 81 4.80 23.29 0.03
CA ALA A 81 4.42 21.90 0.24
C ALA A 81 3.34 21.81 1.34
N ASP A 82 2.31 22.61 1.21
CA ASP A 82 1.21 22.62 2.16
C ASP A 82 0.48 21.28 2.09
N PRO A 83 -0.18 20.87 3.20
CA PRO A 83 -0.87 19.58 3.14
C PRO A 83 -2.10 19.63 2.25
N PHE A 84 -2.53 18.47 1.80
CA PHE A 84 -3.66 18.35 0.86
C PHE A 84 -4.73 17.46 1.43
N ASP A 85 -4.59 17.16 2.70
CA ASP A 85 -5.48 16.28 3.41
C ASP A 85 -5.36 16.70 4.85
N LEU A 86 -6.48 17.08 5.44
CA LEU A 86 -6.49 17.52 6.82
C LEU A 86 -6.48 16.36 7.81
N GLU A 87 -7.19 15.29 7.48
CA GLU A 87 -7.33 14.14 8.38
C GLU A 87 -6.14 13.20 8.34
N ALA A 88 -5.56 13.07 7.16
CA ALA A 88 -4.39 12.20 6.95
C ALA A 88 -3.06 12.79 7.46
N GLN A 89 -3.12 13.52 8.56
CA GLN A 89 -1.93 14.13 9.16
C GLN A 89 -1.52 13.41 10.44
N ALA A 90 -0.23 13.47 10.76
CA ALA A 90 0.31 12.85 11.96
C ALA A 90 1.51 13.69 12.42
N LYS A 91 2.06 13.37 13.58
CA LYS A 91 3.24 14.06 14.09
C LYS A 91 4.44 13.71 13.23
N ILE A 92 5.41 14.60 13.18
CA ILE A 92 6.67 14.32 12.50
C ILE A 92 7.57 13.69 13.57
N GLU A 93 7.51 12.38 13.66
CA GLU A 93 8.25 11.61 14.62
C GLU A 93 8.77 10.37 13.89
N GLU A 94 9.82 9.76 14.42
CA GLU A 94 10.48 8.64 13.77
C GLU A 94 11.10 7.71 14.81
N ASP A 95 11.48 6.52 14.36
CA ASP A 95 12.16 5.53 15.22
C ASP A 95 13.10 4.68 14.36
N ILE A 96 14.13 5.29 13.80
CA ILE A 96 15.06 4.59 12.88
C ILE A 96 16.09 3.71 13.61
N ARG A 97 15.62 2.97 14.61
CA ARG A 97 16.45 2.10 15.46
C ARG A 97 17.08 0.88 14.78
N GLN A 98 17.04 0.84 13.45
CA GLN A 98 17.62 -0.21 12.62
C GLN A 98 18.32 0.39 11.40
N SER A 1 -15.56 3.61 17.20
CA SER A 1 -14.38 4.06 16.39
C SER A 1 -13.45 5.02 17.11
N GLN A 2 -13.08 4.61 18.33
CA GLN A 2 -12.20 5.39 19.19
C GLN A 2 -10.79 5.41 18.62
N GLN A 3 -10.16 6.58 18.66
CA GLN A 3 -8.81 6.74 18.12
C GLN A 3 -7.75 6.13 19.04
N SER A 4 -6.55 5.94 18.49
CA SER A 4 -5.44 5.32 19.21
C SER A 4 -4.53 6.31 19.96
N HIS A 5 -4.94 7.58 20.03
CA HIS A 5 -4.17 8.63 20.71
C HIS A 5 -2.76 8.71 20.10
N SER A 6 -2.71 8.64 18.79
CA SER A 6 -1.46 8.61 18.04
C SER A 6 -1.64 9.46 16.80
N SER A 7 -0.55 9.69 16.05
CA SER A 7 -0.62 10.44 14.78
C SER A 7 -0.34 9.53 13.58
N PRO A 8 -1.33 8.74 13.13
CA PRO A 8 -1.11 7.83 12.00
C PRO A 8 -1.12 8.54 10.63
N GLY A 9 0.03 9.08 10.26
CA GLY A 9 0.17 9.78 8.99
C GLY A 9 1.22 9.19 8.08
N GLU A 10 2.47 9.26 8.50
CA GLU A 10 3.60 8.87 7.66
C GLU A 10 3.95 7.37 7.70
N ILE A 11 2.96 6.53 7.98
CA ILE A 11 3.15 5.12 8.06
C ILE A 11 3.20 4.47 6.69
N THR A 12 3.05 5.31 5.69
CA THR A 12 2.99 4.86 4.31
C THR A 12 4.33 4.88 3.61
N SER A 13 5.13 3.88 3.93
CA SER A 13 6.44 3.69 3.33
C SER A 13 6.76 2.20 3.39
N SER A 14 7.59 1.74 2.46
CA SER A 14 8.04 0.35 2.38
C SER A 14 7.07 -0.72 2.88
N PRO A 15 5.96 -0.97 2.13
CA PRO A 15 4.95 -1.95 2.57
C PRO A 15 5.39 -3.39 2.50
N GLN A 16 6.58 -3.57 1.96
CA GLN A 16 7.24 -4.85 1.69
C GLN A 16 6.57 -5.65 0.58
N GLY A 17 5.25 -5.62 0.51
CA GLY A 17 4.53 -6.22 -0.60
C GLY A 17 4.55 -5.36 -1.85
N LEU A 18 5.48 -4.40 -1.92
CA LEU A 18 5.62 -3.54 -3.09
C LEU A 18 6.10 -4.32 -4.31
N ASP A 19 6.93 -5.33 -4.08
CA ASP A 19 7.46 -6.19 -5.15
C ASP A 19 6.56 -7.41 -5.28
N ASN A 20 5.85 -7.69 -4.19
CA ASN A 20 4.96 -8.83 -4.10
C ASN A 20 3.51 -8.39 -3.93
N PRO A 21 2.86 -7.99 -5.03
CA PRO A 21 1.44 -7.66 -4.91
C PRO A 21 0.61 -8.86 -4.53
N ALA A 22 1.12 -10.05 -4.81
CA ALA A 22 0.45 -11.29 -4.45
C ALA A 22 0.22 -11.38 -2.94
N LEU A 23 1.27 -11.04 -2.20
CA LEU A 23 1.27 -11.10 -0.75
C LEU A 23 0.44 -9.97 -0.17
N LEU A 24 0.58 -8.78 -0.73
CA LEU A 24 -0.14 -7.63 -0.24
C LEU A 24 -1.64 -7.78 -0.47
N ARG A 25 -2.00 -8.34 -1.62
CA ARG A 25 -3.40 -8.63 -1.94
C ARG A 25 -3.96 -9.56 -0.88
N ASP A 26 -3.20 -10.58 -0.52
CA ASP A 26 -3.66 -11.58 0.44
C ASP A 26 -3.85 -10.96 1.82
N MET A 27 -2.87 -10.19 2.27
CA MET A 27 -2.93 -9.50 3.57
C MET A 27 -4.11 -8.56 3.62
N LEU A 28 -4.33 -7.82 2.55
CA LEU A 28 -5.41 -6.85 2.50
C LEU A 28 -6.77 -7.51 2.57
N LEU A 29 -6.95 -8.60 1.84
CA LEU A 29 -8.23 -9.32 1.85
C LEU A 29 -8.51 -9.88 3.23
N ALA A 30 -7.46 -10.32 3.89
CA ALA A 30 -7.58 -10.89 5.23
C ALA A 30 -7.77 -9.80 6.30
N ASN A 31 -7.49 -8.54 5.96
CA ASN A 31 -7.55 -7.46 6.95
C ASN A 31 -8.73 -6.52 6.71
N PRO A 32 -9.80 -6.65 7.50
CA PRO A 32 -10.97 -5.80 7.21
C PRO A 32 -10.78 -4.30 7.42
N HIS A 33 -9.84 -3.90 8.28
CA HIS A 33 -9.61 -2.47 8.51
C HIS A 33 -8.80 -1.86 7.37
N GLU A 34 -7.80 -2.61 6.94
CA GLU A 34 -6.85 -2.15 5.94
C GLU A 34 -7.54 -2.10 4.58
N LEU A 35 -8.42 -3.05 4.33
CA LEU A 35 -9.18 -3.06 3.09
C LEU A 35 -10.20 -1.92 3.08
N SER A 36 -10.67 -1.55 4.27
CA SER A 36 -11.66 -0.47 4.39
C SER A 36 -11.02 0.90 4.18
N LEU A 37 -9.85 1.13 4.74
CA LEU A 37 -9.19 2.42 4.52
C LEU A 37 -8.81 2.52 3.10
N LEU A 38 -8.52 1.39 2.50
CA LEU A 38 -8.12 1.37 1.13
C LEU A 38 -9.24 1.74 0.19
N LYS A 39 -10.45 1.22 0.40
CA LYS A 39 -11.58 1.64 -0.44
C LYS A 39 -11.96 3.09 -0.20
N GLU A 40 -11.72 3.57 1.01
CA GLU A 40 -12.00 4.97 1.33
C GLU A 40 -10.98 5.91 0.69
N ARG A 41 -9.70 5.64 0.92
CA ARG A 41 -8.63 6.54 0.47
C ARG A 41 -8.19 6.32 -0.96
N ASN A 42 -8.30 5.10 -1.44
CA ASN A 42 -7.86 4.75 -2.80
C ASN A 42 -8.84 3.82 -3.54
N PRO A 43 -10.02 4.34 -3.93
CA PRO A 43 -10.94 3.43 -4.62
C PRO A 43 -10.41 2.68 -5.88
N PRO A 44 -9.57 3.30 -6.75
CA PRO A 44 -9.15 2.40 -7.85
C PRO A 44 -8.23 1.23 -7.45
N LEU A 45 -7.41 1.38 -6.42
CA LEU A 45 -6.60 0.24 -5.98
C LEU A 45 -7.49 -0.74 -5.25
N ALA A 46 -8.44 -0.20 -4.52
CA ALA A 46 -9.38 -1.05 -3.79
C ALA A 46 -10.24 -1.91 -4.71
N GLU A 47 -10.83 -1.35 -5.76
CA GLU A 47 -11.73 -2.14 -6.63
C GLU A 47 -10.97 -3.30 -7.25
N ALA A 48 -9.68 -3.09 -7.48
CA ALA A 48 -8.82 -4.10 -8.04
C ALA A 48 -8.66 -5.27 -7.06
N LEU A 49 -8.57 -4.94 -5.79
CA LEU A 49 -8.49 -5.93 -4.73
C LEU A 49 -9.80 -6.71 -4.62
N LEU A 50 -10.92 -5.98 -4.66
CA LEU A 50 -12.25 -6.58 -4.47
C LEU A 50 -12.59 -7.57 -5.58
N SER A 51 -12.03 -7.34 -6.75
CA SER A 51 -12.27 -8.17 -7.91
C SER A 51 -11.54 -9.50 -7.80
N GLY A 52 -10.55 -9.58 -6.93
CA GLY A 52 -9.79 -10.82 -6.76
C GLY A 52 -8.64 -10.97 -7.73
N ASP A 53 -8.80 -10.40 -8.93
CA ASP A 53 -7.77 -10.46 -9.97
C ASP A 53 -6.45 -9.85 -9.52
N LEU A 54 -5.45 -10.70 -9.35
CA LEU A 54 -4.13 -10.24 -8.97
C LEU A 54 -3.61 -9.37 -10.10
N GLU A 55 -3.99 -9.73 -11.32
CA GLU A 55 -3.59 -9.01 -12.52
C GLU A 55 -3.88 -7.52 -12.37
N LYS A 56 -5.14 -7.21 -12.09
CA LYS A 56 -5.53 -5.81 -11.97
C LYS A 56 -5.03 -5.20 -10.68
N PHE A 57 -4.95 -5.97 -9.61
CA PHE A 57 -4.39 -5.46 -8.36
C PHE A 57 -2.94 -5.00 -8.56
N SER A 58 -2.11 -5.85 -9.14
CA SER A 58 -0.72 -5.51 -9.46
C SER A 58 -0.61 -4.34 -10.42
N ARG A 59 -1.48 -4.31 -11.43
CA ARG A 59 -1.46 -3.25 -12.42
C ARG A 59 -1.76 -1.91 -11.76
N VAL A 60 -2.75 -1.86 -10.90
CA VAL A 60 -3.07 -0.60 -10.25
C VAL A 60 -2.00 -0.29 -9.20
N LEU A 61 -1.44 -1.32 -8.58
CA LEU A 61 -0.38 -1.12 -7.59
C LEU A 61 0.81 -0.38 -8.20
N VAL A 62 1.22 -0.76 -9.40
CA VAL A 62 2.34 -0.08 -10.05
C VAL A 62 1.91 1.30 -10.57
N GLU A 63 0.69 1.45 -11.05
CA GLU A 63 0.20 2.76 -11.50
C GLU A 63 0.18 3.77 -10.35
N GLN A 64 -0.24 3.32 -9.17
CA GLN A 64 -0.27 4.21 -8.00
C GLN A 64 1.17 4.56 -7.59
N GLN A 65 2.10 3.63 -7.72
CA GLN A 65 3.50 3.90 -7.42
C GLN A 65 4.09 4.85 -8.46
N GLN A 66 3.66 4.77 -9.71
CA GLN A 66 4.10 5.71 -10.74
C GLN A 66 3.61 7.11 -10.44
N ASP A 67 2.36 7.27 -10.04
CA ASP A 67 1.85 8.61 -9.75
C ASP A 67 2.56 9.19 -8.53
N ARG A 68 2.83 8.33 -7.56
CA ARG A 68 3.62 8.72 -6.40
C ARG A 68 5.00 9.16 -6.85
N ALA A 69 5.62 8.42 -7.76
CA ALA A 69 6.94 8.76 -8.25
C ALA A 69 6.98 10.12 -8.94
N ARG A 70 5.90 10.52 -9.60
CA ARG A 70 5.84 11.83 -10.26
C ARG A 70 5.93 12.94 -9.23
N ARG A 71 5.10 12.86 -8.19
CA ARG A 71 5.11 13.89 -7.16
C ARG A 71 6.32 13.78 -6.27
N GLU A 72 6.86 12.58 -6.14
CA GLU A 72 8.07 12.37 -5.32
C GLU A 72 9.27 13.10 -5.91
N GLN A 73 9.35 13.17 -7.23
CA GLN A 73 10.43 13.91 -7.90
C GLN A 73 10.41 15.38 -7.51
N GLU A 74 9.21 15.94 -7.40
CA GLU A 74 9.08 17.34 -7.01
C GLU A 74 9.32 17.53 -5.51
N ARG A 75 8.99 16.52 -4.71
CA ARG A 75 9.25 16.59 -3.27
C ARG A 75 10.75 16.63 -2.97
N ILE A 76 11.54 15.81 -3.66
CA ILE A 76 13.00 15.80 -3.43
C ILE A 76 13.67 17.01 -4.10
N ARG A 77 12.95 17.65 -5.01
CA ARG A 77 13.45 18.84 -5.71
C ARG A 77 13.65 20.01 -4.76
N LEU A 78 12.86 20.00 -3.68
CA LEU A 78 12.84 21.02 -2.61
C LEU A 78 12.39 22.43 -3.05
N PHE A 79 12.96 22.92 -4.13
CA PHE A 79 12.60 24.23 -4.67
C PHE A 79 11.54 24.02 -5.75
N SER A 80 10.31 23.92 -5.28
CA SER A 80 9.17 23.70 -6.16
C SER A 80 8.10 24.75 -5.84
N ALA A 81 7.80 25.60 -6.82
CA ALA A 81 6.81 26.66 -6.64
C ALA A 81 5.45 26.19 -7.19
N ASP A 82 5.21 24.89 -7.07
CA ASP A 82 4.00 24.26 -7.56
C ASP A 82 3.24 23.73 -6.35
N PRO A 83 1.90 23.64 -6.42
CA PRO A 83 1.18 23.19 -5.22
C PRO A 83 1.27 21.68 -5.00
N PHE A 84 1.05 21.28 -3.76
CA PHE A 84 1.03 19.86 -3.38
C PHE A 84 -0.28 19.61 -2.64
N ASP A 85 -1.29 20.37 -3.06
CA ASP A 85 -2.63 20.45 -2.42
C ASP A 85 -2.57 21.10 -1.03
N LEU A 86 -3.03 22.34 -0.98
CA LEU A 86 -3.04 23.10 0.27
C LEU A 86 -4.18 22.68 1.20
N GLU A 87 -5.22 22.12 0.63
CA GLU A 87 -6.35 21.62 1.41
C GLU A 87 -6.03 20.20 1.86
N ALA A 88 -5.71 19.36 0.89
CA ALA A 88 -5.29 17.97 1.08
C ALA A 88 -6.17 17.19 2.09
N GLN A 89 -7.48 17.42 2.03
CA GLN A 89 -8.42 16.79 2.94
C GLN A 89 -9.58 16.11 2.20
N ALA A 90 -10.44 15.44 2.96
CA ALA A 90 -11.60 14.70 2.44
C ALA A 90 -11.19 13.56 1.50
N LYS A 91 -12.20 12.93 0.90
CA LYS A 91 -12.02 11.79 0.00
C LYS A 91 -13.09 11.95 -1.06
N ILE A 92 -12.93 11.29 -2.18
CA ILE A 92 -13.94 11.25 -3.22
C ILE A 92 -14.19 9.76 -3.45
N GLU A 93 -15.36 9.31 -3.01
CA GLU A 93 -15.71 7.89 -3.03
C GLU A 93 -16.96 7.73 -3.88
N GLU A 94 -16.94 6.77 -4.80
CA GLU A 94 -18.06 6.58 -5.71
C GLU A 94 -19.22 5.80 -5.09
N ASP A 95 -20.40 6.41 -5.14
CA ASP A 95 -21.63 5.81 -4.62
C ASP A 95 -22.23 4.73 -5.55
N ILE A 96 -21.38 4.07 -6.33
CA ILE A 96 -21.80 2.99 -7.24
C ILE A 96 -21.88 1.68 -6.41
N ARG A 97 -22.66 1.76 -5.34
CA ARG A 97 -22.78 0.68 -4.35
C ARG A 97 -23.89 -0.29 -4.73
N GLN A 98 -23.90 -0.67 -6.02
CA GLN A 98 -24.88 -1.61 -6.63
C GLN A 98 -26.32 -1.10 -6.63
N SER A 1 -4.33 -15.59 3.92
CA SER A 1 -3.67 -15.82 5.27
C SER A 1 -3.37 -14.54 6.05
N GLN A 2 -4.04 -14.43 7.21
CA GLN A 2 -3.93 -13.30 8.13
C GLN A 2 -2.63 -13.33 8.97
N GLN A 3 -1.52 -13.68 8.32
CA GLN A 3 -0.23 -13.77 9.01
C GLN A 3 0.28 -12.39 9.43
N SER A 4 -0.18 -11.36 8.70
CA SER A 4 0.17 -9.94 8.94
C SER A 4 1.65 -9.60 8.66
N HIS A 5 1.89 -8.44 8.05
CA HIS A 5 3.26 -8.04 7.70
C HIS A 5 3.99 -7.47 8.92
N SER A 6 3.27 -6.70 9.73
CA SER A 6 3.79 -6.16 11.00
C SER A 6 5.16 -5.48 10.95
N SER A 7 5.47 -4.81 9.85
CA SER A 7 6.80 -4.20 9.66
C SER A 7 6.75 -2.73 9.23
N PRO A 8 6.61 -1.79 10.20
CA PRO A 8 6.66 -0.38 9.82
C PRO A 8 8.09 0.13 9.54
N GLY A 9 8.52 0.08 8.28
CA GLY A 9 9.89 0.45 7.95
C GLY A 9 10.14 0.89 6.51
N GLU A 10 9.32 1.80 6.00
CA GLU A 10 9.46 2.32 4.61
C GLU A 10 10.59 3.37 4.50
N ILE A 11 11.65 3.20 5.28
CA ILE A 11 12.72 4.15 5.36
C ILE A 11 13.64 4.00 4.17
N THR A 12 13.57 2.80 3.64
CA THR A 12 14.36 2.38 2.48
C THR A 12 13.81 1.08 1.90
N SER A 13 13.42 0.18 2.79
CA SER A 13 12.82 -1.08 2.39
C SER A 13 11.38 -0.85 1.96
N SER A 14 10.78 -1.83 1.29
CA SER A 14 9.37 -1.75 0.89
C SER A 14 8.51 -2.79 1.62
N PRO A 15 8.32 -2.65 2.95
CA PRO A 15 7.56 -3.67 3.68
C PRO A 15 6.07 -3.58 3.48
N GLN A 16 5.66 -2.48 2.86
CA GLN A 16 4.26 -2.25 2.52
C GLN A 16 3.79 -3.21 1.42
N GLY A 17 4.74 -3.90 0.80
CA GLY A 17 4.37 -4.86 -0.24
C GLY A 17 4.18 -4.19 -1.59
N LEU A 18 4.82 -3.05 -1.79
CA LEU A 18 4.74 -2.34 -3.08
C LEU A 18 5.50 -3.15 -4.13
N ASP A 19 6.47 -3.91 -3.64
CA ASP A 19 7.28 -4.80 -4.49
C ASP A 19 6.61 -6.18 -4.60
N ASN A 20 5.61 -6.41 -3.75
CA ASN A 20 4.94 -7.70 -3.67
C ASN A 20 3.40 -7.57 -3.69
N PRO A 21 2.81 -7.30 -4.87
CA PRO A 21 1.35 -7.26 -4.95
C PRO A 21 0.68 -8.56 -4.53
N ALA A 22 1.33 -9.68 -4.82
CA ALA A 22 0.77 -10.98 -4.49
C ALA A 22 0.58 -11.15 -2.98
N LEU A 23 1.55 -10.68 -2.20
CA LEU A 23 1.49 -10.80 -0.75
C LEU A 23 0.54 -9.77 -0.15
N LEU A 24 0.60 -8.55 -0.69
CA LEU A 24 -0.24 -7.48 -0.16
C LEU A 24 -1.71 -7.77 -0.40
N ARG A 25 -2.05 -8.30 -1.58
CA ARG A 25 -3.43 -8.67 -1.88
C ARG A 25 -3.90 -9.66 -0.83
N ASP A 26 -3.06 -10.63 -0.51
CA ASP A 26 -3.43 -11.68 0.43
C ASP A 26 -3.71 -11.11 1.83
N MET A 27 -2.86 -10.20 2.26
CA MET A 27 -3.02 -9.53 3.57
C MET A 27 -4.29 -8.71 3.60
N LEU A 28 -4.48 -7.89 2.57
CA LEU A 28 -5.63 -7.00 2.50
C LEU A 28 -6.95 -7.75 2.46
N LEU A 29 -7.00 -8.84 1.73
CA LEU A 29 -8.21 -9.67 1.66
C LEU A 29 -8.52 -10.25 3.02
N ALA A 30 -7.47 -10.53 3.78
CA ALA A 30 -7.61 -11.08 5.12
C ALA A 30 -7.79 -9.98 6.18
N ASN A 31 -7.72 -8.71 5.81
CA ASN A 31 -7.79 -7.62 6.78
C ASN A 31 -8.92 -6.63 6.49
N PRO A 32 -10.06 -6.76 7.20
CA PRO A 32 -11.17 -5.87 6.89
C PRO A 32 -10.95 -4.39 7.22
N HIS A 33 -10.06 -4.07 8.14
CA HIS A 33 -9.78 -2.67 8.48
C HIS A 33 -8.91 -2.03 7.40
N GLU A 34 -7.95 -2.80 6.92
CA GLU A 34 -6.95 -2.31 5.97
C GLU A 34 -7.60 -2.19 4.60
N LEU A 35 -8.53 -3.08 4.32
CA LEU A 35 -9.28 -3.00 3.08
C LEU A 35 -10.27 -1.81 3.16
N SER A 36 -10.71 -1.46 4.36
CA SER A 36 -11.65 -0.36 4.54
C SER A 36 -10.99 0.98 4.31
N LEU A 37 -9.78 1.18 4.82
CA LEU A 37 -9.08 2.44 4.57
C LEU A 37 -8.73 2.55 3.12
N LEU A 38 -8.53 1.40 2.51
CA LEU A 38 -8.17 1.36 1.13
C LEU A 38 -9.30 1.78 0.22
N LYS A 39 -10.51 1.28 0.45
CA LYS A 39 -11.69 1.74 -0.32
C LYS A 39 -12.01 3.20 -0.02
N GLU A 40 -11.64 3.67 1.16
CA GLU A 40 -11.82 5.09 1.50
C GLU A 40 -10.82 5.97 0.76
N ARG A 41 -9.53 5.66 0.92
CA ARG A 41 -8.47 6.56 0.46
C ARG A 41 -7.93 6.30 -0.93
N ASN A 42 -8.06 5.09 -1.42
CA ASN A 42 -7.60 4.71 -2.76
C ASN A 42 -8.64 3.86 -3.51
N PRO A 43 -9.75 4.47 -3.95
CA PRO A 43 -10.73 3.62 -4.64
C PRO A 43 -10.24 2.79 -5.86
N PRO A 44 -9.36 3.32 -6.74
CA PRO A 44 -8.98 2.38 -7.81
C PRO A 44 -8.14 1.17 -7.36
N LEU A 45 -7.28 1.30 -6.36
CA LEU A 45 -6.52 0.14 -5.90
C LEU A 45 -7.46 -0.78 -5.13
N ALA A 46 -8.43 -0.18 -4.45
CA ALA A 46 -9.38 -0.97 -3.68
C ALA A 46 -10.23 -1.86 -4.59
N GLU A 47 -10.83 -1.31 -5.63
CA GLU A 47 -11.69 -2.11 -6.52
C GLU A 47 -10.93 -3.28 -7.16
N ALA A 48 -9.65 -3.09 -7.41
CA ALA A 48 -8.78 -4.12 -7.90
C ALA A 48 -8.73 -5.31 -6.95
N LEU A 49 -8.68 -5.01 -5.66
CA LEU A 49 -8.68 -6.03 -4.62
C LEU A 49 -10.05 -6.69 -4.51
N LEU A 50 -11.11 -5.89 -4.57
CA LEU A 50 -12.48 -6.39 -4.39
C LEU A 50 -12.81 -7.37 -5.51
N SER A 51 -12.25 -7.10 -6.68
CA SER A 51 -12.46 -7.90 -7.86
C SER A 51 -11.74 -9.25 -7.76
N GLY A 52 -10.72 -9.32 -6.92
CA GLY A 52 -9.98 -10.56 -6.70
C GLY A 52 -8.86 -10.80 -7.70
N ASP A 53 -8.91 -10.11 -8.83
CA ASP A 53 -7.93 -10.29 -9.89
C ASP A 53 -6.56 -9.76 -9.49
N LEU A 54 -5.59 -10.64 -9.34
CA LEU A 54 -4.24 -10.21 -9.00
C LEU A 54 -3.65 -9.41 -10.15
N GLU A 55 -4.03 -9.75 -11.37
CA GLU A 55 -3.55 -9.02 -12.55
C GLU A 55 -3.92 -7.55 -12.42
N LYS A 56 -5.20 -7.26 -12.18
CA LYS A 56 -5.61 -5.85 -12.02
C LYS A 56 -5.05 -5.27 -10.74
N PHE A 57 -4.94 -6.04 -9.67
CA PHE A 57 -4.36 -5.53 -8.43
C PHE A 57 -2.92 -5.09 -8.63
N SER A 58 -2.10 -5.94 -9.21
CA SER A 58 -0.70 -5.61 -9.50
C SER A 58 -0.59 -4.46 -10.48
N ARG A 59 -1.46 -4.44 -11.48
CA ARG A 59 -1.46 -3.38 -12.49
C ARG A 59 -1.71 -2.03 -11.84
N VAL A 60 -2.73 -1.93 -11.00
CA VAL A 60 -3.03 -0.67 -10.36
C VAL A 60 -1.95 -0.34 -9.34
N LEU A 61 -1.40 -1.35 -8.69
CA LEU A 61 -0.35 -1.15 -7.70
C LEU A 61 0.85 -0.43 -8.29
N VAL A 62 1.30 -0.85 -9.47
CA VAL A 62 2.45 -0.20 -10.10
C VAL A 62 2.05 1.16 -10.71
N GLU A 63 0.83 1.26 -11.21
CA GLU A 63 0.34 2.53 -11.76
C GLU A 63 0.30 3.61 -10.69
N GLN A 64 -0.17 3.26 -9.50
CA GLN A 64 -0.21 4.21 -8.37
C GLN A 64 1.19 4.67 -8.00
N GLN A 65 2.18 3.79 -8.10
CA GLN A 65 3.56 4.17 -7.80
C GLN A 65 4.10 5.11 -8.87
N GLN A 66 3.76 4.87 -10.13
CA GLN A 66 4.19 5.75 -11.22
C GLN A 66 3.52 7.11 -11.10
N ASP A 67 2.26 7.12 -10.71
CA ASP A 67 1.51 8.38 -10.54
C ASP A 67 2.10 9.18 -9.41
N ARG A 68 2.41 8.50 -8.31
CA ARG A 68 3.04 9.14 -7.17
C ARG A 68 4.32 9.80 -7.61
N ALA A 69 5.12 9.09 -8.38
CA ALA A 69 6.38 9.62 -8.87
C ALA A 69 6.16 10.83 -9.77
N ARG A 70 5.18 10.78 -10.68
CA ARG A 70 4.97 11.89 -11.61
C ARG A 70 4.48 13.13 -10.88
N ARG A 71 3.56 12.97 -9.95
CA ARG A 71 2.99 14.14 -9.28
C ARG A 71 3.94 14.74 -8.28
N GLU A 72 4.70 13.93 -7.55
CA GLU A 72 5.67 14.46 -6.60
C GLU A 72 6.71 15.34 -7.30
N GLN A 73 7.13 14.96 -8.50
CA GLN A 73 8.09 15.77 -9.26
C GLN A 73 7.50 17.13 -9.61
N GLU A 74 6.22 17.17 -9.90
CA GLU A 74 5.56 18.44 -10.20
C GLU A 74 5.35 19.27 -8.93
N ARG A 75 5.10 18.61 -7.81
CA ARG A 75 4.91 19.33 -6.53
C ARG A 75 6.21 20.02 -6.11
N ILE A 76 7.35 19.37 -6.26
CA ILE A 76 8.64 20.01 -5.92
C ILE A 76 9.05 21.03 -6.99
N ARG A 77 8.47 20.92 -8.18
CA ARG A 77 8.73 21.87 -9.26
C ARG A 77 8.02 23.20 -9.02
N LEU A 78 7.06 23.18 -8.10
CA LEU A 78 6.17 24.30 -7.74
C LEU A 78 5.21 24.73 -8.86
N PHE A 79 5.71 24.85 -10.08
CA PHE A 79 4.87 25.21 -11.21
C PHE A 79 4.50 23.97 -12.01
N SER A 80 3.21 23.79 -12.20
CA SER A 80 2.71 22.75 -13.08
C SER A 80 1.44 23.30 -13.70
N ALA A 81 1.12 22.79 -14.87
CA ALA A 81 -0.11 23.15 -15.58
C ALA A 81 -0.95 21.90 -15.86
N ASP A 82 -0.66 20.84 -15.13
CA ASP A 82 -1.35 19.55 -15.27
C ASP A 82 -2.08 19.27 -13.95
N PRO A 83 -3.21 18.54 -13.99
CA PRO A 83 -3.89 18.29 -12.71
C PRO A 83 -3.19 17.26 -11.83
N PHE A 84 -3.52 17.28 -10.55
CA PHE A 84 -2.92 16.40 -9.55
C PHE A 84 -3.98 15.39 -9.14
N ASP A 85 -4.79 15.04 -10.14
CA ASP A 85 -5.81 14.00 -10.07
C ASP A 85 -7.01 14.19 -9.15
N LEU A 86 -8.16 14.33 -9.79
CA LEU A 86 -9.45 14.44 -9.11
C LEU A 86 -9.95 13.10 -8.57
N GLU A 87 -9.45 12.01 -9.13
CA GLU A 87 -9.86 10.66 -8.69
C GLU A 87 -9.11 10.25 -7.43
N ALA A 88 -7.97 10.90 -7.19
CA ALA A 88 -7.14 10.64 -6.01
C ALA A 88 -7.70 11.28 -4.71
N GLN A 89 -9.00 11.44 -4.62
CA GLN A 89 -9.62 12.06 -3.45
C GLN A 89 -10.19 11.00 -2.51
N ALA A 90 -9.90 11.16 -1.22
CA ALA A 90 -10.38 10.23 -0.20
C ALA A 90 -11.83 10.55 0.20
N LYS A 91 -12.53 9.53 0.64
CA LYS A 91 -13.90 9.67 1.16
C LYS A 91 -13.85 9.20 2.62
N ILE A 92 -14.96 9.35 3.34
CA ILE A 92 -15.04 8.88 4.72
C ILE A 92 -16.25 7.94 4.81
N GLU A 93 -15.99 6.65 4.93
CA GLU A 93 -17.00 5.62 4.94
C GLU A 93 -16.66 4.50 5.93
N GLU A 94 -17.54 4.24 6.89
CA GLU A 94 -17.40 3.04 7.71
C GLU A 94 -18.45 2.02 7.31
N ASP A 95 -17.98 0.88 6.83
CA ASP A 95 -18.87 -0.22 6.44
C ASP A 95 -18.16 -1.55 6.66
N ILE A 96 -17.93 -1.86 7.93
CA ILE A 96 -17.30 -3.12 8.33
C ILE A 96 -18.27 -3.86 9.23
N ARG A 97 -19.51 -3.40 9.18
CA ARG A 97 -20.59 -3.92 10.03
C ARG A 97 -21.26 -5.17 9.44
N GLN A 98 -20.40 -6.10 9.00
CA GLN A 98 -20.77 -7.37 8.35
C GLN A 98 -21.77 -7.17 7.20
N SER A 1 9.20 9.48 17.19
CA SER A 1 10.10 10.55 17.75
C SER A 1 11.50 10.54 17.17
N GLN A 2 11.77 9.45 16.47
CA GLN A 2 13.06 9.21 15.81
C GLN A 2 12.80 8.89 14.35
N GLN A 3 13.79 9.11 13.50
CA GLN A 3 13.70 8.78 12.08
C GLN A 3 15.07 8.28 11.65
N SER A 4 15.11 7.48 10.60
CA SER A 4 16.35 6.91 10.08
C SER A 4 16.04 6.51 8.66
N HIS A 5 17.04 6.03 7.93
CA HIS A 5 16.91 5.57 6.52
C HIS A 5 16.65 6.69 5.49
N SER A 6 15.95 7.75 5.87
CA SER A 6 15.64 8.85 4.94
C SER A 6 16.80 9.80 4.67
N SER A 7 17.81 9.31 3.98
CA SER A 7 18.94 10.15 3.54
C SER A 7 19.61 9.65 2.24
N PRO A 8 20.15 8.39 2.20
CA PRO A 8 20.80 8.01 0.94
C PRO A 8 19.84 7.38 -0.08
N GLY A 9 18.55 7.62 0.09
CA GLY A 9 17.52 6.94 -0.68
C GLY A 9 17.10 5.68 -0.02
N GLU A 10 18.09 4.91 0.41
CA GLU A 10 17.89 3.58 0.97
C GLU A 10 17.05 2.82 -0.03
N ILE A 11 17.71 2.41 -1.11
CA ILE A 11 17.16 1.74 -2.24
C ILE A 11 16.69 0.32 -1.89
N THR A 12 15.75 0.29 -0.99
CA THR A 12 15.19 -0.97 -0.48
C THR A 12 14.34 -1.68 -1.53
N SER A 13 14.13 -2.97 -1.32
CA SER A 13 13.29 -3.81 -2.19
C SER A 13 11.80 -3.56 -2.00
N SER A 14 11.48 -2.46 -1.35
CA SER A 14 10.10 -2.07 -1.04
C SER A 14 9.26 -3.17 -0.37
N PRO A 15 9.62 -3.54 0.89
CA PRO A 15 8.90 -4.56 1.68
C PRO A 15 7.52 -4.12 2.13
N GLN A 16 7.22 -2.89 1.78
CA GLN A 16 5.89 -2.28 1.91
C GLN A 16 4.81 -3.02 1.09
N GLY A 17 5.19 -4.10 0.40
CA GLY A 17 4.25 -4.87 -0.38
C GLY A 17 4.13 -4.37 -1.80
N LEU A 18 5.01 -3.46 -2.18
CA LEU A 18 4.96 -2.89 -3.52
C LEU A 18 5.59 -3.84 -4.51
N ASP A 19 6.66 -4.49 -4.08
CA ASP A 19 7.36 -5.48 -4.90
C ASP A 19 6.57 -6.79 -4.86
N ASN A 20 5.75 -6.94 -3.82
CA ASN A 20 4.90 -8.10 -3.65
C ASN A 20 3.43 -7.76 -3.61
N PRO A 21 2.84 -7.42 -4.78
CA PRO A 21 1.40 -7.18 -4.81
C PRO A 21 0.59 -8.41 -4.45
N ALA A 22 1.14 -9.59 -4.72
CA ALA A 22 0.45 -10.84 -4.39
C ALA A 22 0.25 -10.96 -2.87
N LEU A 23 1.30 -10.65 -2.11
CA LEU A 23 1.24 -10.74 -0.65
C LEU A 23 0.38 -9.63 -0.09
N LEU A 24 0.53 -8.42 -0.63
CA LEU A 24 -0.23 -7.28 -0.15
C LEU A 24 -1.72 -7.50 -0.40
N ARG A 25 -2.06 -8.02 -1.57
CA ARG A 25 -3.44 -8.37 -1.90
C ARG A 25 -3.96 -9.38 -0.89
N ASP A 26 -3.16 -10.39 -0.58
CA ASP A 26 -3.59 -11.43 0.34
C ASP A 26 -3.82 -10.88 1.75
N MET A 27 -2.91 -10.04 2.21
CA MET A 27 -3.03 -9.41 3.53
C MET A 27 -4.27 -8.53 3.57
N LEU A 28 -4.49 -7.76 2.52
CA LEU A 28 -5.62 -6.84 2.44
C LEU A 28 -6.93 -7.59 2.42
N LEU A 29 -6.98 -8.70 1.69
CA LEU A 29 -8.19 -9.52 1.61
C LEU A 29 -8.53 -10.06 2.99
N ALA A 30 -7.49 -10.42 3.74
CA ALA A 30 -7.66 -10.97 5.08
C ALA A 30 -7.90 -9.88 6.14
N ASN A 31 -7.67 -8.62 5.81
CA ASN A 31 -7.76 -7.55 6.80
C ASN A 31 -8.93 -6.60 6.56
N PRO A 32 -10.03 -6.77 7.32
CA PRO A 32 -11.20 -5.92 7.06
C PRO A 32 -10.98 -4.42 7.34
N HIS A 33 -10.07 -4.08 8.24
CA HIS A 33 -9.79 -2.68 8.53
C HIS A 33 -8.97 -2.03 7.42
N GLU A 34 -7.96 -2.75 6.95
CA GLU A 34 -7.02 -2.21 5.97
C GLU A 34 -7.71 -2.13 4.61
N LEU A 35 -8.52 -3.12 4.30
CA LEU A 35 -9.28 -3.10 3.06
C LEU A 35 -10.26 -1.93 3.05
N SER A 36 -10.73 -1.55 4.23
CA SER A 36 -11.68 -0.44 4.40
C SER A 36 -11.01 0.91 4.22
N LEU A 37 -9.79 1.06 4.72
CA LEU A 37 -9.06 2.31 4.51
C LEU A 37 -8.70 2.40 3.07
N LEU A 38 -8.43 1.26 2.49
CA LEU A 38 -8.03 1.20 1.12
C LEU A 38 -9.12 1.68 0.18
N LYS A 39 -10.36 1.30 0.41
CA LYS A 39 -11.47 1.82 -0.41
C LYS A 39 -11.73 3.30 -0.16
N GLU A 40 -11.39 3.79 1.01
CA GLU A 40 -11.55 5.22 1.31
C GLU A 40 -10.41 6.03 0.68
N ARG A 41 -9.17 5.64 0.94
CA ARG A 41 -8.00 6.38 0.46
C ARG A 41 -7.60 6.12 -0.98
N ASN A 42 -7.79 4.89 -1.42
CA ASN A 42 -7.39 4.47 -2.77
C ASN A 42 -8.43 3.61 -3.48
N PRO A 43 -9.60 4.19 -3.82
CA PRO A 43 -10.60 3.33 -4.47
C PRO A 43 -10.16 2.53 -5.73
N PRO A 44 -9.27 3.07 -6.61
CA PRO A 44 -8.93 2.14 -7.70
C PRO A 44 -8.11 0.91 -7.30
N LEU A 45 -7.27 0.97 -6.26
CA LEU A 45 -6.56 -0.23 -5.83
C LEU A 45 -7.54 -1.10 -5.08
N ALA A 46 -8.47 -0.46 -4.39
CA ALA A 46 -9.48 -1.19 -3.67
C ALA A 46 -10.36 -2.03 -4.59
N GLU A 47 -10.88 -1.47 -5.67
CA GLU A 47 -11.78 -2.24 -6.57
C GLU A 47 -11.03 -3.43 -7.17
N ALA A 48 -9.75 -3.26 -7.39
CA ALA A 48 -8.88 -4.31 -7.85
C ALA A 48 -8.85 -5.47 -6.86
N LEU A 49 -8.75 -5.13 -5.59
CA LEU A 49 -8.74 -6.12 -4.53
C LEU A 49 -10.08 -6.84 -4.46
N LEU A 50 -11.18 -6.08 -4.59
CA LEU A 50 -12.52 -6.64 -4.45
C LEU A 50 -12.80 -7.68 -5.53
N SER A 51 -12.20 -7.46 -6.68
CA SER A 51 -12.37 -8.33 -7.82
C SER A 51 -11.61 -9.65 -7.64
N GLY A 52 -10.58 -9.62 -6.80
CA GLY A 52 -9.77 -10.80 -6.55
C GLY A 52 -8.69 -11.01 -7.61
N ASP A 53 -8.80 -10.25 -8.69
CA ASP A 53 -7.85 -10.35 -9.79
C ASP A 53 -6.49 -9.79 -9.41
N LEU A 54 -5.49 -10.66 -9.32
CA LEU A 54 -4.14 -10.20 -9.03
C LEU A 54 -3.64 -9.32 -10.16
N GLU A 55 -3.98 -9.62 -11.40
CA GLU A 55 -3.53 -8.79 -12.53
C GLU A 55 -3.95 -7.36 -12.34
N LYS A 56 -5.24 -7.14 -12.14
CA LYS A 56 -5.72 -5.76 -11.97
C LYS A 56 -5.15 -5.16 -10.69
N PHE A 57 -5.03 -5.95 -9.62
CA PHE A 57 -4.41 -5.44 -8.39
C PHE A 57 -2.97 -4.99 -8.62
N SER A 58 -2.14 -5.85 -9.19
CA SER A 58 -0.74 -5.53 -9.44
C SER A 58 -0.58 -4.39 -10.44
N ARG A 59 -1.36 -4.41 -11.51
CA ARG A 59 -1.26 -3.37 -12.53
C ARG A 59 -1.57 -2.00 -11.98
N VAL A 60 -2.64 -1.91 -11.20
CA VAL A 60 -3.04 -0.66 -10.58
C VAL A 60 -2.00 -0.27 -9.52
N LEU A 61 -1.43 -1.27 -8.86
CA LEU A 61 -0.38 -1.02 -7.89
C LEU A 61 0.81 -0.32 -8.56
N VAL A 62 1.17 -0.74 -9.78
CA VAL A 62 2.27 -0.09 -10.52
C VAL A 62 1.91 1.35 -10.84
N GLU A 63 0.68 1.57 -11.30
CA GLU A 63 0.21 2.92 -11.64
C GLU A 63 0.35 3.84 -10.42
N GLN A 64 -0.06 3.35 -9.26
CA GLN A 64 0.09 4.10 -8.02
C GLN A 64 1.53 4.21 -7.57
N GLN A 65 2.34 3.19 -7.82
CA GLN A 65 3.76 3.25 -7.45
C GLN A 65 4.47 4.37 -8.21
N GLN A 66 4.10 4.57 -9.46
CA GLN A 66 4.70 5.64 -10.27
C GLN A 66 4.39 6.99 -9.62
N ASP A 67 3.18 7.13 -9.10
CA ASP A 67 2.76 8.39 -8.48
C ASP A 67 3.33 8.53 -7.07
N ARG A 68 3.46 7.40 -6.37
CA ARG A 68 4.04 7.37 -5.03
C ARG A 68 5.50 7.79 -5.07
N ALA A 69 6.22 7.37 -6.10
CA ALA A 69 7.62 7.74 -6.26
C ALA A 69 7.79 9.26 -6.28
N ARG A 70 6.79 9.96 -6.77
CA ARG A 70 6.82 11.43 -6.83
C ARG A 70 6.60 12.04 -5.44
N ARG A 71 5.83 11.36 -4.59
CA ARG A 71 5.62 11.82 -3.21
C ARG A 71 6.86 11.54 -2.39
N GLU A 72 7.49 10.43 -2.74
CA GLU A 72 8.66 9.93 -2.01
C GLU A 72 9.83 10.88 -2.11
N GLN A 73 9.90 11.62 -3.19
CA GLN A 73 10.92 12.66 -3.35
C GLN A 73 10.86 13.62 -2.17
N GLU A 74 9.67 13.95 -1.70
CA GLU A 74 9.54 14.84 -0.55
C GLU A 74 9.85 14.12 0.76
N ARG A 75 9.60 12.83 0.83
CA ARG A 75 9.88 12.05 2.05
C ARG A 75 11.36 12.01 2.36
N ILE A 76 12.21 11.80 1.36
CA ILE A 76 13.65 11.70 1.61
C ILE A 76 14.22 13.07 2.02
N ARG A 77 13.50 14.14 1.70
CA ARG A 77 13.87 15.50 2.13
C ARG A 77 13.40 15.78 3.55
N LEU A 78 12.45 15.01 4.03
CA LEU A 78 11.84 15.20 5.34
C LEU A 78 12.11 13.99 6.25
N PHE A 79 11.22 13.01 6.20
CA PHE A 79 11.37 11.80 6.98
C PHE A 79 10.73 10.59 6.31
N SER A 80 11.22 9.44 6.72
CA SER A 80 10.68 8.14 6.36
C SER A 80 11.24 7.29 7.49
N ALA A 81 10.63 6.15 7.76
CA ALA A 81 11.12 5.25 8.80
C ALA A 81 10.79 3.81 8.44
N ASP A 82 10.49 3.63 7.17
CA ASP A 82 10.04 2.34 6.63
C ASP A 82 11.12 1.26 6.73
N PRO A 83 10.72 -0.02 6.87
CA PRO A 83 11.71 -1.09 7.01
C PRO A 83 12.38 -1.49 5.70
N PHE A 84 13.39 -2.34 5.81
CA PHE A 84 14.15 -2.86 4.66
C PHE A 84 14.03 -4.38 4.63
N ASP A 85 13.09 -4.88 5.42
CA ASP A 85 12.86 -6.30 5.73
C ASP A 85 13.97 -6.80 6.66
N LEU A 86 13.55 -7.27 7.82
CA LEU A 86 14.46 -7.68 8.87
C LEU A 86 15.17 -8.97 8.51
N GLU A 87 14.41 -9.98 8.08
CA GLU A 87 15.00 -11.23 7.64
C GLU A 87 15.42 -11.16 6.17
N ALA A 88 14.52 -10.65 5.34
CA ALA A 88 14.71 -10.56 3.88
C ALA A 88 15.13 -11.92 3.29
N GLN A 89 14.36 -12.95 3.62
CA GLN A 89 14.63 -14.34 3.22
C GLN A 89 13.50 -14.97 2.40
N ALA A 90 13.77 -16.20 1.95
CA ALA A 90 12.80 -17.07 1.27
C ALA A 90 12.29 -16.54 -0.08
N LYS A 91 11.31 -17.24 -0.63
CA LYS A 91 10.75 -16.92 -1.94
C LYS A 91 9.34 -17.50 -1.95
N ILE A 92 8.50 -17.01 -2.83
CA ILE A 92 7.14 -17.49 -3.03
C ILE A 92 7.23 -18.52 -4.14
N GLU A 93 7.13 -19.77 -3.76
CA GLU A 93 7.15 -20.89 -4.70
C GLU A 93 5.84 -21.64 -4.56
N GLU A 94 5.32 -22.17 -5.66
CA GLU A 94 4.07 -22.93 -5.62
C GLU A 94 4.12 -24.15 -6.55
N ASP A 95 3.33 -25.16 -6.23
CA ASP A 95 3.27 -26.37 -7.03
C ASP A 95 1.81 -26.76 -7.29
N ILE A 96 1.19 -26.10 -8.25
CA ILE A 96 -0.23 -26.33 -8.56
C ILE A 96 -0.39 -27.59 -9.45
N ARG A 97 0.30 -28.67 -9.07
CA ARG A 97 0.26 -29.93 -9.82
C ARG A 97 -0.83 -30.84 -9.22
N GLN A 98 -2.04 -30.25 -9.14
CA GLN A 98 -3.26 -30.83 -8.53
C GLN A 98 -3.19 -30.83 -7.00
N SER A 1 -12.85 14.40 29.80
CA SER A 1 -12.28 15.58 29.06
C SER A 1 -11.08 15.28 28.18
N GLN A 2 -11.26 14.24 27.35
CA GLN A 2 -10.23 13.79 26.41
C GLN A 2 -10.07 14.85 25.31
N GLN A 3 -8.87 15.41 25.21
CA GLN A 3 -8.62 16.54 24.32
C GLN A 3 -7.21 16.48 23.71
N SER A 4 -6.57 15.32 23.80
CA SER A 4 -5.20 15.16 23.31
C SER A 4 -4.96 13.75 22.83
N HIS A 5 -3.89 13.57 22.06
CA HIS A 5 -3.49 12.28 21.51
C HIS A 5 -1.98 12.14 21.72
N SER A 6 -1.41 11.03 21.29
CA SER A 6 0.02 10.77 21.49
C SER A 6 0.95 11.58 20.55
N SER A 7 1.47 10.96 19.50
CA SER A 7 2.45 11.60 18.62
C SER A 7 2.34 11.03 17.19
N PRO A 8 2.83 11.78 16.17
CA PRO A 8 2.80 11.22 14.82
C PRO A 8 3.87 10.15 14.61
N GLY A 9 3.81 9.48 13.46
CA GLY A 9 4.77 8.43 13.15
C GLY A 9 4.91 8.04 11.70
N GLU A 10 3.79 7.91 10.99
CA GLU A 10 3.77 7.42 9.59
C GLU A 10 4.51 6.09 9.43
N ILE A 11 4.43 5.25 10.45
CA ILE A 11 5.03 3.97 10.50
C ILE A 11 4.34 2.94 9.59
N THR A 12 3.42 3.46 8.82
CA THR A 12 2.67 2.70 7.82
C THR A 12 3.40 2.72 6.48
N SER A 13 4.45 3.53 6.42
CA SER A 13 5.29 3.63 5.23
C SER A 13 6.10 2.34 5.04
N SER A 14 6.58 2.12 3.82
CA SER A 14 7.36 0.93 3.46
C SER A 14 6.75 -0.42 3.91
N PRO A 15 5.53 -0.76 3.43
CA PRO A 15 4.92 -2.04 3.83
C PRO A 15 5.53 -3.28 3.23
N GLN A 16 6.40 -3.04 2.27
CA GLN A 16 7.11 -4.07 1.48
C GLN A 16 6.20 -4.87 0.55
N GLY A 17 4.90 -4.84 0.82
CA GLY A 17 3.91 -5.37 -0.09
C GLY A 17 3.88 -4.57 -1.38
N LEU A 18 4.56 -3.42 -1.39
CA LEU A 18 4.74 -2.65 -2.63
C LEU A 18 5.48 -3.48 -3.68
N ASP A 19 6.44 -4.27 -3.21
CA ASP A 19 7.27 -5.11 -4.09
C ASP A 19 6.54 -6.41 -4.37
N ASN A 20 5.68 -6.80 -3.43
CA ASN A 20 4.90 -8.03 -3.54
C ASN A 20 3.40 -7.78 -3.59
N PRO A 21 2.86 -7.42 -4.76
CA PRO A 21 1.40 -7.27 -4.85
C PRO A 21 0.66 -8.55 -4.52
N ALA A 22 1.26 -9.70 -4.83
CA ALA A 22 0.61 -10.98 -4.56
C ALA A 22 0.35 -11.16 -3.07
N LEU A 23 1.35 -10.86 -2.25
CA LEU A 23 1.22 -11.01 -0.81
C LEU A 23 0.36 -9.90 -0.22
N LEU A 24 0.45 -8.71 -0.78
CA LEU A 24 -0.31 -7.57 -0.27
C LEU A 24 -1.79 -7.75 -0.54
N ARG A 25 -2.12 -8.31 -1.69
CA ARG A 25 -3.50 -8.57 -2.10
C ARG A 25 -4.08 -9.51 -1.08
N ASP A 26 -3.30 -10.52 -0.78
CA ASP A 26 -3.67 -11.55 0.17
C ASP A 26 -3.90 -11.00 1.59
N MET A 27 -2.95 -10.20 2.06
CA MET A 27 -3.01 -9.58 3.39
C MET A 27 -4.22 -8.69 3.51
N LEU A 28 -4.40 -7.83 2.51
CA LEU A 28 -5.49 -6.89 2.47
C LEU A 28 -6.84 -7.56 2.53
N LEU A 29 -6.98 -8.66 1.82
CA LEU A 29 -8.26 -9.40 1.83
C LEU A 29 -8.55 -9.93 3.21
N ALA A 30 -7.51 -10.36 3.90
CA ALA A 30 -7.65 -10.90 5.24
C ALA A 30 -7.76 -9.80 6.31
N ASN A 31 -7.50 -8.55 5.93
CA ASN A 31 -7.48 -7.44 6.87
C ASN A 31 -8.65 -6.48 6.68
N PRO A 32 -9.72 -6.66 7.47
CA PRO A 32 -10.90 -5.82 7.23
C PRO A 32 -10.69 -4.32 7.44
N HIS A 33 -9.77 -3.95 8.32
CA HIS A 33 -9.50 -2.53 8.59
C HIS A 33 -8.68 -1.89 7.48
N GLU A 34 -7.72 -2.63 6.95
CA GLU A 34 -6.83 -2.08 5.93
C GLU A 34 -7.62 -2.00 4.65
N LEU A 35 -8.46 -2.99 4.40
CA LEU A 35 -9.26 -3.00 3.19
C LEU A 35 -10.31 -1.89 3.20
N SER A 36 -10.82 -1.53 4.37
CA SER A 36 -11.86 -0.50 4.49
C SER A 36 -11.26 0.87 4.30
N LEU A 37 -10.08 1.09 4.82
CA LEU A 37 -9.41 2.35 4.64
C LEU A 37 -8.95 2.47 3.25
N LEU A 38 -8.58 1.36 2.68
CA LEU A 38 -8.11 1.33 1.32
C LEU A 38 -9.16 1.77 0.31
N LYS A 39 -10.39 1.31 0.46
CA LYS A 39 -11.46 1.80 -0.43
C LYS A 39 -11.77 3.26 -0.21
N GLU A 40 -11.50 3.75 1.00
CA GLU A 40 -11.68 5.16 1.31
C GLU A 40 -10.53 6.00 0.74
N ARG A 41 -9.29 5.63 1.02
CA ARG A 41 -8.12 6.39 0.52
C ARG A 41 -7.82 6.23 -0.96
N ASN A 42 -8.00 5.02 -1.44
CA ASN A 42 -7.64 4.62 -2.81
C ASN A 42 -8.68 3.76 -3.53
N PRO A 43 -9.81 4.34 -3.93
CA PRO A 43 -10.78 3.47 -4.62
C PRO A 43 -10.30 2.67 -5.87
N PRO A 44 -9.44 3.24 -6.76
CA PRO A 44 -9.07 2.31 -7.84
C PRO A 44 -8.19 1.12 -7.43
N LEU A 45 -7.32 1.25 -6.43
CA LEU A 45 -6.54 0.08 -5.99
C LEU A 45 -7.47 -0.84 -5.21
N ALA A 46 -8.45 -0.25 -4.55
CA ALA A 46 -9.39 -1.05 -3.80
C ALA A 46 -10.25 -1.93 -4.70
N GLU A 47 -10.82 -1.40 -5.77
CA GLU A 47 -11.69 -2.23 -6.63
C GLU A 47 -10.93 -3.43 -7.21
N ALA A 48 -9.64 -3.22 -7.43
CA ALA A 48 -8.73 -4.25 -7.83
C ALA A 48 -8.68 -5.39 -6.83
N LEU A 49 -8.59 -5.03 -5.56
CA LEU A 49 -8.58 -6.00 -4.50
C LEU A 49 -9.94 -6.72 -4.40
N LEU A 50 -11.02 -5.96 -4.53
CA LEU A 50 -12.37 -6.50 -4.36
C LEU A 50 -12.68 -7.54 -5.43
N SER A 51 -12.09 -7.36 -6.60
CA SER A 51 -12.28 -8.25 -7.70
C SER A 51 -11.57 -9.59 -7.50
N GLY A 52 -10.54 -9.58 -6.66
CA GLY A 52 -9.75 -10.77 -6.41
C GLY A 52 -8.64 -10.96 -7.43
N ASP A 53 -8.80 -10.32 -8.57
CA ASP A 53 -7.84 -10.41 -9.66
C ASP A 53 -6.48 -9.85 -9.25
N LEU A 54 -5.47 -10.71 -9.19
CA LEU A 54 -4.13 -10.26 -8.87
C LEU A 54 -3.64 -9.35 -9.99
N GLU A 55 -3.99 -9.67 -11.22
CA GLU A 55 -3.49 -8.91 -12.36
C GLU A 55 -3.90 -7.46 -12.25
N LYS A 56 -5.18 -7.22 -12.08
CA LYS A 56 -5.66 -5.83 -11.93
C LYS A 56 -5.08 -5.23 -10.66
N PHE A 57 -4.96 -6.00 -9.58
CA PHE A 57 -4.34 -5.48 -8.35
C PHE A 57 -2.90 -5.02 -8.58
N SER A 58 -2.08 -5.86 -9.18
CA SER A 58 -0.69 -5.52 -9.47
C SER A 58 -0.57 -4.40 -10.50
N ARG A 59 -1.42 -4.43 -11.52
CA ARG A 59 -1.40 -3.43 -12.59
C ARG A 59 -1.65 -2.06 -11.99
N VAL A 60 -2.65 -1.97 -11.13
CA VAL A 60 -2.99 -0.71 -10.49
C VAL A 60 -1.92 -0.37 -9.46
N LEU A 61 -1.33 -1.36 -8.80
CA LEU A 61 -0.27 -1.11 -7.82
C LEU A 61 0.85 -0.28 -8.46
N VAL A 62 1.27 -0.65 -9.66
CA VAL A 62 2.31 0.10 -10.38
C VAL A 62 1.84 1.51 -10.72
N GLU A 63 0.60 1.64 -11.17
CA GLU A 63 0.06 2.97 -11.50
C GLU A 63 0.04 3.87 -10.27
N GLN A 64 -0.29 3.29 -9.12
CA GLN A 64 -0.30 4.04 -7.86
C GLN A 64 1.12 4.38 -7.41
N GLN A 65 2.07 3.51 -7.70
CA GLN A 65 3.48 3.80 -7.40
C GLN A 65 3.96 4.96 -8.28
N GLN A 66 3.53 4.97 -9.54
CA GLN A 66 3.89 6.05 -10.45
C GLN A 66 3.29 7.36 -9.95
N ASP A 67 2.09 7.32 -9.41
CA ASP A 67 1.46 8.54 -8.90
C ASP A 67 2.10 8.98 -7.61
N ARG A 68 2.47 8.02 -6.77
CA ARG A 68 3.16 8.34 -5.52
C ARG A 68 4.43 9.08 -5.82
N ALA A 69 5.17 8.65 -6.83
CA ALA A 69 6.40 9.33 -7.23
C ALA A 69 6.16 10.82 -7.55
N ARG A 70 5.01 11.14 -8.15
CA ARG A 70 4.67 12.54 -8.44
C ARG A 70 4.29 13.31 -7.18
N ARG A 71 3.54 12.66 -6.29
CA ARG A 71 3.11 13.28 -5.03
C ARG A 71 4.31 13.46 -4.10
N GLU A 72 5.27 12.57 -4.23
CA GLU A 72 6.45 12.61 -3.39
C GLU A 72 7.22 13.91 -3.59
N GLN A 73 7.15 14.44 -4.80
CA GLN A 73 7.83 15.70 -5.12
C GLN A 73 7.37 16.82 -4.20
N GLU A 74 6.08 16.88 -3.87
CA GLU A 74 5.61 17.82 -2.86
C GLU A 74 5.84 17.37 -1.40
N ARG A 75 5.80 16.07 -1.12
CA ARG A 75 5.94 15.59 0.27
C ARG A 75 7.30 15.87 0.90
N ILE A 76 8.34 15.95 0.09
CA ILE A 76 9.69 16.29 0.59
C ILE A 76 9.75 17.67 1.27
N ARG A 77 8.77 18.52 1.00
CA ARG A 77 8.68 19.84 1.68
C ARG A 77 8.55 19.67 3.20
N LEU A 78 8.18 18.46 3.61
CA LEU A 78 8.03 18.06 5.02
C LEU A 78 6.96 18.93 5.70
N PHE A 79 6.85 18.82 7.02
CA PHE A 79 5.89 19.55 7.84
C PHE A 79 4.43 19.37 7.43
N SER A 80 4.19 18.27 6.74
CA SER A 80 2.87 17.86 6.32
C SER A 80 2.33 16.96 7.39
N ALA A 81 1.28 17.42 8.05
CA ALA A 81 0.66 16.69 9.15
C ALA A 81 -0.53 15.86 8.66
N ASP A 82 -0.41 15.25 7.49
CA ASP A 82 -1.47 14.42 6.94
C ASP A 82 -1.52 13.10 7.73
N PRO A 83 -2.73 12.57 7.95
CA PRO A 83 -2.83 11.41 8.84
C PRO A 83 -2.39 10.09 8.21
N PHE A 84 -2.05 9.15 9.08
CA PHE A 84 -1.53 7.84 8.70
C PHE A 84 -2.26 6.75 9.47
N ASP A 85 -3.37 7.16 10.08
CA ASP A 85 -4.20 6.37 11.01
C ASP A 85 -3.50 6.23 12.36
N LEU A 86 -4.14 6.78 13.39
CA LEU A 86 -3.59 6.76 14.75
C LEU A 86 -3.74 5.39 15.38
N GLU A 87 -4.72 4.63 14.93
CA GLU A 87 -4.88 3.24 15.37
C GLU A 87 -3.91 2.40 14.57
N ALA A 88 -4.02 2.55 13.25
CA ALA A 88 -3.28 1.78 12.26
C ALA A 88 -3.34 0.27 12.54
N GLN A 89 -4.44 -0.17 13.14
CA GLN A 89 -4.62 -1.55 13.52
C GLN A 89 -4.67 -2.46 12.28
N ALA A 90 -4.15 -3.66 12.45
CA ALA A 90 -4.11 -4.65 11.38
C ALA A 90 -4.48 -6.00 11.97
N LYS A 91 -5.23 -6.80 11.22
CA LYS A 91 -5.62 -8.14 11.64
C LYS A 91 -5.55 -9.05 10.45
N ILE A 92 -5.48 -10.34 10.74
CA ILE A 92 -5.61 -11.40 9.74
C ILE A 92 -6.55 -12.35 10.44
N GLU A 93 -7.71 -12.62 9.85
CA GLU A 93 -8.75 -13.42 10.48
C GLU A 93 -9.20 -14.51 9.51
N GLU A 94 -9.44 -15.71 10.03
CA GLU A 94 -9.80 -16.86 9.20
C GLU A 94 -11.02 -17.59 9.75
N ASP A 95 -11.70 -18.32 8.88
CA ASP A 95 -12.80 -19.21 9.25
C ASP A 95 -12.55 -20.55 8.56
N ILE A 96 -11.67 -21.34 9.16
CA ILE A 96 -11.26 -22.63 8.59
C ILE A 96 -12.33 -23.67 8.95
N ARG A 97 -13.53 -23.43 8.43
CA ARG A 97 -14.73 -24.21 8.73
C ARG A 97 -14.81 -25.55 7.98
N GLN A 98 -13.70 -25.94 7.38
CA GLN A 98 -13.60 -27.16 6.57
C GLN A 98 -12.20 -27.77 6.62
N SER A 1 -7.02 -17.32 5.83
CA SER A 1 -6.27 -16.05 5.81
C SER A 1 -6.47 -15.22 7.06
N GLN A 2 -7.44 -15.67 7.85
CA GLN A 2 -7.80 -15.04 9.12
C GLN A 2 -6.62 -14.95 10.08
N GLN A 3 -5.73 -15.94 10.05
CA GLN A 3 -4.56 -15.94 10.92
C GLN A 3 -3.31 -15.44 10.18
N SER A 4 -3.44 -15.14 8.90
CA SER A 4 -2.29 -14.69 8.11
C SER A 4 -1.97 -13.24 8.46
N HIS A 5 -3.00 -12.46 8.75
CA HIS A 5 -2.81 -11.07 9.15
C HIS A 5 -2.84 -10.98 10.69
N SER A 6 -3.74 -11.75 11.30
CA SER A 6 -3.93 -11.84 12.76
C SER A 6 -4.37 -10.55 13.51
N SER A 7 -3.91 -9.39 13.09
CA SER A 7 -4.28 -8.12 13.71
C SER A 7 -4.20 -6.98 12.69
N PRO A 8 -4.96 -5.90 12.88
CA PRO A 8 -4.85 -4.75 11.97
C PRO A 8 -3.66 -3.86 12.28
N GLY A 9 -3.43 -2.86 11.44
CA GLY A 9 -2.44 -1.82 11.76
C GLY A 9 -1.23 -1.61 10.87
N GLU A 10 -1.32 -1.93 9.59
CA GLU A 10 -0.21 -1.68 8.65
C GLU A 10 -0.49 -0.38 7.86
N ILE A 11 -1.19 0.54 8.52
CA ILE A 11 -1.56 1.84 7.97
C ILE A 11 -0.37 2.74 7.66
N THR A 12 0.76 2.31 8.15
CA THR A 12 2.00 3.07 8.04
C THR A 12 2.62 2.91 6.65
N SER A 13 3.00 1.68 6.30
CA SER A 13 3.62 1.40 5.01
C SER A 13 3.74 -0.09 4.84
N SER A 14 3.72 -0.56 3.60
CA SER A 14 3.98 -1.95 3.28
C SER A 14 5.03 -2.02 2.17
N PRO A 15 6.32 -1.79 2.51
CA PRO A 15 7.29 -1.76 1.42
C PRO A 15 7.49 -3.13 0.77
N GLN A 16 7.34 -4.18 1.56
CA GLN A 16 7.44 -5.54 1.04
C GLN A 16 6.24 -5.87 0.14
N GLY A 17 5.12 -5.19 0.36
CA GLY A 17 3.94 -5.42 -0.45
C GLY A 17 4.07 -4.78 -1.81
N LEU A 18 4.93 -3.78 -1.95
CA LEU A 18 5.13 -3.11 -3.23
C LEU A 18 5.77 -4.07 -4.22
N ASP A 19 6.73 -4.83 -3.72
CA ASP A 19 7.48 -5.78 -4.54
C ASP A 19 6.67 -7.05 -4.72
N ASN A 20 5.89 -7.38 -3.70
CA ASN A 20 5.02 -8.55 -3.74
C ASN A 20 3.55 -8.18 -3.65
N PRO A 21 2.95 -7.76 -4.77
CA PRO A 21 1.51 -7.46 -4.77
C PRO A 21 0.66 -8.69 -4.48
N ALA A 22 1.20 -9.87 -4.73
CA ALA A 22 0.48 -11.12 -4.45
C ALA A 22 0.21 -11.22 -2.95
N LEU A 23 1.21 -10.87 -2.15
CA LEU A 23 1.10 -10.95 -0.70
C LEU A 23 0.31 -9.76 -0.17
N LEU A 24 0.47 -8.61 -0.80
CA LEU A 24 -0.29 -7.42 -0.39
C LEU A 24 -1.77 -7.68 -0.57
N ARG A 25 -2.13 -8.25 -1.72
CA ARG A 25 -3.51 -8.59 -2.00
C ARG A 25 -4.03 -9.55 -0.94
N ASP A 26 -3.26 -10.59 -0.64
CA ASP A 26 -3.69 -11.58 0.36
C ASP A 26 -3.88 -10.95 1.73
N MET A 27 -2.94 -10.12 2.14
CA MET A 27 -3.01 -9.44 3.44
C MET A 27 -4.24 -8.54 3.49
N LEU A 28 -4.44 -7.75 2.45
CA LEU A 28 -5.61 -6.89 2.39
C LEU A 28 -6.93 -7.67 2.40
N LEU A 29 -7.02 -8.75 1.64
CA LEU A 29 -8.26 -9.53 1.58
C LEU A 29 -8.55 -10.11 2.95
N ALA A 30 -7.50 -10.47 3.66
CA ALA A 30 -7.62 -11.04 5.00
C ALA A 30 -8.00 -10.00 6.05
N ASN A 31 -7.59 -8.75 5.84
CA ASN A 31 -7.65 -7.74 6.89
C ASN A 31 -8.77 -6.72 6.67
N PRO A 32 -9.85 -6.82 7.45
CA PRO A 32 -10.97 -5.91 7.18
C PRO A 32 -10.71 -4.43 7.46
N HIS A 33 -9.76 -4.11 8.33
CA HIS A 33 -9.46 -2.71 8.64
C HIS A 33 -8.65 -2.09 7.51
N GLU A 34 -7.67 -2.85 7.06
CA GLU A 34 -6.71 -2.39 6.06
C GLU A 34 -7.38 -2.28 4.70
N LEU A 35 -8.32 -3.16 4.44
CA LEU A 35 -9.07 -3.13 3.19
C LEU A 35 -10.07 -1.97 3.20
N SER A 36 -10.53 -1.60 4.40
CA SER A 36 -11.55 -0.56 4.54
C SER A 36 -10.95 0.81 4.30
N LEU A 37 -9.77 1.08 4.83
CA LEU A 37 -9.16 2.39 4.59
C LEU A 37 -8.82 2.53 3.14
N LEU A 38 -8.54 1.41 2.52
CA LEU A 38 -8.15 1.41 1.14
C LEU A 38 -9.29 1.79 0.23
N LYS A 39 -10.48 1.26 0.48
CA LYS A 39 -11.65 1.66 -0.32
C LYS A 39 -12.07 3.09 -0.02
N GLU A 40 -11.77 3.57 1.18
CA GLU A 40 -12.06 4.96 1.53
C GLU A 40 -11.08 5.92 0.84
N ARG A 41 -9.78 5.66 0.99
CA ARG A 41 -8.77 6.59 0.45
C ARG A 41 -8.29 6.37 -0.99
N ASN A 42 -8.34 5.13 -1.44
CA ASN A 42 -7.86 4.78 -2.80
C ASN A 42 -8.82 3.86 -3.55
N PRO A 43 -9.99 4.38 -3.98
CA PRO A 43 -10.90 3.47 -4.69
C PRO A 43 -10.37 2.71 -5.92
N PRO A 44 -9.50 3.30 -6.79
CA PRO A 44 -9.08 2.41 -7.88
C PRO A 44 -8.17 1.24 -7.47
N LEU A 45 -7.35 1.38 -6.43
CA LEU A 45 -6.57 0.23 -5.97
C LEU A 45 -7.49 -0.71 -5.21
N ALA A 46 -8.46 -0.14 -4.52
CA ALA A 46 -9.41 -0.95 -3.77
C ALA A 46 -10.27 -1.84 -4.68
N GLU A 47 -10.86 -1.28 -5.74
CA GLU A 47 -11.72 -2.09 -6.63
C GLU A 47 -10.91 -3.24 -7.24
N ALA A 48 -9.63 -3.02 -7.43
CA ALA A 48 -8.73 -4.02 -7.96
C ALA A 48 -8.65 -5.20 -7.00
N LEU A 49 -8.57 -4.89 -5.71
CA LEU A 49 -8.57 -5.89 -4.66
C LEU A 49 -9.91 -6.62 -4.58
N LEU A 50 -11.01 -5.88 -4.70
CA LEU A 50 -12.35 -6.45 -4.48
C LEU A 50 -12.68 -7.55 -5.49
N SER A 51 -12.19 -7.39 -6.70
CA SER A 51 -12.38 -8.38 -7.74
C SER A 51 -11.54 -9.62 -7.51
N GLY A 52 -10.51 -9.48 -6.67
CA GLY A 52 -9.63 -10.61 -6.35
C GLY A 52 -8.53 -10.82 -7.36
N ASP A 53 -8.69 -10.24 -8.54
CA ASP A 53 -7.73 -10.41 -9.62
C ASP A 53 -6.37 -9.83 -9.27
N LEU A 54 -5.37 -10.68 -9.18
CA LEU A 54 -4.02 -10.21 -8.88
C LEU A 54 -3.56 -9.39 -10.07
N GLU A 55 -3.97 -9.77 -11.26
CA GLU A 55 -3.56 -9.04 -12.46
C GLU A 55 -3.91 -7.57 -12.35
N LYS A 56 -5.15 -7.31 -11.97
CA LYS A 56 -5.59 -5.91 -11.83
C LYS A 56 -5.03 -5.28 -10.57
N PHE A 57 -4.93 -6.01 -9.48
CA PHE A 57 -4.34 -5.44 -8.25
C PHE A 57 -2.90 -5.01 -8.49
N SER A 58 -2.11 -5.86 -9.10
CA SER A 58 -0.70 -5.58 -9.37
C SER A 58 -0.56 -4.47 -10.39
N ARG A 59 -1.37 -4.48 -11.43
CA ARG A 59 -1.26 -3.46 -12.46
C ARG A 59 -1.59 -2.09 -11.89
N VAL A 60 -2.65 -1.98 -11.10
CA VAL A 60 -3.02 -0.71 -10.51
C VAL A 60 -1.94 -0.32 -9.50
N LEU A 61 -1.34 -1.29 -8.81
CA LEU A 61 -0.25 -1.01 -7.88
C LEU A 61 0.89 -0.28 -8.60
N VAL A 62 1.26 -0.74 -9.78
CA VAL A 62 2.33 -0.11 -10.55
C VAL A 62 1.92 1.30 -10.98
N GLU A 63 0.69 1.44 -11.44
CA GLU A 63 0.19 2.75 -11.86
C GLU A 63 0.17 3.74 -10.70
N GLN A 64 -0.22 3.28 -9.52
CA GLN A 64 -0.22 4.12 -8.32
C GLN A 64 1.21 4.49 -7.93
N GLN A 65 2.14 3.55 -8.03
CA GLN A 65 3.53 3.83 -7.74
C GLN A 65 4.07 4.86 -8.72
N GLN A 66 3.69 4.73 -9.99
CA GLN A 66 4.14 5.66 -11.01
C GLN A 66 3.59 7.06 -10.78
N ASP A 67 2.31 7.17 -10.46
CA ASP A 67 1.70 8.49 -10.24
C ASP A 67 2.28 9.14 -9.01
N ARG A 68 2.42 8.39 -7.93
CA ARG A 68 2.93 8.97 -6.70
C ARG A 68 4.36 9.42 -6.88
N ALA A 69 5.11 8.70 -7.69
CA ALA A 69 6.47 9.07 -8.05
C ALA A 69 6.53 10.45 -8.74
N ARG A 70 5.45 10.86 -9.40
CA ARG A 70 5.40 12.19 -10.01
C ARG A 70 5.26 13.23 -8.91
N ARG A 71 4.43 12.93 -7.91
CA ARG A 71 4.20 13.85 -6.79
C ARG A 71 5.42 13.92 -5.92
N GLU A 72 6.16 12.83 -5.86
CA GLU A 72 7.35 12.75 -5.01
C GLU A 72 8.33 13.85 -5.37
N GLN A 73 8.44 14.17 -6.65
CA GLN A 73 9.38 15.19 -7.12
C GLN A 73 9.13 16.56 -6.47
N GLU A 74 7.86 16.96 -6.35
CA GLU A 74 7.55 18.23 -5.68
C GLU A 74 7.57 18.10 -4.16
N ARG A 75 7.23 16.92 -3.62
CA ARG A 75 7.23 16.72 -2.17
C ARG A 75 8.63 16.76 -1.57
N ILE A 76 9.59 16.09 -2.21
CA ILE A 76 10.97 16.08 -1.69
C ILE A 76 11.64 17.43 -1.90
N ARG A 77 11.11 18.25 -2.81
CA ARG A 77 11.65 19.59 -3.05
C ARG A 77 11.42 20.43 -1.79
N LEU A 78 10.41 20.03 -1.02
CA LEU A 78 10.02 20.65 0.24
C LEU A 78 9.62 22.13 0.02
N PHE A 79 9.24 22.80 1.10
CA PHE A 79 8.76 24.18 1.08
C PHE A 79 7.60 24.40 0.13
N SER A 80 6.82 23.34 -0.03
CA SER A 80 5.64 23.33 -0.88
C SER A 80 4.48 22.87 -0.02
N ALA A 81 3.67 23.83 0.43
CA ALA A 81 2.50 23.54 1.27
C ALA A 81 1.29 23.23 0.35
N ASP A 82 1.55 22.47 -0.68
CA ASP A 82 0.58 22.20 -1.73
C ASP A 82 -0.45 21.13 -1.33
N PRO A 83 -1.64 21.14 -1.97
CA PRO A 83 -2.69 20.17 -1.67
C PRO A 83 -2.41 18.78 -2.25
N PHE A 84 -3.45 17.94 -2.33
CA PHE A 84 -3.35 16.55 -2.80
C PHE A 84 -2.49 15.76 -1.83
N ASP A 85 -2.62 16.14 -0.56
CA ASP A 85 -1.94 15.53 0.57
C ASP A 85 -2.73 14.37 1.13
N LEU A 86 -3.44 13.68 0.26
CA LEU A 86 -4.22 12.51 0.67
C LEU A 86 -3.29 11.43 1.21
N GLU A 87 -2.06 11.46 0.75
CA GLU A 87 -1.00 10.55 1.22
C GLU A 87 -0.57 10.88 2.65
N ALA A 88 -0.79 12.12 3.08
CA ALA A 88 -0.37 12.59 4.39
C ALA A 88 -1.45 12.34 5.44
N GLN A 89 -2.58 11.84 4.99
CA GLN A 89 -3.74 11.68 5.86
C GLN A 89 -4.02 10.22 6.18
N ALA A 90 -4.16 9.94 7.46
CA ALA A 90 -4.46 8.61 7.94
C ALA A 90 -5.18 8.82 9.27
N LYS A 91 -5.68 7.75 9.86
CA LYS A 91 -6.23 7.81 11.20
C LYS A 91 -5.58 6.67 11.94
N ILE A 92 -5.45 6.80 13.24
CA ILE A 92 -4.85 5.75 14.06
C ILE A 92 -5.88 5.51 15.14
N GLU A 93 -6.41 4.30 15.17
CA GLU A 93 -7.45 3.93 16.11
C GLU A 93 -7.01 2.64 16.79
N GLU A 94 -7.17 2.58 18.09
CA GLU A 94 -6.85 1.38 18.84
C GLU A 94 -8.17 0.85 19.38
N ASP A 95 -8.33 -0.46 19.36
CA ASP A 95 -9.57 -1.11 19.78
C ASP A 95 -9.19 -2.41 20.46
N ILE A 96 -8.30 -2.24 21.45
CA ILE A 96 -7.78 -3.29 22.35
C ILE A 96 -7.52 -4.72 21.82
N ARG A 97 -7.23 -4.88 20.54
CA ARG A 97 -6.86 -6.20 19.97
C ARG A 97 -5.36 -6.48 20.19
N GLN A 98 -4.99 -6.48 21.47
CA GLN A 98 -3.63 -6.76 21.99
C GLN A 98 -2.47 -6.38 21.04
N SER A 1 -2.74 -2.74 12.36
CA SER A 1 -3.32 -2.55 13.72
C SER A 1 -2.50 -3.21 14.82
N GLN A 2 -1.30 -3.63 14.41
CA GLN A 2 -0.33 -4.28 15.29
C GLN A 2 1.06 -3.75 14.96
N GLN A 3 1.97 -3.84 15.94
CA GLN A 3 3.37 -3.40 15.81
C GLN A 3 3.52 -1.92 15.42
N SER A 4 2.45 -1.14 15.62
CA SER A 4 2.44 0.29 15.34
C SER A 4 3.11 1.10 16.45
N HIS A 5 4.28 0.65 16.87
CA HIS A 5 5.03 1.26 17.97
C HIS A 5 6.21 2.07 17.45
N SER A 6 6.25 2.27 16.14
CA SER A 6 7.33 3.01 15.49
C SER A 6 6.75 4.22 14.79
N SER A 7 7.61 5.21 14.52
CA SER A 7 7.21 6.40 13.77
C SER A 7 8.41 6.91 12.95
N PRO A 8 9.58 7.17 13.60
CA PRO A 8 10.72 7.30 12.70
C PRO A 8 11.22 5.92 12.31
N GLY A 9 12.11 5.89 11.32
CA GLY A 9 12.66 4.63 10.82
C GLY A 9 12.85 4.69 9.32
N GLU A 10 13.36 5.83 8.87
CA GLU A 10 13.55 6.15 7.44
C GLU A 10 14.69 5.36 6.76
N ILE A 11 14.97 4.19 7.31
CA ILE A 11 15.97 3.27 6.85
C ILE A 11 15.23 2.09 6.15
N THR A 12 13.92 2.27 6.09
CA THR A 12 12.99 1.28 5.54
C THR A 12 13.25 0.86 4.09
N SER A 13 12.86 -0.37 3.80
CA SER A 13 12.88 -0.92 2.44
C SER A 13 11.43 -0.99 1.97
N SER A 14 11.10 -1.98 1.14
CA SER A 14 9.72 -2.19 0.68
C SER A 14 9.03 -3.44 1.26
N PRO A 15 8.94 -3.58 2.61
CA PRO A 15 8.33 -4.83 3.08
C PRO A 15 6.83 -4.91 2.86
N GLN A 16 6.21 -3.75 2.66
CA GLN A 16 4.76 -3.65 2.46
C GLN A 16 4.19 -4.38 1.23
N GLY A 17 5.02 -5.06 0.46
CA GLY A 17 4.53 -5.79 -0.69
C GLY A 17 4.39 -4.93 -1.92
N LEU A 18 5.20 -3.88 -1.99
CA LEU A 18 5.22 -3.01 -3.16
C LEU A 18 5.78 -3.81 -4.33
N ASP A 19 6.75 -4.64 -3.99
CA ASP A 19 7.40 -5.55 -4.92
C ASP A 19 6.60 -6.84 -5.08
N ASN A 20 5.76 -7.12 -4.09
CA ASN A 20 4.95 -8.33 -4.05
C ASN A 20 3.46 -8.02 -3.92
N PRO A 21 2.80 -7.65 -5.04
CA PRO A 21 1.35 -7.41 -4.99
C PRO A 21 0.57 -8.64 -4.55
N ALA A 22 1.11 -9.82 -4.81
CA ALA A 22 0.44 -11.06 -4.43
C ALA A 22 0.22 -11.15 -2.92
N LEU A 23 1.25 -10.80 -2.17
CA LEU A 23 1.21 -10.89 -0.71
C LEU A 23 0.42 -9.74 -0.13
N LEU A 24 0.54 -8.57 -0.72
CA LEU A 24 -0.20 -7.42 -0.24
C LEU A 24 -1.70 -7.65 -0.47
N ARG A 25 -2.03 -8.24 -1.61
CA ARG A 25 -3.42 -8.60 -1.92
C ARG A 25 -3.94 -9.55 -0.84
N ASP A 26 -3.14 -10.52 -0.45
CA ASP A 26 -3.56 -11.49 0.57
C ASP A 26 -3.78 -10.81 1.93
N MET A 27 -2.83 -9.97 2.33
CA MET A 27 -2.93 -9.24 3.60
C MET A 27 -4.17 -8.38 3.64
N LEU A 28 -4.35 -7.61 2.59
CA LEU A 28 -5.47 -6.68 2.49
C LEU A 28 -6.81 -7.41 2.50
N LEU A 29 -6.91 -8.51 1.77
CA LEU A 29 -8.15 -9.27 1.72
C LEU A 29 -8.50 -9.83 3.10
N ALA A 30 -7.47 -10.25 3.81
CA ALA A 30 -7.65 -10.84 5.13
C ALA A 30 -7.91 -9.77 6.21
N ASN A 31 -7.57 -8.53 5.94
CA ASN A 31 -7.65 -7.47 6.93
C ASN A 31 -8.86 -6.55 6.72
N PRO A 32 -9.92 -6.70 7.54
CA PRO A 32 -11.11 -5.89 7.27
C PRO A 32 -10.95 -4.38 7.50
N HIS A 33 -10.04 -3.97 8.37
CA HIS A 33 -9.83 -2.55 8.62
C HIS A 33 -9.06 -1.93 7.47
N GLU A 34 -8.03 -2.63 7.04
CA GLU A 34 -7.10 -2.13 6.04
C GLU A 34 -7.77 -2.09 4.70
N LEU A 35 -8.60 -3.09 4.42
CA LEU A 35 -9.34 -3.12 3.18
C LEU A 35 -10.36 -1.97 3.13
N SER A 36 -10.85 -1.57 4.30
CA SER A 36 -11.84 -0.51 4.44
C SER A 36 -11.20 0.85 4.23
N LEU A 37 -10.00 1.04 4.75
CA LEU A 37 -9.30 2.30 4.55
C LEU A 37 -8.92 2.39 3.12
N LEU A 38 -8.61 1.25 2.55
CA LEU A 38 -8.19 1.19 1.17
C LEU A 38 -9.26 1.66 0.22
N LYS A 39 -10.49 1.23 0.41
CA LYS A 39 -11.60 1.73 -0.43
C LYS A 39 -11.90 3.19 -0.19
N GLU A 40 -11.60 3.70 0.99
CA GLU A 40 -11.82 5.12 1.29
C GLU A 40 -10.67 6.00 0.76
N ARG A 41 -9.43 5.63 1.08
CA ARG A 41 -8.24 6.39 0.66
C ARG A 41 -7.81 6.16 -0.77
N ASN A 42 -8.00 4.95 -1.27
CA ASN A 42 -7.53 4.57 -2.62
C ASN A 42 -8.54 3.71 -3.40
N PRO A 43 -9.71 4.26 -3.77
CA PRO A 43 -10.65 3.39 -4.47
C PRO A 43 -10.18 2.65 -5.75
N PRO A 44 -9.28 3.22 -6.59
CA PRO A 44 -8.92 2.36 -7.72
C PRO A 44 -8.09 1.11 -7.34
N LEU A 45 -7.24 1.18 -6.32
CA LEU A 45 -6.51 -0.02 -5.90
C LEU A 45 -7.46 -0.92 -5.15
N ALA A 46 -8.39 -0.32 -4.43
CA ALA A 46 -9.37 -1.09 -3.71
C ALA A 46 -10.24 -1.95 -4.62
N GLU A 47 -10.81 -1.39 -5.69
CA GLU A 47 -11.70 -2.17 -6.56
C GLU A 47 -10.95 -3.36 -7.18
N ALA A 48 -9.66 -3.17 -7.40
CA ALA A 48 -8.79 -4.19 -7.91
C ALA A 48 -8.69 -5.35 -6.93
N LEU A 49 -8.60 -5.02 -5.64
CA LEU A 49 -8.57 -6.02 -4.59
C LEU A 49 -9.90 -6.78 -4.52
N LEU A 50 -11.00 -6.04 -4.61
CA LEU A 50 -12.34 -6.62 -4.44
C LEU A 50 -12.64 -7.64 -5.52
N SER A 51 -12.01 -7.48 -6.67
CA SER A 51 -12.24 -8.35 -7.80
C SER A 51 -11.54 -9.69 -7.67
N GLY A 52 -10.49 -9.75 -6.86
CA GLY A 52 -9.70 -10.96 -6.70
C GLY A 52 -8.60 -11.07 -7.76
N ASP A 53 -8.83 -10.43 -8.90
CA ASP A 53 -7.91 -10.37 -10.01
C ASP A 53 -6.55 -9.79 -9.61
N LEU A 54 -5.57 -10.64 -9.44
CA LEU A 54 -4.22 -10.19 -9.10
C LEU A 54 -3.70 -9.34 -10.24
N GLU A 55 -4.08 -9.67 -11.46
CA GLU A 55 -3.66 -8.93 -12.64
C GLU A 55 -3.99 -7.45 -12.50
N LYS A 56 -5.24 -7.15 -12.16
CA LYS A 56 -5.65 -5.76 -12.01
C LYS A 56 -5.07 -5.18 -10.73
N PHE A 57 -4.97 -5.97 -9.68
CA PHE A 57 -4.37 -5.49 -8.44
C PHE A 57 -2.93 -5.04 -8.67
N SER A 58 -2.11 -5.88 -9.29
CA SER A 58 -0.73 -5.55 -9.59
C SER A 58 -0.60 -4.41 -10.58
N ARG A 59 -1.46 -4.38 -11.59
CA ARG A 59 -1.42 -3.29 -12.56
C ARG A 59 -1.65 -1.97 -11.85
N VAL A 60 -2.70 -1.92 -11.04
CA VAL A 60 -3.03 -0.68 -10.36
C VAL A 60 -1.94 -0.38 -9.34
N LEU A 61 -1.38 -1.40 -8.73
CA LEU A 61 -0.29 -1.22 -7.76
C LEU A 61 0.87 -0.44 -8.37
N VAL A 62 1.32 -0.84 -9.57
CA VAL A 62 2.45 -0.14 -10.20
C VAL A 62 2.01 1.21 -10.78
N GLU A 63 0.79 1.30 -11.28
CA GLU A 63 0.26 2.57 -11.77
C GLU A 63 0.22 3.58 -10.62
N GLN A 64 -0.19 3.12 -9.45
CA GLN A 64 -0.21 3.96 -8.27
C GLN A 64 1.20 4.31 -7.86
N GLN A 65 2.11 3.35 -7.83
CA GLN A 65 3.49 3.63 -7.40
C GLN A 65 4.14 4.73 -8.26
N GLN A 66 3.86 4.74 -9.54
CA GLN A 66 4.38 5.79 -10.42
C GLN A 66 3.88 7.18 -10.00
N ASP A 67 2.64 7.28 -9.56
CA ASP A 67 2.10 8.55 -9.08
C ASP A 67 2.60 8.88 -7.68
N ARG A 68 2.61 7.87 -6.83
CA ARG A 68 2.96 8.05 -5.42
C ARG A 68 4.39 8.52 -5.32
N ALA A 69 5.27 7.95 -6.13
CA ALA A 69 6.68 8.36 -6.16
C ALA A 69 6.86 9.86 -6.40
N ARG A 70 6.01 10.44 -7.23
CA ARG A 70 6.08 11.88 -7.53
C ARG A 70 5.73 12.71 -6.31
N ARG A 71 4.73 12.26 -5.58
CA ARG A 71 4.20 12.97 -4.40
C ARG A 71 5.10 12.71 -3.20
N GLU A 72 5.72 11.55 -3.23
CA GLU A 72 6.65 11.09 -2.19
C GLU A 72 7.89 11.94 -2.09
N GLN A 73 8.26 12.59 -3.19
CA GLN A 73 9.38 13.53 -3.17
C GLN A 73 9.21 14.55 -2.03
N GLU A 74 7.99 14.99 -1.78
CA GLU A 74 7.73 15.88 -0.65
C GLU A 74 7.76 15.17 0.70
N ARG A 75 7.38 13.89 0.72
CA ARG A 75 7.39 13.11 1.96
C ARG A 75 8.82 12.83 2.44
N ILE A 76 9.73 12.55 1.52
CA ILE A 76 11.14 12.32 1.87
C ILE A 76 11.81 13.63 2.30
N ARG A 77 11.20 14.75 1.92
CA ARG A 77 11.64 16.08 2.38
C ARG A 77 11.33 16.27 3.87
N LEU A 78 10.56 15.35 4.42
CA LEU A 78 10.14 15.38 5.82
C LEU A 78 10.69 14.15 6.55
N PHE A 79 10.22 13.93 7.77
CA PHE A 79 10.69 12.84 8.61
C PHE A 79 9.49 12.03 9.08
N SER A 80 9.75 10.83 9.62
CA SER A 80 8.71 9.90 10.07
C SER A 80 7.71 9.64 8.94
N ALA A 81 8.27 9.38 7.76
CA ALA A 81 7.49 9.16 6.56
C ALA A 81 7.57 7.68 6.14
N ASP A 82 8.02 6.88 7.08
CA ASP A 82 8.26 5.46 6.89
C ASP A 82 7.19 4.60 7.57
N PRO A 83 6.95 3.37 7.07
CA PRO A 83 5.97 2.51 7.74
C PRO A 83 6.55 1.75 8.93
N PHE A 84 5.67 1.23 9.78
CA PHE A 84 6.10 0.42 10.92
C PHE A 84 6.07 -1.05 10.56
N ASP A 85 5.88 -1.31 9.28
CA ASP A 85 5.72 -2.66 8.75
C ASP A 85 7.05 -3.36 8.51
N LEU A 86 8.00 -3.06 9.36
CA LEU A 86 9.34 -3.67 9.30
C LEU A 86 9.23 -5.16 9.63
N GLU A 87 8.16 -5.49 10.33
CA GLU A 87 7.85 -6.86 10.72
C GLU A 87 7.18 -7.64 9.58
N ALA A 88 6.58 -6.91 8.65
CA ALA A 88 5.81 -7.50 7.55
C ALA A 88 6.73 -7.87 6.38
N GLN A 89 7.84 -8.51 6.70
CA GLN A 89 8.84 -8.84 5.68
C GLN A 89 8.27 -9.75 4.58
N ALA A 90 8.54 -9.34 3.34
CA ALA A 90 8.01 -10.01 2.16
C ALA A 90 8.69 -11.37 1.89
N LYS A 91 8.04 -12.17 1.05
CA LYS A 91 8.53 -13.48 0.64
C LYS A 91 8.66 -13.51 -0.86
N ILE A 92 9.23 -14.59 -1.37
CA ILE A 92 9.27 -14.83 -2.82
C ILE A 92 8.20 -15.88 -3.15
N GLU A 93 6.95 -15.46 -3.00
CA GLU A 93 5.79 -16.31 -3.25
C GLU A 93 4.80 -15.57 -4.14
N GLU A 94 3.95 -16.33 -4.83
CA GLU A 94 2.96 -15.76 -5.76
C GLU A 94 1.76 -16.72 -5.85
N ASP A 95 0.61 -16.19 -6.23
CA ASP A 95 -0.61 -16.97 -6.39
C ASP A 95 -1.42 -16.49 -7.60
N ILE A 96 -1.04 -17.02 -8.75
CA ILE A 96 -1.73 -16.78 -10.02
C ILE A 96 -2.05 -18.16 -10.60
N ARG A 97 -2.54 -19.04 -9.74
CA ARG A 97 -2.77 -20.45 -10.12
C ARG A 97 -4.12 -20.64 -10.84
N GLN A 98 -4.28 -19.90 -11.94
CA GLN A 98 -5.50 -19.88 -12.77
C GLN A 98 -6.75 -19.50 -11.93
N SER A 1 2.26 -11.39 4.64
CA SER A 1 3.31 -11.57 5.75
C SER A 1 2.87 -11.03 7.10
N GLN A 2 1.61 -10.54 7.08
CA GLN A 2 0.94 -9.92 8.23
C GLN A 2 1.75 -8.70 8.69
N GLN A 3 1.63 -8.31 9.95
CA GLN A 3 2.28 -7.10 10.45
C GLN A 3 3.50 -7.47 11.30
N SER A 4 4.54 -6.65 11.22
CA SER A 4 5.73 -6.84 12.03
C SER A 4 5.41 -6.36 13.44
N HIS A 5 5.86 -7.11 14.44
CA HIS A 5 5.61 -6.79 15.85
C HIS A 5 6.96 -6.63 16.56
N SER A 6 7.98 -6.28 15.77
CA SER A 6 9.33 -6.13 16.29
C SER A 6 10.04 -5.15 15.38
N SER A 7 11.29 -4.80 15.70
CA SER A 7 12.09 -3.92 14.85
C SER A 7 13.37 -4.61 14.38
N PRO A 8 13.26 -5.56 13.43
CA PRO A 8 14.48 -6.22 12.94
C PRO A 8 15.23 -5.31 11.97
N GLY A 9 16.32 -5.80 11.41
CA GLY A 9 17.11 -5.03 10.44
C GLY A 9 16.49 -4.98 9.05
N GLU A 10 15.19 -4.78 8.98
CA GLU A 10 14.45 -4.74 7.71
C GLU A 10 14.51 -3.36 7.06
N ILE A 11 15.60 -2.66 7.31
CA ILE A 11 15.84 -1.32 6.85
C ILE A 11 15.96 -1.22 5.35
N THR A 12 16.19 -2.39 4.81
CA THR A 12 16.25 -2.61 3.37
C THR A 12 15.31 -3.74 2.99
N SER A 13 14.06 -3.38 2.88
CA SER A 13 12.99 -4.31 2.54
C SER A 13 11.82 -3.50 2.02
N SER A 14 10.79 -4.18 1.53
CA SER A 14 9.59 -3.52 1.04
C SER A 14 8.36 -3.98 1.84
N PRO A 15 8.19 -3.48 3.07
CA PRO A 15 7.06 -3.96 3.89
C PRO A 15 5.71 -3.48 3.41
N GLN A 16 5.74 -2.51 2.52
CA GLN A 16 4.53 -2.02 1.86
C GLN A 16 3.98 -3.06 0.88
N GLY A 17 4.71 -4.16 0.68
CA GLY A 17 4.26 -5.21 -0.23
C GLY A 17 4.34 -4.77 -1.66
N LEU A 18 5.16 -3.76 -1.92
CA LEU A 18 5.25 -3.16 -3.26
C LEU A 18 5.86 -4.11 -4.29
N ASP A 19 6.81 -4.94 -3.86
CA ASP A 19 7.44 -5.91 -4.75
C ASP A 19 6.59 -7.18 -4.81
N ASN A 20 5.66 -7.30 -3.88
CA ASN A 20 4.82 -8.48 -3.77
C ASN A 20 3.34 -8.13 -3.72
N PRO A 21 2.76 -7.73 -4.86
CA PRO A 21 1.32 -7.46 -4.89
C PRO A 21 0.49 -8.69 -4.53
N ALA A 22 1.02 -9.88 -4.79
CA ALA A 22 0.31 -11.10 -4.43
C ALA A 22 0.11 -11.21 -2.93
N LEU A 23 1.14 -10.87 -2.17
CA LEU A 23 1.08 -10.93 -0.70
C LEU A 23 0.31 -9.75 -0.15
N LEU A 24 0.40 -8.61 -0.81
CA LEU A 24 -0.33 -7.42 -0.39
C LEU A 24 -1.82 -7.67 -0.51
N ARG A 25 -2.22 -8.19 -1.65
CA ARG A 25 -3.62 -8.54 -1.91
C ARG A 25 -4.08 -9.54 -0.86
N ASP A 26 -3.23 -10.50 -0.53
CA ASP A 26 -3.58 -11.52 0.47
C ASP A 26 -3.75 -10.91 1.87
N MET A 27 -2.82 -10.03 2.25
CA MET A 27 -2.88 -9.35 3.55
C MET A 27 -4.12 -8.48 3.63
N LEU A 28 -4.40 -7.75 2.56
CA LEU A 28 -5.60 -6.92 2.51
C LEU A 28 -6.88 -7.72 2.67
N LEU A 29 -6.98 -8.85 1.98
CA LEU A 29 -8.18 -9.70 2.07
C LEU A 29 -8.33 -10.22 3.49
N ALA A 30 -7.22 -10.49 4.14
CA ALA A 30 -7.21 -10.98 5.51
C ALA A 30 -7.40 -9.84 6.54
N ASN A 31 -7.32 -8.59 6.10
CA ASN A 31 -7.38 -7.45 7.01
C ASN A 31 -8.59 -6.54 6.73
N PRO A 32 -9.67 -6.69 7.51
CA PRO A 32 -10.86 -5.88 7.22
C PRO A 32 -10.68 -4.37 7.42
N HIS A 33 -9.77 -3.95 8.28
CA HIS A 33 -9.53 -2.54 8.50
C HIS A 33 -8.74 -1.93 7.34
N GLU A 34 -7.76 -2.67 6.87
CA GLU A 34 -6.84 -2.19 5.84
C GLU A 34 -7.56 -2.19 4.50
N LEU A 35 -8.39 -3.18 4.28
CA LEU A 35 -9.18 -3.24 3.06
C LEU A 35 -10.19 -2.08 3.04
N SER A 36 -10.64 -1.67 4.21
CA SER A 36 -11.61 -0.59 4.34
C SER A 36 -10.96 0.76 4.08
N LEU A 37 -9.77 0.99 4.62
CA LEU A 37 -9.08 2.26 4.39
C LEU A 37 -8.72 2.38 2.95
N LEU A 38 -8.51 1.24 2.35
CA LEU A 38 -8.14 1.20 0.97
C LEU A 38 -9.27 1.68 0.08
N LYS A 39 -10.49 1.24 0.34
CA LYS A 39 -11.64 1.79 -0.42
C LYS A 39 -11.99 3.20 0.03
N GLU A 40 -11.65 3.56 1.26
CA GLU A 40 -11.88 4.90 1.77
C GLU A 40 -10.94 5.90 1.08
N ARG A 41 -9.66 5.55 0.99
CA ARG A 41 -8.64 6.48 0.47
C ARG A 41 -8.09 6.24 -0.94
N ASN A 42 -8.16 5.00 -1.41
CA ASN A 42 -7.64 4.63 -2.74
C ASN A 42 -8.61 3.76 -3.54
N PRO A 43 -9.76 4.33 -3.97
CA PRO A 43 -10.69 3.45 -4.70
C PRO A 43 -10.17 2.69 -5.95
N PRO A 44 -9.25 3.26 -6.77
CA PRO A 44 -8.85 2.36 -7.87
C PRO A 44 -8.06 1.11 -7.44
N LEU A 45 -7.23 1.20 -6.41
CA LEU A 45 -6.52 0.01 -5.93
C LEU A 45 -7.51 -0.87 -5.17
N ALA A 46 -8.46 -0.23 -4.53
CA ALA A 46 -9.48 -0.97 -3.80
C ALA A 46 -10.33 -1.85 -4.71
N GLU A 47 -10.85 -1.33 -5.82
CA GLU A 47 -11.71 -2.13 -6.71
C GLU A 47 -10.94 -3.34 -7.25
N ALA A 48 -9.64 -3.16 -7.41
CA ALA A 48 -8.75 -4.20 -7.83
C ALA A 48 -8.71 -5.34 -6.85
N LEU A 49 -8.69 -5.01 -5.57
CA LEU A 49 -8.73 -6.02 -4.52
C LEU A 49 -10.10 -6.71 -4.51
N LEU A 50 -11.16 -5.92 -4.66
CA LEU A 50 -12.53 -6.45 -4.54
C LEU A 50 -12.81 -7.45 -5.65
N SER A 51 -12.22 -7.22 -6.81
CA SER A 51 -12.39 -8.07 -7.96
C SER A 51 -11.67 -9.40 -7.77
N GLY A 52 -10.64 -9.41 -6.92
CA GLY A 52 -9.87 -10.62 -6.68
C GLY A 52 -8.75 -10.81 -7.68
N ASP A 53 -8.90 -10.18 -8.85
CA ASP A 53 -7.90 -10.28 -9.91
C ASP A 53 -6.56 -9.70 -9.48
N LEU A 54 -5.59 -10.59 -9.27
CA LEU A 54 -4.26 -10.16 -8.90
C LEU A 54 -3.71 -9.32 -10.04
N GLU A 55 -4.07 -9.68 -11.26
CA GLU A 55 -3.60 -8.95 -12.44
C GLU A 55 -3.96 -7.47 -12.32
N LYS A 56 -5.22 -7.19 -12.06
CA LYS A 56 -5.63 -5.78 -11.92
C LYS A 56 -5.06 -5.17 -10.64
N PHE A 57 -4.98 -5.92 -9.55
CA PHE A 57 -4.35 -5.40 -8.33
C PHE A 57 -2.91 -4.99 -8.58
N SER A 58 -2.12 -5.87 -9.19
CA SER A 58 -0.72 -5.60 -9.50
C SER A 58 -0.54 -4.46 -10.49
N ARG A 59 -1.36 -4.43 -11.53
CA ARG A 59 -1.26 -3.37 -12.53
C ARG A 59 -1.52 -2.02 -11.87
N VAL A 60 -2.60 -1.93 -11.10
CA VAL A 60 -2.96 -0.68 -10.45
C VAL A 60 -1.90 -0.34 -9.41
N LEU A 61 -1.33 -1.35 -8.76
CA LEU A 61 -0.27 -1.13 -7.78
C LEU A 61 0.86 -0.28 -8.37
N VAL A 62 1.29 -0.59 -9.59
CA VAL A 62 2.37 0.16 -10.24
C VAL A 62 1.88 1.56 -10.59
N GLU A 63 0.67 1.67 -11.10
CA GLU A 63 0.13 2.96 -11.51
C GLU A 63 0.03 3.91 -10.31
N GLN A 64 -0.45 3.41 -9.18
CA GLN A 64 -0.56 4.23 -7.99
C GLN A 64 0.83 4.55 -7.43
N GLN A 65 1.79 3.64 -7.58
CA GLN A 65 3.16 3.95 -7.16
C GLN A 65 3.73 5.07 -8.01
N GLN A 66 3.43 5.06 -9.31
CA GLN A 66 3.92 6.12 -10.19
C GLN A 66 3.31 7.45 -9.81
N ASP A 67 2.04 7.49 -9.45
CA ASP A 67 1.41 8.75 -9.06
C ASP A 67 1.83 9.22 -7.69
N ARG A 68 1.93 8.29 -6.75
CA ARG A 68 2.30 8.66 -5.38
C ARG A 68 3.66 9.30 -5.38
N ALA A 69 4.52 8.82 -6.24
CA ALA A 69 5.86 9.40 -6.41
C ALA A 69 5.80 10.90 -6.80
N ARG A 70 4.76 11.31 -7.52
CA ARG A 70 4.60 12.71 -7.88
C ARG A 70 4.16 13.50 -6.67
N ARG A 71 3.24 12.92 -5.90
CA ARG A 71 2.69 13.61 -4.72
C ARG A 71 3.72 13.68 -3.60
N GLU A 72 4.55 12.66 -3.54
CA GLU A 72 5.53 12.50 -2.46
C GLU A 72 6.46 13.69 -2.33
N GLN A 73 6.78 14.30 -3.45
CA GLN A 73 7.66 15.47 -3.47
C GLN A 73 7.08 16.60 -2.60
N GLU A 74 5.76 16.73 -2.60
CA GLU A 74 5.10 17.66 -1.69
C GLU A 74 4.95 17.08 -0.27
N ARG A 75 4.64 15.80 -0.16
CA ARG A 75 4.36 15.19 1.15
C ARG A 75 5.57 15.12 2.08
N ILE A 76 6.77 15.01 1.53
CA ILE A 76 8.01 15.00 2.34
C ILE A 76 8.23 16.34 3.05
N ARG A 77 7.57 17.38 2.59
CA ARG A 77 7.64 18.70 3.25
C ARG A 77 7.01 18.63 4.64
N LEU A 78 6.22 17.58 4.86
CA LEU A 78 5.56 17.28 6.12
C LEU A 78 4.57 18.39 6.53
N PHE A 79 3.87 18.16 7.64
CA PHE A 79 2.87 19.07 8.19
C PHE A 79 1.75 19.44 7.22
N SER A 80 1.56 18.57 6.23
CA SER A 80 0.56 18.75 5.21
C SER A 80 -0.63 17.85 5.53
N ALA A 81 -1.75 18.50 5.79
CA ALA A 81 -3.00 17.83 6.12
C ALA A 81 -3.89 17.77 4.86
N ASP A 82 -3.30 17.39 3.74
CA ASP A 82 -4.01 17.33 2.47
C ASP A 82 -5.10 16.23 2.49
N PRO A 83 -6.31 16.52 1.96
CA PRO A 83 -7.43 15.56 1.99
C PRO A 83 -7.34 14.47 0.93
N PHE A 84 -8.18 13.44 1.06
CA PHE A 84 -8.22 12.33 0.10
C PHE A 84 -9.60 12.06 -0.43
N ASP A 85 -10.51 12.77 0.17
CA ASP A 85 -11.94 12.65 -0.04
C ASP A 85 -12.38 13.52 -1.21
N LEU A 86 -11.62 13.43 -2.29
CA LEU A 86 -11.95 14.15 -3.52
C LEU A 86 -13.12 13.43 -4.20
N GLU A 87 -13.18 12.12 -4.04
CA GLU A 87 -14.30 11.32 -4.55
C GLU A 87 -15.47 11.31 -3.55
N ALA A 88 -15.13 11.19 -2.27
CA ALA A 88 -16.08 11.21 -1.14
C ALA A 88 -17.38 10.38 -1.37
N GLN A 89 -17.20 9.12 -1.71
CA GLN A 89 -18.31 8.19 -1.96
C GLN A 89 -18.61 7.36 -0.72
N ALA A 90 -19.75 6.66 -0.75
CA ALA A 90 -20.15 5.78 0.35
C ALA A 90 -20.47 4.40 -0.21
N LYS A 91 -20.08 3.35 0.50
CA LYS A 91 -20.34 1.99 0.06
C LYS A 91 -21.77 1.57 0.37
N ILE A 92 -22.26 0.60 -0.39
CA ILE A 92 -23.59 0.06 -0.20
C ILE A 92 -23.49 -1.46 -0.29
N GLU A 93 -23.35 -2.08 0.88
CA GLU A 93 -23.24 -3.52 1.06
C GLU A 93 -22.14 -4.25 0.25
N GLU A 94 -21.96 -5.54 0.52
CA GLU A 94 -20.95 -6.36 -0.15
C GLU A 94 -21.36 -7.83 -0.12
N ASP A 95 -21.29 -8.48 -1.27
CA ASP A 95 -21.51 -9.94 -1.35
C ASP A 95 -20.56 -10.54 -2.40
N ILE A 96 -19.31 -10.75 -2.00
CA ILE A 96 -18.28 -11.27 -2.89
C ILE A 96 -18.27 -12.81 -2.89
N ARG A 97 -19.46 -13.41 -2.79
CA ARG A 97 -19.59 -14.87 -2.77
C ARG A 97 -19.60 -15.44 -4.20
N GLN A 98 -18.64 -15.01 -5.01
CA GLN A 98 -18.49 -15.46 -6.40
C GLN A 98 -17.04 -15.41 -6.85
N SER A 1 9.39 28.43 8.24
CA SER A 1 9.94 29.81 8.38
C SER A 1 10.45 30.15 9.76
N GLN A 2 10.23 29.21 10.69
CA GLN A 2 10.62 29.37 12.08
C GLN A 2 10.85 27.98 12.67
N GLN A 3 11.54 27.94 13.81
CA GLN A 3 11.87 26.72 14.58
C GLN A 3 12.83 25.72 13.90
N SER A 4 12.61 25.40 12.63
CA SER A 4 13.42 24.39 11.95
C SER A 4 13.46 24.65 10.45
N HIS A 5 14.31 23.89 9.78
CA HIS A 5 14.38 23.88 8.32
C HIS A 5 13.93 22.48 7.91
N SER A 6 14.47 21.94 6.83
CA SER A 6 14.13 20.59 6.40
C SER A 6 15.40 19.75 6.37
N SER A 7 15.24 18.44 6.37
CA SER A 7 16.35 17.51 6.25
C SER A 7 15.77 16.35 5.45
N PRO A 8 16.52 15.83 4.46
CA PRO A 8 15.87 14.80 3.64
C PRO A 8 15.83 13.42 4.30
N GLY A 9 15.02 12.56 3.72
CA GLY A 9 14.84 11.22 4.23
C GLY A 9 14.49 10.25 3.12
N GLU A 10 15.37 10.14 2.12
CA GLU A 10 15.17 9.27 0.96
C GLU A 10 15.35 7.77 1.27
N ILE A 11 14.94 7.35 2.46
CA ILE A 11 15.12 6.01 2.94
C ILE A 11 14.01 5.13 2.39
N THR A 12 13.04 5.83 1.88
CA THR A 12 11.84 5.25 1.28
C THR A 12 12.18 4.42 0.05
N SER A 13 12.22 3.11 0.24
CA SER A 13 12.61 2.17 -0.79
C SER A 13 11.92 0.85 -0.47
N SER A 14 12.14 -0.17 -1.30
CA SER A 14 11.59 -1.53 -1.15
C SER A 14 10.61 -1.81 0.00
N PRO A 15 9.35 -1.37 -0.13
CA PRO A 15 8.39 -1.53 0.98
C PRO A 15 7.81 -2.92 1.13
N GLN A 16 8.20 -3.76 0.19
CA GLN A 16 7.77 -5.15 0.02
C GLN A 16 6.32 -5.28 -0.47
N GLY A 17 5.48 -4.32 -0.13
CA GLY A 17 4.11 -4.33 -0.62
C GLY A 17 4.02 -4.20 -2.13
N LEU A 18 5.00 -3.55 -2.75
CA LEU A 18 5.02 -3.42 -4.21
C LEU A 18 5.81 -4.55 -4.84
N ASP A 19 6.78 -5.04 -4.09
CA ASP A 19 7.71 -6.06 -4.57
C ASP A 19 7.05 -7.43 -4.56
N ASN A 20 6.12 -7.60 -3.63
CA ASN A 20 5.29 -8.79 -3.53
C ASN A 20 3.83 -8.35 -3.44
N PRO A 21 3.25 -7.97 -4.59
CA PRO A 21 1.87 -7.48 -4.57
C PRO A 21 0.86 -8.58 -4.29
N ALA A 22 1.22 -9.81 -4.60
CA ALA A 22 0.35 -10.94 -4.30
C ALA A 22 0.18 -11.07 -2.79
N LEU A 23 1.27 -10.89 -2.05
CA LEU A 23 1.22 -10.99 -0.59
C LEU A 23 0.44 -9.81 -0.02
N LEU A 24 0.63 -8.62 -0.59
CA LEU A 24 -0.11 -7.45 -0.12
C LEU A 24 -1.60 -7.62 -0.40
N ARG A 25 -1.95 -8.10 -1.59
CA ARG A 25 -3.34 -8.38 -1.95
C ARG A 25 -3.92 -9.35 -0.94
N ASP A 26 -3.17 -10.39 -0.62
CA ASP A 26 -3.64 -11.42 0.30
C ASP A 26 -3.85 -10.88 1.72
N MET A 27 -2.90 -10.06 2.19
CA MET A 27 -3.01 -9.43 3.51
C MET A 27 -4.25 -8.57 3.56
N LEU A 28 -4.40 -7.75 2.54
CA LEU A 28 -5.54 -6.84 2.44
C LEU A 28 -6.86 -7.58 2.41
N LEU A 29 -6.92 -8.68 1.66
CA LEU A 29 -8.15 -9.48 1.57
C LEU A 29 -8.52 -10.04 2.93
N ALA A 30 -7.50 -10.43 3.69
CA ALA A 30 -7.70 -11.00 5.01
C ALA A 30 -7.94 -9.93 6.09
N ASN A 31 -7.66 -8.68 5.79
CA ASN A 31 -7.73 -7.61 6.79
C ASN A 31 -8.92 -6.67 6.55
N PRO A 32 -10.02 -6.85 7.30
CA PRO A 32 -11.19 -6.01 7.02
C PRO A 32 -11.01 -4.52 7.32
N HIS A 33 -10.10 -4.17 8.22
CA HIS A 33 -9.85 -2.77 8.53
C HIS A 33 -9.04 -2.09 7.43
N GLU A 34 -8.02 -2.79 6.94
CA GLU A 34 -7.09 -2.23 5.97
C GLU A 34 -7.76 -2.15 4.62
N LEU A 35 -8.53 -3.18 4.29
CA LEU A 35 -9.29 -3.17 3.03
C LEU A 35 -10.30 -2.01 3.03
N SER A 36 -10.76 -1.63 4.21
CA SER A 36 -11.73 -0.55 4.37
C SER A 36 -11.06 0.82 4.18
N LEU A 37 -9.87 1.00 4.73
CA LEU A 37 -9.16 2.27 4.53
C LEU A 37 -8.77 2.39 3.11
N LEU A 38 -8.50 1.26 2.51
CA LEU A 38 -8.10 1.22 1.14
C LEU A 38 -9.20 1.69 0.21
N LYS A 39 -10.42 1.23 0.41
CA LYS A 39 -11.54 1.74 -0.40
C LYS A 39 -11.86 3.19 -0.08
N GLU A 40 -11.58 3.64 1.14
CA GLU A 40 -11.80 5.03 1.52
C GLU A 40 -10.73 5.96 0.90
N ARG A 41 -9.47 5.59 1.02
CA ARG A 41 -8.37 6.46 0.57
C ARG A 41 -7.88 6.21 -0.86
N ASN A 42 -7.92 4.96 -1.30
CA ASN A 42 -7.48 4.59 -2.65
C ASN A 42 -8.49 3.72 -3.40
N PRO A 43 -9.66 4.29 -3.76
CA PRO A 43 -10.61 3.42 -4.46
C PRO A 43 -10.14 2.69 -5.75
N PRO A 44 -9.26 3.29 -6.61
CA PRO A 44 -8.89 2.42 -7.74
C PRO A 44 -8.01 1.20 -7.38
N LEU A 45 -7.20 1.27 -6.33
CA LEU A 45 -6.46 0.07 -5.93
C LEU A 45 -7.42 -0.87 -5.21
N ALA A 46 -8.35 -0.27 -4.47
CA ALA A 46 -9.33 -1.05 -3.74
C ALA A 46 -10.23 -1.88 -4.66
N GLU A 47 -10.79 -1.29 -5.71
CA GLU A 47 -11.72 -2.03 -6.58
C GLU A 47 -11.03 -3.24 -7.21
N ALA A 48 -9.74 -3.12 -7.45
CA ALA A 48 -8.95 -4.20 -7.97
C ALA A 48 -8.85 -5.34 -6.96
N LEU A 49 -8.72 -4.98 -5.69
CA LEU A 49 -8.65 -5.95 -4.60
C LEU A 49 -9.99 -6.67 -4.46
N LEU A 50 -11.07 -5.93 -4.53
CA LEU A 50 -12.42 -6.48 -4.33
C LEU A 50 -12.72 -7.52 -5.40
N SER A 51 -12.11 -7.32 -6.55
CA SER A 51 -12.31 -8.18 -7.70
C SER A 51 -11.49 -9.48 -7.61
N GLY A 52 -10.53 -9.53 -6.71
CA GLY A 52 -9.72 -10.73 -6.51
C GLY A 52 -8.56 -10.88 -7.48
N ASP A 53 -8.73 -10.35 -8.68
CA ASP A 53 -7.72 -10.43 -9.74
C ASP A 53 -6.39 -9.82 -9.32
N LEU A 54 -5.39 -10.66 -9.12
CA LEU A 54 -4.06 -10.18 -8.79
C LEU A 54 -3.58 -9.37 -9.99
N GLU A 55 -3.99 -9.77 -11.18
CA GLU A 55 -3.62 -9.05 -12.40
C GLU A 55 -3.97 -7.58 -12.32
N LYS A 56 -5.22 -7.28 -12.02
CA LYS A 56 -5.66 -5.89 -11.97
C LYS A 56 -5.13 -5.22 -10.73
N PHE A 57 -4.98 -5.97 -9.65
CA PHE A 57 -4.43 -5.43 -8.41
C PHE A 57 -2.99 -4.99 -8.62
N SER A 58 -2.16 -5.87 -9.17
CA SER A 58 -0.75 -5.56 -9.39
C SER A 58 -0.61 -4.45 -10.42
N ARG A 59 -1.43 -4.48 -11.45
CA ARG A 59 -1.34 -3.45 -12.50
C ARG A 59 -1.67 -2.08 -11.93
N VAL A 60 -2.78 -1.95 -11.22
CA VAL A 60 -3.18 -0.66 -10.68
C VAL A 60 -2.20 -0.24 -9.58
N LEU A 61 -1.61 -1.21 -8.89
CA LEU A 61 -0.60 -0.93 -7.88
C LEU A 61 0.57 -0.19 -8.52
N VAL A 62 0.98 -0.62 -9.72
CA VAL A 62 2.09 0.03 -10.44
C VAL A 62 1.66 1.39 -10.95
N GLU A 63 0.41 1.51 -11.39
CA GLU A 63 -0.12 2.82 -11.79
C GLU A 63 0.00 3.78 -10.61
N GLN A 64 -0.32 3.29 -9.41
CA GLN A 64 -0.18 4.08 -8.20
C GLN A 64 1.30 4.34 -7.86
N GLN A 65 2.20 3.41 -8.14
CA GLN A 65 3.63 3.66 -7.90
C GLN A 65 4.12 4.81 -8.77
N GLN A 66 3.67 4.85 -10.02
CA GLN A 66 4.09 5.91 -10.92
C GLN A 66 3.60 7.25 -10.40
N ASP A 67 2.40 7.29 -9.87
CA ASP A 67 1.81 8.54 -9.42
C ASP A 67 2.36 9.00 -8.07
N ARG A 68 2.54 8.08 -7.15
CA ARG A 68 3.04 8.45 -5.82
C ARG A 68 4.42 9.01 -5.93
N ALA A 69 5.24 8.38 -6.75
CA ALA A 69 6.62 8.79 -6.98
C ALA A 69 6.74 10.27 -7.41
N ARG A 70 5.75 10.78 -8.13
CA ARG A 70 5.77 12.17 -8.61
C ARG A 70 5.69 13.16 -7.45
N ARG A 71 4.74 12.95 -6.56
CA ARG A 71 4.57 13.84 -5.39
C ARG A 71 5.61 13.55 -4.33
N GLU A 72 6.09 12.33 -4.32
CA GLU A 72 7.08 11.86 -3.37
C GLU A 72 8.38 12.66 -3.43
N GLN A 73 8.73 13.16 -4.62
CA GLN A 73 9.93 13.96 -4.79
C GLN A 73 9.96 15.14 -3.82
N GLU A 74 8.81 15.75 -3.60
CA GLU A 74 8.70 16.84 -2.65
C GLU A 74 8.62 16.35 -1.21
N ARG A 75 8.03 15.17 -1.00
CA ARG A 75 7.89 14.64 0.36
C ARG A 75 9.23 14.29 0.97
N ILE A 76 10.07 13.59 0.24
CA ILE A 76 11.36 13.08 0.75
C ILE A 76 12.30 14.18 1.22
N ARG A 77 12.05 15.41 0.78
CA ARG A 77 12.88 16.55 1.20
C ARG A 77 12.77 16.88 2.69
N LEU A 78 11.74 16.35 3.34
CA LEU A 78 11.47 16.63 4.76
C LEU A 78 10.83 15.43 5.48
N PHE A 79 9.88 14.79 4.81
CA PHE A 79 9.11 13.69 5.36
C PHE A 79 9.54 12.37 4.73
N SER A 80 8.79 11.31 5.03
CA SER A 80 8.96 10.00 4.39
C SER A 80 10.31 9.32 4.57
N ALA A 81 10.89 9.50 5.76
CA ALA A 81 12.09 8.75 6.16
C ALA A 81 11.67 7.34 6.65
N ASP A 82 10.71 6.76 5.94
CA ASP A 82 10.08 5.51 6.33
C ASP A 82 10.99 4.33 5.96
N PRO A 83 11.01 3.25 6.78
CA PRO A 83 11.90 2.12 6.49
C PRO A 83 11.44 1.20 5.36
N PHE A 84 12.33 0.28 4.97
CA PHE A 84 12.08 -0.65 3.87
C PHE A 84 12.07 -2.10 4.37
N ASP A 85 12.08 -2.21 5.68
CA ASP A 85 12.21 -3.49 6.41
C ASP A 85 13.54 -4.19 6.13
N LEU A 86 14.41 -4.18 7.12
CA LEU A 86 15.72 -4.81 7.02
C LEU A 86 15.61 -6.33 6.87
N GLU A 87 14.56 -6.92 7.44
CA GLU A 87 14.32 -8.35 7.29
C GLU A 87 13.66 -8.63 5.94
N ALA A 88 12.60 -7.86 5.68
CA ALA A 88 11.77 -7.99 4.47
C ALA A 88 11.47 -9.48 4.14
N GLN A 89 11.09 -10.19 5.19
CA GLN A 89 10.94 -11.65 5.15
C GLN A 89 9.73 -12.17 4.37
N ALA A 90 9.72 -13.49 4.16
CA ALA A 90 8.66 -14.26 3.50
C ALA A 90 8.44 -13.96 2.01
N LYS A 91 8.35 -15.01 1.21
CA LYS A 91 8.19 -14.91 -0.23
C LYS A 91 7.14 -15.92 -0.66
N ILE A 92 7.00 -16.15 -1.95
CA ILE A 92 6.00 -17.07 -2.48
C ILE A 92 6.76 -18.29 -2.99
N GLU A 93 6.61 -19.39 -2.28
CA GLU A 93 7.27 -20.64 -2.59
C GLU A 93 6.26 -21.78 -2.56
N GLU A 94 6.31 -22.64 -3.57
CA GLU A 94 5.39 -23.78 -3.69
C GLU A 94 6.02 -24.88 -4.52
N ASP A 95 5.63 -26.11 -4.25
CA ASP A 95 5.96 -27.26 -5.12
C ASP A 95 4.78 -28.23 -5.04
N ILE A 96 3.57 -27.67 -5.11
CA ILE A 96 2.34 -28.46 -5.02
C ILE A 96 2.07 -29.00 -6.43
N ARG A 97 3.01 -29.81 -6.90
CA ARG A 97 3.03 -30.33 -8.27
C ARG A 97 2.07 -31.51 -8.51
N GLN A 98 0.99 -31.56 -7.73
CA GLN A 98 -0.01 -32.64 -7.80
C GLN A 98 -1.42 -32.08 -7.74
N SER A 1 -10.96 -2.17 22.33
CA SER A 1 -11.21 -0.87 21.60
C SER A 1 -9.96 -0.13 21.13
N GLN A 2 -9.11 -0.90 20.43
CA GLN A 2 -7.79 -0.47 19.91
C GLN A 2 -6.87 -0.01 21.04
N GLN A 3 -5.69 0.48 20.68
CA GLN A 3 -4.69 0.99 21.62
C GLN A 3 -3.92 2.06 20.86
N SER A 4 -3.31 2.99 21.58
CA SER A 4 -2.49 4.02 20.95
C SER A 4 -1.08 3.48 20.77
N HIS A 5 -0.44 3.77 19.65
CA HIS A 5 0.92 3.31 19.39
C HIS A 5 1.53 4.20 18.32
N SER A 6 2.84 4.14 18.17
CA SER A 6 3.55 4.88 17.11
C SER A 6 4.74 4.01 16.75
N SER A 7 5.21 4.11 15.52
CA SER A 7 6.30 3.27 15.03
C SER A 7 7.48 4.11 14.51
N PRO A 8 8.37 4.56 15.41
CA PRO A 8 9.53 5.29 14.88
C PRO A 8 10.49 4.33 14.20
N GLY A 9 11.33 4.88 13.35
CA GLY A 9 12.23 4.10 12.52
C GLY A 9 11.60 3.99 11.15
N GLU A 10 11.04 5.12 10.72
CA GLU A 10 10.26 5.28 9.49
C GLU A 10 11.09 5.23 8.20
N ILE A 11 12.04 4.32 8.15
CA ILE A 11 12.97 4.16 7.05
C ILE A 11 12.44 3.13 6.04
N THR A 12 11.25 2.64 6.36
CA THR A 12 10.59 1.63 5.54
C THR A 12 10.12 2.18 4.19
N SER A 13 9.99 1.27 3.24
CA SER A 13 9.49 1.59 1.90
C SER A 13 8.39 0.60 1.56
N SER A 14 8.03 -0.20 2.56
CA SER A 14 7.08 -1.31 2.41
C SER A 14 7.37 -2.24 1.23
N PRO A 15 8.57 -2.85 1.20
CA PRO A 15 8.88 -3.69 0.03
C PRO A 15 8.02 -4.95 -0.07
N GLN A 16 7.51 -5.40 1.07
CA GLN A 16 6.64 -6.57 1.12
C GLN A 16 5.35 -6.35 0.34
N GLY A 17 5.05 -5.10 0.04
CA GLY A 17 3.85 -4.77 -0.70
C GLY A 17 4.14 -4.19 -2.07
N LEU A 18 5.22 -3.46 -2.17
CA LEU A 18 5.57 -2.80 -3.42
C LEU A 18 6.14 -3.81 -4.42
N ASP A 19 6.95 -4.74 -3.92
CA ASP A 19 7.57 -5.75 -4.79
C ASP A 19 6.57 -6.86 -4.99
N ASN A 20 5.85 -7.15 -3.92
CA ASN A 20 4.94 -8.26 -3.88
C ASN A 20 3.46 -7.90 -3.81
N PRO A 21 2.83 -7.63 -4.97
CA PRO A 21 1.39 -7.42 -4.95
C PRO A 21 0.63 -8.66 -4.54
N ALA A 22 1.21 -9.83 -4.72
CA ALA A 22 0.53 -11.07 -4.37
C ALA A 22 0.36 -11.15 -2.86
N LEU A 23 1.41 -10.81 -2.12
CA LEU A 23 1.34 -10.82 -0.66
C LEU A 23 0.41 -9.72 -0.17
N LEU A 24 0.57 -8.54 -0.75
CA LEU A 24 -0.22 -7.39 -0.31
C LEU A 24 -1.71 -7.61 -0.58
N ARG A 25 -2.03 -8.20 -1.73
CA ARG A 25 -3.43 -8.53 -2.05
C ARG A 25 -3.96 -9.45 -0.98
N ASP A 26 -3.17 -10.44 -0.61
CA ASP A 26 -3.64 -11.43 0.33
C ASP A 26 -3.82 -10.84 1.73
N MET A 27 -2.86 -10.03 2.14
CA MET A 27 -2.90 -9.34 3.44
C MET A 27 -4.09 -8.40 3.52
N LEU A 28 -4.34 -7.67 2.44
CA LEU A 28 -5.46 -6.74 2.40
C LEU A 28 -6.78 -7.46 2.47
N LEU A 29 -6.89 -8.56 1.74
CA LEU A 29 -8.12 -9.36 1.75
C LEU A 29 -8.39 -9.90 3.14
N ALA A 30 -7.32 -10.30 3.81
CA ALA A 30 -7.41 -10.87 5.15
C ALA A 30 -7.64 -9.78 6.22
N ASN A 31 -7.42 -8.52 5.88
CA ASN A 31 -7.49 -7.44 6.85
C ASN A 31 -8.73 -6.56 6.61
N PRO A 32 -9.83 -6.81 7.34
CA PRO A 32 -11.05 -6.05 7.06
C PRO A 32 -10.96 -4.55 7.34
N HIS A 33 -10.07 -4.14 8.24
CA HIS A 33 -9.91 -2.72 8.53
C HIS A 33 -9.14 -2.02 7.42
N GLU A 34 -8.09 -2.67 6.94
CA GLU A 34 -7.21 -2.07 5.96
C GLU A 34 -7.94 -2.01 4.63
N LEU A 35 -8.60 -3.10 4.28
CA LEU A 35 -9.37 -3.13 3.05
C LEU A 35 -10.45 -2.03 3.04
N SER A 36 -10.94 -1.67 4.22
CA SER A 36 -11.96 -0.63 4.39
C SER A 36 -11.37 0.76 4.20
N LEU A 37 -10.17 0.97 4.71
CA LEU A 37 -9.52 2.27 4.54
C LEU A 37 -9.10 2.39 3.12
N LEU A 38 -8.73 1.28 2.55
CA LEU A 38 -8.29 1.22 1.19
C LEU A 38 -9.36 1.69 0.23
N LYS A 39 -10.59 1.23 0.40
CA LYS A 39 -11.70 1.75 -0.44
C LYS A 39 -12.01 3.22 -0.16
N GLU A 40 -11.72 3.70 1.03
CA GLU A 40 -11.96 5.12 1.35
C GLU A 40 -10.83 6.04 0.85
N ARG A 41 -9.58 5.63 1.09
CA ARG A 41 -8.40 6.43 0.73
C ARG A 41 -7.87 6.20 -0.67
N ASN A 42 -8.01 4.99 -1.17
CA ASN A 42 -7.49 4.60 -2.49
C ASN A 42 -8.47 3.77 -3.31
N PRO A 43 -9.63 4.35 -3.70
CA PRO A 43 -10.57 3.50 -4.44
C PRO A 43 -10.08 2.76 -5.71
N PRO A 44 -9.17 3.35 -6.53
CA PRO A 44 -8.80 2.48 -7.66
C PRO A 44 -7.99 1.23 -7.30
N LEU A 45 -7.14 1.27 -6.28
CA LEU A 45 -6.43 0.05 -5.89
C LEU A 45 -7.41 -0.83 -5.15
N ALA A 46 -8.32 -0.20 -4.43
CA ALA A 46 -9.29 -0.97 -3.69
C ALA A 46 -10.17 -1.81 -4.60
N GLU A 47 -10.74 -1.26 -5.66
CA GLU A 47 -11.66 -2.04 -6.51
C GLU A 47 -10.93 -3.22 -7.15
N ALA A 48 -9.66 -3.03 -7.40
CA ALA A 48 -8.79 -4.06 -7.92
C ALA A 48 -8.68 -5.20 -6.92
N LEU A 49 -8.52 -4.83 -5.65
CA LEU A 49 -8.40 -5.79 -4.57
C LEU A 49 -9.72 -6.51 -4.36
N LEU A 50 -10.82 -5.76 -4.38
CA LEU A 50 -12.13 -6.33 -4.05
C LEU A 50 -12.53 -7.39 -5.06
N SER A 51 -12.11 -7.18 -6.29
CA SER A 51 -12.43 -8.07 -7.40
C SER A 51 -11.67 -9.38 -7.31
N GLY A 52 -10.55 -9.36 -6.60
CA GLY A 52 -9.74 -10.57 -6.41
C GLY A 52 -8.70 -10.81 -7.48
N ASP A 53 -8.85 -10.21 -8.65
CA ASP A 53 -7.89 -10.45 -9.73
C ASP A 53 -6.54 -9.88 -9.39
N LEU A 54 -5.54 -10.75 -9.33
CA LEU A 54 -4.20 -10.30 -9.03
C LEU A 54 -3.67 -9.45 -10.16
N GLU A 55 -4.03 -9.78 -11.39
CA GLU A 55 -3.57 -8.97 -12.52
C GLU A 55 -4.00 -7.52 -12.37
N LYS A 56 -5.26 -7.28 -12.03
CA LYS A 56 -5.75 -5.92 -11.87
C LYS A 56 -5.15 -5.31 -10.63
N PHE A 57 -4.98 -6.09 -9.57
CA PHE A 57 -4.35 -5.56 -8.36
C PHE A 57 -2.93 -5.12 -8.62
N SER A 58 -2.13 -5.96 -9.24
CA SER A 58 -0.73 -5.66 -9.52
C SER A 58 -0.57 -4.54 -10.54
N ARG A 59 -1.42 -4.52 -11.54
CA ARG A 59 -1.33 -3.51 -12.59
C ARG A 59 -1.64 -2.14 -11.99
N VAL A 60 -2.68 -2.08 -11.19
CA VAL A 60 -3.04 -0.83 -10.51
C VAL A 60 -1.96 -0.49 -9.49
N LEU A 61 -1.35 -1.48 -8.87
CA LEU A 61 -0.27 -1.24 -7.91
C LEU A 61 0.83 -0.39 -8.54
N VAL A 62 1.22 -0.68 -9.78
CA VAL A 62 2.24 0.13 -10.47
C VAL A 62 1.73 1.53 -10.74
N GLU A 63 0.51 1.64 -11.23
CA GLU A 63 -0.08 2.96 -11.53
C GLU A 63 -0.13 3.79 -10.26
N GLN A 64 -0.42 3.14 -9.15
CA GLN A 64 -0.41 3.80 -7.87
C GLN A 64 1.01 4.16 -7.47
N GLN A 65 1.98 3.28 -7.62
CA GLN A 65 3.35 3.63 -7.24
C GLN A 65 3.85 4.86 -8.00
N GLN A 66 3.51 4.96 -9.28
CA GLN A 66 3.91 6.12 -10.07
C GLN A 66 3.28 7.41 -9.50
N ASP A 67 2.03 7.30 -9.08
CA ASP A 67 1.28 8.44 -8.55
C ASP A 67 1.68 8.77 -7.10
N ARG A 68 1.96 7.74 -6.31
CA ARG A 68 2.33 7.90 -4.91
C ARG A 68 3.67 8.61 -4.83
N ALA A 69 4.56 8.31 -5.77
CA ALA A 69 5.85 8.97 -5.86
C ALA A 69 5.71 10.51 -5.92
N ARG A 70 4.63 10.98 -6.52
CA ARG A 70 4.37 12.43 -6.62
C ARG A 70 3.94 13.02 -5.28
N ARG A 71 3.26 12.21 -4.47
CA ARG A 71 2.82 12.63 -3.13
C ARG A 71 3.95 12.50 -2.14
N GLU A 72 4.81 11.53 -2.38
CA GLU A 72 5.96 11.25 -1.52
C GLU A 72 6.82 12.48 -1.27
N GLN A 73 6.85 13.37 -2.25
CA GLN A 73 7.58 14.63 -2.12
C GLN A 73 7.06 15.45 -0.92
N GLU A 74 5.75 15.47 -0.73
CA GLU A 74 5.15 16.07 0.47
C GLU A 74 5.32 15.19 1.71
N ARG A 75 5.26 13.89 1.52
CA ARG A 75 5.25 12.94 2.65
C ARG A 75 6.50 12.96 3.50
N ILE A 76 7.64 13.32 2.94
CA ILE A 76 8.87 13.44 3.74
C ILE A 76 8.78 14.56 4.80
N ARG A 77 7.83 15.47 4.60
CA ARG A 77 7.54 16.56 5.56
C ARG A 77 6.74 16.02 6.77
N LEU A 78 6.26 14.79 6.64
CA LEU A 78 5.48 14.11 7.66
C LEU A 78 6.30 12.86 8.05
N PHE A 79 5.93 12.23 9.14
CA PHE A 79 6.68 11.09 9.65
C PHE A 79 6.54 9.85 8.80
N SER A 80 5.37 9.76 8.17
CA SER A 80 5.02 8.64 7.29
C SER A 80 5.35 7.27 7.92
N ALA A 81 4.93 7.11 9.16
CA ALA A 81 5.14 5.90 9.96
C ALA A 81 4.11 4.83 9.58
N ASP A 82 4.07 4.54 8.29
CA ASP A 82 3.13 3.60 7.71
C ASP A 82 3.41 2.20 8.32
N PRO A 83 2.42 1.61 9.00
CA PRO A 83 2.68 0.38 9.75
C PRO A 83 2.47 -0.92 8.95
N PHE A 84 2.59 -2.04 9.68
CA PHE A 84 2.22 -3.40 9.21
C PHE A 84 3.14 -4.02 8.16
N ASP A 85 4.39 -3.57 8.11
CA ASP A 85 5.44 -4.23 7.33
C ASP A 85 6.02 -5.30 8.24
N LEU A 86 5.18 -6.25 8.59
CA LEU A 86 5.54 -7.27 9.55
C LEU A 86 6.56 -8.24 8.95
N GLU A 87 6.44 -8.50 7.66
CA GLU A 87 7.40 -9.33 6.95
C GLU A 87 8.63 -8.50 6.59
N ALA A 88 8.34 -7.33 6.01
CA ALA A 88 9.33 -6.41 5.47
C ALA A 88 10.33 -7.07 4.49
N GLN A 89 9.91 -8.19 3.88
CA GLN A 89 10.73 -8.89 2.90
C GLN A 89 10.66 -8.19 1.56
N ALA A 90 11.57 -8.53 0.65
CA ALA A 90 11.63 -7.91 -0.67
C ALA A 90 11.74 -8.97 -1.77
N LYS A 91 11.42 -8.55 -3.00
CA LYS A 91 11.48 -9.37 -4.21
C LYS A 91 10.60 -10.65 -4.16
N ILE A 92 10.63 -11.41 -5.25
CA ILE A 92 9.88 -12.66 -5.37
C ILE A 92 10.92 -13.67 -5.89
N GLU A 93 11.17 -14.72 -5.13
CA GLU A 93 12.16 -15.72 -5.51
C GLU A 93 11.56 -16.72 -6.51
N GLU A 94 12.42 -17.42 -7.25
CA GLU A 94 11.98 -18.47 -8.16
C GLU A 94 13.06 -19.54 -8.24
N ASP A 95 12.67 -20.79 -7.98
CA ASP A 95 13.58 -21.94 -8.12
C ASP A 95 13.06 -22.82 -9.25
N ILE A 96 12.61 -22.17 -10.31
CA ILE A 96 11.99 -22.84 -11.47
C ILE A 96 12.97 -23.61 -12.37
N ARG A 97 14.09 -24.01 -11.80
CA ARG A 97 15.13 -24.78 -12.52
C ARG A 97 14.81 -26.27 -12.56
N GLN A 98 13.67 -26.58 -12.00
CA GLN A 98 13.19 -27.96 -11.86
C GLN A 98 12.47 -28.43 -13.12
N SER A 1 -10.63 -13.08 26.67
CA SER A 1 -9.56 -12.57 27.59
C SER A 1 -8.40 -11.91 26.88
N GLN A 2 -8.27 -12.29 25.61
CA GLN A 2 -7.27 -11.70 24.72
C GLN A 2 -7.94 -10.48 24.07
N GLN A 3 -7.31 -9.32 24.18
CA GLN A 3 -7.84 -8.07 23.61
C GLN A 3 -6.75 -7.18 23.05
N SER A 4 -5.69 -6.99 23.84
CA SER A 4 -4.58 -6.07 23.54
C SER A 4 -5.06 -4.61 23.45
N HIS A 5 -4.12 -3.69 23.25
CA HIS A 5 -4.41 -2.27 23.09
C HIS A 5 -3.09 -1.60 22.67
N SER A 6 -3.20 -0.54 21.87
CA SER A 6 -2.06 0.27 21.38
C SER A 6 -1.04 -0.46 20.51
N SER A 7 -0.84 0.05 19.30
CA SER A 7 0.10 -0.55 18.35
C SER A 7 1.12 0.47 17.81
N PRO A 8 2.11 0.86 18.65
CA PRO A 8 3.10 1.82 18.16
C PRO A 8 4.16 1.17 17.28
N GLY A 9 4.89 2.01 16.56
CA GLY A 9 5.94 1.55 15.65
C GLY A 9 5.54 1.77 14.21
N GLU A 10 4.71 2.78 14.01
CA GLU A 10 4.11 3.13 12.71
C GLU A 10 5.08 3.73 11.68
N ILE A 11 6.34 3.43 11.85
CA ILE A 11 7.43 3.98 11.08
C ILE A 11 7.67 3.16 9.80
N THR A 12 6.78 2.23 9.56
CA THR A 12 6.87 1.36 8.38
C THR A 12 5.49 0.84 7.99
N SER A 13 5.31 0.52 6.72
CA SER A 13 4.04 -0.01 6.23
C SER A 13 4.25 -0.90 5.00
N SER A 14 4.10 -2.20 5.21
CA SER A 14 4.26 -3.24 4.17
C SER A 14 5.25 -2.91 3.04
N PRO A 15 6.55 -2.70 3.37
CA PRO A 15 7.43 -2.34 2.26
C PRO A 15 7.65 -3.48 1.27
N GLN A 16 7.59 -4.72 1.75
CA GLN A 16 7.75 -5.86 0.86
C GLN A 16 6.48 -6.09 0.04
N GLY A 17 5.37 -5.47 0.44
CA GLY A 17 4.12 -5.62 -0.29
C GLY A 17 4.09 -4.77 -1.53
N LEU A 18 4.97 -3.77 -1.57
CA LEU A 18 5.10 -2.93 -2.77
C LEU A 18 5.75 -3.74 -3.87
N ASP A 19 6.71 -4.56 -3.47
CA ASP A 19 7.44 -5.45 -4.38
C ASP A 19 6.60 -6.67 -4.72
N ASN A 20 5.83 -7.12 -3.74
CA ASN A 20 4.94 -8.27 -3.89
C ASN A 20 3.48 -7.86 -3.82
N PRO A 21 2.88 -7.51 -4.97
CA PRO A 21 1.42 -7.31 -4.95
C PRO A 21 0.68 -8.57 -4.54
N ALA A 22 1.27 -9.72 -4.79
CA ALA A 22 0.67 -11.00 -4.42
C ALA A 22 0.42 -11.08 -2.91
N LEU A 23 1.43 -10.71 -2.15
CA LEU A 23 1.40 -10.77 -0.69
C LEU A 23 0.51 -9.66 -0.13
N LEU A 24 0.62 -8.48 -0.70
CA LEU A 24 -0.18 -7.35 -0.21
C LEU A 24 -1.66 -7.61 -0.46
N ARG A 25 -1.99 -8.18 -1.60
CA ARG A 25 -3.37 -8.57 -1.93
C ARG A 25 -3.87 -9.55 -0.89
N ASP A 26 -3.03 -10.50 -0.52
CA ASP A 26 -3.40 -11.55 0.44
C ASP A 26 -3.68 -10.95 1.82
N MET A 27 -2.78 -10.08 2.26
CA MET A 27 -2.93 -9.40 3.55
C MET A 27 -4.20 -8.56 3.57
N LEU A 28 -4.38 -7.79 2.51
CA LEU A 28 -5.54 -6.91 2.41
C LEU A 28 -6.86 -7.66 2.43
N LEU A 29 -6.93 -8.78 1.73
CA LEU A 29 -8.17 -9.57 1.71
C LEU A 29 -8.47 -10.11 3.10
N ALA A 30 -7.42 -10.45 3.84
CA ALA A 30 -7.57 -10.99 5.18
C ALA A 30 -7.81 -9.88 6.23
N ASN A 31 -7.55 -8.63 5.88
CA ASN A 31 -7.61 -7.54 6.85
C ASN A 31 -8.79 -6.61 6.61
N PRO A 32 -9.87 -6.75 7.40
CA PRO A 32 -11.04 -5.89 7.13
C PRO A 32 -10.82 -4.41 7.37
N HIS A 33 -9.88 -4.04 8.23
CA HIS A 33 -9.62 -2.63 8.49
C HIS A 33 -8.81 -2.01 7.37
N GLU A 34 -7.78 -2.72 6.92
CA GLU A 34 -6.87 -2.18 5.91
C GLU A 34 -7.62 -2.11 4.59
N LEU A 35 -8.46 -3.10 4.33
CA LEU A 35 -9.24 -3.10 3.09
C LEU A 35 -10.27 -1.96 3.09
N SER A 36 -10.76 -1.60 4.28
CA SER A 36 -11.73 -0.53 4.43
C SER A 36 -11.08 0.83 4.24
N LEU A 37 -9.94 1.06 4.87
CA LEU A 37 -9.26 2.34 4.71
C LEU A 37 -8.81 2.49 3.30
N LEU A 38 -8.52 1.38 2.66
CA LEU A 38 -8.07 1.39 1.31
C LEU A 38 -9.18 1.79 0.34
N LYS A 39 -10.39 1.29 0.51
CA LYS A 39 -11.50 1.74 -0.35
C LYS A 39 -11.82 3.21 -0.09
N GLU A 40 -11.53 3.68 1.12
CA GLU A 40 -11.72 5.10 1.43
C GLU A 40 -10.61 5.97 0.80
N ARG A 41 -9.34 5.64 1.06
CA ARG A 41 -8.24 6.47 0.57
C ARG A 41 -7.82 6.28 -0.88
N ASN A 42 -8.04 5.07 -1.36
CA ASN A 42 -7.64 4.68 -2.72
C ASN A 42 -8.67 3.80 -3.45
N PRO A 43 -9.83 4.37 -3.82
CA PRO A 43 -10.78 3.49 -4.51
C PRO A 43 -10.30 2.75 -5.80
N PRO A 44 -9.46 3.35 -6.66
CA PRO A 44 -9.09 2.48 -7.79
C PRO A 44 -8.20 1.28 -7.45
N LEU A 45 -7.36 1.36 -6.41
CA LEU A 45 -6.60 0.17 -6.01
C LEU A 45 -7.53 -0.78 -5.30
N ALA A 46 -8.45 -0.21 -4.53
CA ALA A 46 -9.41 -1.03 -3.82
C ALA A 46 -10.27 -1.87 -4.75
N GLU A 47 -10.86 -1.27 -5.79
CA GLU A 47 -11.75 -2.05 -6.69
C GLU A 47 -11.00 -3.21 -7.33
N ALA A 48 -9.72 -3.03 -7.57
CA ALA A 48 -8.87 -4.06 -8.10
C ALA A 48 -8.79 -5.26 -7.14
N LEU A 49 -8.71 -4.95 -5.86
CA LEU A 49 -8.66 -5.96 -4.80
C LEU A 49 -10.02 -6.64 -4.66
N LEU A 50 -11.08 -5.85 -4.68
CA LEU A 50 -12.45 -6.37 -4.46
C LEU A 50 -12.82 -7.33 -5.57
N SER A 51 -12.26 -7.10 -6.73
CA SER A 51 -12.53 -7.89 -7.91
C SER A 51 -11.82 -9.25 -7.87
N GLY A 52 -10.80 -9.37 -7.04
CA GLY A 52 -10.11 -10.65 -6.82
C GLY A 52 -8.94 -10.89 -7.76
N ASP A 53 -8.96 -10.25 -8.91
CA ASP A 53 -7.91 -10.45 -9.91
C ASP A 53 -6.58 -9.87 -9.44
N LEU A 54 -5.60 -10.75 -9.23
CA LEU A 54 -4.27 -10.28 -8.85
C LEU A 54 -3.70 -9.45 -9.99
N GLU A 55 -4.01 -9.81 -11.22
CA GLU A 55 -3.48 -9.09 -12.37
C GLU A 55 -3.88 -7.62 -12.32
N LYS A 56 -5.17 -7.36 -12.13
CA LYS A 56 -5.61 -5.96 -12.03
C LYS A 56 -5.08 -5.31 -10.76
N PHE A 57 -4.98 -6.06 -9.67
CA PHE A 57 -4.43 -5.52 -8.44
C PHE A 57 -2.99 -5.07 -8.63
N SER A 58 -2.16 -5.93 -9.19
CA SER A 58 -0.75 -5.63 -9.45
C SER A 58 -0.60 -4.49 -10.44
N ARG A 59 -1.40 -4.51 -11.48
CA ARG A 59 -1.33 -3.48 -12.51
C ARG A 59 -1.65 -2.12 -11.90
N VAL A 60 -2.70 -2.04 -11.10
CA VAL A 60 -3.07 -0.77 -10.50
C VAL A 60 -2.05 -0.42 -9.42
N LEU A 61 -1.48 -1.41 -8.76
CA LEU A 61 -0.48 -1.17 -7.72
C LEU A 61 0.71 -0.38 -8.26
N VAL A 62 1.26 -0.77 -9.40
CA VAL A 62 2.42 -0.06 -9.95
C VAL A 62 2.02 1.33 -10.46
N GLU A 63 0.82 1.46 -11.00
CA GLU A 63 0.32 2.77 -11.43
C GLU A 63 0.21 3.70 -10.23
N GLN A 64 -0.31 3.15 -9.13
CA GLN A 64 -0.46 3.91 -7.90
C GLN A 64 0.90 4.22 -7.30
N GLN A 65 1.88 3.36 -7.45
CA GLN A 65 3.23 3.66 -6.95
C GLN A 65 3.83 4.82 -7.74
N GLN A 66 3.60 4.86 -9.04
CA GLN A 66 4.12 5.95 -9.88
C GLN A 66 3.48 7.29 -9.47
N ASP A 67 2.19 7.27 -9.17
CA ASP A 67 1.51 8.50 -8.77
C ASP A 67 1.87 8.87 -7.33
N ARG A 68 2.02 7.86 -6.49
CA ARG A 68 2.44 8.08 -5.10
C ARG A 68 3.78 8.76 -5.07
N ALA A 69 4.71 8.35 -5.90
CA ALA A 69 6.06 8.91 -5.90
C ALA A 69 6.04 10.43 -6.04
N ARG A 70 5.05 10.97 -6.72
CA ARG A 70 4.90 12.41 -6.90
C ARG A 70 4.50 13.08 -5.59
N ARG A 71 3.47 12.53 -4.94
CA ARG A 71 2.93 13.13 -3.72
C ARG A 71 3.70 12.80 -2.45
N GLU A 72 4.37 11.66 -2.43
CA GLU A 72 5.09 11.21 -1.22
C GLU A 72 6.22 12.18 -0.89
N GLN A 73 6.75 12.84 -1.91
CA GLN A 73 7.76 13.87 -1.72
C GLN A 73 7.30 14.95 -0.74
N GLU A 74 6.01 15.27 -0.77
CA GLU A 74 5.42 16.21 0.19
C GLU A 74 5.12 15.54 1.53
N ARG A 75 4.70 14.28 1.48
CA ARG A 75 4.27 13.58 2.72
C ARG A 75 5.41 13.33 3.68
N ILE A 76 6.60 13.07 3.16
CA ILE A 76 7.77 12.84 4.03
C ILE A 76 8.18 14.12 4.76
N ARG A 77 7.68 15.27 4.30
CA ARG A 77 8.04 16.56 4.93
C ARG A 77 7.21 16.88 6.16
N LEU A 78 5.96 16.41 6.20
CA LEU A 78 5.03 16.83 7.24
C LEU A 78 3.88 15.84 7.44
N PHE A 79 3.36 15.80 8.67
CA PHE A 79 2.31 14.91 9.12
C PHE A 79 2.71 13.43 9.07
N SER A 80 1.74 12.55 9.22
CA SER A 80 1.94 11.11 9.17
C SER A 80 0.68 10.62 8.48
N ALA A 81 0.72 9.40 7.94
CA ALA A 81 -0.40 8.85 7.17
C ALA A 81 -0.26 7.31 7.13
N ASP A 82 0.17 6.77 8.25
CA ASP A 82 0.62 5.38 8.33
C ASP A 82 -0.38 4.50 9.09
N PRO A 83 -0.48 3.20 8.73
CA PRO A 83 -1.39 2.31 9.45
C PRO A 83 -0.81 1.84 10.78
N PHE A 84 -1.66 1.31 11.65
CA PHE A 84 -1.23 0.80 12.95
C PHE A 84 -1.56 -0.68 13.04
N ASP A 85 -1.87 -1.26 11.90
CA ASP A 85 -2.27 -2.67 11.78
C ASP A 85 -1.07 -3.62 11.86
N LEU A 86 -0.10 -3.26 12.69
CA LEU A 86 1.11 -4.05 12.87
C LEU A 86 0.75 -5.32 13.64
N GLU A 87 -0.24 -5.20 14.52
CA GLU A 87 -0.75 -6.35 15.27
C GLU A 87 -1.53 -7.31 14.38
N ALA A 88 -1.96 -6.82 13.22
CA ALA A 88 -2.74 -7.62 12.29
C ALA A 88 -1.88 -8.52 11.40
N GLN A 89 -0.58 -8.47 11.58
CA GLN A 89 0.35 -9.25 10.77
C GLN A 89 0.63 -10.61 11.41
N ALA A 90 0.56 -11.66 10.61
CA ALA A 90 0.81 -13.02 11.07
C ALA A 90 1.69 -13.74 10.04
N LYS A 91 2.27 -14.87 10.44
CA LYS A 91 3.10 -15.67 9.53
C LYS A 91 2.18 -16.54 8.68
N ILE A 92 2.69 -16.99 7.55
CA ILE A 92 1.93 -17.90 6.68
C ILE A 92 2.69 -19.20 6.55
N GLU A 93 2.24 -20.20 7.29
CA GLU A 93 2.77 -21.55 7.25
C GLU A 93 1.55 -22.46 7.31
N GLU A 94 1.61 -23.58 6.61
CA GLU A 94 0.49 -24.52 6.55
C GLU A 94 1.08 -25.92 6.38
N ASP A 95 0.34 -26.93 6.78
CA ASP A 95 0.74 -28.31 6.56
C ASP A 95 -0.45 -29.03 5.91
N ILE A 96 -0.75 -30.22 6.40
CA ILE A 96 -1.82 -31.09 5.86
C ILE A 96 -1.74 -31.14 4.33
N ARG A 97 -0.52 -31.24 3.83
CA ARG A 97 -0.21 -31.16 2.39
C ARG A 97 -0.54 -32.44 1.61
N GLN A 98 -1.70 -32.99 1.92
CA GLN A 98 -2.26 -34.18 1.29
C GLN A 98 -3.08 -33.84 0.03
N SER A 1 -9.42 -14.15 5.20
CA SER A 1 -10.75 -13.55 4.88
C SER A 1 -11.49 -13.13 6.12
N GLN A 2 -11.27 -13.94 7.15
CA GLN A 2 -11.89 -13.76 8.47
C GLN A 2 -10.81 -13.83 9.55
N GLN A 3 -10.01 -12.80 9.64
CA GLN A 3 -8.90 -12.74 10.60
C GLN A 3 -9.01 -11.44 11.40
N SER A 4 -8.20 -11.34 12.45
CA SER A 4 -8.19 -10.16 13.35
C SER A 4 -9.52 -10.01 14.09
N HIS A 5 -10.25 -11.10 14.25
CA HIS A 5 -11.50 -11.10 15.01
C HIS A 5 -11.19 -11.12 16.49
N SER A 6 -11.65 -10.10 17.21
CA SER A 6 -11.44 -9.93 18.66
C SER A 6 -9.96 -10.10 19.03
N SER A 7 -9.09 -9.65 18.13
CA SER A 7 -7.65 -9.79 18.29
C SER A 7 -7.04 -8.65 17.49
N PRO A 8 -5.79 -8.27 17.78
CA PRO A 8 -5.22 -7.15 17.01
C PRO A 8 -4.82 -7.55 15.59
N GLY A 9 -4.33 -6.59 14.83
CA GLY A 9 -3.93 -6.84 13.46
C GLY A 9 -2.95 -5.79 12.99
N GLU A 10 -1.97 -5.50 13.84
CA GLU A 10 -0.99 -4.43 13.58
C GLU A 10 0.16 -4.84 12.68
N ILE A 11 -0.08 -5.88 11.91
CA ILE A 11 0.81 -6.42 10.93
C ILE A 11 0.73 -5.62 9.62
N THR A 12 0.26 -4.39 9.74
CA THR A 12 -0.02 -3.55 8.59
C THR A 12 1.27 -3.09 7.90
N SER A 13 1.27 -3.13 6.58
CA SER A 13 2.43 -2.73 5.80
C SER A 13 1.98 -2.31 4.42
N SER A 14 2.83 -1.54 3.74
CA SER A 14 2.57 -1.11 2.37
C SER A 14 3.83 -1.06 1.49
N PRO A 15 4.97 -0.51 1.97
CA PRO A 15 6.07 -0.50 0.98
C PRO A 15 6.66 -1.87 0.70
N GLN A 16 6.57 -2.79 1.65
CA GLN A 16 7.07 -4.15 1.45
C GLN A 16 6.21 -4.86 0.40
N GLY A 17 4.97 -4.42 0.26
CA GLY A 17 4.07 -5.01 -0.70
C GLY A 17 4.18 -4.41 -2.08
N LEU A 18 5.09 -3.47 -2.28
CA LEU A 18 5.29 -2.86 -3.59
C LEU A 18 5.93 -3.88 -4.54
N ASP A 19 6.84 -4.68 -4.00
CA ASP A 19 7.52 -5.72 -4.77
C ASP A 19 6.66 -6.97 -4.81
N ASN A 20 5.84 -7.13 -3.79
CA ASN A 20 4.95 -8.27 -3.67
C ASN A 20 3.48 -7.88 -3.66
N PRO A 21 2.91 -7.55 -4.84
CA PRO A 21 1.47 -7.28 -4.89
C PRO A 21 0.65 -8.50 -4.48
N ALA A 22 1.16 -9.69 -4.76
CA ALA A 22 0.44 -10.92 -4.44
C ALA A 22 0.25 -11.04 -2.92
N LEU A 23 1.31 -10.78 -2.17
CA LEU A 23 1.24 -10.92 -0.71
C LEU A 23 0.42 -9.79 -0.12
N LEU A 24 0.56 -8.59 -0.67
CA LEU A 24 -0.20 -7.45 -0.18
C LEU A 24 -1.69 -7.64 -0.44
N ARG A 25 -2.03 -8.17 -1.61
CA ARG A 25 -3.42 -8.46 -1.94
C ARG A 25 -3.96 -9.44 -0.93
N ASP A 26 -3.18 -10.46 -0.63
CA ASP A 26 -3.61 -11.51 0.29
C ASP A 26 -3.84 -10.97 1.71
N MET A 27 -2.93 -10.13 2.19
CA MET A 27 -3.07 -9.49 3.51
C MET A 27 -4.29 -8.60 3.56
N LEU A 28 -4.49 -7.82 2.50
CA LEU A 28 -5.62 -6.90 2.43
C LEU A 28 -6.93 -7.65 2.41
N LEU A 29 -6.97 -8.75 1.67
CA LEU A 29 -8.18 -9.59 1.60
C LEU A 29 -8.52 -10.17 2.97
N ALA A 30 -7.49 -10.46 3.74
CA ALA A 30 -7.67 -11.03 5.07
C ALA A 30 -7.98 -10.00 6.15
N ASN A 31 -7.73 -8.72 5.87
CA ASN A 31 -7.81 -7.68 6.90
C ASN A 31 -8.96 -6.68 6.66
N PRO A 32 -10.04 -6.75 7.46
CA PRO A 32 -11.19 -5.88 7.17
C PRO A 32 -10.95 -4.37 7.35
N HIS A 33 -10.09 -3.97 8.28
CA HIS A 33 -9.83 -2.55 8.52
C HIS A 33 -8.94 -1.97 7.43
N GLU A 34 -8.00 -2.79 6.99
CA GLU A 34 -7.01 -2.34 6.02
C GLU A 34 -7.63 -2.28 4.64
N LEU A 35 -8.59 -3.15 4.39
CA LEU A 35 -9.32 -3.13 3.13
C LEU A 35 -10.32 -1.96 3.09
N SER A 36 -10.85 -1.58 4.26
CA SER A 36 -11.83 -0.49 4.34
C SER A 36 -11.17 0.86 4.17
N LEU A 37 -10.00 1.07 4.75
CA LEU A 37 -9.29 2.33 4.55
C LEU A 37 -8.90 2.45 3.11
N LEU A 38 -8.63 1.31 2.51
CA LEU A 38 -8.20 1.28 1.15
C LEU A 38 -9.28 1.73 0.19
N LYS A 39 -10.51 1.27 0.39
CA LYS A 39 -11.62 1.75 -0.45
C LYS A 39 -11.93 3.22 -0.18
N GLU A 40 -11.68 3.66 1.05
CA GLU A 40 -11.92 5.07 1.39
C GLU A 40 -10.85 5.99 0.80
N ARG A 41 -9.57 5.68 1.03
CA ARG A 41 -8.49 6.57 0.61
C ARG A 41 -7.90 6.29 -0.78
N ASN A 42 -8.04 5.06 -1.25
CA ASN A 42 -7.57 4.66 -2.60
C ASN A 42 -8.56 3.81 -3.39
N PRO A 43 -9.72 4.35 -3.77
CA PRO A 43 -10.65 3.48 -4.50
C PRO A 43 -10.16 2.72 -5.77
N PRO A 44 -9.26 3.32 -6.61
CA PRO A 44 -8.87 2.44 -7.73
C PRO A 44 -8.01 1.21 -7.35
N LEU A 45 -7.17 1.30 -6.33
CA LEU A 45 -6.42 0.11 -5.91
C LEU A 45 -7.38 -0.80 -5.14
N ALA A 46 -8.33 -0.18 -4.48
CA ALA A 46 -9.30 -0.96 -3.72
C ALA A 46 -10.15 -1.85 -4.60
N GLU A 47 -10.74 -1.33 -5.68
CA GLU A 47 -11.64 -2.16 -6.51
C GLU A 47 -10.90 -3.36 -7.07
N ALA A 48 -9.61 -3.19 -7.32
CA ALA A 48 -8.76 -4.26 -7.74
C ALA A 48 -8.64 -5.34 -6.70
N LEU A 49 -8.47 -4.92 -5.46
CA LEU A 49 -8.36 -5.84 -4.36
C LEU A 49 -9.67 -6.58 -4.17
N LEU A 50 -10.77 -5.86 -4.25
CA LEU A 50 -12.08 -6.43 -3.97
C LEU A 50 -12.42 -7.52 -4.98
N SER A 51 -11.93 -7.34 -6.19
CA SER A 51 -12.17 -8.28 -7.27
C SER A 51 -11.42 -9.60 -7.06
N GLY A 52 -10.34 -9.55 -6.30
CA GLY A 52 -9.51 -10.72 -6.06
C GLY A 52 -8.50 -10.95 -7.17
N ASP A 53 -8.71 -10.28 -8.30
CA ASP A 53 -7.83 -10.41 -9.44
C ASP A 53 -6.45 -9.83 -9.14
N LEU A 54 -5.45 -10.70 -9.11
CA LEU A 54 -4.10 -10.24 -8.89
C LEU A 54 -3.64 -9.38 -10.05
N GLU A 55 -4.05 -9.70 -11.26
CA GLU A 55 -3.60 -8.95 -12.43
C GLU A 55 -4.02 -7.49 -12.32
N LYS A 56 -5.30 -7.25 -12.07
CA LYS A 56 -5.78 -5.87 -11.94
C LYS A 56 -5.16 -5.24 -10.71
N PHE A 57 -4.98 -6.00 -9.63
CA PHE A 57 -4.31 -5.47 -8.43
C PHE A 57 -2.87 -5.05 -8.71
N SER A 58 -2.08 -5.91 -9.31
CA SER A 58 -0.68 -5.60 -9.62
C SER A 58 -0.56 -4.46 -10.63
N ARG A 59 -1.46 -4.43 -11.60
CA ARG A 59 -1.44 -3.41 -12.65
C ARG A 59 -1.72 -2.06 -12.04
N VAL A 60 -2.75 -1.97 -11.24
CA VAL A 60 -3.11 -0.70 -10.64
C VAL A 60 -2.07 -0.35 -9.58
N LEU A 61 -1.45 -1.36 -8.95
CA LEU A 61 -0.42 -1.12 -7.94
C LEU A 61 0.76 -0.33 -8.52
N VAL A 62 1.27 -0.73 -9.67
CA VAL A 62 2.41 -0.04 -10.26
C VAL A 62 1.99 1.33 -10.80
N GLU A 63 0.78 1.43 -11.32
CA GLU A 63 0.27 2.74 -11.77
C GLU A 63 0.17 3.68 -10.57
N GLN A 64 -0.30 3.16 -9.45
CA GLN A 64 -0.36 3.93 -8.22
C GLN A 64 1.02 4.31 -7.75
N GLN A 65 2.00 3.44 -7.87
CA GLN A 65 3.38 3.78 -7.47
C GLN A 65 3.91 4.95 -8.29
N GLN A 66 3.64 4.94 -9.60
CA GLN A 66 4.10 6.01 -10.47
C GLN A 66 3.44 7.35 -10.09
N ASP A 67 2.16 7.28 -9.73
CA ASP A 67 1.42 8.49 -9.37
C ASP A 67 1.80 8.96 -7.95
N ARG A 68 2.08 8.03 -7.08
CA ARG A 68 2.49 8.34 -5.71
C ARG A 68 3.78 9.10 -5.71
N ALA A 69 4.72 8.69 -6.55
CA ALA A 69 6.03 9.33 -6.62
C ALA A 69 5.92 10.84 -6.88
N ARG A 70 4.88 11.24 -7.59
CA ARG A 70 4.66 12.66 -7.90
C ARG A 70 4.33 13.45 -6.64
N ARG A 71 3.39 12.95 -5.86
CA ARG A 71 2.94 13.65 -4.64
C ARG A 71 3.90 13.44 -3.48
N GLU A 72 4.61 12.33 -3.50
CA GLU A 72 5.57 11.99 -2.43
C GLU A 72 6.59 13.10 -2.21
N GLN A 73 6.92 13.87 -3.24
CA GLN A 73 7.85 14.99 -3.10
C GLN A 73 7.36 16.01 -2.05
N GLU A 74 6.05 16.21 -1.99
CA GLU A 74 5.46 17.12 -1.00
C GLU A 74 5.47 16.46 0.38
N ARG A 75 5.24 15.15 0.40
CA ARG A 75 5.16 14.39 1.64
C ARG A 75 6.48 14.29 2.38
N ILE A 76 7.58 14.15 1.66
CA ILE A 76 8.91 14.07 2.30
C ILE A 76 9.33 15.42 2.87
N ARG A 77 8.72 16.49 2.40
CA ARG A 77 9.00 17.83 2.91
C ARG A 77 8.31 18.05 4.27
N LEU A 78 7.26 17.29 4.54
CA LEU A 78 6.50 17.44 5.78
C LEU A 78 7.27 16.88 6.98
N PHE A 79 6.76 17.17 8.18
CA PHE A 79 7.40 16.84 9.43
C PHE A 79 8.80 17.45 9.40
N SER A 80 9.80 16.80 10.03
CA SER A 80 11.17 17.35 10.04
C SER A 80 11.21 18.80 10.51
N ALA A 81 10.51 19.03 11.62
CA ALA A 81 10.32 20.34 12.30
C ALA A 81 9.30 21.28 11.65
N ASP A 82 8.49 20.71 10.78
CA ASP A 82 7.26 21.33 10.30
C ASP A 82 6.15 20.59 11.09
N PRO A 83 4.90 21.09 11.10
CA PRO A 83 3.90 20.45 11.97
C PRO A 83 3.47 19.04 11.57
N PHE A 84 2.82 18.35 12.51
CA PHE A 84 2.39 16.97 12.32
C PHE A 84 0.89 16.86 12.23
N ASP A 85 0.30 18.01 12.43
CA ASP A 85 -1.13 18.22 12.48
C ASP A 85 -1.55 18.82 11.16
N LEU A 86 -0.98 18.28 10.09
CA LEU A 86 -1.28 18.72 8.74
C LEU A 86 -2.76 18.52 8.39
N GLU A 87 -3.37 17.46 8.90
CA GLU A 87 -4.80 17.23 8.67
C GLU A 87 -5.65 18.01 9.68
N ALA A 88 -5.32 17.85 10.96
CA ALA A 88 -5.96 18.53 12.11
C ALA A 88 -7.51 18.49 12.23
N GLN A 89 -8.19 17.73 11.38
CA GLN A 89 -9.66 17.70 11.36
C GLN A 89 -10.28 16.64 12.25
N ALA A 90 -9.40 16.06 13.05
CA ALA A 90 -9.70 14.96 14.00
C ALA A 90 -10.49 13.78 13.40
N LYS A 91 -9.75 12.72 13.14
CA LYS A 91 -10.33 11.54 12.51
C LYS A 91 -11.33 10.83 13.40
N ILE A 92 -12.30 10.19 12.77
CA ILE A 92 -13.29 9.36 13.46
C ILE A 92 -13.25 8.07 12.67
N GLU A 93 -12.94 6.98 13.36
CA GLU A 93 -12.80 5.68 12.74
C GLU A 93 -13.54 4.67 13.59
N GLU A 94 -13.77 3.49 13.05
CA GLU A 94 -14.41 2.41 13.78
C GLU A 94 -13.48 1.21 13.78
N ASP A 95 -13.59 0.37 14.79
CA ASP A 95 -12.78 -0.85 14.89
C ASP A 95 -13.71 -2.05 15.01
N ILE A 96 -14.42 -2.33 13.93
CA ILE A 96 -15.38 -3.44 13.91
C ILE A 96 -14.62 -4.74 13.62
N ARG A 97 -13.59 -4.99 14.41
CA ARG A 97 -12.80 -6.22 14.33
C ARG A 97 -13.54 -7.32 15.11
N GLN A 98 -14.85 -7.42 14.89
CA GLN A 98 -15.69 -8.40 15.57
C GLN A 98 -16.89 -8.80 14.71
#